data_4YNN
#
_entry.id   4YNN
#
_cell.length_a   147.909
_cell.length_b   147.909
_cell.length_c   383.514
_cell.angle_alpha   90.00
_cell.angle_beta   90.00
_cell.angle_gamma   120.00
#
_symmetry.space_group_name_H-M   'P 63'
#
loop_
_entity.id
_entity.type
_entity.pdbx_description
1 polymer 'Protease DO'
2 polymer Octapeptide
3 polymer Hexa-peptide
4 polymer Hepta-peptide
5 polymer UNK-UNK-UNK
#
loop_
_entity_poly.entity_id
_entity_poly.type
_entity_poly.pdbx_seq_one_letter_code
_entity_poly.pdbx_strand_id
1 'polypeptide(L)'
;MRGSHHHHHHGSAQDLTNMPSLAPVLKNAMPAIVNVAVQGYLPNNMASGNADDDDGENSKQPSRIPEKGRKFESIGSGVI
IDPKNGIIITNDHVIRNANLITVTLQDGRRLKARLIGGDSETDLAVLKIDAKNLKSLVIGDSDKLEVGDYVVAIGNPFGL
NSFGNSQSATFGIVSALKRSDLNIEGVENFIQTDAAINPGNAGGALVNAKGELIGINTAIISPYGGNVGIGFAIPINMAK
DVAQQIIKFGSIHRGLMGIFVQHLTPELAQSMGYAEDFQGALVSQVNQNSPAQLAGLKSGDVIVQINDTKITQATQVKTT
ISLLRAGSTAKIKILRDNKPLTLDVEVTDIKKHEQKLQSNNPFLYGLALRNFEQESPPHGNVVGVQVVGASETSAGWRAG
LRPGDIIISANKTPVKDIKSLQAVAHEKGKQLLVQVLRGAGALYLLII
;
A,B,C,D,E,F,G,H
2 'polypeptide(L)' (UNK)(UNK)(UNK)(UNK)(UNK)(UNK)(UNK)(UNK) I
3 'polypeptide(L)' (UNK)(UNK)(UNK)(UNK)(UNK)(UNK) J,L
4 'polypeptide(L)' (UNK)(UNK)(UNK)(UNK)(UNK)(UNK)(UNK) K,M,N,O,P
5 'polypeptide(L)' (UNK)(UNK)(UNK) Q,R,S,T,U,V
#
# COMPACT_ATOMS: atom_id res chain seq x y z
N MET A 19 -22.01 6.14 -35.34
CA MET A 19 -20.67 5.74 -35.72
C MET A 19 -19.75 5.55 -34.51
N PRO A 20 -18.86 4.56 -34.59
CA PRO A 20 -17.82 4.22 -33.61
C PRO A 20 -16.68 5.23 -33.66
N SER A 21 -16.64 6.23 -32.79
CA SER A 21 -15.59 7.25 -32.89
C SER A 21 -15.02 7.71 -31.54
N LEU A 22 -13.83 8.31 -31.60
CA LEU A 22 -13.16 8.88 -30.43
C LEU A 22 -13.39 10.39 -30.36
N ALA A 23 -14.22 10.89 -31.26
CA ALA A 23 -14.50 12.32 -31.31
C ALA A 23 -15.17 12.88 -30.03
N PRO A 24 -16.18 12.17 -29.48
CA PRO A 24 -16.83 12.72 -28.29
C PRO A 24 -15.87 12.84 -27.11
N VAL A 25 -15.10 11.78 -26.88
CA VAL A 25 -14.16 11.76 -25.77
C VAL A 25 -13.03 12.77 -25.94
N LEU A 26 -12.50 12.87 -27.15
CA LEU A 26 -11.40 13.80 -27.39
C LEU A 26 -11.87 15.25 -27.31
N LYS A 27 -13.17 15.49 -27.50
CA LYS A 27 -13.72 16.83 -27.36
C LYS A 27 -13.50 17.36 -25.95
N ASN A 28 -13.57 16.46 -24.97
CA ASN A 28 -13.51 16.83 -23.57
C ASN A 28 -12.11 16.76 -22.98
N ALA A 29 -11.13 16.51 -23.85
CA ALA A 29 -9.75 16.37 -23.41
C ALA A 29 -8.84 17.45 -23.99
N MET A 30 -9.18 17.94 -25.19
CA MET A 30 -8.30 18.87 -25.90
C MET A 30 -8.02 20.21 -25.19
N PRO A 31 -9.02 20.79 -24.50
CA PRO A 31 -8.70 22.04 -23.79
C PRO A 31 -7.60 21.88 -22.75
N ALA A 32 -7.53 20.72 -22.11
CA ALA A 32 -6.56 20.47 -21.05
C ALA A 32 -5.13 20.49 -21.58
N ILE A 33 -4.96 20.13 -22.84
CA ILE A 33 -3.64 20.12 -23.46
C ILE A 33 -3.34 21.51 -24.02
N VAL A 34 -2.17 22.04 -23.70
CA VAL A 34 -1.81 23.39 -24.10
C VAL A 34 -0.51 23.41 -24.88
N ASN A 35 -0.08 24.61 -25.26
CA ASN A 35 1.16 24.79 -26.00
C ASN A 35 2.16 25.52 -25.12
N VAL A 36 3.38 24.98 -25.04
CA VAL A 36 4.44 25.66 -24.31
C VAL A 36 5.56 26.13 -25.24
N ALA A 37 5.90 27.41 -25.14
CA ALA A 37 6.95 28.00 -25.95
C ALA A 37 8.08 28.49 -25.05
N VAL A 38 9.32 28.25 -25.46
CA VAL A 38 10.47 28.48 -24.60
C VAL A 38 11.52 29.34 -25.29
N GLN A 39 12.11 30.28 -24.54
CA GLN A 39 13.19 31.12 -25.05
C GLN A 39 14.39 31.12 -24.10
N GLY A 40 15.54 30.69 -24.60
CA GLY A 40 16.75 30.60 -23.79
C GLY A 40 18.00 31.02 -24.54
N TYR A 41 19.14 31.00 -23.84
CA TYR A 41 20.43 31.27 -24.47
C TYR A 41 21.32 30.03 -24.49
N PHE A 72 17.77 30.33 -29.55
CA PHE A 72 17.26 29.15 -28.86
C PHE A 72 15.76 29.30 -28.60
N GLU A 73 14.95 28.68 -29.43
CA GLU A 73 13.52 28.59 -29.15
C GLU A 73 13.07 27.14 -29.24
N SER A 74 12.51 26.63 -28.15
CA SER A 74 12.05 25.26 -28.08
C SER A 74 10.55 25.23 -27.91
N ILE A 75 9.89 24.27 -28.54
CA ILE A 75 8.45 24.11 -28.40
C ILE A 75 8.08 22.71 -27.93
N GLY A 76 6.97 22.63 -27.21
CA GLY A 76 6.53 21.38 -26.63
C GLY A 76 5.07 21.46 -26.25
N SER A 77 4.63 20.55 -25.40
CA SER A 77 3.24 20.54 -24.96
C SER A 77 3.12 20.48 -23.44
N GLY A 78 1.94 20.74 -22.93
CA GLY A 78 1.68 20.64 -21.51
C GLY A 78 0.27 20.17 -21.24
N VAL A 79 0.05 19.66 -20.02
CA VAL A 79 -1.28 19.23 -19.61
C VAL A 79 -1.65 19.98 -18.35
N ILE A 80 -2.93 20.36 -18.25
CA ILE A 80 -3.39 21.10 -17.09
C ILE A 80 -3.91 20.14 -16.04
N ILE A 81 -3.15 19.97 -14.97
CA ILE A 81 -3.53 19.07 -13.89
C ILE A 81 -4.61 19.66 -12.99
N ASP A 82 -4.34 20.84 -12.44
CA ASP A 82 -5.28 21.51 -11.57
C ASP A 82 -5.70 22.87 -12.12
N PRO A 83 -6.91 22.94 -12.69
CA PRO A 83 -7.47 24.16 -13.30
C PRO A 83 -7.77 25.21 -12.24
N LYS A 84 -7.97 24.75 -11.01
CA LYS A 84 -8.27 25.64 -9.89
C LYS A 84 -7.09 26.56 -9.62
N ASN A 85 -5.92 25.99 -9.38
CA ASN A 85 -4.72 26.77 -9.09
C ASN A 85 -3.98 27.12 -10.37
N GLY A 86 -4.50 26.65 -11.49
CA GLY A 86 -3.89 26.89 -12.79
C GLY A 86 -2.47 26.39 -12.91
N ILE A 87 -2.25 25.12 -12.57
CA ILE A 87 -0.93 24.53 -12.70
C ILE A 87 -0.87 23.45 -13.78
N ILE A 88 0.14 23.50 -14.62
CA ILE A 88 0.28 22.55 -15.72
C ILE A 88 1.54 21.72 -15.56
N ILE A 89 1.59 20.57 -16.23
CA ILE A 89 2.73 19.67 -16.14
C ILE A 89 3.32 19.46 -17.53
N THR A 90 4.64 19.26 -17.59
CA THR A 90 5.32 19.03 -18.85
C THR A 90 6.69 18.39 -18.61
N ASN A 91 7.44 18.12 -19.67
CA ASN A 91 8.76 17.55 -19.54
C ASN A 91 9.81 18.58 -19.12
N ASP A 92 10.77 18.15 -18.32
CA ASP A 92 11.81 19.03 -17.81
C ASP A 92 12.69 19.57 -18.93
N HIS A 93 12.98 18.73 -19.91
CA HIS A 93 13.90 19.11 -20.99
C HIS A 93 13.30 20.17 -21.91
N VAL A 94 11.99 20.38 -21.83
CA VAL A 94 11.33 21.38 -22.64
C VAL A 94 11.63 22.78 -22.12
N ILE A 95 11.55 22.94 -20.80
CA ILE A 95 11.77 24.22 -20.16
C ILE A 95 13.18 24.42 -19.59
N ARG A 96 14.07 23.48 -19.88
CA ARG A 96 15.46 23.58 -19.46
C ARG A 96 16.13 24.85 -19.98
N ASN A 97 16.83 25.57 -19.08
CA ASN A 97 17.59 26.76 -19.45
C ASN A 97 16.74 27.78 -20.21
N ALA A 98 15.63 28.17 -19.60
CA ALA A 98 14.65 29.02 -20.26
C ALA A 98 14.48 30.35 -19.57
N ASN A 99 14.69 31.44 -20.32
CA ASN A 99 14.45 32.77 -19.80
C ASN A 99 12.95 33.06 -19.66
N LEU A 100 12.23 32.95 -20.77
CA LEU A 100 10.80 33.21 -20.78
C LEU A 100 10.03 32.03 -21.37
N ILE A 101 9.07 31.48 -20.61
CA ILE A 101 8.21 30.42 -21.12
C ILE A 101 6.74 30.84 -21.26
N THR A 102 6.19 30.64 -22.46
CA THR A 102 4.84 31.10 -22.78
C THR A 102 3.87 29.95 -23.03
N VAL A 103 2.70 30.02 -22.41
CA VAL A 103 1.70 28.97 -22.57
C VAL A 103 0.46 29.46 -23.32
N THR A 104 0.07 28.73 -24.37
CA THR A 104 -1.12 29.09 -25.14
C THR A 104 -2.21 28.02 -25.09
N LEU A 105 -3.42 28.43 -24.74
CA LEU A 105 -4.56 27.52 -24.60
C LEU A 105 -5.31 27.34 -25.90
N GLN A 106 -6.25 26.40 -25.91
CA GLN A 106 -7.14 26.25 -27.06
C GLN A 106 -8.06 27.46 -27.15
N ASP A 107 -8.16 28.20 -26.04
CA ASP A 107 -8.90 29.47 -25.98
C ASP A 107 -8.26 30.46 -26.93
N GLY A 108 -6.96 30.28 -27.16
CA GLY A 108 -6.19 31.20 -27.99
C GLY A 108 -5.42 32.16 -27.11
N ARG A 109 -5.63 32.06 -25.80
CA ARG A 109 -4.93 32.94 -24.87
C ARG A 109 -3.47 32.57 -24.76
N ARG A 110 -2.60 33.58 -24.74
CA ARG A 110 -1.18 33.39 -24.51
C ARG A 110 -0.86 33.95 -23.13
N LEU A 111 -0.19 33.15 -22.33
CA LEU A 111 0.04 33.51 -20.92
C LEU A 111 1.48 33.27 -20.51
N LYS A 112 2.04 34.20 -19.75
CA LYS A 112 3.37 34.03 -19.18
C LYS A 112 3.32 32.94 -18.11
N ALA A 113 4.28 32.03 -18.13
CA ALA A 113 4.25 30.90 -17.21
C ALA A 113 5.39 31.00 -16.22
N ARG A 114 5.13 30.56 -15.00
CA ARG A 114 6.11 30.63 -13.92
C ARG A 114 6.53 29.22 -13.51
N LEU A 115 7.83 29.01 -13.34
CA LEU A 115 8.36 27.67 -13.10
C LEU A 115 8.37 27.34 -11.61
N ILE A 116 7.46 26.48 -11.19
CA ILE A 116 7.43 26.04 -9.80
C ILE A 116 8.62 25.15 -9.47
N GLY A 117 8.81 24.09 -10.25
CA GLY A 117 9.91 23.17 -10.04
C GLY A 117 10.10 22.18 -11.18
N GLY A 118 11.25 21.51 -11.20
CA GLY A 118 11.53 20.53 -12.23
C GLY A 118 12.44 19.42 -11.73
N ASP A 119 12.31 18.24 -12.34
CA ASP A 119 13.11 17.09 -11.94
C ASP A 119 13.81 16.45 -13.13
N SER A 120 15.13 16.59 -13.19
CA SER A 120 15.91 16.06 -14.30
C SER A 120 15.88 14.53 -14.39
N GLU A 121 15.77 13.87 -13.23
CA GLU A 121 15.82 12.41 -13.18
C GLU A 121 14.64 11.74 -13.88
N THR A 122 13.45 12.27 -13.67
CA THR A 122 12.24 11.72 -14.28
C THR A 122 11.74 12.57 -15.44
N ASP A 123 12.51 13.60 -15.77
CA ASP A 123 12.17 14.52 -16.86
C ASP A 123 10.76 15.11 -16.69
N LEU A 124 10.44 15.55 -15.48
CA LEU A 124 9.15 16.16 -15.22
C LEU A 124 9.32 17.57 -14.65
N ALA A 125 8.31 18.41 -14.88
CA ALA A 125 8.33 19.77 -14.38
C ALA A 125 6.91 20.32 -14.21
N VAL A 126 6.74 21.21 -13.24
CA VAL A 126 5.45 21.80 -12.96
C VAL A 126 5.47 23.31 -13.16
N LEU A 127 4.47 23.83 -13.84
CA LEU A 127 4.38 25.27 -14.12
C LEU A 127 3.08 25.83 -13.56
N LYS A 128 3.10 27.10 -13.16
CA LYS A 128 1.88 27.75 -12.69
C LYS A 128 1.50 28.86 -13.64
N ILE A 129 0.24 28.84 -14.06
CA ILE A 129 -0.28 29.87 -14.96
C ILE A 129 -1.33 30.69 -14.20
N ASP A 130 -1.19 32.01 -14.26
CA ASP A 130 -2.07 32.91 -13.52
C ASP A 130 -3.33 33.24 -14.31
N ALA A 131 -4.19 32.25 -14.53
CA ALA A 131 -5.38 32.45 -15.33
C ALA A 131 -6.61 31.73 -14.79
N LYS A 132 -7.78 32.16 -15.24
CA LYS A 132 -9.04 31.56 -14.82
C LYS A 132 -9.80 31.09 -16.06
N ASN A 133 -10.85 30.31 -15.83
CA ASN A 133 -11.65 29.70 -16.89
C ASN A 133 -10.88 28.60 -17.62
N LEU A 134 -9.83 28.11 -16.98
CA LEU A 134 -9.06 26.99 -17.50
C LEU A 134 -9.88 25.71 -17.41
N LYS A 135 -9.69 24.82 -18.36
CA LYS A 135 -10.33 23.52 -18.33
C LYS A 135 -9.27 22.43 -18.19
N SER A 136 -9.67 21.30 -17.64
CA SER A 136 -8.72 20.24 -17.34
C SER A 136 -9.23 18.89 -17.74
N LEU A 137 -8.44 17.87 -17.44
CA LEU A 137 -8.79 16.53 -17.84
C LEU A 137 -8.91 15.63 -16.62
N VAL A 138 -9.79 14.64 -16.70
CA VAL A 138 -9.87 13.63 -15.66
C VAL A 138 -8.58 12.81 -15.61
N ILE A 139 -8.01 12.68 -14.42
CA ILE A 139 -6.78 11.90 -14.26
C ILE A 139 -7.16 10.43 -14.07
N GLY A 140 -6.32 9.52 -14.53
CA GLY A 140 -6.65 8.10 -14.53
C GLY A 140 -5.60 7.25 -13.83
N ASP A 141 -5.77 5.94 -13.89
CA ASP A 141 -4.85 5.02 -13.24
C ASP A 141 -3.94 4.32 -14.23
N SER A 142 -2.67 4.72 -14.25
CA SER A 142 -1.69 4.12 -15.15
C SER A 142 -1.39 2.67 -14.76
N ASP A 143 -1.55 2.34 -13.48
CA ASP A 143 -1.28 0.98 -13.01
C ASP A 143 -2.31 -0.02 -13.51
N LYS A 144 -3.42 0.48 -14.03
CA LYS A 144 -4.47 -0.35 -14.60
C LYS A 144 -4.35 -0.58 -16.10
N LEU A 145 -3.34 0.03 -16.71
CA LEU A 145 -3.15 -0.09 -18.14
C LEU A 145 -2.74 -1.51 -18.49
N GLU A 146 -3.23 -1.99 -19.63
CA GLU A 146 -2.85 -3.29 -20.14
C GLU A 146 -2.41 -3.14 -21.59
N VAL A 147 -1.49 -3.98 -22.02
CA VAL A 147 -1.04 -3.95 -23.40
C VAL A 147 -2.20 -4.27 -24.33
N GLY A 148 -2.38 -3.43 -25.35
CA GLY A 148 -3.50 -3.59 -26.27
C GLY A 148 -4.63 -2.61 -26.00
N ASP A 149 -4.53 -1.85 -24.91
CA ASP A 149 -5.50 -0.80 -24.62
C ASP A 149 -5.34 0.34 -25.63
N TYR A 150 -6.44 0.83 -26.17
CA TYR A 150 -6.35 1.93 -27.13
C TYR A 150 -6.01 3.22 -26.41
N VAL A 151 -5.11 3.99 -27.00
CA VAL A 151 -4.70 5.27 -26.44
C VAL A 151 -4.55 6.33 -27.53
N VAL A 152 -4.71 7.59 -27.14
CA VAL A 152 -4.52 8.71 -28.05
C VAL A 152 -3.48 9.66 -27.47
N ALA A 153 -2.57 10.15 -28.31
CA ALA A 153 -1.55 11.07 -27.85
C ALA A 153 -1.84 12.47 -28.36
N ILE A 154 -2.01 13.40 -27.42
CA ILE A 154 -2.35 14.77 -27.75
C ILE A 154 -1.21 15.72 -27.43
N GLY A 155 -0.74 16.42 -28.47
CA GLY A 155 0.36 17.35 -28.34
C GLY A 155 0.51 18.17 -29.61
N ASN A 156 1.50 19.07 -29.62
CA ASN A 156 1.78 19.88 -30.80
C ASN A 156 3.07 19.47 -31.48
N PRO A 157 3.00 18.50 -32.39
CA PRO A 157 4.19 18.06 -33.10
C PRO A 157 4.51 19.00 -34.25
N PHE A 158 5.75 19.46 -34.32
CA PHE A 158 6.23 20.33 -35.41
C PHE A 158 5.63 21.75 -35.34
N GLY A 159 4.98 22.08 -34.23
CA GLY A 159 4.48 23.43 -34.03
C GLY A 159 3.31 23.75 -34.93
N LEU A 160 2.58 22.72 -35.33
CA LEU A 160 1.54 22.84 -36.35
C LEU A 160 0.40 23.81 -36.02
N ASN A 161 -0.02 23.85 -34.76
CA ASN A 161 -1.06 24.81 -34.39
C ASN A 161 -0.53 26.14 -33.84
N SER A 162 -0.45 27.12 -34.74
CA SER A 162 0.10 28.43 -34.43
C SER A 162 -0.78 29.14 -33.41
N PHE A 163 -2.08 28.95 -33.53
CA PHE A 163 -3.03 29.71 -32.73
C PHE A 163 -3.54 28.90 -31.53
N GLY A 164 -3.06 27.67 -31.41
CA GLY A 164 -3.31 26.87 -30.21
C GLY A 164 -4.64 26.14 -30.18
N ASN A 165 -5.50 26.44 -31.14
CA ASN A 165 -6.86 25.89 -31.14
C ASN A 165 -6.98 24.49 -31.73
N SER A 166 -5.88 23.95 -32.25
CA SER A 166 -5.93 22.65 -32.91
C SER A 166 -4.74 21.76 -32.57
N GLN A 167 -4.76 21.16 -31.39
CA GLN A 167 -3.73 20.20 -31.02
C GLN A 167 -3.84 18.99 -31.94
N SER A 168 -2.78 18.18 -32.01
CA SER A 168 -2.81 17.01 -32.88
C SER A 168 -3.06 15.73 -32.08
N ALA A 169 -4.04 14.96 -32.52
CA ALA A 169 -4.35 13.69 -31.88
C ALA A 169 -3.84 12.54 -32.74
N THR A 170 -3.13 11.61 -32.12
CA THR A 170 -2.62 10.45 -32.84
C THR A 170 -3.02 9.20 -32.07
N PHE A 171 -3.38 8.15 -32.82
CA PHE A 171 -4.06 6.99 -32.25
C PHE A 171 -3.19 5.74 -32.26
N GLY A 172 -3.24 4.99 -31.17
CA GLY A 172 -2.47 3.76 -31.06
C GLY A 172 -2.89 2.91 -29.87
N ILE A 173 -2.32 1.72 -29.77
CA ILE A 173 -2.49 0.91 -28.56
C ILE A 173 -1.31 1.08 -27.61
N VAL A 174 -1.40 0.41 -26.46
CA VAL A 174 -0.29 0.34 -25.53
C VAL A 174 0.58 -0.84 -25.94
N SER A 175 1.79 -0.55 -26.39
CA SER A 175 2.71 -1.58 -26.86
C SER A 175 3.32 -2.43 -25.74
N ALA A 176 3.72 -1.78 -24.66
CA ALA A 176 4.31 -2.46 -23.51
C ALA A 176 4.29 -1.56 -22.28
N LEU A 177 4.56 -2.14 -21.11
CA LEU A 177 4.53 -1.38 -19.87
C LEU A 177 5.78 -1.60 -19.04
N LYS A 178 6.10 -0.61 -18.20
CA LYS A 178 7.22 -0.70 -17.28
C LYS A 178 8.56 -0.85 -18.00
N ARG A 179 8.72 -0.12 -19.10
CA ARG A 179 9.98 -0.13 -19.84
C ARG A 179 11.10 0.47 -19.01
N SER A 180 12.26 -0.19 -19.04
CA SER A 180 13.43 0.26 -18.31
C SER A 180 14.69 -0.08 -19.11
N ASP A 181 15.84 0.36 -18.59
CA ASP A 181 17.15 0.09 -19.19
C ASP A 181 17.36 0.86 -20.50
N LEU A 182 16.40 1.71 -20.83
CA LEU A 182 16.46 2.53 -22.04
C LEU A 182 17.61 3.52 -22.01
N ASN A 183 17.96 3.97 -20.81
CA ASN A 183 19.00 4.97 -20.60
C ASN A 183 18.67 6.32 -21.23
N ILE A 184 17.37 6.61 -21.35
CA ILE A 184 16.90 7.93 -21.72
C ILE A 184 16.90 8.83 -20.49
N GLU A 185 16.44 8.29 -19.38
CA GLU A 185 16.31 9.03 -18.12
C GLU A 185 16.98 8.27 -16.97
N GLY A 186 17.22 8.98 -15.86
CA GLY A 186 17.76 8.35 -14.67
C GLY A 186 16.76 7.38 -14.09
N VAL A 187 15.49 7.79 -14.05
CA VAL A 187 14.42 6.95 -13.54
C VAL A 187 13.37 6.70 -14.62
N GLU A 188 13.24 5.45 -15.03
CA GLU A 188 12.36 5.09 -16.14
C GLU A 188 11.31 4.04 -15.76
N ASN A 189 10.06 4.34 -16.07
CA ASN A 189 8.98 3.36 -15.95
C ASN A 189 7.99 3.54 -17.10
N PHE A 190 8.51 3.60 -18.31
CA PHE A 190 7.74 4.07 -19.46
C PHE A 190 6.56 3.21 -19.88
N ILE A 191 5.61 3.85 -20.54
CA ILE A 191 4.54 3.18 -21.24
C ILE A 191 4.91 3.23 -22.69
N GLN A 192 4.90 2.09 -23.37
CA GLN A 192 5.29 2.06 -24.78
C GLN A 192 4.05 2.12 -25.64
N THR A 193 4.04 3.07 -26.59
CA THR A 193 2.90 3.24 -27.46
C THR A 193 3.31 3.39 -28.92
N ASP A 194 2.48 2.87 -29.81
CA ASP A 194 2.73 3.02 -31.24
C ASP A 194 1.91 4.16 -31.84
N ALA A 195 1.27 4.92 -30.95
CA ALA A 195 0.62 6.15 -31.37
C ALA A 195 1.72 7.11 -31.78
N ALA A 196 1.42 8.00 -32.72
CA ALA A 196 2.48 8.77 -33.37
C ALA A 196 2.94 9.93 -32.50
N ILE A 197 4.15 9.80 -31.96
CA ILE A 197 4.76 10.84 -31.15
C ILE A 197 6.00 11.38 -31.85
N ASN A 198 6.04 12.69 -32.04
CA ASN A 198 7.11 13.34 -32.79
C ASN A 198 7.69 14.49 -31.98
N PRO A 199 8.77 15.12 -32.47
CA PRO A 199 9.27 16.31 -31.76
C PRO A 199 8.20 17.37 -31.58
N GLY A 200 8.13 17.92 -30.37
CA GLY A 200 7.10 18.87 -30.01
C GLY A 200 5.90 18.23 -29.34
N ASN A 201 5.92 16.90 -29.26
CA ASN A 201 4.85 16.20 -28.55
C ASN A 201 5.15 16.02 -27.07
N ALA A 202 6.33 16.47 -26.65
CA ALA A 202 6.78 16.30 -25.26
C ALA A 202 5.94 17.11 -24.29
N GLY A 203 5.65 16.51 -23.15
CA GLY A 203 4.81 17.15 -22.15
C GLY A 203 3.36 17.04 -22.53
N GLY A 204 3.12 16.41 -23.67
CA GLY A 204 1.77 16.21 -24.17
C GLY A 204 1.08 15.15 -23.34
N ALA A 205 -0.20 14.94 -23.62
CA ALA A 205 -0.96 13.94 -22.88
C ALA A 205 -1.07 12.64 -23.64
N LEU A 206 -1.04 11.53 -22.91
CA LEU A 206 -1.40 10.24 -23.46
C LEU A 206 -2.64 9.82 -22.69
N VAL A 207 -3.72 9.60 -23.41
CA VAL A 207 -5.02 9.34 -22.81
C VAL A 207 -5.59 7.99 -23.21
N ASN A 208 -6.31 7.36 -22.29
CA ASN A 208 -7.00 6.11 -22.62
C ASN A 208 -8.28 6.38 -23.40
N ALA A 209 -9.01 5.32 -23.75
CA ALA A 209 -10.21 5.47 -24.57
C ALA A 209 -11.27 6.34 -23.91
N LYS A 210 -11.39 6.26 -22.58
CA LYS A 210 -12.30 7.13 -21.84
C LYS A 210 -11.86 8.58 -21.89
N GLY A 211 -10.57 8.79 -22.16
CA GLY A 211 -10.02 10.13 -22.25
C GLY A 211 -9.34 10.55 -20.98
N GLU A 212 -9.23 9.64 -20.02
CA GLU A 212 -8.54 9.94 -18.77
C GLU A 212 -7.05 10.03 -19.07
N LEU A 213 -6.32 10.77 -18.25
CA LEU A 213 -4.91 10.97 -18.51
C LEU A 213 -4.13 9.85 -17.84
N ILE A 214 -3.32 9.16 -18.63
CA ILE A 214 -2.60 7.98 -18.14
C ILE A 214 -1.10 8.13 -18.30
N GLY A 215 -0.69 9.12 -19.08
CA GLY A 215 0.73 9.31 -19.33
C GLY A 215 1.11 10.67 -19.88
N ILE A 216 2.40 10.99 -19.76
CA ILE A 216 2.95 12.21 -20.35
C ILE A 216 4.01 11.81 -21.38
N ASN A 217 3.74 12.13 -22.65
CA ASN A 217 4.63 11.74 -23.74
C ASN A 217 6.00 12.36 -23.58
N THR A 218 7.04 11.52 -23.65
CA THR A 218 8.39 11.97 -23.33
C THR A 218 9.43 11.73 -24.41
N ALA A 219 9.62 10.47 -24.80
CA ALA A 219 10.69 10.16 -25.73
C ALA A 219 10.31 9.09 -26.73
N ILE A 220 11.06 9.04 -27.83
CA ILE A 220 10.89 8.02 -28.85
C ILE A 220 12.22 7.38 -29.17
N ILE A 221 12.17 6.18 -29.73
CA ILE A 221 13.35 5.53 -30.26
C ILE A 221 13.25 5.52 -31.77
N SER A 222 14.19 6.21 -32.42
CA SER A 222 14.18 6.29 -33.88
C SER A 222 15.60 6.29 -34.42
N PRO A 223 15.79 5.64 -35.58
CA PRO A 223 17.08 5.69 -36.28
C PRO A 223 17.36 7.09 -36.81
N TYR A 224 16.33 7.77 -37.30
CA TYR A 224 16.51 9.10 -37.90
C TYR A 224 15.68 10.21 -37.25
N GLY A 225 15.19 9.98 -36.04
CA GLY A 225 14.55 11.02 -35.26
C GLY A 225 13.10 11.29 -35.61
N GLY A 226 12.54 10.48 -36.51
CA GLY A 226 11.13 10.58 -36.82
C GLY A 226 10.41 9.37 -36.26
N ASN A 227 9.12 9.50 -35.98
CA ASN A 227 8.38 8.40 -35.37
C ASN A 227 8.32 7.13 -36.23
N VAL A 228 8.82 6.04 -35.67
CA VAL A 228 8.76 4.74 -36.35
C VAL A 228 7.79 3.81 -35.66
N GLY A 229 6.91 4.37 -34.83
CA GLY A 229 5.90 3.58 -34.16
C GLY A 229 6.33 3.12 -32.78
N ILE A 230 7.46 3.64 -32.32
CA ILE A 230 7.92 3.33 -30.97
C ILE A 230 8.14 4.62 -30.17
N GLY A 231 7.29 4.81 -29.16
CA GLY A 231 7.31 5.99 -28.34
C GLY A 231 7.02 5.68 -26.89
N PHE A 232 7.47 6.56 -26.00
CA PHE A 232 7.37 6.31 -24.57
C PHE A 232 6.72 7.47 -23.82
N ALA A 233 5.97 7.12 -22.78
CA ALA A 233 5.33 8.13 -21.96
C ALA A 233 5.48 7.76 -20.49
N ILE A 234 5.58 8.78 -19.64
CA ILE A 234 5.70 8.57 -18.21
C ILE A 234 4.31 8.33 -17.66
N PRO A 235 4.12 7.19 -16.98
CA PRO A 235 2.82 6.83 -16.42
C PRO A 235 2.37 7.90 -15.44
N ILE A 236 1.08 8.22 -15.44
CA ILE A 236 0.59 9.38 -14.69
C ILE A 236 0.76 9.23 -13.17
N ASN A 237 0.62 8.01 -12.66
CA ASN A 237 0.75 7.77 -11.23
C ASN A 237 2.12 8.19 -10.72
N MET A 238 3.16 7.80 -11.46
CA MET A 238 4.51 8.26 -11.18
C MET A 238 4.60 9.77 -11.38
N ALA A 239 4.06 10.25 -12.50
CA ALA A 239 4.12 11.67 -12.84
C ALA A 239 3.36 12.57 -11.86
N LYS A 240 2.18 12.12 -11.44
CA LYS A 240 1.36 12.88 -10.50
C LYS A 240 2.06 12.98 -9.15
N ASP A 241 2.68 11.88 -8.75
CA ASP A 241 3.40 11.82 -7.47
C ASP A 241 4.54 12.82 -7.47
N VAL A 242 5.28 12.86 -8.57
CA VAL A 242 6.37 13.82 -8.73
C VAL A 242 5.84 15.24 -8.67
N ALA A 243 4.74 15.50 -9.38
CA ALA A 243 4.16 16.83 -9.44
C ALA A 243 3.68 17.29 -8.07
N GLN A 244 2.92 16.44 -7.38
CA GLN A 244 2.38 16.79 -6.08
C GLN A 244 3.50 17.00 -5.06
N GLN A 245 4.57 16.21 -5.18
CA GLN A 245 5.74 16.40 -4.35
C GLN A 245 6.44 17.72 -4.64
N ILE A 246 6.50 18.09 -5.92
CA ILE A 246 7.14 19.35 -6.31
C ILE A 246 6.42 20.60 -5.78
N ILE A 247 5.09 20.63 -5.92
CA ILE A 247 4.31 21.77 -5.46
C ILE A 247 4.49 21.99 -3.96
N LYS A 248 4.56 20.89 -3.21
CA LYS A 248 4.71 20.95 -1.77
C LYS A 248 6.09 21.46 -1.32
N PHE A 249 7.17 21.01 -1.97
CA PHE A 249 8.50 21.35 -1.49
C PHE A 249 9.33 22.20 -2.44
N GLY A 250 8.92 22.29 -3.70
CA GLY A 250 9.65 23.08 -4.68
C GLY A 250 10.75 22.31 -5.37
N SER A 251 10.99 21.08 -4.91
CA SER A 251 12.02 20.21 -5.47
C SER A 251 11.84 18.80 -4.93
N ILE A 252 12.54 17.84 -5.53
CA ILE A 252 12.47 16.47 -5.06
C ILE A 252 13.74 16.07 -4.32
N HIS A 253 13.59 15.66 -3.07
CA HIS A 253 14.72 15.21 -2.27
C HIS A 253 14.72 13.69 -2.20
N ARG A 254 15.74 13.07 -2.79
CA ARG A 254 15.77 11.62 -2.98
C ARG A 254 16.81 10.96 -2.10
N GLY A 255 16.55 9.72 -1.71
CA GLY A 255 17.45 8.99 -0.85
C GLY A 255 17.80 7.60 -1.36
N LEU A 256 18.91 7.07 -0.84
CA LEU A 256 19.36 5.72 -1.20
C LEU A 256 19.34 4.78 0.01
N MET A 257 19.03 3.52 -0.25
CA MET A 257 19.05 2.49 0.79
C MET A 257 20.42 1.82 0.86
N GLY A 258 21.26 2.09 -0.12
CA GLY A 258 22.58 1.48 -0.21
C GLY A 258 22.53 -0.01 -0.53
N ILE A 259 21.72 -0.36 -1.52
CA ILE A 259 21.53 -1.75 -1.90
C ILE A 259 21.69 -1.94 -3.41
N PHE A 260 22.32 -3.04 -3.82
CA PHE A 260 22.41 -3.39 -5.22
C PHE A 260 21.41 -4.52 -5.51
N VAL A 261 20.65 -4.37 -6.58
CA VAL A 261 19.58 -5.33 -6.88
C VAL A 261 19.80 -5.97 -8.25
N GLN A 262 19.52 -7.27 -8.34
CA GLN A 262 19.77 -8.03 -9.56
C GLN A 262 18.49 -8.73 -10.01
N HIS A 263 18.28 -8.80 -11.33
CA HIS A 263 17.11 -9.49 -11.85
C HIS A 263 17.18 -10.97 -11.54
N LEU A 264 16.05 -11.52 -11.10
CA LEU A 264 15.99 -12.92 -10.69
C LEU A 264 15.42 -13.80 -11.80
N THR A 265 16.30 -14.44 -12.55
CA THR A 265 15.88 -15.37 -13.59
C THR A 265 15.36 -16.65 -12.97
N PRO A 266 14.46 -17.36 -13.67
CA PRO A 266 13.93 -18.63 -13.17
C PRO A 266 15.04 -19.65 -12.93
N GLU A 267 16.04 -19.69 -13.81
CA GLU A 267 17.19 -20.57 -13.63
C GLU A 267 17.85 -20.31 -12.29
N LEU A 268 18.04 -19.03 -12.00
CA LEU A 268 18.70 -18.57 -10.79
C LEU A 268 17.84 -18.80 -9.55
N ALA A 269 16.52 -18.66 -9.70
CA ALA A 269 15.60 -18.85 -8.59
C ALA A 269 15.60 -20.27 -8.04
N GLN A 270 15.71 -21.26 -8.93
CA GLN A 270 15.77 -22.65 -8.49
C GLN A 270 16.96 -22.90 -7.58
N SER A 271 18.12 -22.40 -7.97
CA SER A 271 19.35 -22.64 -7.22
C SER A 271 19.31 -22.00 -5.83
N MET A 272 18.43 -21.01 -5.67
CA MET A 272 18.25 -20.34 -4.39
C MET A 272 17.08 -20.90 -3.58
N GLY A 273 16.52 -22.02 -4.04
CA GLY A 273 15.50 -22.75 -3.32
C GLY A 273 14.06 -22.36 -3.59
N TYR A 274 13.87 -21.39 -4.47
CA TYR A 274 12.53 -20.92 -4.81
C TYR A 274 11.92 -21.67 -6.00
N ALA A 275 10.65 -21.43 -6.27
CA ALA A 275 9.97 -22.02 -7.41
C ALA A 275 10.43 -21.40 -8.73
N GLU A 276 10.28 -22.15 -9.82
CA GLU A 276 10.68 -21.66 -11.14
C GLU A 276 9.92 -20.40 -11.55
N ASP A 277 8.62 -20.37 -11.26
CA ASP A 277 7.80 -19.22 -11.65
C ASP A 277 7.77 -18.14 -10.57
N PHE A 278 8.68 -18.24 -9.61
CA PHE A 278 8.75 -17.25 -8.55
C PHE A 278 9.33 -15.95 -9.10
N GLN A 279 8.88 -14.83 -8.54
CA GLN A 279 9.34 -13.52 -9.00
C GLN A 279 9.65 -12.59 -7.84
N GLY A 280 10.61 -11.71 -8.05
CA GLY A 280 11.02 -10.74 -7.05
C GLY A 280 12.31 -10.05 -7.42
N ALA A 281 12.82 -9.26 -6.47
CA ALA A 281 14.07 -8.53 -6.69
C ALA A 281 15.17 -9.09 -5.81
N LEU A 282 16.13 -9.76 -6.44
CA LEU A 282 17.25 -10.36 -5.73
C LEU A 282 18.19 -9.28 -5.22
N VAL A 283 18.69 -9.45 -4.00
CA VAL A 283 19.63 -8.49 -3.42
C VAL A 283 21.03 -9.05 -3.53
N SER A 284 21.77 -8.58 -4.52
CA SER A 284 23.15 -9.05 -4.75
C SER A 284 24.12 -8.53 -3.70
N GLN A 285 24.00 -7.25 -3.36
CA GLN A 285 24.88 -6.64 -2.37
C GLN A 285 24.13 -5.70 -1.43
N VAL A 286 24.54 -5.71 -0.17
CA VAL A 286 24.15 -4.67 0.77
C VAL A 286 25.42 -3.96 1.20
N ASN A 287 25.49 -2.65 0.93
CA ASN A 287 26.71 -1.89 1.14
C ASN A 287 27.13 -1.80 2.61
N GLN A 288 28.41 -1.49 2.82
CA GLN A 288 28.96 -1.36 4.16
C GLN A 288 28.41 -0.09 4.81
N ASN A 289 28.00 -0.21 6.07
CA ASN A 289 27.45 0.90 6.83
C ASN A 289 26.34 1.62 6.07
N SER A 290 25.38 0.85 5.58
CA SER A 290 24.25 1.41 4.85
C SER A 290 22.97 1.19 5.65
N PRO A 291 21.96 2.03 5.41
CA PRO A 291 20.66 1.89 6.09
C PRO A 291 20.08 0.49 5.90
N ALA A 292 20.31 -0.11 4.73
CA ALA A 292 19.85 -1.46 4.46
C ALA A 292 20.56 -2.46 5.38
N GLN A 293 21.85 -2.26 5.60
CA GLN A 293 22.63 -3.15 6.45
C GLN A 293 22.19 -3.04 7.91
N LEU A 294 21.89 -1.82 8.34
CA LEU A 294 21.42 -1.59 9.70
C LEU A 294 20.08 -2.28 9.94
N ALA A 295 19.20 -2.21 8.95
CA ALA A 295 17.89 -2.83 9.03
C ALA A 295 17.97 -4.35 9.10
N GLY A 296 19.09 -4.90 8.66
CA GLY A 296 19.32 -6.32 8.74
C GLY A 296 19.11 -6.99 7.40
N LEU A 297 19.09 -6.19 6.34
CA LEU A 297 18.91 -6.73 5.00
C LEU A 297 20.23 -7.35 4.55
N LYS A 298 20.15 -8.50 3.89
CA LYS A 298 21.34 -9.25 3.52
C LYS A 298 21.33 -9.64 2.05
N SER A 299 22.48 -10.08 1.54
CA SER A 299 22.57 -10.63 0.21
C SER A 299 21.80 -11.94 0.15
N GLY A 300 21.27 -12.26 -1.02
CA GLY A 300 20.50 -13.48 -1.21
C GLY A 300 19.03 -13.33 -0.85
N ASP A 301 18.70 -12.20 -0.22
CA ASP A 301 17.32 -11.88 0.09
C ASP A 301 16.59 -11.48 -1.19
N VAL A 302 15.29 -11.76 -1.25
CA VAL A 302 14.51 -11.38 -2.41
C VAL A 302 13.43 -10.38 -2.01
N ILE A 303 13.58 -9.14 -2.50
CA ILE A 303 12.57 -8.12 -2.25
C ILE A 303 11.32 -8.55 -2.98
N VAL A 304 10.21 -8.67 -2.25
CA VAL A 304 8.98 -9.14 -2.85
C VAL A 304 7.93 -8.02 -2.88
N GLN A 305 8.14 -7.00 -2.05
CA GLN A 305 7.23 -5.86 -1.99
C GLN A 305 7.82 -4.69 -1.20
N ILE A 306 7.70 -3.49 -1.75
CA ILE A 306 8.13 -2.27 -1.05
C ILE A 306 6.92 -1.40 -0.76
N ASN A 307 6.64 -1.18 0.52
CA ASN A 307 5.47 -0.41 0.94
C ASN A 307 4.20 -1.04 0.37
N ASP A 308 3.41 -0.22 -0.33
CA ASP A 308 2.21 -0.71 -0.98
C ASP A 308 2.53 -1.44 -2.30
N THR A 309 3.58 -1.02 -2.98
CA THR A 309 3.93 -1.55 -4.29
C THR A 309 4.50 -2.96 -4.21
N LYS A 310 4.01 -3.85 -5.08
CA LYS A 310 4.47 -5.23 -5.12
C LYS A 310 5.59 -5.38 -6.14
N ILE A 311 6.60 -6.17 -5.81
CA ILE A 311 7.77 -6.29 -6.67
C ILE A 311 7.93 -7.66 -7.32
N THR A 312 7.98 -7.65 -8.65
CA THR A 312 8.11 -8.88 -9.44
C THR A 312 9.41 -8.95 -10.23
N GLN A 313 10.09 -7.81 -10.38
CA GLN A 313 11.40 -7.80 -11.00
C GLN A 313 12.26 -6.64 -10.50
N ALA A 314 13.57 -6.77 -10.70
CA ALA A 314 14.55 -5.88 -10.08
C ALA A 314 14.37 -4.40 -10.45
N THR A 315 14.01 -4.14 -11.69
CA THR A 315 13.91 -2.77 -12.19
C THR A 315 12.86 -1.95 -11.45
N GLN A 316 11.93 -2.65 -10.79
CA GLN A 316 10.86 -1.99 -10.04
C GLN A 316 11.33 -1.35 -8.75
N VAL A 317 12.45 -1.82 -8.22
CA VAL A 317 12.94 -1.30 -6.94
C VAL A 317 13.37 0.16 -7.05
N LYS A 318 14.18 0.47 -8.05
CA LYS A 318 14.70 1.82 -8.21
C LYS A 318 13.58 2.84 -8.41
N THR A 319 12.60 2.49 -9.23
CA THR A 319 11.48 3.40 -9.50
C THR A 319 10.65 3.66 -8.24
N THR A 320 10.45 2.62 -7.44
CA THR A 320 9.69 2.75 -6.20
C THR A 320 10.35 3.65 -5.17
N ILE A 321 11.65 3.48 -5.00
CA ILE A 321 12.43 4.29 -4.05
C ILE A 321 12.58 5.75 -4.50
N SER A 322 12.67 5.96 -5.81
CA SER A 322 12.85 7.30 -6.36
C SER A 322 11.71 8.25 -6.01
N LEU A 323 10.49 7.73 -5.97
CA LEU A 323 9.33 8.52 -5.57
C LEU A 323 9.36 8.89 -4.09
N LEU A 324 9.89 7.98 -3.27
CA LEU A 324 9.97 8.18 -1.83
C LEU A 324 10.86 9.37 -1.49
N ARG A 325 10.49 10.10 -0.44
CA ARG A 325 11.26 11.27 -0.03
C ARG A 325 12.24 10.94 1.08
N ALA A 326 13.39 11.61 1.05
CA ALA A 326 14.48 11.33 1.98
C ALA A 326 14.12 11.60 3.44
N GLY A 327 14.70 10.80 4.34
CA GLY A 327 14.47 10.93 5.77
C GLY A 327 13.21 10.22 6.23
N SER A 328 12.62 9.44 5.35
CA SER A 328 11.41 8.69 5.65
C SER A 328 11.65 7.18 5.51
N THR A 329 11.09 6.41 6.43
CA THR A 329 11.24 4.96 6.42
C THR A 329 10.46 4.29 5.27
N ALA A 330 11.06 3.27 4.67
CA ALA A 330 10.39 2.48 3.64
C ALA A 330 10.22 1.05 4.13
N LYS A 331 8.99 0.54 4.05
CA LYS A 331 8.70 -0.83 4.48
C LYS A 331 9.12 -1.82 3.39
N ILE A 332 10.10 -2.64 3.71
CA ILE A 332 10.61 -3.62 2.74
C ILE A 332 10.18 -5.01 3.16
N LYS A 333 9.49 -5.71 2.27
CA LYS A 333 8.98 -7.05 2.57
C LYS A 333 9.77 -8.07 1.78
N ILE A 334 10.50 -8.95 2.46
CA ILE A 334 11.40 -9.87 1.79
C ILE A 334 11.18 -11.34 2.13
N LEU A 335 11.90 -12.19 1.42
CA LEU A 335 12.00 -13.59 1.77
C LEU A 335 13.48 -13.98 1.87
N ARG A 336 13.93 -14.28 3.08
CA ARG A 336 15.30 -14.74 3.30
C ARG A 336 15.25 -16.27 3.37
N ASP A 337 15.96 -16.91 2.45
CA ASP A 337 15.69 -18.31 2.11
C ASP A 337 14.21 -18.37 1.79
N ASN A 338 13.46 -19.28 2.38
CA ASN A 338 12.03 -19.27 2.09
C ASN A 338 11.17 -18.76 3.25
N LYS A 339 11.75 -17.91 4.09
CA LYS A 339 11.06 -17.40 5.26
C LYS A 339 10.70 -15.93 5.09
N PRO A 340 9.41 -15.60 5.28
CA PRO A 340 8.95 -14.22 5.11
C PRO A 340 9.46 -13.32 6.23
N LEU A 341 9.88 -12.11 5.87
CA LEU A 341 10.35 -11.13 6.84
C LEU A 341 9.91 -9.74 6.41
N THR A 342 9.88 -8.81 7.35
CA THR A 342 9.58 -7.44 7.03
C THR A 342 10.63 -6.54 7.65
N LEU A 343 11.22 -5.69 6.84
CA LEU A 343 12.27 -4.79 7.33
C LEU A 343 11.91 -3.35 7.00
N ASP A 344 12.25 -2.46 7.93
CA ASP A 344 12.05 -1.03 7.74
C ASP A 344 13.40 -0.35 7.52
N VAL A 345 13.63 0.10 6.30
CA VAL A 345 14.94 0.66 5.96
C VAL A 345 14.82 2.16 5.77
N GLU A 346 15.72 2.90 6.39
CA GLU A 346 15.71 4.35 6.25
C GLU A 346 16.16 4.75 4.85
N VAL A 347 15.41 5.64 4.23
CA VAL A 347 15.78 6.17 2.92
C VAL A 347 16.51 7.48 3.16
N THR A 348 17.82 7.47 2.96
CA THR A 348 18.67 8.56 3.45
C THR A 348 19.29 9.39 2.33
N ASP A 349 19.40 10.70 2.57
CA ASP A 349 20.01 11.63 1.63
C ASP A 349 21.43 11.19 1.32
N ILE A 350 21.87 11.42 0.08
CA ILE A 350 23.21 11.00 -0.34
C ILE A 350 24.31 11.79 0.36
N LYS A 351 24.19 13.11 0.35
CA LYS A 351 25.19 13.99 0.95
C LYS A 351 25.27 13.82 2.48
N LYS A 352 24.12 13.69 3.11
CA LYS A 352 24.03 13.60 4.57
C LYS A 352 24.69 12.35 5.16
N HIS A 353 24.44 11.22 4.53
CA HIS A 353 24.96 9.94 4.98
C HIS A 353 26.49 9.88 4.72
N GLU A 354 26.97 10.76 3.84
CA GLU A 354 28.38 10.80 3.46
C GLU A 354 29.16 11.59 4.51
N GLN A 355 28.43 12.22 5.41
CA GLN A 355 29.01 12.99 6.52
C GLN A 355 29.05 12.12 7.76
N LYS A 356 27.99 11.35 7.94
CA LYS A 356 27.93 10.37 9.02
C LYS A 356 29.00 9.30 8.81
N LEU A 357 29.26 8.97 7.55
CA LEU A 357 30.27 7.97 7.21
C LEU A 357 31.68 8.51 7.41
N GLN A 358 31.89 9.78 7.09
CA GLN A 358 33.17 10.43 7.34
C GLN A 358 33.40 10.62 8.83
N SER A 359 32.35 10.92 9.56
CA SER A 359 32.46 11.13 10.99
C SER A 359 32.97 9.88 11.69
N ASN A 360 32.48 8.72 11.24
CA ASN A 360 32.90 7.46 11.84
C ASN A 360 34.39 7.21 11.65
N ASN A 361 34.88 7.38 10.42
CA ASN A 361 36.29 7.25 10.13
C ASN A 361 36.75 8.42 9.24
N PRO A 362 37.32 9.48 9.85
CA PRO A 362 37.65 10.73 9.18
C PRO A 362 38.86 10.63 8.25
N PHE A 363 39.91 9.97 8.72
CA PHE A 363 41.18 9.95 8.02
C PHE A 363 41.21 9.00 6.82
N LEU A 364 40.67 7.80 7.00
CA LEU A 364 40.81 6.77 5.97
C LEU A 364 39.60 6.63 5.05
N TYR A 365 38.62 7.50 5.20
CA TYR A 365 37.43 7.46 4.35
C TYR A 365 37.76 7.74 2.89
N GLY A 366 37.12 7.00 1.99
CA GLY A 366 37.25 7.22 0.56
C GLY A 366 38.49 6.60 -0.03
N LEU A 367 39.11 5.69 0.72
CA LEU A 367 40.35 5.08 0.28
C LEU A 367 40.19 3.58 0.11
N ALA A 368 40.78 3.06 -0.96
CA ALA A 368 40.85 1.62 -1.19
C ALA A 368 42.27 1.16 -0.86
N LEU A 369 42.38 0.30 0.15
CA LEU A 369 43.68 -0.09 0.67
C LEU A 369 43.92 -1.59 0.57
N ARG A 370 45.13 -1.94 0.16
CA ARG A 370 45.56 -3.34 0.09
C ARG A 370 46.84 -3.54 0.88
N ASN A 371 46.92 -4.63 1.63
CA ASN A 371 48.16 -4.98 2.31
C ASN A 371 49.27 -5.20 1.29
N PHE A 372 50.45 -4.67 1.57
CA PHE A 372 51.51 -4.62 0.58
C PHE A 372 52.83 -5.13 1.13
N GLU A 373 53.41 -6.09 0.42
CA GLU A 373 54.73 -6.62 0.75
C GLU A 373 55.50 -6.82 -0.55
N GLN A 374 56.69 -6.24 -0.60
CA GLN A 374 57.51 -6.27 -1.80
C GLN A 374 58.95 -5.91 -1.46
N GLU A 375 59.90 -6.40 -2.26
CA GLU A 375 61.28 -5.99 -2.12
C GLU A 375 61.57 -5.02 -3.27
N SER A 376 61.44 -3.73 -2.97
CA SER A 376 61.57 -2.73 -4.01
C SER A 376 62.73 -1.78 -3.72
N PRO A 377 63.77 -1.84 -4.56
CA PRO A 377 64.88 -0.88 -4.46
C PRO A 377 64.37 0.52 -4.80
N PRO A 378 64.89 1.54 -4.10
CA PRO A 378 65.94 1.45 -3.09
C PRO A 378 65.41 1.28 -1.67
N HIS A 379 64.10 1.04 -1.53
CA HIS A 379 63.47 0.94 -0.22
C HIS A 379 63.87 -0.32 0.58
N GLY A 380 64.25 -1.38 -0.12
CA GLY A 380 64.51 -2.65 0.54
C GLY A 380 63.22 -3.40 0.81
N ASN A 381 63.21 -4.20 1.88
CA ASN A 381 61.98 -4.86 2.30
C ASN A 381 60.91 -3.85 2.71
N VAL A 382 59.82 -3.82 1.95
CA VAL A 382 58.72 -2.88 2.22
C VAL A 382 57.47 -3.57 2.74
N VAL A 383 57.05 -3.23 3.94
CA VAL A 383 55.79 -3.72 4.49
C VAL A 383 54.90 -2.57 4.96
N GLY A 384 53.69 -2.53 4.44
CA GLY A 384 52.74 -1.48 4.76
C GLY A 384 51.48 -1.64 3.95
N VAL A 385 50.62 -0.62 3.95
CA VAL A 385 49.42 -0.68 3.14
C VAL A 385 49.55 0.20 1.90
N GLN A 386 49.04 -0.29 0.78
CA GLN A 386 49.13 0.41 -0.49
C GLN A 386 47.79 1.06 -0.79
N VAL A 387 47.84 2.28 -1.32
CA VAL A 387 46.62 2.99 -1.68
C VAL A 387 46.20 2.59 -3.09
N VAL A 388 45.29 1.62 -3.17
CA VAL A 388 44.78 1.15 -4.46
C VAL A 388 43.98 2.24 -5.16
N GLY A 389 43.16 2.96 -4.39
CA GLY A 389 42.38 4.04 -4.94
C GLY A 389 42.05 5.10 -3.91
N ALA A 390 41.87 6.34 -4.38
CA ALA A 390 41.52 7.44 -3.50
C ALA A 390 40.36 8.22 -4.06
N SER A 391 39.55 8.78 -3.18
CA SER A 391 38.41 9.58 -3.59
C SER A 391 38.80 11.05 -3.62
N GLU A 392 38.47 11.73 -4.71
CA GLU A 392 38.85 13.14 -4.87
C GLU A 392 38.25 14.04 -3.79
N THR A 393 37.18 13.56 -3.16
CA THR A 393 36.55 14.28 -2.06
C THR A 393 37.12 13.90 -0.70
N SER A 394 37.98 12.88 -0.68
CA SER A 394 38.49 12.32 0.57
C SER A 394 39.51 13.22 1.25
N ALA A 395 39.61 13.07 2.56
CA ALA A 395 40.60 13.81 3.35
C ALA A 395 42.01 13.43 2.92
N GLY A 396 42.20 12.18 2.53
CA GLY A 396 43.48 11.70 2.06
C GLY A 396 43.91 12.39 0.78
N TRP A 397 43.00 12.49 -0.18
CA TRP A 397 43.31 13.09 -1.48
C TRP A 397 43.69 14.57 -1.34
N ARG A 398 42.97 15.28 -0.48
CA ARG A 398 43.26 16.69 -0.23
C ARG A 398 44.66 16.82 0.35
N ALA A 399 45.05 15.84 1.16
CA ALA A 399 46.35 15.85 1.82
C ALA A 399 47.49 15.57 0.84
N GLY A 400 47.13 15.18 -0.37
CA GLY A 400 48.13 14.90 -1.40
C GLY A 400 48.38 13.42 -1.57
N LEU A 401 47.59 12.59 -0.89
CA LEU A 401 47.72 11.15 -1.03
C LEU A 401 47.21 10.72 -2.40
N ARG A 402 47.95 9.82 -3.04
CA ARG A 402 47.63 9.40 -4.39
C ARG A 402 47.55 7.88 -4.45
N PRO A 403 46.78 7.33 -5.39
CA PRO A 403 46.76 5.87 -5.52
C PRO A 403 48.14 5.36 -5.93
N GLY A 404 48.51 4.18 -5.45
CA GLY A 404 49.81 3.61 -5.73
C GLY A 404 50.84 3.91 -4.65
N ASP A 405 50.50 4.81 -3.74
CA ASP A 405 51.37 5.15 -2.62
C ASP A 405 51.36 4.02 -1.60
N ILE A 406 52.48 3.82 -0.92
CA ILE A 406 52.57 2.80 0.12
C ILE A 406 52.80 3.45 1.47
N ILE A 407 51.87 3.22 2.40
CA ILE A 407 51.93 3.82 3.72
C ILE A 407 52.70 2.93 4.67
N ILE A 408 53.82 3.42 5.18
CA ILE A 408 54.67 2.62 6.04
C ILE A 408 54.60 3.04 7.51
N SER A 409 54.20 4.28 7.76
CA SER A 409 54.09 4.79 9.14
C SER A 409 52.94 5.77 9.30
N ALA A 410 52.31 5.76 10.47
CA ALA A 410 51.27 6.71 10.82
C ALA A 410 51.48 7.22 12.24
N ASN A 411 51.58 8.54 12.39
CA ASN A 411 51.87 9.15 13.70
C ASN A 411 53.15 8.60 14.31
N LYS A 412 54.17 8.48 13.47
CA LYS A 412 55.49 7.99 13.86
C LYS A 412 55.45 6.52 14.32
N THR A 413 54.36 5.83 14.01
CA THR A 413 54.23 4.42 14.34
C THR A 413 54.24 3.58 13.08
N PRO A 414 55.12 2.58 13.02
CA PRO A 414 55.22 1.71 11.84
C PRO A 414 53.91 0.98 11.56
N VAL A 415 53.55 0.93 10.28
CA VAL A 415 52.32 0.29 9.86
C VAL A 415 52.64 -0.89 8.96
N LYS A 416 52.25 -2.08 9.40
CA LYS A 416 52.53 -3.29 8.64
C LYS A 416 51.29 -3.85 7.95
N ASP A 417 50.12 -3.41 8.38
CA ASP A 417 48.87 -3.91 7.80
C ASP A 417 47.71 -2.92 7.96
N ILE A 418 46.63 -3.17 7.24
CA ILE A 418 45.45 -2.30 7.29
C ILE A 418 44.85 -2.21 8.69
N LYS A 419 44.77 -3.36 9.37
CA LYS A 419 44.18 -3.40 10.70
C LYS A 419 44.96 -2.51 11.67
N SER A 420 46.29 -2.50 11.53
CA SER A 420 47.13 -1.64 12.34
C SER A 420 46.95 -0.17 11.98
N LEU A 421 46.77 0.11 10.70
CA LEU A 421 46.58 1.47 10.22
C LEU A 421 45.28 2.04 10.78
N GLN A 422 44.23 1.22 10.78
CA GLN A 422 42.93 1.64 11.27
C GLN A 422 42.96 1.93 12.77
N ALA A 423 43.82 1.24 13.49
CA ALA A 423 43.97 1.49 14.92
C ALA A 423 44.56 2.88 15.16
N VAL A 424 45.64 3.19 14.44
CA VAL A 424 46.27 4.49 14.58
C VAL A 424 45.33 5.59 14.12
N ALA A 425 44.54 5.31 13.09
CA ALA A 425 43.54 6.25 12.60
C ALA A 425 42.38 6.41 13.57
N HIS A 426 42.08 5.35 14.32
CA HIS A 426 40.93 5.33 15.22
C HIS A 426 41.08 6.30 16.39
N GLU A 427 42.27 6.34 16.98
CA GLU A 427 42.54 7.34 18.01
C GLU A 427 42.48 8.72 17.38
N LYS A 428 41.76 9.63 18.02
CA LYS A 428 41.39 10.88 17.37
C LYS A 428 42.30 12.05 17.70
N GLY A 429 42.81 12.68 16.65
CA GLY A 429 43.57 13.91 16.75
C GLY A 429 43.00 14.82 15.66
N LYS A 430 43.37 16.09 15.70
CA LYS A 430 42.96 17.02 14.65
C LYS A 430 43.46 16.54 13.30
N GLN A 431 44.66 15.95 13.29
CA GLN A 431 45.28 15.43 12.07
C GLN A 431 45.95 14.07 12.26
N LEU A 432 45.99 13.27 11.19
CA LEU A 432 46.80 12.07 11.15
C LEU A 432 47.98 12.25 10.21
N LEU A 433 49.19 11.99 10.71
CA LEU A 433 50.39 12.15 9.92
C LEU A 433 50.84 10.81 9.38
N VAL A 434 51.04 10.73 8.07
CA VAL A 434 51.45 9.49 7.45
C VAL A 434 52.70 9.66 6.59
N GLN A 435 53.48 8.58 6.49
CA GLN A 435 54.66 8.55 5.64
C GLN A 435 54.43 7.54 4.53
N VAL A 436 54.50 8.01 3.29
CA VAL A 436 54.16 7.17 2.15
C VAL A 436 55.34 7.01 1.20
N LEU A 437 55.34 5.91 0.45
CA LEU A 437 56.35 5.66 -0.56
C LEU A 437 55.81 5.95 -1.95
N ARG A 438 56.42 6.92 -2.63
CA ARG A 438 56.04 7.25 -4.00
C ARG A 438 57.19 6.98 -4.95
N GLY A 439 57.12 5.85 -5.65
CA GLY A 439 58.22 5.41 -6.49
C GLY A 439 59.47 5.19 -5.67
N ALA A 440 60.60 5.69 -6.17
CA ALA A 440 61.87 5.63 -5.45
C ALA A 440 61.85 6.52 -4.23
N GLY A 441 61.09 7.60 -4.32
CA GLY A 441 60.98 8.57 -3.25
C GLY A 441 60.00 8.18 -2.15
N ALA A 442 60.01 8.96 -1.07
CA ALA A 442 59.03 8.84 -0.02
C ALA A 442 58.51 10.22 0.34
N LEU A 443 57.32 10.28 0.92
CA LEU A 443 56.72 11.57 1.24
C LEU A 443 56.04 11.55 2.61
N TYR A 444 56.00 12.72 3.25
CA TYR A 444 55.26 12.87 4.49
C TYR A 444 54.00 13.67 4.20
N LEU A 445 52.87 13.13 4.64
CA LEU A 445 51.59 13.74 4.33
C LEU A 445 50.80 13.96 5.62
N LEU A 446 49.96 14.97 5.62
CA LEU A 446 49.18 15.32 6.80
C LEU A 446 47.69 15.36 6.49
N ILE A 447 46.98 14.36 6.99
CA ILE A 447 45.55 14.25 6.72
C ILE A 447 44.75 15.03 7.74
N ILE A 448 44.20 16.17 7.33
CA ILE A 448 43.41 17.00 8.23
C ILE A 448 41.93 16.97 7.85
N PRO B 20 7.88 19.27 44.88
CA PRO B 20 6.47 19.03 44.56
C PRO B 20 6.06 17.59 44.86
N SER B 21 6.49 17.07 46.01
CA SER B 21 6.23 15.67 46.34
C SER B 21 6.01 15.41 47.84
N LEU B 22 5.42 14.25 48.14
CA LEU B 22 5.23 13.81 49.51
C LEU B 22 6.35 12.85 49.88
N ALA B 23 7.32 12.73 48.99
CA ALA B 23 8.45 11.83 49.21
C ALA B 23 9.31 12.17 50.43
N PRO B 24 9.67 13.46 50.62
CA PRO B 24 10.54 13.77 51.77
C PRO B 24 9.91 13.40 53.11
N VAL B 25 8.64 13.76 53.26
CA VAL B 25 7.91 13.48 54.49
C VAL B 25 7.69 12.00 54.77
N LEU B 26 7.37 11.23 53.73
CA LEU B 26 7.14 9.80 53.89
C LEU B 26 8.42 9.03 54.21
N LYS B 27 9.57 9.59 53.83
CA LYS B 27 10.86 8.98 54.16
C LYS B 27 11.02 8.84 55.66
N ASN B 28 10.49 9.83 56.39
CA ASN B 28 10.68 9.91 57.82
C ASN B 28 9.52 9.24 58.53
N ALA B 29 8.65 8.61 57.76
CA ALA B 29 7.46 7.99 58.31
C ALA B 29 7.43 6.48 58.09
N MET B 30 8.00 6.03 56.97
CA MET B 30 7.94 4.62 56.59
C MET B 30 8.59 3.65 57.58
N PRO B 31 9.74 4.04 58.19
CA PRO B 31 10.32 3.12 59.17
C PRO B 31 9.39 2.81 60.36
N ALA B 32 8.57 3.78 60.75
CA ALA B 32 7.69 3.62 61.90
C ALA B 32 6.63 2.55 61.67
N ILE B 33 6.25 2.34 60.42
CA ILE B 33 5.25 1.35 60.07
C ILE B 33 5.90 -0.02 59.88
N VAL B 34 5.33 -1.06 60.49
CA VAL B 34 5.90 -2.39 60.41
C VAL B 34 4.88 -3.38 59.88
N ASN B 35 5.27 -4.65 59.79
CA ASN B 35 4.38 -5.70 59.33
C ASN B 35 4.06 -6.60 60.50
N VAL B 36 2.78 -6.90 60.71
CA VAL B 36 2.46 -7.86 61.75
C VAL B 36 1.90 -9.15 61.14
N ALA B 37 2.52 -10.27 61.52
CA ALA B 37 2.12 -11.58 61.02
C ALA B 37 1.65 -12.44 62.18
N VAL B 38 0.56 -13.17 61.95
CA VAL B 38 -0.12 -13.88 63.02
C VAL B 38 -0.36 -15.34 62.64
N GLN B 39 -0.16 -16.25 63.59
CA GLN B 39 -0.44 -17.67 63.37
C GLN B 39 -1.29 -18.25 64.50
N GLY B 40 -2.44 -18.79 64.12
CA GLY B 40 -3.38 -19.36 65.08
C GLY B 40 -4.04 -20.62 64.55
N TYR B 41 -4.90 -21.22 65.37
CA TYR B 41 -5.69 -22.38 64.92
C TYR B 41 -7.18 -22.07 64.82
N PHE B 72 -4.74 -21.09 59.61
CA PHE B 72 -4.92 -19.73 60.08
C PHE B 72 -3.62 -18.92 60.11
N GLU B 73 -3.42 -18.09 59.09
CA GLU B 73 -2.36 -17.09 59.10
C GLU B 73 -2.96 -15.74 58.75
N SER B 74 -2.80 -14.77 59.65
CA SER B 74 -3.35 -13.45 59.45
C SER B 74 -2.24 -12.42 59.32
N ILE B 75 -2.43 -11.45 58.43
CA ILE B 75 -1.46 -10.37 58.28
C ILE B 75 -2.12 -9.02 58.43
N GLY B 76 -1.34 -8.04 58.88
CA GLY B 76 -1.84 -6.71 59.11
C GLY B 76 -0.66 -5.77 59.19
N SER B 77 -0.88 -4.58 59.74
CA SER B 77 0.19 -3.61 59.89
C SER B 77 0.24 -3.09 61.32
N GLY B 78 1.32 -2.41 61.66
CA GLY B 78 1.46 -1.79 62.96
C GLY B 78 2.24 -0.51 62.89
N VAL B 79 2.13 0.31 63.93
CA VAL B 79 2.91 1.54 64.02
C VAL B 79 3.70 1.51 65.32
N ILE B 80 4.93 2.02 65.28
CA ILE B 80 5.79 2.03 66.45
C ILE B 80 5.63 3.33 67.24
N ILE B 81 5.00 3.25 68.40
CA ILE B 81 4.78 4.43 69.25
C ILE B 81 6.03 4.85 70.03
N ASP B 82 6.59 3.92 70.79
CA ASP B 82 7.77 4.23 71.59
C ASP B 82 8.97 3.35 71.21
N PRO B 83 9.90 3.91 70.44
CA PRO B 83 11.10 3.18 70.00
C PRO B 83 12.03 2.83 71.15
N LYS B 84 11.97 3.60 72.23
CA LYS B 84 12.81 3.33 73.40
C LYS B 84 12.43 1.99 74.01
N ASN B 85 11.16 1.83 74.37
CA ASN B 85 10.70 0.59 74.98
C ASN B 85 10.25 -0.42 73.94
N GLY B 86 10.31 -0.03 72.67
CA GLY B 86 9.92 -0.92 71.59
C GLY B 86 8.49 -1.41 71.66
N ILE B 87 7.55 -0.49 71.78
CA ILE B 87 6.13 -0.85 71.78
C ILE B 87 5.43 -0.33 70.53
N ILE B 88 4.64 -1.22 69.91
CA ILE B 88 3.93 -0.89 68.68
C ILE B 88 2.44 -0.99 68.91
N ILE B 89 1.66 -0.35 68.03
CA ILE B 89 0.20 -0.35 68.15
C ILE B 89 -0.40 -0.93 66.87
N THR B 90 -1.53 -1.61 67.00
CA THR B 90 -2.19 -2.22 65.85
C THR B 90 -3.64 -2.54 66.19
N ASN B 91 -4.37 -3.11 65.23
CA ASN B 91 -5.77 -3.49 65.47
C ASN B 91 -5.87 -4.78 66.26
N ASP B 92 -6.88 -4.85 67.13
CA ASP B 92 -7.10 -6.03 67.96
C ASP B 92 -7.46 -7.23 67.09
N HIS B 93 -8.23 -6.99 66.03
CA HIS B 93 -8.72 -8.08 65.19
C HIS B 93 -7.61 -8.73 64.39
N VAL B 94 -6.46 -8.06 64.31
CA VAL B 94 -5.31 -8.61 63.61
C VAL B 94 -4.65 -9.70 64.44
N ILE B 95 -4.50 -9.41 65.73
CA ILE B 95 -3.82 -10.31 66.65
C ILE B 95 -4.76 -11.23 67.46
N ARG B 96 -6.05 -11.20 67.15
CA ARG B 96 -7.03 -12.07 67.81
C ARG B 96 -6.70 -13.56 67.65
N ASN B 97 -6.79 -14.30 68.76
CA ASN B 97 -6.57 -15.75 68.77
C ASN B 97 -5.23 -16.16 68.17
N ALA B 98 -4.16 -15.56 68.67
CA ALA B 98 -2.87 -15.72 68.03
C ALA B 98 -1.87 -16.44 68.92
N ASN B 99 -1.35 -17.55 68.43
CA ASN B 99 -0.31 -18.29 69.12
C ASN B 99 1.00 -17.52 69.05
N LEU B 100 1.45 -17.24 67.84
CA LEU B 100 2.71 -16.54 67.59
C LEU B 100 2.51 -15.32 66.69
N ILE B 101 2.93 -14.15 67.16
CA ILE B 101 2.89 -12.95 66.32
C ILE B 101 4.28 -12.41 65.97
N THR B 102 4.54 -12.26 64.68
CA THR B 102 5.86 -11.87 64.18
C THR B 102 5.84 -10.50 63.51
N VAL B 103 6.81 -9.66 63.86
CA VAL B 103 6.90 -8.31 63.34
C VAL B 103 8.10 -8.13 62.42
N THR B 104 7.87 -7.57 61.23
CA THR B 104 8.96 -7.32 60.29
C THR B 104 9.16 -5.82 60.06
N LEU B 105 10.38 -5.35 60.30
CA LEU B 105 10.67 -3.92 60.12
C LEU B 105 11.17 -3.65 58.71
N GLN B 106 11.31 -2.37 58.39
CA GLN B 106 11.90 -1.98 57.11
C GLN B 106 13.39 -2.31 57.09
N ASP B 107 13.94 -2.57 58.27
CA ASP B 107 15.31 -3.06 58.43
C ASP B 107 15.44 -4.40 57.73
N GLY B 108 14.32 -5.11 57.67
CA GLY B 108 14.29 -6.46 57.16
C GLY B 108 14.32 -7.45 58.31
N ARG B 109 14.44 -6.92 59.53
CA ARG B 109 14.47 -7.77 60.71
C ARG B 109 13.08 -8.32 61.02
N ARG B 110 13.04 -9.59 61.39
CA ARG B 110 11.82 -10.23 61.85
C ARG B 110 11.99 -10.49 63.33
N LEU B 111 11.00 -10.05 64.12
CA LEU B 111 11.11 -10.10 65.57
C LEU B 111 9.86 -10.68 66.21
N LYS B 112 10.04 -11.53 67.21
CA LYS B 112 8.94 -12.08 67.97
C LYS B 112 8.32 -11.01 68.85
N ALA B 113 6.99 -10.95 68.86
CA ALA B 113 6.27 -9.90 69.57
C ALA B 113 5.49 -10.47 70.73
N ARG B 114 5.38 -9.68 71.79
CA ARG B 114 4.67 -10.09 72.99
C ARG B 114 3.45 -9.20 73.16
N LEU B 115 2.31 -9.81 73.48
CA LEU B 115 1.04 -9.09 73.53
C LEU B 115 0.85 -8.50 74.91
N ILE B 116 1.02 -7.19 75.02
CA ILE B 116 0.79 -6.48 76.27
C ILE B 116 -0.69 -6.48 76.64
N GLY B 117 -1.53 -6.00 75.73
CA GLY B 117 -2.97 -5.95 75.97
C GLY B 117 -3.77 -5.61 74.74
N GLY B 118 -5.08 -5.86 74.80
CA GLY B 118 -5.95 -5.55 73.70
C GLY B 118 -7.37 -5.19 74.14
N ASP B 119 -8.04 -4.38 73.33
CA ASP B 119 -9.39 -3.94 73.63
C ASP B 119 -10.30 -4.20 72.44
N SER B 120 -11.21 -5.15 72.60
CA SER B 120 -12.12 -5.51 71.51
C SER B 120 -13.04 -4.36 71.13
N GLU B 121 -13.38 -3.53 72.11
CA GLU B 121 -14.33 -2.45 71.90
C GLU B 121 -13.86 -1.38 70.91
N THR B 122 -12.61 -0.97 71.03
CA THR B 122 -12.08 0.05 70.15
C THR B 122 -11.17 -0.53 69.08
N ASP B 123 -11.07 -1.85 69.06
CA ASP B 123 -10.22 -2.58 68.12
C ASP B 123 -8.77 -2.10 68.13
N LEU B 124 -8.22 -1.94 69.32
CA LEU B 124 -6.82 -1.56 69.47
C LEU B 124 -6.07 -2.55 70.34
N ALA B 125 -4.76 -2.64 70.13
CA ALA B 125 -3.92 -3.54 70.91
C ALA B 125 -2.48 -3.03 70.92
N VAL B 126 -1.77 -3.32 72.00
CA VAL B 126 -0.39 -2.89 72.13
C VAL B 126 0.54 -4.09 72.20
N LEU B 127 1.63 -4.03 71.44
CA LEU B 127 2.60 -5.11 71.40
C LEU B 127 3.96 -4.57 71.81
N LYS B 128 4.77 -5.42 72.42
CA LYS B 128 6.13 -5.04 72.79
C LYS B 128 7.15 -5.87 72.04
N ILE B 129 8.12 -5.19 71.43
CA ILE B 129 9.16 -5.86 70.67
C ILE B 129 10.50 -5.68 71.39
N ASP B 130 11.23 -6.77 71.60
CA ASP B 130 12.49 -6.72 72.33
C ASP B 130 13.65 -6.39 71.41
N ALA B 131 13.65 -5.18 70.86
CA ALA B 131 14.68 -4.77 69.92
C ALA B 131 15.12 -3.34 70.13
N LYS B 132 16.29 -3.02 69.59
CA LYS B 132 16.86 -1.69 69.70
C LYS B 132 17.14 -1.14 68.31
N ASN B 133 17.44 0.15 68.23
CA ASN B 133 17.68 0.83 66.97
C ASN B 133 16.42 0.97 66.13
N LEU B 134 15.27 0.85 66.80
CA LEU B 134 13.97 1.09 66.17
C LEU B 134 13.77 2.56 65.87
N LYS B 135 13.04 2.85 64.79
CA LYS B 135 12.68 4.21 64.45
C LYS B 135 11.18 4.38 64.56
N SER B 136 10.76 5.62 64.81
CA SER B 136 9.35 5.89 65.08
C SER B 136 8.89 7.14 64.35
N LEU B 137 7.63 7.48 64.60
CA LEU B 137 7.03 8.60 63.92
C LEU B 137 6.53 9.64 64.90
N VAL B 138 6.56 10.90 64.49
CA VAL B 138 5.98 11.96 65.31
C VAL B 138 4.47 11.80 65.42
N ILE B 139 3.95 11.80 66.64
CA ILE B 139 2.52 11.66 66.88
C ILE B 139 1.87 13.04 66.77
N GLY B 140 0.63 13.10 66.32
CA GLY B 140 -0.03 14.36 66.04
C GLY B 140 -1.35 14.52 66.76
N ASP B 141 -2.05 15.60 66.45
CA ASP B 141 -3.32 15.90 67.10
C ASP B 141 -4.49 15.65 66.14
N SER B 142 -5.25 14.59 66.39
CA SER B 142 -6.39 14.26 65.55
C SER B 142 -7.50 15.30 65.67
N ASP B 143 -7.56 15.96 66.81
CA ASP B 143 -8.58 16.99 67.03
C ASP B 143 -8.32 18.23 66.18
N LYS B 144 -7.10 18.32 65.63
CA LYS B 144 -6.72 19.46 64.80
C LYS B 144 -7.03 19.20 63.32
N LEU B 145 -7.49 17.99 63.02
CA LEU B 145 -7.79 17.61 61.64
C LEU B 145 -9.00 18.33 61.07
N GLU B 146 -8.93 18.66 59.79
CA GLU B 146 -10.06 19.28 59.12
C GLU B 146 -10.35 18.52 57.83
N VAL B 147 -11.62 18.47 57.45
CA VAL B 147 -12.02 17.80 56.21
C VAL B 147 -11.38 18.49 55.02
N GLY B 148 -10.76 17.71 54.15
CA GLY B 148 -10.06 18.24 53.01
C GLY B 148 -8.56 18.24 53.21
N ASP B 149 -8.11 17.91 54.41
CA ASP B 149 -6.68 17.77 54.67
C ASP B 149 -6.15 16.56 53.94
N TYR B 150 -4.98 16.70 53.31
CA TYR B 150 -4.39 15.57 52.61
C TYR B 150 -3.83 14.60 53.64
N VAL B 151 -4.03 13.31 53.39
CA VAL B 151 -3.52 12.26 54.27
C VAL B 151 -2.96 11.10 53.46
N VAL B 152 -2.03 10.37 54.06
CA VAL B 152 -1.47 9.19 53.44
C VAL B 152 -1.63 8.00 54.39
N ALA B 153 -2.01 6.86 53.84
CA ALA B 153 -2.19 5.66 54.64
C ALA B 153 -1.06 4.70 54.34
N ILE B 154 -0.30 4.36 55.37
CA ILE B 154 0.85 3.47 55.20
C ILE B 154 0.59 2.14 55.88
N GLY B 155 0.63 1.07 55.10
CA GLY B 155 0.36 -0.26 55.60
C GLY B 155 0.72 -1.30 54.56
N ASN B 156 0.50 -2.56 54.89
CA ASN B 156 0.80 -3.66 53.97
C ASN B 156 -0.47 -4.31 53.41
N PRO B 157 -1.00 -3.77 52.32
CA PRO B 157 -2.20 -4.36 51.73
C PRO B 157 -1.85 -5.58 50.89
N PHE B 158 -2.56 -6.68 51.13
CA PHE B 158 -2.41 -7.90 50.33
C PHE B 158 -1.07 -8.59 50.54
N GLY B 159 -0.32 -8.16 51.55
CA GLY B 159 0.93 -8.81 51.89
C GLY B 159 2.01 -8.56 50.86
N LEU B 160 1.90 -7.43 50.18
CA LEU B 160 2.75 -7.15 49.02
C LEU B 160 4.24 -7.09 49.33
N ASN B 161 4.63 -6.56 50.49
CA ASN B 161 6.06 -6.57 50.83
C ASN B 161 6.50 -7.75 51.69
N SER B 162 7.06 -8.75 51.01
CA SER B 162 7.50 -9.97 51.66
C SER B 162 8.67 -9.69 52.61
N PHE B 163 9.54 -8.76 52.22
CA PHE B 163 10.79 -8.54 52.93
C PHE B 163 10.74 -7.35 53.88
N GLY B 164 9.60 -6.66 53.91
CA GLY B 164 9.36 -5.62 54.90
C GLY B 164 9.91 -4.25 54.57
N ASN B 165 10.72 -4.16 53.51
CA ASN B 165 11.38 -2.90 53.18
C ASN B 165 10.52 -1.95 52.37
N SER B 166 9.32 -2.39 51.99
CA SER B 166 8.48 -1.58 51.12
C SER B 166 6.99 -1.60 51.46
N GLN B 167 6.60 -0.85 52.49
CA GLN B 167 5.19 -0.68 52.82
C GLN B 167 4.50 0.07 51.67
N SER B 168 3.18 0.02 51.61
CA SER B 168 2.45 0.73 50.55
C SER B 168 1.85 2.02 51.05
N ALA B 169 2.10 3.11 50.33
CA ALA B 169 1.53 4.42 50.67
C ALA B 169 0.39 4.74 49.73
N THR B 170 -0.72 5.20 50.27
CA THR B 170 -1.87 5.55 49.45
C THR B 170 -2.36 6.95 49.81
N PHE B 171 -2.76 7.72 48.80
CA PHE B 171 -2.98 9.15 48.99
C PHE B 171 -4.44 9.55 48.85
N GLY B 172 -4.91 10.40 49.77
CA GLY B 172 -6.28 10.87 49.78
C GLY B 172 -6.46 12.03 50.74
N ILE B 173 -7.67 12.61 50.74
CA ILE B 173 -8.05 13.61 51.73
C ILE B 173 -8.83 13.02 52.90
N VAL B 174 -9.18 13.86 53.86
CA VAL B 174 -10.06 13.47 54.95
C VAL B 174 -11.51 13.69 54.49
N SER B 175 -12.24 12.60 54.29
CA SER B 175 -13.62 12.69 53.81
C SER B 175 -14.58 13.22 54.85
N ALA B 176 -14.43 12.74 56.08
CA ALA B 176 -15.33 13.15 57.16
C ALA B 176 -14.70 12.82 58.53
N LEU B 177 -15.28 13.37 59.58
CA LEU B 177 -14.76 13.18 60.92
C LEU B 177 -15.86 12.77 61.91
N LYS B 178 -15.46 12.07 62.96
CA LYS B 178 -16.36 11.65 64.04
C LYS B 178 -17.50 10.74 63.59
N ARG B 179 -17.19 9.81 62.69
CA ARG B 179 -18.18 8.85 62.22
C ARG B 179 -18.64 7.92 63.33
N SER B 180 -19.95 7.68 63.40
CA SER B 180 -20.52 6.77 64.39
C SER B 180 -21.70 6.05 63.79
N ASP B 181 -22.27 5.10 64.55
CA ASP B 181 -23.44 4.33 64.12
C ASP B 181 -23.11 3.35 63.00
N LEU B 182 -21.83 3.25 62.65
CA LEU B 182 -21.38 2.33 61.60
C LEU B 182 -21.62 0.88 61.99
N ASN B 183 -21.59 0.60 63.29
CA ASN B 183 -21.78 -0.74 63.84
C ASN B 183 -20.67 -1.73 63.44
N ILE B 184 -19.49 -1.21 63.13
CA ILE B 184 -18.31 -2.05 62.92
C ILE B 184 -17.67 -2.42 64.26
N GLU B 185 -17.58 -1.44 65.16
CA GLU B 185 -16.97 -1.62 66.47
C GLU B 185 -17.91 -1.14 67.57
N GLY B 186 -17.62 -1.55 68.81
CA GLY B 186 -18.41 -1.10 69.95
C GLY B 186 -18.28 0.40 70.19
N VAL B 187 -17.06 0.91 70.07
CA VAL B 187 -16.82 2.34 70.27
C VAL B 187 -16.23 2.96 69.00
N GLU B 188 -16.99 3.86 68.39
CA GLU B 188 -16.57 4.43 67.10
C GLU B 188 -16.46 5.95 67.13
N ASN B 189 -15.31 6.45 66.68
CA ASN B 189 -15.10 7.88 66.47
C ASN B 189 -14.23 8.07 65.24
N PHE B 190 -14.60 7.42 64.14
CA PHE B 190 -13.71 7.26 63.00
C PHE B 190 -13.37 8.51 62.20
N ILE B 191 -12.24 8.46 61.51
CA ILE B 191 -11.87 9.44 60.50
C ILE B 191 -12.14 8.80 59.15
N GLN B 192 -12.86 9.48 58.28
CA GLN B 192 -13.17 8.92 56.98
C GLN B 192 -12.20 9.46 55.93
N THR B 193 -11.57 8.56 55.19
CA THR B 193 -10.63 8.96 54.15
C THR B 193 -10.87 8.21 52.85
N ASP B 194 -10.61 8.85 51.73
CA ASP B 194 -10.76 8.21 50.44
C ASP B 194 -9.42 7.68 49.95
N ALA B 195 -8.43 7.73 50.83
CA ALA B 195 -7.16 7.10 50.57
C ALA B 195 -7.40 5.60 50.53
N ALA B 196 -6.61 4.89 49.74
CA ALA B 196 -6.93 3.51 49.42
C ALA B 196 -6.53 2.59 50.57
N ILE B 197 -7.53 2.09 51.27
CA ILE B 197 -7.31 1.15 52.36
C ILE B 197 -7.92 -0.20 52.01
N ASN B 198 -7.10 -1.24 52.06
CA ASN B 198 -7.51 -2.57 51.62
C ASN B 198 -7.18 -3.58 52.72
N PRO B 199 -7.59 -4.85 52.56
CA PRO B 199 -7.18 -5.85 53.55
C PRO B 199 -5.66 -5.92 53.76
N GLY B 200 -5.26 -5.98 55.03
CA GLY B 200 -3.85 -5.93 55.40
C GLY B 200 -3.38 -4.52 55.77
N ASN B 201 -4.25 -3.54 55.63
CA ASN B 201 -3.90 -2.18 56.02
C ASN B 201 -4.20 -1.92 57.50
N ALA B 202 -4.80 -2.91 58.16
CA ALA B 202 -5.22 -2.77 59.55
C ALA B 202 -4.06 -2.61 60.52
N GLY B 203 -4.22 -1.71 61.48
CA GLY B 203 -3.18 -1.38 62.44
C GLY B 203 -2.15 -0.46 61.82
N GLY B 204 -2.35 -0.13 60.56
CA GLY B 204 -1.44 0.75 59.82
C GLY B 204 -1.56 2.20 60.25
N ALA B 205 -0.71 3.04 59.68
CA ALA B 205 -0.71 4.46 60.00
C ALA B 205 -1.46 5.28 58.98
N LEU B 206 -2.15 6.31 59.45
CA LEU B 206 -2.69 7.35 58.58
C LEU B 206 -2.00 8.64 59.02
N VAL B 207 -1.31 9.28 58.08
CA VAL B 207 -0.50 10.45 58.42
C VAL B 207 -0.92 11.70 57.65
N ASN B 208 -0.80 12.86 58.27
CA ASN B 208 -1.08 14.12 57.58
C ASN B 208 0.07 14.54 56.67
N ALA B 209 -0.09 15.69 56.01
CA ALA B 209 0.92 16.16 55.05
C ALA B 209 2.27 16.38 55.71
N LYS B 210 2.25 16.81 56.97
CA LYS B 210 3.49 16.97 57.74
C LYS B 210 4.13 15.62 57.99
N GLY B 211 3.31 14.57 57.98
CA GLY B 211 3.76 13.22 58.21
C GLY B 211 3.56 12.76 59.64
N GLU B 212 2.91 13.58 60.44
CA GLU B 212 2.62 13.23 61.82
C GLU B 212 1.56 12.14 61.84
N LEU B 213 1.52 11.35 62.90
CA LEU B 213 0.59 10.25 62.98
C LEU B 213 -0.73 10.74 63.56
N ILE B 214 -1.81 10.54 62.81
CA ILE B 214 -3.10 11.08 63.21
C ILE B 214 -4.17 10.01 63.35
N GLY B 215 -3.89 8.82 62.82
CA GLY B 215 -4.88 7.76 62.87
C GLY B 215 -4.35 6.37 62.60
N ILE B 216 -5.12 5.37 63.01
CA ILE B 216 -4.80 3.98 62.74
C ILE B 216 -5.88 3.36 61.86
N ASN B 217 -5.49 2.98 60.65
CA ASN B 217 -6.46 2.44 59.69
C ASN B 217 -7.09 1.17 60.24
N THR B 218 -8.42 1.11 60.23
CA THR B 218 -9.13 0.02 60.87
C THR B 218 -10.11 -0.72 59.95
N ALA B 219 -11.07 0.00 59.36
CA ALA B 219 -12.12 -0.65 58.60
C ALA B 219 -12.52 0.10 57.33
N ILE B 220 -13.16 -0.63 56.42
CA ILE B 220 -13.68 -0.04 55.21
C ILE B 220 -15.13 -0.45 55.00
N ILE B 221 -15.87 0.34 54.23
CA ILE B 221 -17.21 -0.03 53.81
C ILE B 221 -17.18 -0.37 52.33
N SER B 222 -17.47 -1.62 52.01
CA SER B 222 -17.44 -2.07 50.62
C SER B 222 -18.52 -3.10 50.33
N PRO B 223 -19.10 -3.04 49.13
CA PRO B 223 -20.04 -4.07 48.66
C PRO B 223 -19.33 -5.40 48.42
N TYR B 224 -18.12 -5.35 47.90
CA TYR B 224 -17.38 -6.56 47.56
C TYR B 224 -16.01 -6.71 48.24
N GLY B 225 -15.78 -5.96 49.31
CA GLY B 225 -14.59 -6.16 50.12
C GLY B 225 -13.32 -5.52 49.60
N GLY B 226 -13.45 -4.75 48.53
CA GLY B 226 -12.32 -3.99 48.01
C GLY B 226 -12.55 -2.52 48.27
N ASN B 227 -11.47 -1.74 48.33
CA ASN B 227 -11.60 -0.32 48.61
C ASN B 227 -12.40 0.41 47.54
N VAL B 228 -13.49 1.05 47.94
CA VAL B 228 -14.30 1.83 47.02
C VAL B 228 -14.20 3.32 47.32
N GLY B 229 -13.17 3.71 48.06
CA GLY B 229 -12.93 5.11 48.36
C GLY B 229 -13.52 5.52 49.70
N ILE B 230 -14.02 4.55 50.44
CA ILE B 230 -14.51 4.82 51.78
C ILE B 230 -13.83 3.92 52.80
N GLY B 231 -13.02 4.53 53.65
CA GLY B 231 -12.27 3.81 54.65
C GLY B 231 -12.19 4.58 55.94
N PHE B 232 -11.98 3.88 57.04
CA PHE B 232 -12.03 4.52 58.34
C PHE B 232 -10.79 4.23 59.15
N ALA B 233 -10.38 5.21 59.94
CA ALA B 233 -9.22 5.06 60.79
C ALA B 233 -9.54 5.63 62.15
N ILE B 234 -8.97 5.01 63.19
CA ILE B 234 -9.18 5.45 64.55
C ILE B 234 -8.27 6.64 64.81
N PRO B 235 -8.84 7.77 65.22
CA PRO B 235 -8.08 8.99 65.48
C PRO B 235 -7.03 8.74 66.55
N ILE B 236 -5.86 9.32 66.39
CA ILE B 236 -4.71 8.97 67.22
C ILE B 236 -4.92 9.31 68.70
N ASN B 237 -5.62 10.41 68.97
CA ASN B 237 -5.88 10.83 70.35
C ASN B 237 -6.65 9.79 71.14
N MET B 238 -7.71 9.25 70.53
CA MET B 238 -8.45 8.16 71.14
C MET B 238 -7.56 6.92 71.25
N ALA B 239 -6.86 6.61 70.16
CA ALA B 239 -6.01 5.42 70.12
C ALA B 239 -4.84 5.49 71.12
N LYS B 240 -4.24 6.67 71.21
CA LYS B 240 -3.11 6.88 72.12
C LYS B 240 -3.54 6.70 73.57
N ASP B 241 -4.73 7.22 73.89
CA ASP B 241 -5.27 7.13 75.24
C ASP B 241 -5.50 5.66 75.60
N VAL B 242 -6.08 4.92 74.67
CA VAL B 242 -6.32 3.49 74.87
C VAL B 242 -5.00 2.76 75.09
N ALA B 243 -4.01 3.11 74.27
CA ALA B 243 -2.70 2.48 74.35
C ALA B 243 -2.05 2.69 75.71
N GLN B 244 -2.02 3.94 76.16
CA GLN B 244 -1.40 4.29 77.43
C GLN B 244 -2.10 3.64 78.60
N GLN B 245 -3.43 3.54 78.52
CA GLN B 245 -4.20 2.84 79.54
C GLN B 245 -3.88 1.35 79.55
N ILE B 246 -3.68 0.79 78.36
CA ILE B 246 -3.34 -0.63 78.25
C ILE B 246 -1.97 -0.94 78.85
N ILE B 247 -0.98 -0.11 78.54
CA ILE B 247 0.37 -0.33 79.06
C ILE B 247 0.40 -0.30 80.59
N LYS B 248 -0.36 0.62 81.17
CA LYS B 248 -0.40 0.79 82.61
C LYS B 248 -1.12 -0.35 83.35
N PHE B 249 -2.23 -0.84 82.82
CA PHE B 249 -3.01 -1.84 83.56
C PHE B 249 -3.09 -3.21 82.87
N GLY B 250 -2.71 -3.27 81.59
CA GLY B 250 -2.74 -4.51 80.84
C GLY B 250 -4.09 -4.78 80.20
N SER B 251 -5.05 -3.93 80.51
CA SER B 251 -6.40 -4.05 79.97
C SER B 251 -7.17 -2.77 80.28
N ILE B 252 -8.34 -2.62 79.68
CA ILE B 252 -9.18 -1.46 79.94
C ILE B 252 -10.37 -1.85 80.81
N HIS B 253 -10.50 -1.17 81.95
CA HIS B 253 -11.64 -1.40 82.81
C HIS B 253 -12.63 -0.26 82.59
N ARG B 254 -13.79 -0.59 82.04
CA ARG B 254 -14.73 0.42 81.58
C ARG B 254 -15.98 0.43 82.47
N GLY B 255 -16.61 1.60 82.58
CA GLY B 255 -17.77 1.75 83.43
C GLY B 255 -18.96 2.41 82.75
N LEU B 256 -20.14 2.20 83.33
CA LEU B 256 -21.37 2.80 82.82
C LEU B 256 -22.00 3.77 83.82
N MET B 257 -22.60 4.84 83.29
CA MET B 257 -23.31 5.80 84.12
C MET B 257 -24.80 5.44 84.24
N GLY B 258 -25.25 4.49 83.43
CA GLY B 258 -26.65 4.12 83.39
C GLY B 258 -27.52 5.21 82.78
N ILE B 259 -27.08 5.72 81.64
CA ILE B 259 -27.78 6.80 80.97
C ILE B 259 -28.02 6.49 79.50
N PHE B 260 -29.20 6.85 78.99
CA PHE B 260 -29.50 6.74 77.57
C PHE B 260 -29.47 8.13 76.94
N VAL B 261 -28.80 8.26 75.80
CA VAL B 261 -28.59 9.56 75.19
C VAL B 261 -29.15 9.61 73.76
N GLN B 262 -29.77 10.74 73.40
CA GLN B 262 -30.41 10.91 72.11
C GLN B 262 -29.87 12.14 71.39
N HIS B 263 -29.75 12.07 70.07
CA HIS B 263 -29.29 13.22 69.29
C HIS B 263 -30.32 14.35 69.34
N LEU B 264 -29.85 15.58 69.55
CA LEU B 264 -30.74 16.71 69.69
C LEU B 264 -30.89 17.45 68.36
N THR B 265 -31.97 17.15 67.64
CA THR B 265 -32.25 17.83 66.39
C THR B 265 -32.74 19.22 66.70
N PRO B 266 -32.52 20.18 65.78
CA PRO B 266 -32.96 21.56 66.01
C PRO B 266 -34.46 21.65 66.21
N GLU B 267 -35.24 20.85 65.47
CA GLU B 267 -36.68 20.79 65.65
C GLU B 267 -37.01 20.43 67.10
N LEU B 268 -36.31 19.43 67.59
CA LEU B 268 -36.51 18.92 68.94
C LEU B 268 -36.00 19.91 69.98
N ALA B 269 -34.94 20.62 69.66
CA ALA B 269 -34.35 21.60 70.57
C ALA B 269 -35.27 22.78 70.84
N GLN B 270 -35.98 23.24 69.81
CA GLN B 270 -36.94 24.34 69.98
C GLN B 270 -38.06 24.01 70.95
N SER B 271 -38.63 22.82 70.80
CA SER B 271 -39.76 22.40 71.63
C SER B 271 -39.36 22.25 73.09
N MET B 272 -38.07 22.10 73.33
CA MET B 272 -37.57 22.00 74.70
C MET B 272 -37.06 23.36 75.21
N GLY B 273 -37.35 24.40 74.44
CA GLY B 273 -37.09 25.76 74.84
C GLY B 273 -35.73 26.33 74.46
N TYR B 274 -34.92 25.54 73.77
CA TYR B 274 -33.61 26.00 73.36
C TYR B 274 -33.63 26.65 71.97
N ALA B 275 -32.50 27.25 71.61
CA ALA B 275 -32.32 27.86 70.29
C ALA B 275 -32.20 26.80 69.19
N GLU B 276 -32.52 27.17 67.96
CA GLU B 276 -32.43 26.26 66.83
C GLU B 276 -31.01 25.75 66.63
N ASP B 277 -30.04 26.64 66.81
CA ASP B 277 -28.64 26.30 66.59
C ASP B 277 -27.97 25.75 67.84
N PHE B 278 -28.78 25.42 68.84
CA PHE B 278 -28.24 24.83 70.06
C PHE B 278 -27.84 23.39 69.83
N GLN B 279 -26.80 22.96 70.52
CA GLN B 279 -26.28 21.61 70.36
C GLN B 279 -25.94 21.01 71.71
N GLY B 280 -26.09 19.69 71.81
CA GLY B 280 -25.80 18.98 73.03
C GLY B 280 -26.28 17.55 72.97
N ALA B 281 -26.21 16.86 74.10
CA ALA B 281 -26.64 15.47 74.16
C ALA B 281 -27.90 15.35 75.00
N LEU B 282 -29.02 15.06 74.34
CA LEU B 282 -30.30 14.91 75.04
C LEU B 282 -30.32 13.62 75.84
N VAL B 283 -30.85 13.69 77.06
CA VAL B 283 -30.92 12.52 77.91
C VAL B 283 -32.32 11.94 77.85
N SER B 284 -32.48 10.88 77.06
CA SER B 284 -33.76 10.22 76.89
C SER B 284 -34.18 9.44 78.13
N GLN B 285 -33.24 8.69 78.71
CA GLN B 285 -33.54 7.92 79.91
C GLN B 285 -32.40 7.95 80.93
N VAL B 286 -32.74 7.98 82.21
CA VAL B 286 -31.78 7.70 83.28
C VAL B 286 -32.27 6.46 84.03
N ASN B 287 -31.45 5.41 84.05
CA ASN B 287 -31.87 4.12 84.58
C ASN B 287 -32.21 4.13 86.07
N GLN B 288 -32.98 3.14 86.50
CA GLN B 288 -33.37 3.00 87.88
C GLN B 288 -32.14 2.60 88.69
N ASN B 289 -31.92 3.30 89.81
CA ASN B 289 -30.81 3.02 90.71
C ASN B 289 -29.45 3.04 90.01
N SER B 290 -29.23 4.06 89.19
CA SER B 290 -27.99 4.15 88.42
C SER B 290 -27.16 5.29 88.98
N PRO B 291 -25.84 5.24 88.76
CA PRO B 291 -24.95 6.31 89.25
C PRO B 291 -25.40 7.68 88.76
N ALA B 292 -25.96 7.75 87.56
CA ALA B 292 -26.49 9.00 87.03
C ALA B 292 -27.68 9.48 87.84
N GLN B 293 -28.52 8.54 88.26
CA GLN B 293 -29.70 8.89 89.04
C GLN B 293 -29.33 9.43 90.41
N LEU B 294 -28.34 8.81 91.05
CA LEU B 294 -27.88 9.27 92.36
C LEU B 294 -27.31 10.68 92.24
N ALA B 295 -26.58 10.93 91.16
CA ALA B 295 -26.01 12.24 90.92
C ALA B 295 -27.09 13.29 90.68
N GLY B 296 -28.30 12.84 90.35
CA GLY B 296 -29.42 13.74 90.19
C GLY B 296 -29.75 14.05 88.75
N LEU B 297 -29.23 13.23 87.85
CA LEU B 297 -29.45 13.43 86.43
C LEU B 297 -30.86 12.97 86.07
N LYS B 298 -31.52 13.72 85.19
CA LYS B 298 -32.92 13.49 84.86
C LYS B 298 -33.10 13.43 83.34
N SER B 299 -34.25 12.93 82.91
CA SER B 299 -34.62 12.98 81.50
C SER B 299 -34.86 14.43 81.12
N GLY B 300 -34.62 14.75 79.85
CA GLY B 300 -34.83 16.10 79.36
C GLY B 300 -33.62 16.98 79.58
N ASP B 301 -32.67 16.48 80.36
CA ASP B 301 -31.42 17.19 80.58
C ASP B 301 -30.60 17.13 79.31
N VAL B 302 -29.77 18.15 79.10
CA VAL B 302 -28.89 18.16 77.93
C VAL B 302 -27.43 18.17 78.39
N ILE B 303 -26.70 17.08 78.16
CA ILE B 303 -25.27 17.06 78.47
C ILE B 303 -24.60 18.04 77.53
N VAL B 304 -23.89 19.01 78.08
CA VAL B 304 -23.27 20.04 77.26
C VAL B 304 -21.75 19.92 77.31
N GLN B 305 -21.24 19.21 78.31
CA GLN B 305 -19.81 18.97 78.45
C GLN B 305 -19.50 17.90 79.49
N ILE B 306 -18.62 16.96 79.14
CA ILE B 306 -18.17 15.94 80.09
C ILE B 306 -16.67 16.10 80.31
N ASN B 307 -16.31 16.41 81.56
CA ASN B 307 -14.91 16.67 81.91
C ASN B 307 -14.34 17.80 81.06
N ASP B 308 -13.22 17.55 80.42
CA ASP B 308 -12.63 18.53 79.50
C ASP B 308 -13.34 18.57 78.15
N THR B 309 -13.89 17.43 77.75
CA THR B 309 -14.50 17.30 76.43
C THR B 309 -15.83 18.05 76.32
N LYS B 310 -15.98 18.83 75.26
CA LYS B 310 -17.21 19.57 75.01
C LYS B 310 -18.10 18.74 74.11
N ILE B 311 -19.40 18.77 74.39
CA ILE B 311 -20.32 17.90 73.68
C ILE B 311 -21.30 18.65 72.79
N THR B 312 -21.30 18.30 71.50
CA THR B 312 -22.18 18.95 70.55
C THR B 312 -23.21 17.97 69.98
N GLN B 313 -22.95 16.68 70.15
CA GLN B 313 -23.92 15.66 69.75
C GLN B 313 -23.83 14.37 70.56
N ALA B 314 -24.91 13.60 70.53
CA ALA B 314 -25.11 12.47 71.44
C ALA B 314 -24.02 11.41 71.34
N THR B 315 -23.57 11.14 70.13
CA THR B 315 -22.62 10.06 69.89
C THR B 315 -21.29 10.28 70.62
N GLN B 316 -21.02 11.53 70.97
CA GLN B 316 -19.77 11.88 71.65
C GLN B 316 -19.75 11.42 73.10
N VAL B 317 -20.92 11.23 73.69
CA VAL B 317 -20.99 10.86 75.10
C VAL B 317 -20.38 9.49 75.35
N LYS B 318 -20.81 8.51 74.55
CA LYS B 318 -20.33 7.14 74.73
C LYS B 318 -18.82 7.03 74.54
N THR B 319 -18.30 7.68 73.51
CA THR B 319 -16.87 7.59 73.21
C THR B 319 -16.04 8.21 74.34
N THR B 320 -16.51 9.33 74.87
CA THR B 320 -15.81 10.00 75.97
C THR B 320 -15.82 9.16 77.26
N ILE B 321 -16.97 8.56 77.56
CA ILE B 321 -17.08 7.72 78.75
C ILE B 321 -16.27 6.42 78.59
N SER B 322 -16.18 5.92 77.36
CA SER B 322 -15.47 4.68 77.07
C SER B 322 -13.99 4.79 77.43
N LEU B 323 -13.42 5.97 77.22
CA LEU B 323 -12.04 6.23 77.58
C LEU B 323 -11.85 6.26 79.11
N LEU B 324 -12.85 6.74 79.83
CA LEU B 324 -12.79 6.83 81.29
C LEU B 324 -12.66 5.46 81.95
N ARG B 325 -11.88 5.38 83.01
CA ARG B 325 -11.66 4.13 83.72
C ARG B 325 -12.60 4.00 84.90
N ALA B 326 -13.03 2.78 85.17
CA ALA B 326 -14.04 2.53 86.20
C ALA B 326 -13.56 2.96 87.58
N GLY B 327 -14.51 3.41 88.40
CA GLY B 327 -14.20 3.85 89.75
C GLY B 327 -13.74 5.29 89.80
N SER B 328 -13.87 6.00 88.68
CA SER B 328 -13.43 7.39 88.63
C SER B 328 -14.63 8.31 88.38
N THR B 329 -14.66 9.42 89.10
CA THR B 329 -15.75 10.38 88.98
C THR B 329 -15.67 11.15 87.68
N ALA B 330 -16.83 11.39 87.06
CA ALA B 330 -16.90 12.18 85.84
C ALA B 330 -17.70 13.45 86.08
N LYS B 331 -17.12 14.59 85.71
CA LYS B 331 -17.78 15.87 85.86
C LYS B 331 -18.74 16.07 84.70
N ILE B 332 -20.02 16.08 84.98
CA ILE B 332 -21.02 16.21 83.92
C ILE B 332 -21.63 17.61 83.99
N LYS B 333 -21.56 18.32 82.88
CA LYS B 333 -22.06 19.68 82.80
C LYS B 333 -23.28 19.69 81.92
N ILE B 334 -24.44 20.05 82.48
CA ILE B 334 -25.69 19.98 81.73
C ILE B 334 -26.48 21.28 81.74
N LEU B 335 -27.55 21.29 80.96
CA LEU B 335 -28.55 22.34 81.04
C LEU B 335 -29.91 21.70 81.25
N ARG B 336 -30.47 21.90 82.43
CA ARG B 336 -31.81 21.42 82.75
C ARG B 336 -32.76 22.59 82.55
N ASP B 337 -33.69 22.44 81.62
CA ASP B 337 -34.38 23.59 81.03
C ASP B 337 -33.26 24.51 80.52
N ASN B 338 -33.29 25.79 80.83
CA ASN B 338 -32.17 26.61 80.37
C ASN B 338 -31.21 27.05 81.48
N LYS B 339 -31.19 26.28 82.57
CA LYS B 339 -30.34 26.64 83.70
C LYS B 339 -29.17 25.66 83.85
N PRO B 340 -27.95 26.19 83.90
CA PRO B 340 -26.73 25.39 83.97
C PRO B 340 -26.58 24.68 85.29
N LEU B 341 -26.13 23.42 85.24
CA LEU B 341 -25.84 22.63 86.43
C LEU B 341 -24.60 21.78 86.17
N THR B 342 -23.97 21.33 87.24
CA THR B 342 -22.84 20.41 87.12
C THR B 342 -23.03 19.26 88.10
N LEU B 343 -22.89 18.03 87.59
CA LEU B 343 -23.08 16.84 88.41
C LEU B 343 -21.85 15.95 88.33
N ASP B 344 -21.52 15.31 89.45
CA ASP B 344 -20.41 14.37 89.47
C ASP B 344 -20.97 12.96 89.55
N VAL B 345 -20.81 12.22 88.46
CA VAL B 345 -21.39 10.89 88.36
C VAL B 345 -20.28 9.85 88.44
N GLU B 346 -20.51 8.84 89.26
CA GLU B 346 -19.55 7.76 89.40
C GLU B 346 -19.57 6.90 88.15
N VAL B 347 -18.39 6.56 87.64
CA VAL B 347 -18.29 5.65 86.50
C VAL B 347 -18.05 4.27 87.08
N THR B 348 -19.07 3.41 87.00
CA THR B 348 -19.09 2.17 87.77
C THR B 348 -19.00 0.93 86.89
N ASP B 349 -18.28 -0.07 87.39
CA ASP B 349 -18.12 -1.36 86.73
C ASP B 349 -19.49 -1.99 86.48
N ILE B 350 -19.60 -2.72 85.38
CA ILE B 350 -20.87 -3.37 85.04
C ILE B 350 -21.16 -4.46 86.07
N LYS B 351 -20.16 -5.27 86.39
CA LYS B 351 -20.28 -6.38 87.34
C LYS B 351 -20.56 -5.92 88.77
N LYS B 352 -19.89 -4.84 89.16
CA LYS B 352 -20.01 -4.27 90.51
C LYS B 352 -21.39 -3.75 90.86
N HIS B 353 -21.97 -3.04 89.91
CA HIS B 353 -23.29 -2.43 90.07
C HIS B 353 -24.36 -3.50 90.08
N GLU B 354 -24.08 -4.64 89.45
CA GLU B 354 -25.10 -5.66 89.29
C GLU B 354 -25.14 -6.49 90.58
N GLN B 355 -24.20 -6.24 91.48
CA GLN B 355 -24.20 -6.91 92.77
C GLN B 355 -24.90 -5.98 93.76
N LYS B 356 -24.65 -4.69 93.61
CA LYS B 356 -25.31 -3.67 94.41
C LYS B 356 -26.83 -3.65 94.18
N LEU B 357 -27.25 -3.90 92.94
CA LEU B 357 -28.68 -3.92 92.64
C LEU B 357 -29.33 -5.19 93.17
N GLN B 358 -28.62 -6.30 93.06
CA GLN B 358 -29.12 -7.55 93.60
C GLN B 358 -29.17 -7.53 95.11
N SER B 359 -28.19 -6.88 95.73
CA SER B 359 -28.13 -6.78 97.17
C SER B 359 -29.33 -6.01 97.73
N ASN B 360 -29.69 -4.93 97.04
CA ASN B 360 -30.81 -4.10 97.46
C ASN B 360 -32.14 -4.85 97.43
N ASN B 361 -32.40 -5.55 96.31
CA ASN B 361 -33.58 -6.38 96.19
C ASN B 361 -33.20 -7.75 95.64
N PRO B 362 -33.03 -8.74 96.53
CA PRO B 362 -32.47 -10.06 96.18
C PRO B 362 -33.43 -10.96 95.39
N PHE B 363 -34.67 -11.03 95.82
CA PHE B 363 -35.62 -11.99 95.28
C PHE B 363 -36.23 -11.64 93.92
N LEU B 364 -36.61 -10.38 93.74
CA LEU B 364 -37.35 -9.97 92.55
C LEU B 364 -36.51 -9.35 91.43
N TYR B 365 -35.19 -9.35 91.60
CA TYR B 365 -34.30 -8.79 90.59
C TYR B 365 -34.33 -9.61 89.30
N GLY B 366 -34.30 -8.93 88.16
CA GLY B 366 -34.26 -9.58 86.87
C GLY B 366 -35.63 -10.04 86.41
N LEU B 367 -36.67 -9.52 87.03
CA LEU B 367 -38.02 -9.92 86.72
C LEU B 367 -38.85 -8.76 86.18
N ALA B 368 -39.64 -9.04 85.16
CA ALA B 368 -40.59 -8.06 84.63
C ALA B 368 -41.97 -8.45 85.13
N LEU B 369 -42.58 -7.56 85.92
CA LEU B 369 -43.82 -7.91 86.60
C LEU B 369 -44.97 -6.98 86.23
N ARG B 370 -46.13 -7.57 85.99
CA ARG B 370 -47.35 -6.82 85.72
C ARG B 370 -48.46 -7.26 86.67
N ASN B 371 -49.23 -6.32 87.18
CA ASN B 371 -50.40 -6.64 87.99
C ASN B 371 -51.40 -7.45 87.17
N PHE B 372 -51.98 -8.48 87.79
CA PHE B 372 -52.80 -9.44 87.06
C PHE B 372 -54.13 -9.69 87.73
N GLU B 373 -55.21 -9.51 86.95
CA GLU B 373 -56.56 -9.80 87.39
C GLU B 373 -57.29 -10.45 86.23
N GLN B 374 -57.85 -11.63 86.47
CA GLN B 374 -58.50 -12.39 85.41
C GLN B 374 -59.35 -13.49 86.04
N GLU B 375 -60.39 -13.90 85.34
CA GLU B 375 -61.19 -15.04 85.79
C GLU B 375 -60.84 -16.22 84.92
N SER B 376 -59.92 -17.05 85.40
CA SER B 376 -59.40 -18.16 84.62
C SER B 376 -59.70 -19.50 85.27
N PRO B 377 -60.56 -20.30 84.62
CA PRO B 377 -60.83 -21.67 85.07
C PRO B 377 -59.57 -22.51 84.92
N PRO B 378 -59.31 -23.43 85.86
CA PRO B 378 -60.19 -23.77 86.98
C PRO B 378 -59.88 -22.97 88.24
N HIS B 379 -59.02 -21.97 88.12
CA HIS B 379 -58.57 -21.19 89.27
C HIS B 379 -59.65 -20.31 89.89
N GLY B 380 -60.63 -19.92 89.08
CA GLY B 380 -61.63 -18.95 89.52
C GLY B 380 -61.08 -17.54 89.41
N ASN B 381 -61.56 -16.64 90.26
CA ASN B 381 -61.01 -15.28 90.31
C ASN B 381 -59.55 -15.25 90.73
N VAL B 382 -58.68 -14.80 89.84
CA VAL B 382 -57.25 -14.75 90.11
C VAL B 382 -56.73 -13.33 90.26
N VAL B 383 -56.18 -13.03 91.42
CA VAL B 383 -55.51 -11.75 91.62
C VAL B 383 -54.09 -11.97 92.12
N GLY B 384 -53.13 -11.39 91.42
CA GLY B 384 -51.72 -11.54 91.76
C GLY B 384 -50.85 -10.84 90.73
N VAL B 385 -49.55 -11.10 90.78
CA VAL B 385 -48.65 -10.52 89.78
C VAL B 385 -48.23 -11.57 88.76
N GLN B 386 -48.17 -11.15 87.51
CA GLN B 386 -47.83 -12.04 86.42
C GLN B 386 -46.39 -11.79 85.99
N VAL B 387 -45.66 -12.86 85.70
CA VAL B 387 -44.28 -12.72 85.28
C VAL B 387 -44.22 -12.49 83.77
N VAL B 388 -44.15 -11.22 83.37
CA VAL B 388 -44.05 -10.86 81.96
C VAL B 388 -42.72 -11.33 81.39
N GLY B 389 -41.65 -11.15 82.16
CA GLY B 389 -40.34 -11.59 81.75
C GLY B 389 -39.40 -11.90 82.91
N ALA B 390 -38.48 -12.81 82.67
CA ALA B 390 -37.49 -13.19 83.66
C ALA B 390 -36.10 -13.21 83.04
N SER B 391 -35.09 -12.88 83.84
CA SER B 391 -33.72 -12.89 83.36
C SER B 391 -33.11 -14.24 83.75
N GLU B 392 -32.43 -14.88 82.79
CA GLU B 392 -31.88 -16.20 83.01
C GLU B 392 -30.86 -16.26 84.15
N THR B 393 -30.29 -15.12 84.50
CA THR B 393 -29.36 -15.05 85.62
C THR B 393 -30.08 -14.76 86.94
N SER B 394 -31.38 -14.50 86.86
CA SER B 394 -32.14 -14.09 88.04
C SER B 394 -32.33 -15.23 89.02
N ALA B 395 -32.48 -14.87 90.30
CA ALA B 395 -32.72 -15.84 91.34
C ALA B 395 -34.05 -16.54 91.09
N GLY B 396 -35.01 -15.79 90.56
CA GLY B 396 -36.31 -16.33 90.24
C GLY B 396 -36.21 -17.41 89.17
N TRP B 397 -35.44 -17.12 88.13
CA TRP B 397 -35.29 -18.06 87.02
C TRP B 397 -34.65 -19.35 87.51
N ARG B 398 -33.64 -19.21 88.36
CA ARG B 398 -32.95 -20.36 88.94
C ARG B 398 -33.93 -21.16 89.79
N ALA B 399 -34.85 -20.46 90.44
CA ALA B 399 -35.81 -21.09 91.34
C ALA B 399 -36.86 -21.89 90.56
N GLY B 400 -36.88 -21.71 89.25
CA GLY B 400 -37.82 -22.41 88.39
C GLY B 400 -38.99 -21.54 87.99
N LEU B 401 -38.91 -20.25 88.34
CA LEU B 401 -39.94 -19.31 87.95
C LEU B 401 -39.83 -19.06 86.45
N ARG B 402 -40.96 -19.03 85.78
CA ARG B 402 -40.98 -18.89 84.34
C ARG B 402 -41.94 -17.77 83.95
N PRO B 403 -41.70 -17.14 82.78
CA PRO B 403 -42.65 -16.10 82.34
C PRO B 403 -44.03 -16.71 82.07
N GLY B 404 -45.07 -15.93 82.33
CA GLY B 404 -46.43 -16.41 82.18
C GLY B 404 -46.99 -16.94 83.49
N ASP B 405 -46.10 -17.10 84.47
CA ASP B 405 -46.50 -17.55 85.80
C ASP B 405 -47.20 -16.42 86.54
N ILE B 406 -48.15 -16.78 87.39
CA ILE B 406 -48.86 -15.80 88.20
C ILE B 406 -48.56 -16.04 89.67
N ILE B 407 -48.00 -15.05 90.36
CA ILE B 407 -47.65 -15.22 91.76
C ILE B 407 -48.84 -14.76 92.60
N ILE B 408 -49.41 -15.68 93.37
CA ILE B 408 -50.61 -15.36 94.16
C ILE B 408 -50.32 -15.25 95.66
N SER B 409 -49.22 -15.87 96.10
CA SER B 409 -48.83 -15.80 97.51
C SER B 409 -47.31 -15.81 97.66
N ALA B 410 -46.82 -15.10 98.67
CA ALA B 410 -45.40 -15.11 98.98
C ALA B 410 -45.20 -15.24 100.48
N ASN B 411 -44.46 -16.27 100.87
CA ASN B 411 -44.23 -16.59 102.28
C ASN B 411 -45.54 -16.79 103.04
N LYS B 412 -46.47 -17.50 102.40
CA LYS B 412 -47.79 -17.79 102.95
C LYS B 412 -48.64 -16.53 103.14
N THR B 413 -48.24 -15.44 102.51
CA THR B 413 -49.00 -14.19 102.55
C THR B 413 -49.59 -13.92 101.16
N PRO B 414 -50.91 -13.70 101.09
CA PRO B 414 -51.60 -13.44 99.83
C PRO B 414 -51.07 -12.19 99.12
N VAL B 415 -50.91 -12.27 97.81
CA VAL B 415 -50.37 -11.17 97.03
C VAL B 415 -51.41 -10.68 96.03
N LYS B 416 -51.81 -9.42 96.16
CA LYS B 416 -52.82 -8.86 95.28
C LYS B 416 -52.24 -7.88 94.28
N ASP B 417 -51.02 -7.41 94.54
CA ASP B 417 -50.36 -6.42 93.68
C ASP B 417 -48.84 -6.43 93.83
N ILE B 418 -48.14 -5.74 92.93
CA ILE B 418 -46.69 -5.67 92.98
C ILE B 418 -46.19 -5.04 94.27
N LYS B 419 -46.86 -3.97 94.70
CA LYS B 419 -46.45 -3.26 95.91
C LYS B 419 -46.50 -4.18 97.12
N SER B 420 -47.49 -5.05 97.17
CA SER B 420 -47.60 -6.01 98.27
C SER B 420 -46.48 -7.05 98.16
N LEU B 421 -46.16 -7.47 96.94
CA LEU B 421 -45.10 -8.46 96.72
C LEU B 421 -43.74 -7.93 97.14
N GLN B 422 -43.46 -6.69 96.76
CA GLN B 422 -42.18 -6.06 97.07
C GLN B 422 -42.01 -5.84 98.57
N ALA B 423 -43.13 -5.62 99.27
CA ALA B 423 -43.11 -5.49 100.71
C ALA B 423 -42.68 -6.81 101.33
N VAL B 424 -43.28 -7.89 100.86
CA VAL B 424 -42.95 -9.23 101.33
C VAL B 424 -41.50 -9.53 100.99
N ALA B 425 -41.06 -9.04 99.83
CA ALA B 425 -39.69 -9.19 99.41
C ALA B 425 -38.72 -8.38 100.28
N HIS B 426 -39.21 -7.26 100.79
CA HIS B 426 -38.38 -6.33 101.56
C HIS B 426 -37.87 -6.91 102.87
N GLU B 427 -38.75 -7.56 103.61
CA GLU B 427 -38.33 -8.28 104.81
C GLU B 427 -37.42 -9.41 104.35
N LYS B 428 -36.28 -9.56 105.02
CA LYS B 428 -35.23 -10.42 104.48
C LYS B 428 -35.29 -11.81 105.07
N GLY B 429 -35.33 -12.80 104.20
CA GLY B 429 -35.25 -14.18 104.65
C GLY B 429 -34.20 -14.85 103.79
N LYS B 430 -33.71 -16.01 104.21
CA LYS B 430 -32.72 -16.74 103.42
C LYS B 430 -33.32 -17.08 102.06
N GLN B 431 -34.62 -17.37 102.07
CA GLN B 431 -35.36 -17.70 100.86
C GLN B 431 -36.73 -17.03 100.84
N LEU B 432 -37.24 -16.74 99.66
CA LEU B 432 -38.62 -16.31 99.52
C LEU B 432 -39.43 -17.43 98.86
N LEU B 433 -40.51 -17.83 99.53
CA LEU B 433 -41.37 -18.90 99.03
C LEU B 433 -42.59 -18.30 98.35
N VAL B 434 -42.80 -18.69 97.09
CA VAL B 434 -43.91 -18.17 96.32
C VAL B 434 -44.75 -19.30 95.75
N GLN B 435 -46.03 -19.02 95.56
CA GLN B 435 -46.93 -19.98 94.96
C GLN B 435 -47.39 -19.40 93.62
N VAL B 436 -47.14 -20.15 92.55
CA VAL B 436 -47.40 -19.62 91.22
C VAL B 436 -48.42 -20.46 90.47
N LEU B 437 -49.11 -19.83 89.52
CA LEU B 437 -50.05 -20.52 88.65
C LEU B 437 -49.43 -20.71 87.27
N ARG B 438 -49.25 -21.96 86.88
CA ARG B 438 -48.71 -22.28 85.57
C ARG B 438 -49.77 -23.02 84.78
N GLY B 439 -50.43 -22.30 83.87
CA GLY B 439 -51.57 -22.85 83.15
C GLY B 439 -52.68 -23.21 84.13
N ALA B 440 -53.28 -24.39 83.95
CA ALA B 440 -54.30 -24.88 84.85
C ALA B 440 -53.74 -25.28 86.22
N GLY B 441 -52.48 -25.70 86.23
CA GLY B 441 -51.82 -26.13 87.46
C GLY B 441 -51.27 -25.01 88.31
N ALA B 442 -50.83 -25.37 89.51
CA ALA B 442 -50.12 -24.43 90.38
C ALA B 442 -48.84 -25.06 90.93
N LEU B 443 -47.88 -24.22 91.29
CA LEU B 443 -46.59 -24.69 91.77
C LEU B 443 -46.08 -23.90 92.98
N TYR B 444 -45.27 -24.55 93.80
CA TYR B 444 -44.58 -23.85 94.89
C TYR B 444 -43.11 -23.74 94.52
N LEU B 445 -42.57 -22.53 94.64
CA LEU B 445 -41.20 -22.27 94.23
C LEU B 445 -40.45 -21.67 95.39
N LEU B 446 -39.15 -21.94 95.47
CA LEU B 446 -38.37 -21.43 96.57
C LEU B 446 -37.20 -20.64 96.02
N ILE B 447 -37.29 -19.32 96.13
CA ILE B 447 -36.25 -18.46 95.58
C ILE B 447 -35.14 -18.30 96.60
N ILE B 448 -34.14 -19.16 96.48
CA ILE B 448 -33.00 -19.18 97.39
C ILE B 448 -32.13 -17.94 97.20
N MET C 19 -4.29 28.98 39.43
CA MET C 19 -4.75 27.76 40.09
C MET C 19 -3.73 26.63 39.97
N PRO C 20 -3.59 25.82 41.02
CA PRO C 20 -2.74 24.63 41.12
C PRO C 20 -3.32 23.47 40.32
N SER C 21 -2.86 23.24 39.09
CA SER C 21 -3.45 22.18 38.27
C SER C 21 -2.43 21.39 37.45
N LEU C 22 -2.85 20.20 37.02
CA LEU C 22 -2.06 19.33 36.18
C LEU C 22 -2.48 19.48 34.72
N ALA C 23 -3.38 20.43 34.48
CA ALA C 23 -3.90 20.66 33.13
C ALA C 23 -2.84 21.04 32.09
N PRO C 24 -1.92 21.96 32.44
CA PRO C 24 -0.93 22.34 31.40
C PRO C 24 -0.08 21.17 30.97
N VAL C 25 0.42 20.41 31.95
CA VAL C 25 1.30 19.29 31.67
C VAL C 25 0.61 18.14 30.91
N LEU C 26 -0.63 17.82 31.29
CA LEU C 26 -1.34 16.75 30.62
C LEU C 26 -1.71 17.12 29.18
N LYS C 27 -1.78 18.41 28.89
CA LYS C 27 -2.03 18.86 27.52
C LYS C 27 -0.94 18.35 26.59
N ASN C 28 0.28 18.29 27.13
CA ASN C 28 1.45 17.93 26.34
C ASN C 28 1.81 16.45 26.43
N ALA C 29 0.97 15.67 27.10
CA ALA C 29 1.24 14.25 27.28
C ALA C 29 0.19 13.38 26.60
N MET C 30 -1.04 13.88 26.53
CA MET C 30 -2.16 13.11 26.00
C MET C 30 -2.02 12.66 24.53
N PRO C 31 -1.43 13.50 23.66
CA PRO C 31 -1.30 13.02 22.28
C PRO C 31 -0.47 11.74 22.13
N ALA C 32 0.55 11.57 22.97
CA ALA C 32 1.42 10.42 22.87
C ALA C 32 0.70 9.11 23.20
N ILE C 33 -0.33 9.20 24.03
CA ILE C 33 -1.10 8.03 24.42
C ILE C 33 -2.18 7.76 23.38
N VAL C 34 -2.27 6.52 22.93
CA VAL C 34 -3.20 6.14 21.88
C VAL C 34 -4.10 4.98 22.31
N ASN C 35 -4.95 4.54 21.40
CA ASN C 35 -5.85 3.42 21.65
C ASN C 35 -5.41 2.24 20.80
N VAL C 36 -5.29 1.06 21.40
CA VAL C 36 -5.02 -0.12 20.60
C VAL C 36 -6.23 -1.07 20.62
N ALA C 37 -6.70 -1.43 19.43
CA ALA C 37 -7.83 -2.32 19.29
C ALA C 37 -7.38 -3.57 18.54
N VAL C 38 -7.85 -4.73 18.99
CA VAL C 38 -7.30 -6.00 18.54
C VAL C 38 -8.41 -6.96 18.08
N GLN C 39 -8.15 -7.70 17.00
CA GLN C 39 -9.06 -8.73 16.53
C GLN C 39 -8.34 -10.05 16.31
N GLY C 40 -8.79 -11.09 17.01
CA GLY C 40 -8.18 -12.41 16.95
C GLY C 40 -9.22 -13.52 16.95
N TYR C 41 -8.76 -14.77 16.89
CA TYR C 41 -9.66 -15.92 17.01
C TYR C 41 -9.42 -16.73 18.29
N PHE C 72 -13.35 -12.69 19.38
CA PHE C 72 -12.23 -12.17 20.14
C PHE C 72 -11.91 -10.72 19.74
N GLU C 73 -12.39 -9.77 20.55
CA GLU C 73 -11.96 -8.39 20.38
C GLU C 73 -11.46 -7.83 21.71
N SER C 74 -10.20 -7.39 21.71
CA SER C 74 -9.54 -6.87 22.91
C SER C 74 -9.18 -5.41 22.74
N ILE C 75 -9.28 -4.63 23.82
CA ILE C 75 -8.86 -3.24 23.78
C ILE C 75 -7.84 -2.94 24.88
N GLY C 76 -6.98 -1.96 24.61
CA GLY C 76 -5.92 -1.60 25.51
C GLY C 76 -5.39 -0.23 25.13
N SER C 77 -4.22 0.12 25.62
CA SER C 77 -3.63 1.42 25.29
C SER C 77 -2.18 1.29 24.82
N GLY C 78 -1.66 2.37 24.27
CA GLY C 78 -0.27 2.41 23.85
C GLY C 78 0.31 3.81 24.03
N VAL C 79 1.64 3.89 24.06
CA VAL C 79 2.31 5.18 24.13
C VAL C 79 3.27 5.29 22.96
N ILE C 80 3.40 6.49 22.39
CA ILE C 80 4.28 6.70 21.24
C ILE C 80 5.67 7.12 21.71
N ILE C 81 6.62 6.19 21.61
CA ILE C 81 7.99 6.44 22.03
C ILE C 81 8.77 7.29 21.03
N ASP C 82 8.80 6.85 19.78
CA ASP C 82 9.52 7.58 18.74
C ASP C 82 8.57 7.99 17.63
N PRO C 83 8.17 9.27 17.63
CA PRO C 83 7.23 9.85 16.65
C PRO C 83 7.84 9.92 15.27
N LYS C 84 9.18 9.97 15.20
CA LYS C 84 9.87 10.03 13.92
C LYS C 84 9.59 8.77 13.13
N ASN C 85 9.91 7.62 13.71
CA ASN C 85 9.71 6.35 13.05
C ASN C 85 8.31 5.80 13.31
N GLY C 86 7.55 6.52 14.11
CA GLY C 86 6.20 6.13 14.44
C GLY C 86 6.07 4.77 15.10
N ILE C 87 6.83 4.55 16.18
CA ILE C 87 6.73 3.30 16.91
C ILE C 87 6.12 3.53 18.28
N ILE C 88 5.18 2.67 18.64
CA ILE C 88 4.47 2.79 19.89
C ILE C 88 4.76 1.58 20.75
N ILE C 89 4.53 1.71 22.05
CA ILE C 89 4.83 0.63 22.99
C ILE C 89 3.53 0.28 23.71
N THR C 90 3.39 -0.99 24.08
CA THR C 90 2.18 -1.46 24.75
C THR C 90 2.45 -2.76 25.49
N ASN C 91 1.43 -3.28 26.17
CA ASN C 91 1.58 -4.56 26.86
C ASN C 91 1.49 -5.70 25.85
N ASP C 92 2.28 -6.74 26.09
CA ASP C 92 2.31 -7.87 25.19
C ASP C 92 0.96 -8.59 25.19
N HIS C 93 0.32 -8.66 26.36
CA HIS C 93 -0.92 -9.40 26.48
C HIS C 93 -2.08 -8.74 25.75
N VAL C 94 -1.92 -7.48 25.39
CA VAL C 94 -2.95 -6.76 24.65
C VAL C 94 -2.99 -7.22 23.19
N ILE C 95 -1.82 -7.33 22.59
CA ILE C 95 -1.69 -7.69 21.18
C ILE C 95 -1.45 -9.18 20.92
N ARG C 96 -1.51 -9.98 21.98
CA ARG C 96 -1.37 -11.43 21.87
C ARG C 96 -2.43 -12.08 20.97
N ASN C 97 -1.98 -12.98 20.09
CA ASN C 97 -2.88 -13.74 19.22
C ASN C 97 -3.82 -12.85 18.45
N ALA C 98 -3.23 -11.91 17.72
CA ALA C 98 -4.01 -10.86 17.07
C ALA C 98 -3.88 -10.92 15.55
N ASN C 99 -5.02 -11.04 14.88
CA ASN C 99 -5.05 -10.99 13.42
C ASN C 99 -4.80 -9.57 12.92
N LEU C 100 -5.64 -8.64 13.36
CA LEU C 100 -5.52 -7.25 12.95
C LEU C 100 -5.49 -6.33 14.17
N ILE C 101 -4.44 -5.51 14.29
CA ILE C 101 -4.39 -4.52 15.37
C ILE C 101 -4.43 -3.08 14.86
N THR C 102 -5.41 -2.33 15.37
CA THR C 102 -5.68 -0.97 14.92
C THR C 102 -5.40 0.05 16.00
N VAL C 103 -4.67 1.11 15.64
CA VAL C 103 -4.33 2.15 16.60
C VAL C 103 -5.02 3.46 16.24
N THR C 104 -5.71 4.06 17.20
CA THR C 104 -6.36 5.34 16.98
C THR C 104 -5.79 6.43 17.88
N LEU C 105 -5.36 7.53 17.26
CA LEU C 105 -4.72 8.65 17.93
C LEU C 105 -5.72 9.69 18.40
N GLN C 106 -5.25 10.67 19.18
CA GLN C 106 -6.10 11.80 19.58
C GLN C 106 -6.47 12.66 18.39
N ASP C 107 -5.74 12.48 17.29
CA ASP C 107 -6.04 13.11 16.01
C ASP C 107 -7.40 12.65 15.53
N GLY C 108 -7.77 11.44 15.92
CA GLY C 108 -9.00 10.82 15.47
C GLY C 108 -8.73 9.84 14.34
N ARG C 109 -7.48 9.78 13.89
CA ARG C 109 -7.08 8.86 12.83
C ARG C 109 -7.01 7.42 13.32
N ARG C 110 -7.47 6.50 12.49
CA ARG C 110 -7.35 5.08 12.81
C ARG C 110 -6.32 4.46 11.87
N LEU C 111 -5.33 3.77 12.42
CA LEU C 111 -4.23 3.30 11.59
C LEU C 111 -3.90 1.84 11.86
N LYS C 112 -3.63 1.09 10.80
CA LYS C 112 -3.21 -0.29 10.93
C LYS C 112 -1.81 -0.36 11.51
N ALA C 113 -1.63 -1.23 12.50
CA ALA C 113 -0.38 -1.32 13.22
C ALA C 113 0.28 -2.65 12.93
N ARG C 114 1.61 -2.64 12.87
CA ARG C 114 2.37 -3.84 12.57
C ARG C 114 3.22 -4.24 13.77
N LEU C 115 3.24 -5.53 14.07
CA LEU C 115 3.89 -6.03 15.27
C LEU C 115 5.37 -6.27 15.01
N ILE C 116 6.20 -5.38 15.54
CA ILE C 116 7.64 -5.54 15.45
C ILE C 116 8.13 -6.72 16.28
N GLY C 117 7.76 -6.73 17.56
CA GLY C 117 8.16 -7.80 18.45
C GLY C 117 7.42 -7.75 19.77
N GLY C 118 7.47 -8.83 20.53
CA GLY C 118 6.85 -8.87 21.84
C GLY C 118 7.60 -9.78 22.77
N ASP C 119 7.54 -9.50 24.06
CA ASP C 119 8.23 -10.30 25.05
C ASP C 119 7.25 -10.70 26.16
N SER C 120 6.89 -11.98 26.18
CA SER C 120 5.92 -12.47 27.17
C SER C 120 6.45 -12.34 28.60
N GLU C 121 7.76 -12.43 28.74
CA GLU C 121 8.39 -12.42 30.06
C GLU C 121 8.19 -11.10 30.81
N THR C 122 8.35 -9.98 30.11
CA THR C 122 8.18 -8.67 30.72
C THR C 122 6.86 -8.00 30.32
N ASP C 123 6.04 -8.74 29.57
CA ASP C 123 4.75 -8.27 29.08
C ASP C 123 4.84 -6.94 28.35
N LEU C 124 5.82 -6.82 27.46
CA LEU C 124 5.98 -5.61 26.66
C LEU C 124 5.95 -5.94 25.17
N ALA C 125 5.58 -4.96 24.36
CA ALA C 125 5.53 -5.15 22.92
C ALA C 125 5.74 -3.84 22.19
N VAL C 126 6.30 -3.93 20.99
CA VAL C 126 6.56 -2.76 20.18
C VAL C 126 5.76 -2.84 18.89
N LEU C 127 5.09 -1.75 18.53
CA LEU C 127 4.29 -1.70 17.32
C LEU C 127 4.79 -0.57 16.43
N LYS C 128 4.65 -0.73 15.13
CA LYS C 128 5.02 0.34 14.22
C LYS C 128 3.81 0.84 13.44
N ILE C 129 3.62 2.16 13.45
CA ILE C 129 2.53 2.79 12.73
C ILE C 129 3.10 3.62 11.58
N ASP C 130 2.55 3.45 10.38
CA ASP C 130 3.08 4.13 9.20
C ASP C 130 2.44 5.50 9.00
N ALA C 131 2.71 6.42 9.92
CA ALA C 131 2.11 7.74 9.86
C ALA C 131 3.09 8.85 10.22
N LYS C 132 2.73 10.07 9.82
CA LYS C 132 3.55 11.25 10.08
C LYS C 132 2.72 12.26 10.84
N ASN C 133 3.39 13.28 11.37
CA ASN C 133 2.76 14.31 12.19
C ASN C 133 2.32 13.75 13.54
N LEU C 134 2.92 12.62 13.91
CA LEU C 134 2.71 12.02 15.22
C LEU C 134 3.34 12.86 16.30
N LYS C 135 2.72 12.87 17.47
CA LYS C 135 3.29 13.56 18.61
C LYS C 135 3.66 12.60 19.72
N SER C 136 4.63 12.99 20.53
CA SER C 136 5.15 12.13 21.58
C SER C 136 5.37 12.92 22.86
N LEU C 137 5.84 12.23 23.89
CA LEU C 137 6.10 12.85 25.18
C LEU C 137 7.55 12.65 25.61
N VAL C 138 8.03 13.54 26.45
CA VAL C 138 9.36 13.41 27.04
C VAL C 138 9.51 12.15 27.89
N ILE C 139 10.55 11.38 27.63
CA ILE C 139 10.81 10.17 28.39
C ILE C 139 11.62 10.53 29.64
N GLY C 140 11.41 9.79 30.73
CA GLY C 140 12.01 10.14 32.00
C GLY C 140 12.79 9.01 32.65
N ASP C 141 13.26 9.26 33.87
CA ASP C 141 14.04 8.28 34.60
C ASP C 141 13.24 7.66 35.74
N SER C 142 12.86 6.40 35.56
CA SER C 142 12.10 5.68 36.58
C SER C 142 12.95 5.45 37.82
N ASP C 143 14.27 5.42 37.64
CA ASP C 143 15.19 5.22 38.75
C ASP C 143 15.22 6.43 39.68
N LYS C 144 14.69 7.55 39.21
CA LYS C 144 14.64 8.77 40.00
C LYS C 144 13.35 8.85 40.82
N LEU C 145 12.45 7.89 40.61
CA LEU C 145 11.18 7.88 41.31
C LEU C 145 11.34 7.59 42.79
N GLU C 146 10.52 8.28 43.58
CA GLU C 146 10.48 8.05 45.02
C GLU C 146 9.03 7.87 45.43
N VAL C 147 8.82 7.10 46.49
CA VAL C 147 7.47 6.89 47.00
C VAL C 147 6.88 8.21 47.46
N GLY C 148 5.66 8.50 47.02
CA GLY C 148 5.01 9.76 47.34
C GLY C 148 5.02 10.75 46.22
N ASP C 149 5.73 10.45 45.14
CA ASP C 149 5.71 11.31 43.95
C ASP C 149 4.34 11.23 43.32
N TYR C 150 3.81 12.37 42.91
CA TYR C 150 2.50 12.39 42.27
C TYR C 150 2.65 11.85 40.86
N VAL C 151 1.68 11.03 40.44
CA VAL C 151 1.70 10.46 39.10
C VAL C 151 0.30 10.46 38.49
N VAL C 152 0.25 10.47 37.16
CA VAL C 152 -1.02 10.39 36.46
C VAL C 152 -0.96 9.22 35.49
N ALA C 153 -2.06 8.46 35.43
CA ALA C 153 -2.13 7.31 34.55
C ALA C 153 -3.06 7.63 33.39
N ILE C 154 -2.52 7.55 32.17
CA ILE C 154 -3.29 7.87 30.97
C ILE C 154 -3.56 6.61 30.14
N GLY C 155 -4.83 6.31 29.90
CA GLY C 155 -5.21 5.14 29.15
C GLY C 155 -6.69 5.17 28.81
N ASN C 156 -7.16 4.13 28.12
CA ASN C 156 -8.57 4.03 27.78
C ASN C 156 -9.27 2.93 28.57
N PRO C 157 -9.73 3.25 29.79
CA PRO C 157 -10.40 2.23 30.59
C PRO C 157 -11.84 2.05 30.16
N PHE C 158 -12.22 0.80 29.92
CA PHE C 158 -13.59 0.43 29.54
C PHE C 158 -13.95 0.91 28.13
N GLY C 159 -12.95 1.35 27.37
CA GLY C 159 -13.15 1.73 25.99
C GLY C 159 -13.95 3.00 25.83
N LEU C 160 -13.88 3.87 26.83
CA LEU C 160 -14.75 5.04 26.91
C LEU C 160 -14.61 6.05 25.77
N ASN C 161 -13.39 6.27 25.27
CA ASN C 161 -13.26 7.18 24.13
C ASN C 161 -13.32 6.51 22.77
N SER C 162 -14.52 6.55 22.20
CA SER C 162 -14.81 5.92 20.93
C SER C 162 -14.02 6.58 19.81
N PHE C 163 -13.85 7.89 19.91
CA PHE C 163 -13.26 8.66 18.82
C PHE C 163 -11.79 8.98 19.07
N GLY C 164 -11.27 8.54 20.21
CA GLY C 164 -9.85 8.62 20.48
C GLY C 164 -9.35 9.96 20.98
N ASN C 165 -10.22 10.96 20.95
CA ASN C 165 -9.83 12.32 21.32
C ASN C 165 -9.85 12.56 22.82
N SER C 166 -10.27 11.57 23.59
CA SER C 166 -10.43 11.75 25.03
C SER C 166 -9.95 10.57 25.89
N GLN C 167 -8.63 10.45 26.05
CA GLN C 167 -8.07 9.46 26.95
C GLN C 167 -8.50 9.80 28.38
N SER C 168 -8.41 8.84 29.29
CA SER C 168 -8.78 9.09 30.68
C SER C 168 -7.56 9.29 31.56
N ALA C 169 -7.57 10.38 32.32
CA ALA C 169 -6.47 10.68 33.24
C ALA C 169 -6.92 10.36 34.66
N THR C 170 -6.06 9.66 35.39
CA THR C 170 -6.35 9.30 36.77
C THR C 170 -5.17 9.68 37.64
N PHE C 171 -5.45 10.16 38.85
CA PHE C 171 -4.43 10.80 39.67
C PHE C 171 -4.10 9.97 40.91
N GLY C 172 -2.82 9.88 41.24
CA GLY C 172 -2.37 9.16 42.41
C GLY C 172 -0.91 9.41 42.73
N ILE C 173 -0.44 8.86 43.85
CA ILE C 173 0.98 8.86 44.16
C ILE C 173 1.65 7.54 43.79
N VAL C 174 2.96 7.48 44.02
CA VAL C 174 3.70 6.23 43.90
C VAL C 174 3.61 5.53 45.25
N SER C 175 2.89 4.41 45.27
CA SER C 175 2.66 3.66 46.49
C SER C 175 3.88 2.92 46.98
N ALA C 176 4.59 2.29 46.05
CA ALA C 176 5.79 1.53 46.36
C ALA C 176 6.60 1.29 45.10
N LEU C 177 7.84 0.82 45.26
CA LEU C 177 8.73 0.59 44.12
C LEU C 177 9.39 -0.78 44.16
N LYS C 178 9.80 -1.24 42.97
CA LYS C 178 10.56 -2.48 42.85
C LYS C 178 9.79 -3.70 43.36
N ARG C 179 8.49 -3.73 43.08
CA ARG C 179 7.66 -4.87 43.47
C ARG C 179 8.05 -6.13 42.72
N SER C 180 8.11 -7.24 43.44
CA SER C 180 8.45 -8.55 42.88
C SER C 180 7.65 -9.62 43.62
N ASP C 181 7.79 -10.87 43.15
CA ASP C 181 7.13 -12.02 43.77
C ASP C 181 5.62 -12.02 43.56
N LEU C 182 5.12 -11.07 42.78
CA LEU C 182 3.70 -10.98 42.47
C LEU C 182 3.26 -12.19 41.64
N ASN C 183 4.19 -12.71 40.83
CA ASN C 183 3.94 -13.84 39.94
C ASN C 183 2.89 -13.53 38.87
N ILE C 184 2.78 -12.26 38.53
CA ILE C 184 1.97 -11.83 37.40
C ILE C 184 2.76 -12.08 36.11
N GLU C 185 4.04 -11.78 36.15
CA GLU C 185 4.92 -11.91 34.98
C GLU C 185 6.17 -12.71 35.34
N GLY C 186 6.88 -13.18 34.32
CA GLY C 186 8.13 -13.89 34.54
C GLY C 186 9.18 -12.97 35.15
N VAL C 187 9.25 -11.75 34.63
CA VAL C 187 10.18 -10.74 35.13
C VAL C 187 9.42 -9.52 35.64
N GLU C 188 9.51 -9.27 36.94
CA GLU C 188 8.75 -8.19 37.56
C GLU C 188 9.64 -7.19 38.28
N ASN C 189 9.46 -5.91 37.97
CA ASN C 189 10.12 -4.84 38.71
C ASN C 189 9.17 -3.65 38.81
N PHE C 190 7.95 -3.91 39.24
CA PHE C 190 6.84 -2.97 39.10
C PHE C 190 6.93 -1.66 39.89
N ILE C 191 6.20 -0.67 39.40
CA ILE C 191 5.95 0.54 40.15
C ILE C 191 4.53 0.39 40.67
N GLN C 192 4.33 0.57 41.96
CA GLN C 192 3.00 0.44 42.52
C GLN C 192 2.37 1.81 42.68
N THR C 193 1.18 1.99 42.15
CA THR C 193 0.48 3.27 42.21
C THR C 193 -0.95 3.08 42.65
N ASP C 194 -1.49 4.07 43.35
CA ASP C 194 -2.89 4.04 43.75
C ASP C 194 -3.74 4.86 42.80
N ALA C 195 -3.14 5.32 41.71
CA ALA C 195 -3.89 5.95 40.64
C ALA C 195 -4.77 4.89 40.01
N ALA C 196 -5.93 5.29 39.51
CA ALA C 196 -6.95 4.33 39.14
C ALA C 196 -6.64 3.65 37.80
N ILE C 197 -6.26 2.39 37.88
CA ILE C 197 -5.98 1.61 36.69
C ILE C 197 -7.02 0.49 36.57
N ASN C 198 -7.71 0.45 35.44
CA ASN C 198 -8.83 -0.45 35.23
C ASN C 198 -8.62 -1.23 33.93
N PRO C 199 -9.48 -2.21 33.64
CA PRO C 199 -9.37 -2.88 32.35
C PRO C 199 -9.40 -1.91 31.16
N GLY C 200 -8.50 -2.11 30.20
CA GLY C 200 -8.34 -1.22 29.08
C GLY C 200 -7.27 -0.16 29.28
N ASN C 201 -6.70 -0.12 30.46
CA ASN C 201 -5.61 0.81 30.74
C ASN C 201 -4.23 0.24 30.39
N ALA C 202 -4.20 -1.02 29.95
CA ALA C 202 -2.94 -1.71 29.67
C ALA C 202 -2.19 -1.07 28.51
N GLY C 203 -0.88 -0.98 28.65
CA GLY C 203 -0.03 -0.35 27.64
C GLY C 203 -0.09 1.16 27.73
N GLY C 204 -0.87 1.65 28.68
CA GLY C 204 -1.01 3.08 28.91
C GLY C 204 0.23 3.68 29.54
N ALA C 205 0.22 5.01 29.68
CA ALA C 205 1.34 5.72 30.26
C ALA C 205 1.11 6.04 31.73
N LEU C 206 2.18 6.00 32.51
CA LEU C 206 2.15 6.53 33.86
C LEU C 206 3.16 7.67 33.84
N VAL C 207 2.72 8.88 34.16
CA VAL C 207 3.59 10.04 34.02
C VAL C 207 3.78 10.77 35.35
N ASN C 208 4.97 11.34 35.54
CA ASN C 208 5.24 12.15 36.73
C ASN C 208 4.67 13.55 36.58
N ALA C 209 4.87 14.39 37.60
CA ALA C 209 4.26 15.72 37.62
C ALA C 209 4.72 16.58 36.44
N LYS C 210 5.96 16.40 36.03
CA LYS C 210 6.50 17.10 34.85
C LYS C 210 5.83 16.62 33.55
N GLY C 211 5.28 15.42 33.56
CA GLY C 211 4.65 14.86 32.37
C GLY C 211 5.54 13.91 31.61
N GLU C 212 6.70 13.62 32.19
CA GLU C 212 7.64 12.67 31.62
C GLU C 212 7.10 11.26 31.82
N LEU C 213 7.51 10.33 30.96
CA LEU C 213 7.02 8.95 31.04
C LEU C 213 7.92 8.16 31.96
N ILE C 214 7.32 7.54 32.96
CA ILE C 214 8.08 6.82 33.97
C ILE C 214 7.66 5.37 34.02
N GLY C 215 6.52 5.05 33.40
CA GLY C 215 6.02 3.69 33.44
C GLY C 215 4.97 3.33 32.42
N ILE C 216 4.81 2.02 32.22
CA ILE C 216 3.76 1.50 31.34
C ILE C 216 2.80 0.66 32.19
N ASN C 217 1.56 1.11 32.29
CA ASN C 217 0.56 0.45 33.13
C ASN C 217 0.29 -0.96 32.64
N THR C 218 0.37 -1.93 33.54
CA THR C 218 0.29 -3.34 33.15
C THR C 218 -0.78 -4.13 33.88
N ALA C 219 -0.70 -4.17 35.20
CA ALA C 219 -1.58 -5.03 35.97
C ALA C 219 -2.05 -4.41 37.28
N ILE C 220 -3.14 -4.96 37.81
CA ILE C 220 -3.68 -4.57 39.11
C ILE C 220 -3.93 -5.79 39.98
N ILE C 221 -4.02 -5.57 41.28
CA ILE C 221 -4.44 -6.62 42.20
C ILE C 221 -5.83 -6.31 42.70
N SER C 222 -6.77 -7.18 42.39
CA SER C 222 -8.16 -6.98 42.78
C SER C 222 -8.85 -8.29 43.13
N PRO C 223 -9.71 -8.26 44.17
CA PRO C 223 -10.53 -9.42 44.50
C PRO C 223 -11.57 -9.69 43.41
N TYR C 224 -12.13 -8.62 42.84
CA TYR C 224 -13.19 -8.76 41.84
C TYR C 224 -12.90 -8.09 40.48
N GLY C 225 -11.65 -7.80 40.21
CA GLY C 225 -11.26 -7.31 38.89
C GLY C 225 -11.51 -5.83 38.64
N GLY C 226 -11.91 -5.11 39.69
CA GLY C 226 -12.04 -3.67 39.60
C GLY C 226 -10.96 -3.00 40.44
N ASN C 227 -10.61 -1.76 40.09
CA ASN C 227 -9.54 -1.06 40.79
C ASN C 227 -9.84 -0.81 42.27
N VAL C 228 -8.97 -1.32 43.13
CA VAL C 228 -9.11 -1.11 44.56
C VAL C 228 -7.99 -0.22 45.10
N GLY C 229 -7.33 0.48 44.21
CA GLY C 229 -6.27 1.40 44.60
C GLY C 229 -4.89 0.75 44.54
N ILE C 230 -4.83 -0.46 44.02
CA ILE C 230 -3.54 -1.12 43.86
C ILE C 230 -3.31 -1.54 42.42
N GLY C 231 -2.36 -0.88 41.78
CA GLY C 231 -2.07 -1.13 40.37
C GLY C 231 -0.58 -1.05 40.11
N PHE C 232 -0.14 -1.69 39.04
CA PHE C 232 1.28 -1.82 38.77
C PHE C 232 1.64 -1.37 37.36
N ALA C 233 2.82 -0.76 37.25
CA ALA C 233 3.31 -0.31 35.96
C ALA C 233 4.78 -0.67 35.81
N ILE C 234 5.18 -0.98 34.59
CA ILE C 234 6.55 -1.34 34.32
C ILE C 234 7.33 -0.04 34.20
N PRO C 235 8.38 0.12 35.01
CA PRO C 235 9.22 1.33 35.00
C PRO C 235 9.82 1.53 33.62
N ILE C 236 9.91 2.78 33.17
CA ILE C 236 10.23 3.06 31.78
C ILE C 236 11.64 2.63 31.38
N ASN C 237 12.59 2.72 32.32
CA ASN C 237 13.97 2.34 32.05
C ASN C 237 14.09 0.88 31.63
N MET C 238 13.41 0.01 32.35
CA MET C 238 13.34 -1.40 31.98
C MET C 238 12.61 -1.56 30.65
N ALA C 239 11.46 -0.88 30.53
CA ALA C 239 10.63 -0.96 29.32
C ALA C 239 11.32 -0.41 28.09
N LYS C 240 12.04 0.71 28.26
CA LYS C 240 12.76 1.33 27.16
C LYS C 240 13.84 0.39 26.67
N ASP C 241 14.51 -0.26 27.61
CA ASP C 241 15.58 -1.18 27.28
C ASP C 241 15.04 -2.36 26.47
N VAL C 242 13.93 -2.91 26.92
CA VAL C 242 13.30 -4.03 26.23
C VAL C 242 12.92 -3.65 24.81
N ALA C 243 12.31 -2.48 24.66
CA ALA C 243 11.86 -2.01 23.36
C ALA C 243 13.00 -1.82 22.38
N GLN C 244 14.05 -1.13 22.81
CA GLN C 244 15.19 -0.85 21.93
C GLN C 244 15.85 -2.13 21.50
N GLN C 245 15.91 -3.09 22.41
CA GLN C 245 16.45 -4.40 22.09
C GLN C 245 15.55 -5.12 21.07
N ILE C 246 14.24 -4.96 21.21
CA ILE C 246 13.30 -5.56 20.27
C ILE C 246 13.46 -4.97 18.87
N ILE C 247 13.56 -3.66 18.78
CA ILE C 247 13.70 -2.98 17.49
C ILE C 247 14.94 -3.48 16.74
N LYS C 248 16.02 -3.67 17.48
CA LYS C 248 17.29 -4.11 16.90
C LYS C 248 17.29 -5.57 16.41
N PHE C 249 16.71 -6.48 17.19
CA PHE C 249 16.82 -7.89 16.84
C PHE C 249 15.47 -8.55 16.50
N GLY C 250 14.37 -7.89 16.85
CA GLY C 250 13.04 -8.42 16.57
C GLY C 250 12.52 -9.34 17.64
N SER C 251 13.38 -9.65 18.60
CA SER C 251 13.03 -10.52 19.71
C SER C 251 14.13 -10.43 20.77
N ILE C 252 13.86 -10.98 21.95
CA ILE C 252 14.85 -10.96 23.01
C ILE C 252 15.49 -12.32 23.21
N HIS C 253 16.81 -12.37 23.08
CA HIS C 253 17.55 -13.60 23.32
C HIS C 253 18.17 -13.54 24.70
N ARG C 254 17.72 -14.42 25.58
CA ARG C 254 18.09 -14.34 26.98
C ARG C 254 19.02 -15.47 27.39
N GLY C 255 19.86 -15.20 28.37
CA GLY C 255 20.81 -16.18 28.84
C GLY C 255 20.81 -16.35 30.34
N LEU C 256 21.34 -17.49 30.80
CA LEU C 256 21.46 -17.77 32.21
C LEU C 256 22.91 -17.90 32.65
N MET C 257 23.19 -17.48 33.88
CA MET C 257 24.52 -17.60 34.46
C MET C 257 24.67 -18.91 35.23
N GLY C 258 23.55 -19.60 35.45
CA GLY C 258 23.52 -20.82 36.23
C GLY C 258 23.76 -20.61 37.71
N ILE C 259 23.07 -19.61 38.28
CA ILE C 259 23.23 -19.27 39.68
C ILE C 259 21.87 -19.15 40.39
N PHE C 260 21.81 -19.63 41.63
CA PHE C 260 20.62 -19.45 42.46
C PHE C 260 20.88 -18.37 43.51
N VAL C 261 19.92 -17.46 43.65
CA VAL C 261 20.10 -16.31 44.53
C VAL C 261 18.99 -16.27 45.60
N GLN C 262 19.38 -15.92 46.82
CA GLN C 262 18.50 -15.93 47.98
C GLN C 262 18.51 -14.56 48.66
N HIS C 263 17.37 -14.12 49.17
CA HIS C 263 17.30 -12.85 49.87
C HIS C 263 18.12 -12.91 51.16
N LEU C 264 18.87 -11.85 51.41
CA LEU C 264 19.77 -11.78 52.56
C LEU C 264 19.13 -11.00 53.71
N THR C 265 18.55 -11.72 54.66
CA THR C 265 17.97 -11.08 55.85
C THR C 265 19.09 -10.65 56.79
N PRO C 266 18.83 -9.62 57.62
CA PRO C 266 19.85 -9.16 58.57
C PRO C 266 20.29 -10.28 59.51
N GLU C 267 19.35 -11.10 59.96
CA GLU C 267 19.66 -12.25 60.79
C GLU C 267 20.67 -13.15 60.09
N LEU C 268 20.40 -13.40 58.82
CA LEU C 268 21.24 -14.27 58.01
C LEU C 268 22.58 -13.60 57.71
N ALA C 269 22.57 -12.28 57.53
CA ALA C 269 23.79 -11.54 57.22
C ALA C 269 24.80 -11.55 58.36
N GLN C 270 24.31 -11.45 59.59
CA GLN C 270 25.18 -11.49 60.77
C GLN C 270 25.97 -12.78 60.85
N SER C 271 25.28 -13.90 60.68
CA SER C 271 25.89 -15.21 60.81
C SER C 271 26.93 -15.44 59.73
N MET C 272 26.83 -14.67 58.65
CA MET C 272 27.80 -14.74 57.55
C MET C 272 28.88 -13.65 57.67
N GLY C 273 28.90 -12.96 58.80
CA GLY C 273 29.97 -12.01 59.10
C GLY C 273 29.76 -10.58 58.67
N TYR C 274 28.62 -10.32 58.05
CA TYR C 274 28.29 -8.97 57.58
C TYR C 274 27.54 -8.14 58.62
N ALA C 275 27.36 -6.87 58.31
CA ALA C 275 26.60 -5.97 59.18
C ALA C 275 25.11 -6.30 59.12
N GLU C 276 24.39 -5.94 60.18
CA GLU C 276 22.94 -6.15 60.24
C GLU C 276 22.24 -5.40 59.11
N ASP C 277 22.71 -4.19 58.84
CA ASP C 277 22.11 -3.35 57.82
C ASP C 277 22.78 -3.55 56.46
N PHE C 278 23.56 -4.61 56.32
CA PHE C 278 24.20 -4.90 55.04
C PHE C 278 23.16 -5.40 54.05
N GLN C 279 23.37 -5.09 52.77
CA GLN C 279 22.43 -5.49 51.73
C GLN C 279 23.15 -6.05 50.54
N GLY C 280 22.51 -7.01 49.87
CA GLY C 280 23.07 -7.64 48.69
C GLY C 280 22.28 -8.89 48.35
N ALA C 281 22.79 -9.63 47.38
CA ALA C 281 22.15 -10.85 46.92
C ALA C 281 22.97 -12.06 47.29
N LEU C 282 22.47 -12.86 48.23
CA LEU C 282 23.16 -14.07 48.66
C LEU C 282 23.08 -15.14 47.59
N VAL C 283 24.19 -15.85 47.37
CA VAL C 283 24.23 -16.90 46.35
C VAL C 283 24.09 -18.25 47.02
N SER C 284 22.89 -18.81 46.96
CA SER C 284 22.60 -20.10 47.59
C SER C 284 23.27 -21.24 46.82
N GLN C 285 23.20 -21.20 45.50
CA GLN C 285 23.78 -22.25 44.68
C GLN C 285 24.48 -21.73 43.44
N VAL C 286 25.59 -22.36 43.09
CA VAL C 286 26.20 -22.19 41.77
C VAL C 286 26.15 -23.54 41.10
N ASN C 287 25.47 -23.61 39.95
CA ASN C 287 25.21 -24.89 39.31
C ASN C 287 26.48 -25.60 38.85
N GLN C 288 26.37 -26.91 38.66
CA GLN C 288 27.49 -27.71 38.20
C GLN C 288 27.75 -27.38 36.74
N ASN C 289 29.01 -27.14 36.40
CA ASN C 289 29.42 -26.85 35.02
C ASN C 289 28.68 -25.64 34.44
N SER C 290 28.58 -24.58 35.22
CA SER C 290 27.86 -23.38 34.80
C SER C 290 28.86 -22.25 34.58
N PRO C 291 28.49 -21.26 33.75
CA PRO C 291 29.35 -20.11 33.47
C PRO C 291 29.78 -19.41 34.75
N ALA C 292 28.89 -19.38 35.74
CA ALA C 292 29.20 -18.81 37.04
C ALA C 292 30.26 -19.65 37.76
N GLN C 293 30.14 -20.97 37.65
CA GLN C 293 31.10 -21.87 38.30
C GLN C 293 32.47 -21.75 37.65
N LEU C 294 32.48 -21.65 36.33
CA LEU C 294 33.73 -21.48 35.58
C LEU C 294 34.38 -20.17 35.97
N ALA C 295 33.56 -19.13 36.13
CA ALA C 295 34.05 -17.81 36.52
C ALA C 295 34.64 -17.82 37.94
N GLY C 296 34.29 -18.82 38.73
CA GLY C 296 34.85 -18.97 40.05
C GLY C 296 33.95 -18.49 41.17
N LEU C 297 32.68 -18.31 40.84
CA LEU C 297 31.68 -17.87 41.81
C LEU C 297 31.29 -19.06 42.70
N LYS C 298 31.10 -18.79 43.98
CA LYS C 298 30.84 -19.85 44.96
C LYS C 298 29.60 -19.55 45.79
N SER C 299 29.11 -20.56 46.50
CA SER C 299 28.03 -20.37 47.46
C SER C 299 28.53 -19.49 48.60
N GLY C 300 27.62 -18.73 49.21
CA GLY C 300 27.98 -17.87 50.32
C GLY C 300 28.48 -16.51 49.88
N ASP C 301 28.74 -16.38 48.58
CA ASP C 301 29.13 -15.09 48.04
C ASP C 301 27.92 -14.18 48.02
N VAL C 302 28.14 -12.88 48.14
CA VAL C 302 27.06 -11.92 48.10
C VAL C 302 27.22 -11.00 46.90
N ILE C 303 26.33 -11.12 45.92
CA ILE C 303 26.36 -10.21 44.78
C ILE C 303 26.02 -8.83 45.29
N VAL C 304 26.90 -7.87 45.03
CA VAL C 304 26.71 -6.52 45.55
C VAL C 304 26.47 -5.53 44.41
N GLN C 305 26.86 -5.92 43.20
CA GLN C 305 26.67 -5.09 42.03
C GLN C 305 26.91 -5.86 40.73
N ILE C 306 25.99 -5.74 39.79
CA ILE C 306 26.15 -6.35 38.48
C ILE C 306 26.25 -5.25 37.44
N ASN C 307 27.40 -5.17 36.76
CA ASN C 307 27.65 -4.13 35.78
C ASN C 307 27.52 -2.74 36.41
N ASP C 308 26.73 -1.88 35.78
CA ASP C 308 26.45 -0.56 36.33
C ASP C 308 25.43 -0.62 37.46
N THR C 309 24.53 -1.60 37.40
CA THR C 309 23.45 -1.70 38.37
C THR C 309 23.94 -2.17 39.73
N LYS C 310 23.54 -1.47 40.79
CA LYS C 310 23.93 -1.84 42.14
C LYS C 310 22.84 -2.71 42.74
N ILE C 311 23.24 -3.72 43.48
CA ILE C 311 22.27 -4.69 44.01
C ILE C 311 22.15 -4.62 45.51
N THR C 312 20.91 -4.40 45.97
CA THR C 312 20.64 -4.29 47.38
C THR C 312 19.76 -5.44 47.87
N GLN C 313 19.12 -6.14 46.93
CA GLN C 313 18.38 -7.35 47.28
C GLN C 313 18.32 -8.35 46.14
N ALA C 314 18.03 -9.60 46.50
CA ALA C 314 18.17 -10.74 45.60
C ALA C 314 17.32 -10.66 44.35
N THR C 315 16.11 -10.15 44.48
CA THR C 315 15.16 -10.13 43.36
C THR C 315 15.66 -9.28 42.20
N GLN C 316 16.61 -8.39 42.47
CA GLN C 316 17.16 -7.51 41.44
C GLN C 316 18.08 -8.23 40.46
N VAL C 317 18.65 -9.36 40.88
CA VAL C 317 19.59 -10.09 40.04
C VAL C 317 18.91 -10.61 38.78
N LYS C 318 17.76 -11.26 38.94
CA LYS C 318 17.05 -11.85 37.80
C LYS C 318 16.65 -10.81 36.77
N THR C 319 16.10 -9.69 37.22
CA THR C 319 15.64 -8.64 36.31
C THR C 319 16.81 -8.01 35.56
N THR C 320 17.93 -7.84 36.26
CA THR C 320 19.13 -7.26 35.64
C THR C 320 19.71 -8.16 34.56
N ILE C 321 19.78 -9.46 34.85
CA ILE C 321 20.29 -10.43 33.88
C ILE C 321 19.31 -10.58 32.71
N SER C 322 18.02 -10.44 33.00
CA SER C 322 16.97 -10.59 31.99
C SER C 322 17.12 -9.57 30.87
N LEU C 323 17.53 -8.36 31.25
CA LEU C 323 17.77 -7.30 30.27
C LEU C 323 18.99 -7.60 29.40
N LEU C 324 19.99 -8.25 29.99
CA LEU C 324 21.21 -8.61 29.26
C LEU C 324 20.93 -9.58 28.13
N ARG C 325 21.67 -9.43 27.04
CA ARG C 325 21.49 -10.29 25.88
C ARG C 325 22.50 -11.43 25.91
N ALA C 326 22.08 -12.59 25.42
CA ALA C 326 22.90 -13.80 25.49
C ALA C 326 24.19 -13.65 24.69
N GLY C 327 25.25 -14.30 25.18
CA GLY C 327 26.54 -14.24 24.54
C GLY C 327 27.35 -13.03 24.94
N SER C 328 26.87 -12.30 25.95
CA SER C 328 27.55 -11.10 26.43
C SER C 328 28.00 -11.28 27.87
N THR C 329 29.22 -10.84 28.16
CA THR C 329 29.80 -10.97 29.49
C THR C 329 29.16 -10.00 30.49
N ALA C 330 28.95 -10.48 31.71
CA ALA C 330 28.43 -9.64 32.78
C ALA C 330 29.46 -9.50 33.89
N LYS C 331 29.77 -8.26 34.26
CA LYS C 331 30.72 -7.99 35.34
C LYS C 331 30.02 -8.14 36.68
N ILE C 332 30.41 -9.14 37.46
CA ILE C 332 29.77 -9.42 38.74
C ILE C 332 30.67 -9.00 39.89
N LYS C 333 30.15 -8.16 40.77
CA LYS C 333 30.93 -7.65 41.89
C LYS C 333 30.41 -8.29 43.17
N ILE C 334 31.26 -9.05 43.85
CA ILE C 334 30.83 -9.81 45.03
C ILE C 334 31.65 -9.53 46.27
N LEU C 335 31.20 -10.09 47.39
CA LEU C 335 31.99 -10.15 48.60
C LEU C 335 32.04 -11.59 49.10
N ARG C 336 33.22 -12.20 49.03
CA ARG C 336 33.40 -13.55 49.54
C ARG C 336 33.99 -13.44 50.93
N ASP C 337 33.26 -13.95 51.91
CA ASP C 337 33.46 -13.56 53.31
C ASP C 337 33.36 -12.03 53.28
N ASN C 338 34.31 -11.31 53.84
CA ASN C 338 34.21 -9.86 53.72
C ASN C 338 35.22 -9.22 52.76
N LYS C 339 35.67 -10.00 51.78
CA LYS C 339 36.69 -9.53 50.85
C LYS C 339 36.08 -9.28 49.48
N PRO C 340 36.28 -8.07 48.94
CA PRO C 340 35.71 -7.68 47.65
C PRO C 340 36.37 -8.40 46.48
N LEU C 341 35.56 -8.84 45.53
CA LEU C 341 36.03 -9.48 44.31
C LEU C 341 35.17 -9.05 43.14
N THR C 342 35.72 -9.21 41.95
CA THR C 342 34.98 -8.95 40.72
C THR C 342 35.19 -10.11 39.77
N LEU C 343 34.10 -10.65 39.22
CA LEU C 343 34.18 -11.78 38.30
C LEU C 343 33.42 -11.42 37.03
N ASP C 344 33.93 -11.88 35.89
CA ASP C 344 33.25 -11.65 34.61
C ASP C 344 32.62 -12.96 34.14
N VAL C 345 31.29 -12.99 34.18
CA VAL C 345 30.56 -14.21 33.90
C VAL C 345 29.85 -14.12 32.55
N GLU C 346 30.00 -15.17 31.76
CA GLU C 346 29.33 -15.23 30.48
C GLU C 346 27.84 -15.48 30.69
N VAL C 347 27.00 -14.72 30.01
CA VAL C 347 25.56 -14.95 30.06
C VAL C 347 25.22 -15.81 28.86
N THR C 348 24.90 -17.07 29.10
CA THR C 348 24.88 -18.06 28.03
C THR C 348 23.47 -18.54 27.71
N ASP C 349 23.22 -18.76 26.42
CA ASP C 349 21.93 -19.23 25.93
C ASP C 349 21.54 -20.54 26.64
N ILE C 350 20.25 -20.69 26.89
CA ILE C 350 19.76 -21.87 27.61
C ILE C 350 19.90 -23.17 26.79
N LYS C 351 19.44 -23.13 25.54
CA LYS C 351 19.46 -24.30 24.66
C LYS C 351 20.88 -24.74 24.30
N LYS C 352 21.73 -23.75 24.02
CA LYS C 352 23.10 -23.98 23.56
C LYS C 352 24.01 -24.63 24.59
N HIS C 353 23.91 -24.19 25.83
CA HIS C 353 24.76 -24.70 26.88
C HIS C 353 24.37 -26.14 27.22
N GLU C 354 23.15 -26.54 26.87
CA GLU C 354 22.61 -27.85 27.21
C GLU C 354 23.12 -28.84 26.17
N GLN C 355 23.77 -28.30 25.15
CA GLN C 355 24.35 -29.08 24.08
C GLN C 355 25.81 -29.32 24.42
N LYS C 356 26.43 -28.29 25.00
CA LYS C 356 27.79 -28.40 25.50
C LYS C 356 27.90 -29.42 26.64
N LEU C 357 26.88 -29.48 27.48
CA LEU C 357 26.89 -30.45 28.59
C LEU C 357 26.65 -31.88 28.13
N GLN C 358 25.78 -32.05 27.14
CA GLN C 358 25.54 -33.36 26.55
C GLN C 358 26.78 -33.85 25.81
N SER C 359 27.48 -32.93 25.16
CA SER C 359 28.69 -33.29 24.43
C SER C 359 29.71 -33.85 25.40
N ASN C 360 29.79 -33.23 26.58
CA ASN C 360 30.72 -33.65 27.61
C ASN C 360 30.42 -35.07 28.10
N ASN C 361 29.16 -35.33 28.43
CA ASN C 361 28.74 -36.67 28.86
C ASN C 361 27.46 -37.08 28.13
N PRO C 362 27.59 -37.85 27.05
CA PRO C 362 26.47 -38.18 26.16
C PRO C 362 25.52 -39.17 26.77
N PHE C 363 26.07 -40.20 27.41
CA PHE C 363 25.29 -41.32 27.88
C PHE C 363 24.53 -41.06 29.18
N LEU C 364 25.18 -40.42 30.14
CA LEU C 364 24.58 -40.26 31.47
C LEU C 364 23.93 -38.91 31.73
N TYR C 365 23.85 -38.05 30.72
CA TYR C 365 23.23 -36.74 30.89
C TYR C 365 21.74 -36.89 31.18
N GLY C 366 21.22 -36.07 32.08
CA GLY C 366 19.80 -36.04 32.37
C GLY C 366 19.34 -37.14 33.29
N LEU C 367 20.27 -37.79 33.98
CA LEU C 367 19.93 -38.90 34.84
C LEU C 367 20.28 -38.61 36.30
N ALA C 368 19.38 -39.00 37.20
CA ALA C 368 19.64 -38.91 38.63
C ALA C 368 19.93 -40.32 39.14
N LEU C 369 21.15 -40.52 39.66
CA LEU C 369 21.60 -41.85 40.02
C LEU C 369 21.96 -41.96 41.49
N ARG C 370 21.53 -43.05 42.12
CA ARG C 370 21.88 -43.34 43.50
C ARG C 370 22.49 -44.72 43.57
N ASN C 371 23.55 -44.86 44.36
CA ASN C 371 24.13 -46.17 44.61
C ASN C 371 23.12 -47.08 45.28
N PHE C 372 23.04 -48.33 44.84
CA PHE C 372 21.98 -49.22 45.25
C PHE C 372 22.49 -50.58 45.70
N GLU C 373 22.10 -50.98 46.90
CA GLU C 373 22.40 -52.31 47.42
C GLU C 373 21.17 -52.83 48.15
N GLN C 374 20.71 -54.01 47.75
CA GLN C 374 19.48 -54.58 48.30
C GLN C 374 19.44 -56.07 48.01
N GLU C 375 18.72 -56.82 48.85
CA GLU C 375 18.50 -58.24 48.58
C GLU C 375 17.04 -58.43 48.15
N SER C 376 16.82 -58.44 46.85
CA SER C 376 15.47 -58.51 46.31
C SER C 376 15.30 -59.77 45.45
N PRO C 377 14.46 -60.71 45.90
CA PRO C 377 14.11 -61.89 45.09
C PRO C 377 13.34 -61.45 43.85
N PRO C 378 13.56 -62.12 42.71
CA PRO C 378 14.40 -63.31 42.55
C PRO C 378 15.83 -62.99 42.15
N HIS C 379 16.21 -61.72 42.17
CA HIS C 379 17.55 -61.31 41.75
C HIS C 379 18.65 -61.76 42.70
N GLY C 380 18.32 -61.96 43.98
CA GLY C 380 19.33 -62.24 44.97
C GLY C 380 19.98 -60.93 45.39
N ASN C 381 21.24 -60.98 45.76
CA ASN C 381 21.99 -59.77 46.09
C ASN C 381 22.14 -58.83 44.90
N VAL C 382 21.59 -57.62 45.03
CA VAL C 382 21.66 -56.62 43.96
C VAL C 382 22.58 -55.46 44.31
N VAL C 383 23.62 -55.27 43.50
CA VAL C 383 24.48 -54.10 43.64
C VAL C 383 24.65 -53.39 42.30
N GLY C 384 24.37 -52.10 42.28
CA GLY C 384 24.46 -51.30 41.07
C GLY C 384 23.99 -49.89 41.34
N VAL C 385 23.80 -49.10 40.29
CA VAL C 385 23.26 -47.76 40.46
C VAL C 385 21.79 -47.72 40.05
N GLN C 386 20.98 -46.99 40.83
CA GLN C 386 19.56 -46.92 40.59
C GLN C 386 19.21 -45.59 39.93
N VAL C 387 18.29 -45.63 38.98
CA VAL C 387 17.88 -44.41 38.30
C VAL C 387 16.78 -43.76 39.13
N VAL C 388 17.17 -42.80 39.96
CA VAL C 388 16.21 -42.08 40.79
C VAL C 388 15.28 -41.26 39.91
N GLY C 389 15.85 -40.61 38.89
CA GLY C 389 15.05 -39.83 37.97
C GLY C 389 15.70 -39.76 36.60
N ALA C 390 14.88 -39.60 35.58
CA ALA C 390 15.39 -39.48 34.22
C ALA C 390 14.73 -38.30 33.52
N SER C 391 15.48 -37.68 32.61
CA SER C 391 14.97 -36.54 31.86
C SER C 391 14.43 -37.05 30.53
N GLU C 392 13.24 -36.61 30.17
CA GLU C 392 12.60 -37.07 28.94
C GLU C 392 13.42 -36.71 27.70
N THR C 393 14.30 -35.73 27.83
CA THR C 393 15.19 -35.33 26.74
C THR C 393 16.50 -36.12 26.77
N SER C 394 16.69 -36.91 27.82
CA SER C 394 17.95 -37.61 28.03
C SER C 394 18.15 -38.75 27.05
N ALA C 395 19.41 -39.07 26.78
CA ALA C 395 19.76 -40.18 25.92
C ALA C 395 19.30 -41.51 26.51
N GLY C 396 19.32 -41.58 27.85
CA GLY C 396 18.87 -42.76 28.54
C GLY C 396 17.39 -43.02 28.35
N TRP C 397 16.57 -41.97 28.50
CA TRP C 397 15.12 -42.12 28.38
C TRP C 397 14.75 -42.58 26.97
N ARG C 398 15.42 -42.00 25.97
CA ARG C 398 15.18 -42.37 24.58
C ARG C 398 15.53 -43.83 24.35
N ALA C 399 16.55 -44.29 25.05
CA ALA C 399 17.01 -45.67 24.93
C ALA C 399 16.04 -46.64 25.60
N GLY C 400 15.10 -46.10 26.36
CA GLY C 400 14.12 -46.92 27.07
C GLY C 400 14.41 -47.09 28.55
N LEU C 401 15.42 -46.38 29.03
CA LEU C 401 15.74 -46.39 30.46
C LEU C 401 14.66 -45.64 31.24
N ARG C 402 14.28 -46.19 32.38
CA ARG C 402 13.20 -45.62 33.19
C ARG C 402 13.66 -45.42 34.63
N PRO C 403 13.03 -44.49 35.34
CA PRO C 403 13.39 -44.34 36.76
C PRO C 403 13.01 -45.59 37.55
N GLY C 404 13.79 -45.92 38.56
CA GLY C 404 13.56 -47.10 39.37
C GLY C 404 14.34 -48.30 38.86
N ASP C 405 14.89 -48.18 37.67
CA ASP C 405 15.70 -49.25 37.09
C ASP C 405 17.03 -49.32 37.82
N ILE C 406 17.58 -50.52 37.93
CA ILE C 406 18.88 -50.67 38.56
C ILE C 406 19.89 -51.16 37.54
N ILE C 407 20.95 -50.38 37.33
CA ILE C 407 21.96 -50.72 36.34
C ILE C 407 23.04 -51.56 37.00
N ILE C 408 23.16 -52.80 36.53
CA ILE C 408 24.11 -53.75 37.10
C ILE C 408 25.29 -54.00 36.17
N SER C 409 25.13 -53.68 34.88
CA SER C 409 26.19 -53.86 33.91
C SER C 409 26.21 -52.76 32.85
N ALA C 410 27.41 -52.40 32.41
CA ALA C 410 27.59 -51.47 31.31
C ALA C 410 28.70 -51.98 30.41
N ASN C 411 28.38 -52.18 29.13
CA ASN C 411 29.33 -52.72 28.16
C ASN C 411 29.91 -54.05 28.64
N LYS C 412 29.02 -54.91 29.15
CA LYS C 412 29.39 -56.24 29.66
C LYS C 412 30.31 -56.17 30.88
N THR C 413 30.41 -54.99 31.48
CA THR C 413 31.24 -54.81 32.67
C THR C 413 30.34 -54.55 33.86
N PRO C 414 30.54 -55.32 34.94
CA PRO C 414 29.72 -55.18 36.15
C PRO C 414 29.82 -53.77 36.73
N VAL C 415 28.68 -53.22 37.15
CA VAL C 415 28.63 -51.88 37.71
C VAL C 415 28.17 -51.98 39.15
N LYS C 416 29.02 -51.61 40.09
CA LYS C 416 28.69 -51.70 41.51
C LYS C 416 28.45 -50.34 42.14
N ASP C 417 28.84 -49.29 41.43
CA ASP C 417 28.72 -47.92 41.94
C ASP C 417 28.65 -46.91 40.80
N ILE C 418 28.29 -45.67 41.13
CA ILE C 418 28.18 -44.62 40.13
C ILE C 418 29.52 -44.32 39.44
N LYS C 419 30.59 -44.28 40.24
CA LYS C 419 31.92 -43.96 39.73
C LYS C 419 32.37 -44.98 38.68
N SER C 420 32.03 -46.25 38.89
CA SER C 420 32.34 -47.29 37.93
C SER C 420 31.53 -47.11 36.65
N LEU C 421 30.27 -46.71 36.81
CA LEU C 421 29.39 -46.46 35.68
C LEU C 421 29.90 -45.28 34.85
N GLN C 422 30.33 -44.23 35.53
CA GLN C 422 30.84 -43.04 34.85
C GLN C 422 32.12 -43.33 34.09
N ALA C 423 32.91 -44.27 34.59
CA ALA C 423 34.15 -44.67 33.94
C ALA C 423 33.87 -45.36 32.61
N VAL C 424 32.96 -46.33 32.63
CA VAL C 424 32.60 -47.07 31.42
C VAL C 424 31.95 -46.13 30.40
N ALA C 425 31.17 -45.18 30.89
CA ALA C 425 30.52 -44.20 30.03
C ALA C 425 31.53 -43.26 29.37
N HIS C 426 32.64 -43.03 30.07
CA HIS C 426 33.65 -42.08 29.62
C HIS C 426 34.32 -42.49 28.31
N GLU C 427 34.66 -43.76 28.18
CA GLU C 427 35.19 -44.25 26.90
C GLU C 427 34.10 -44.12 25.85
N LYS C 428 34.45 -43.55 24.71
CA LYS C 428 33.44 -43.12 23.75
C LYS C 428 33.22 -44.13 22.64
N GLY C 429 31.96 -44.52 22.48
CA GLY C 429 31.52 -45.34 21.37
C GLY C 429 30.25 -44.69 20.88
N LYS C 430 29.75 -45.11 19.73
CA LYS C 430 28.47 -44.59 19.26
C LYS C 430 27.40 -44.91 20.30
N GLN C 431 27.53 -46.06 20.97
CA GLN C 431 26.57 -46.46 21.98
C GLN C 431 27.19 -47.06 23.26
N LEU C 432 26.48 -46.87 24.38
CA LEU C 432 26.76 -47.55 25.62
C LEU C 432 25.67 -48.58 25.91
N LEU C 433 26.05 -49.82 26.15
CA LEU C 433 25.09 -50.89 26.42
C LEU C 433 24.98 -51.15 27.92
N VAL C 434 23.76 -51.11 28.45
CA VAL C 434 23.55 -51.33 29.87
C VAL C 434 22.57 -52.46 30.14
N GLN C 435 22.75 -53.11 31.29
CA GLN C 435 21.83 -54.15 31.72
C GLN C 435 21.13 -53.67 32.99
N VAL C 436 19.80 -53.61 32.95
CA VAL C 436 19.05 -53.03 34.05
C VAL C 436 18.07 -54.01 34.67
N LEU C 437 17.74 -53.77 35.93
CA LEU C 437 16.72 -54.55 36.63
C LEU C 437 15.43 -53.74 36.72
N ARG C 438 14.37 -54.27 36.12
CA ARG C 438 13.07 -53.63 36.16
C ARG C 438 12.06 -54.50 36.90
N GLY C 439 11.80 -54.16 38.15
CA GLY C 439 10.98 -54.99 39.01
C GLY C 439 11.62 -56.36 39.18
N ALA C 440 10.82 -57.41 39.04
CA ALA C 440 11.34 -58.78 39.08
C ALA C 440 12.17 -59.11 37.83
N GLY C 441 11.82 -58.47 36.71
CA GLY C 441 12.48 -58.69 35.45
C GLY C 441 13.78 -57.92 35.24
N ALA C 442 14.50 -58.27 34.18
CA ALA C 442 15.67 -57.52 33.78
C ALA C 442 15.63 -57.21 32.28
N LEU C 443 16.32 -56.16 31.88
CA LEU C 443 16.31 -55.71 30.50
C LEU C 443 17.69 -55.29 30.01
N TYR C 444 17.92 -55.41 28.70
CA TYR C 444 19.13 -54.89 28.09
C TYR C 444 18.77 -53.65 27.27
N LEU C 445 19.49 -52.56 27.51
CA LEU C 445 19.18 -51.29 26.87
C LEU C 445 20.41 -50.75 26.17
N LEU C 446 20.20 -50.01 25.09
CA LEU C 446 21.31 -49.50 24.30
C LEU C 446 21.24 -47.99 24.18
N ILE C 447 22.11 -47.29 24.88
CA ILE C 447 22.09 -45.83 24.88
C ILE C 447 22.90 -45.27 23.72
N ILE C 448 22.18 -44.78 22.71
CA ILE C 448 22.82 -44.26 21.50
C ILE C 448 22.78 -42.75 21.49
N MET D 19 -17.41 -10.26 -36.90
CA MET D 19 -16.21 -9.56 -36.44
C MET D 19 -16.25 -8.07 -36.75
N PRO D 20 -15.71 -7.25 -35.84
CA PRO D 20 -15.58 -5.79 -35.97
C PRO D 20 -14.49 -5.46 -36.99
N SER D 21 -14.86 -5.21 -38.25
CA SER D 21 -13.85 -4.98 -39.28
C SER D 21 -14.23 -3.87 -40.28
N LEU D 22 -13.22 -3.38 -40.99
CA LEU D 22 -13.42 -2.37 -42.02
C LEU D 22 -13.46 -3.02 -43.39
N ALA D 23 -13.44 -4.35 -43.42
CA ALA D 23 -13.44 -5.10 -44.67
C ALA D 23 -14.68 -4.90 -45.55
N PRO D 24 -15.89 -4.96 -44.97
CA PRO D 24 -17.07 -4.78 -45.83
C PRO D 24 -17.10 -3.40 -46.48
N VAL D 25 -16.85 -2.36 -45.69
CA VAL D 25 -16.88 -0.99 -46.18
C VAL D 25 -15.79 -0.69 -47.21
N LEU D 26 -14.59 -1.19 -46.98
CA LEU D 26 -13.50 -0.95 -47.92
C LEU D 26 -13.73 -1.70 -49.24
N LYS D 27 -14.51 -2.77 -49.21
CA LYS D 27 -14.86 -3.51 -50.42
C LYS D 27 -15.59 -2.61 -51.41
N ASN D 28 -16.40 -1.70 -50.88
CA ASN D 28 -17.24 -0.87 -51.71
C ASN D 28 -16.56 0.44 -52.04
N ALA D 29 -15.30 0.55 -51.64
CA ALA D 29 -14.55 1.78 -51.83
C ALA D 29 -13.35 1.59 -52.75
N MET D 30 -12.76 0.39 -52.74
CA MET D 30 -11.54 0.12 -53.50
C MET D 30 -11.64 0.29 -55.02
N PRO D 31 -12.78 -0.10 -55.63
CA PRO D 31 -12.87 0.12 -57.09
C PRO D 31 -12.74 1.59 -57.48
N ALA D 32 -13.23 2.48 -56.63
CA ALA D 32 -13.21 3.91 -56.92
C ALA D 32 -11.80 4.48 -56.97
N ILE D 33 -10.88 3.85 -56.24
CA ILE D 33 -9.49 4.30 -56.23
C ILE D 33 -8.74 3.66 -57.39
N VAL D 34 -8.01 4.49 -58.14
CA VAL D 34 -7.29 4.01 -59.31
C VAL D 34 -5.82 4.36 -59.22
N ASN D 35 -5.09 4.00 -60.26
CA ASN D 35 -3.66 4.25 -60.34
C ASN D 35 -3.36 5.25 -61.45
N VAL D 36 -2.56 6.28 -61.17
CA VAL D 36 -2.14 7.18 -62.23
C VAL D 36 -0.65 7.10 -62.51
N ALA D 37 -0.30 6.91 -63.78
CA ALA D 37 1.08 6.83 -64.21
C ALA D 37 1.39 7.97 -65.18
N VAL D 38 2.55 8.57 -65.02
CA VAL D 38 2.88 9.80 -65.72
C VAL D 38 4.24 9.70 -66.42
N GLN D 39 4.32 10.22 -67.64
CA GLN D 39 5.59 10.28 -68.36
C GLN D 39 5.85 11.68 -68.91
N GLY D 40 6.95 12.28 -68.48
CA GLY D 40 7.30 13.65 -68.87
C GLY D 40 8.78 13.83 -69.13
N TYR D 41 9.18 15.04 -69.50
CA TYR D 41 10.60 15.38 -69.68
C TYR D 41 11.11 16.38 -68.64
N PHE D 72 11.86 10.83 -66.69
CA PHE D 72 10.85 11.38 -65.77
C PHE D 72 9.58 10.54 -65.82
N GLU D 73 9.41 9.68 -64.82
CA GLU D 73 8.17 8.96 -64.63
C GLU D 73 7.67 9.14 -63.19
N SER D 74 6.46 9.67 -63.05
CA SER D 74 5.88 9.91 -61.73
C SER D 74 4.68 9.02 -61.53
N ILE D 75 4.50 8.53 -60.31
CA ILE D 75 3.34 7.69 -60.00
C ILE D 75 2.52 8.25 -58.84
N GLY D 76 1.23 7.96 -58.86
CA GLY D 76 0.30 8.48 -57.87
C GLY D 76 -1.00 7.71 -57.86
N SER D 77 -2.03 8.29 -57.26
CA SER D 77 -3.34 7.65 -57.19
C SER D 77 -4.44 8.62 -57.63
N GLY D 78 -5.64 8.08 -57.84
CA GLY D 78 -6.78 8.91 -58.19
C GLY D 78 -8.08 8.38 -57.61
N VAL D 79 -9.09 9.23 -57.55
CA VAL D 79 -10.42 8.81 -57.10
C VAL D 79 -11.44 9.14 -58.18
N ILE D 80 -12.39 8.24 -58.37
CA ILE D 80 -13.41 8.42 -59.40
C ILE D 80 -14.64 9.10 -58.83
N ILE D 81 -14.83 10.37 -59.18
CA ILE D 81 -15.97 11.15 -58.71
C ILE D 81 -17.25 10.82 -59.47
N ASP D 82 -17.20 10.94 -60.79
CA ASP D 82 -18.36 10.66 -61.64
C ASP D 82 -18.09 9.54 -62.64
N PRO D 83 -18.59 8.34 -62.35
CA PRO D 83 -18.41 7.15 -63.19
C PRO D 83 -19.16 7.27 -64.51
N LYS D 84 -20.19 8.10 -64.53
CA LYS D 84 -21.00 8.31 -65.72
C LYS D 84 -20.15 8.92 -66.82
N ASN D 85 -19.55 10.06 -66.54
CA ASN D 85 -18.73 10.77 -67.52
C ASN D 85 -17.29 10.28 -67.45
N GLY D 86 -17.03 9.37 -66.52
CA GLY D 86 -15.71 8.81 -66.33
C GLY D 86 -14.66 9.86 -66.00
N ILE D 87 -14.92 10.67 -64.98
CA ILE D 87 -13.96 11.67 -64.57
C ILE D 87 -13.35 11.36 -63.20
N ILE D 88 -12.02 11.47 -63.12
CA ILE D 88 -11.31 11.16 -61.89
C ILE D 88 -10.60 12.39 -61.37
N ILE D 89 -10.26 12.38 -60.08
CA ILE D 89 -9.60 13.52 -59.46
C ILE D 89 -8.27 13.10 -58.83
N THR D 90 -7.30 14.01 -58.83
CA THR D 90 -5.98 13.73 -58.28
C THR D 90 -5.21 15.01 -57.97
N ASN D 91 -3.99 14.87 -57.47
CA ASN D 91 -3.16 16.04 -57.20
C ASN D 91 -2.55 16.62 -58.47
N ASP D 92 -2.43 17.94 -58.50
CA ASP D 92 -1.88 18.65 -59.66
C ASP D 92 -0.41 18.28 -59.86
N HIS D 93 0.32 18.12 -58.77
CA HIS D 93 1.77 17.88 -58.84
C HIS D 93 2.10 16.50 -59.40
N VAL D 94 1.12 15.62 -59.45
CA VAL D 94 1.32 14.28 -60.00
C VAL D 94 1.42 14.35 -61.52
N ILE D 95 0.51 15.12 -62.11
CA ILE D 95 0.43 15.25 -63.56
C ILE D 95 1.13 16.48 -64.13
N ARG D 96 1.86 17.20 -63.28
CA ARG D 96 2.64 18.36 -63.74
C ARG D 96 3.65 17.97 -64.81
N ASN D 97 3.69 18.77 -65.89
CA ASN D 97 4.65 18.59 -66.97
C ASN D 97 4.62 17.18 -67.54
N ALA D 98 3.43 16.73 -67.91
CA ALA D 98 3.22 15.33 -68.29
C ALA D 98 2.82 15.19 -69.74
N ASN D 99 3.61 14.44 -70.50
CA ASN D 99 3.29 14.13 -71.88
C ASN D 99 2.14 13.13 -71.98
N LEU D 100 2.32 11.98 -71.36
CA LEU D 100 1.32 10.91 -71.39
C LEU D 100 0.96 10.44 -69.98
N ILE D 101 -0.33 10.50 -69.64
CA ILE D 101 -0.80 9.97 -68.36
C ILE D 101 -1.72 8.75 -68.49
N THR D 102 -1.35 7.67 -67.81
CA THR D 102 -2.06 6.39 -67.93
C THR D 102 -2.77 6.00 -66.63
N VAL D 103 -4.03 5.60 -66.74
CA VAL D 103 -4.81 5.22 -65.57
C VAL D 103 -5.16 3.73 -65.55
N THR D 104 -4.83 3.05 -64.46
CA THR D 104 -5.18 1.63 -64.33
C THR D 104 -6.14 1.36 -63.17
N LEU D 105 -7.25 0.71 -63.48
CA LEU D 105 -8.30 0.41 -62.50
C LEU D 105 -8.09 -0.92 -61.80
N GLN D 106 -8.90 -1.19 -60.80
CA GLN D 106 -8.90 -2.50 -60.13
C GLN D 106 -9.38 -3.59 -61.08
N ASP D 107 -10.06 -3.19 -62.14
CA ASP D 107 -10.47 -4.09 -63.21
C ASP D 107 -9.25 -4.70 -63.87
N GLY D 108 -8.14 -3.95 -63.83
CA GLY D 108 -6.91 -4.34 -64.48
C GLY D 108 -6.76 -3.63 -65.81
N ARG D 109 -7.76 -2.85 -66.18
CA ARG D 109 -7.72 -2.09 -67.42
C ARG D 109 -6.75 -0.93 -67.32
N ARG D 110 -6.00 -0.70 -68.40
CA ARG D 110 -5.11 0.45 -68.48
C ARG D 110 -5.69 1.42 -69.50
N LEU D 111 -5.83 2.68 -69.13
CA LEU D 111 -6.52 3.64 -69.96
C LEU D 111 -5.76 4.97 -70.10
N LYS D 112 -5.75 5.52 -71.31
CA LYS D 112 -5.17 6.83 -71.55
C LYS D 112 -6.09 7.88 -70.94
N ALA D 113 -5.49 8.84 -70.24
CA ALA D 113 -6.28 9.84 -69.53
C ALA D 113 -6.09 11.21 -70.15
N ARG D 114 -7.15 12.00 -70.16
CA ARG D 114 -7.10 13.33 -70.75
C ARG D 114 -7.29 14.37 -69.65
N LEU D 115 -6.47 15.41 -69.69
CA LEU D 115 -6.42 16.41 -68.62
C LEU D 115 -7.41 17.53 -68.89
N ILE D 116 -8.51 17.55 -68.13
CA ILE D 116 -9.49 18.63 -68.22
C ILE D 116 -8.92 19.95 -67.71
N GLY D 117 -8.41 19.94 -66.49
CA GLY D 117 -7.82 21.13 -65.90
C GLY D 117 -7.08 20.82 -64.62
N GLY D 118 -6.25 21.77 -64.18
CA GLY D 118 -5.49 21.61 -62.94
C GLY D 118 -5.28 22.94 -62.25
N ASP D 119 -5.14 22.88 -60.93
CA ASP D 119 -4.99 24.08 -60.12
C ASP D 119 -3.79 23.97 -59.20
N SER D 120 -2.75 24.74 -59.50
CA SER D 120 -1.53 24.72 -58.71
C SER D 120 -1.76 25.20 -57.28
N GLU D 121 -2.71 26.11 -57.11
CA GLU D 121 -2.97 26.72 -55.80
C GLU D 121 -3.47 25.75 -54.75
N THR D 122 -4.42 24.89 -55.12
CA THR D 122 -4.98 23.91 -54.19
C THR D 122 -4.45 22.51 -54.48
N ASP D 123 -3.53 22.43 -55.43
CA ASP D 123 -2.91 21.16 -55.84
C ASP D 123 -3.95 20.10 -56.22
N LEU D 124 -4.92 20.50 -57.02
CA LEU D 124 -5.96 19.58 -57.50
C LEU D 124 -5.99 19.53 -59.02
N ALA D 125 -6.47 18.41 -59.55
CA ALA D 125 -6.58 18.25 -61.00
C ALA D 125 -7.68 17.26 -61.36
N VAL D 126 -8.30 17.49 -62.51
CA VAL D 126 -9.40 16.64 -62.95
C VAL D 126 -9.03 15.95 -64.25
N LEU D 127 -9.28 14.64 -64.32
CA LEU D 127 -8.96 13.87 -65.51
C LEU D 127 -10.23 13.23 -66.04
N LYS D 128 -10.31 13.06 -67.35
CA LYS D 128 -11.44 12.38 -67.95
C LYS D 128 -10.95 11.10 -68.60
N ILE D 129 -11.61 10.00 -68.28
CA ILE D 129 -11.25 8.72 -68.83
C ILE D 129 -12.37 8.23 -69.75
N ASP D 130 -12.01 7.84 -70.97
CA ASP D 130 -13.01 7.45 -71.96
C ASP D 130 -13.36 5.97 -71.82
N ALA D 131 -13.98 5.62 -70.71
CA ALA D 131 -14.32 4.22 -70.42
C ALA D 131 -15.69 4.08 -69.77
N LYS D 132 -16.22 2.86 -69.83
CA LYS D 132 -17.53 2.57 -69.26
C LYS D 132 -17.41 1.42 -68.26
N ASN D 133 -18.46 1.20 -67.48
CA ASN D 133 -18.49 0.18 -66.44
C ASN D 133 -17.59 0.52 -65.24
N LEU D 134 -17.27 1.80 -65.11
CA LEU D 134 -16.50 2.30 -63.97
C LEU D 134 -17.32 2.25 -62.69
N LYS D 135 -16.64 2.04 -61.57
CA LYS D 135 -17.29 2.08 -60.26
C LYS D 135 -16.76 3.25 -59.45
N SER D 136 -17.58 3.75 -58.54
CA SER D 136 -17.22 4.92 -57.74
C SER D 136 -17.67 4.72 -56.30
N LEU D 137 -17.40 5.71 -55.47
CA LEU D 137 -17.78 5.66 -54.07
C LEU D 137 -18.65 6.87 -53.71
N VAL D 138 -19.49 6.71 -52.70
CA VAL D 138 -20.30 7.81 -52.18
C VAL D 138 -19.44 8.95 -51.62
N ILE D 139 -19.72 10.17 -52.05
CA ILE D 139 -18.98 11.34 -51.59
C ILE D 139 -19.61 11.81 -50.27
N GLY D 140 -18.79 12.40 -49.39
CA GLY D 140 -19.26 12.74 -48.05
C GLY D 140 -19.05 14.19 -47.68
N ASP D 141 -19.34 14.52 -46.43
CA ASP D 141 -19.22 15.90 -45.96
C ASP D 141 -18.02 16.07 -45.04
N SER D 142 -16.99 16.75 -45.54
CA SER D 142 -15.80 17.02 -44.74
C SER D 142 -16.13 17.97 -43.60
N ASP D 143 -17.15 18.79 -43.78
CA ASP D 143 -17.56 19.74 -42.75
C ASP D 143 -18.17 19.05 -41.53
N LYS D 144 -18.54 17.79 -41.69
CA LYS D 144 -19.10 17.02 -40.60
C LYS D 144 -18.02 16.26 -39.83
N LEU D 145 -16.78 16.35 -40.30
CA LEU D 145 -15.67 15.65 -39.68
C LEU D 145 -15.32 16.20 -38.31
N GLU D 146 -14.94 15.30 -37.40
CA GLU D 146 -14.46 15.67 -36.08
C GLU D 146 -13.16 14.95 -35.79
N VAL D 147 -12.28 15.58 -35.00
CA VAL D 147 -11.03 14.96 -34.61
C VAL D 147 -11.29 13.70 -33.79
N GLY D 148 -10.63 12.62 -34.17
CA GLY D 148 -10.84 11.32 -33.53
C GLY D 148 -11.71 10.36 -34.32
N ASP D 149 -12.28 10.84 -35.42
CA ASP D 149 -13.03 9.97 -36.33
C ASP D 149 -12.07 9.03 -37.04
N TYR D 150 -12.44 7.76 -37.15
CA TYR D 150 -11.58 6.81 -37.83
C TYR D 150 -11.64 7.04 -39.33
N VAL D 151 -10.48 6.98 -39.97
CA VAL D 151 -10.39 7.17 -41.42
C VAL D 151 -9.40 6.19 -42.04
N VAL D 152 -9.59 5.91 -43.32
CA VAL D 152 -8.70 5.03 -44.06
C VAL D 152 -8.18 5.75 -45.29
N ALA D 153 -6.90 5.59 -45.57
CA ALA D 153 -6.29 6.21 -46.73
C ALA D 153 -6.01 5.14 -47.77
N ILE D 154 -6.61 5.29 -48.94
CA ILE D 154 -6.45 4.31 -50.02
C ILE D 154 -5.66 4.88 -51.18
N GLY D 155 -4.55 4.23 -51.50
CA GLY D 155 -3.69 4.68 -52.57
C GLY D 155 -2.63 3.65 -52.89
N ASN D 156 -1.76 3.97 -53.85
CA ASN D 156 -0.66 3.09 -54.18
C ASN D 156 0.69 3.67 -53.75
N PRO D 157 1.09 3.40 -52.50
CA PRO D 157 2.37 3.90 -52.01
C PRO D 157 3.51 3.01 -52.49
N PHE D 158 4.53 3.64 -53.06
CA PHE D 158 5.73 2.94 -53.53
C PHE D 158 5.46 2.07 -54.75
N GLY D 159 4.28 2.24 -55.35
CA GLY D 159 3.96 1.54 -56.58
C GLY D 159 3.74 0.05 -56.40
N LEU D 160 3.29 -0.34 -55.21
CA LEU D 160 3.21 -1.75 -54.84
C LEU D 160 2.28 -2.62 -55.70
N ASN D 161 1.15 -2.10 -56.13
CA ASN D 161 0.27 -2.88 -57.01
C ASN D 161 0.50 -2.66 -58.50
N SER D 162 1.26 -3.57 -59.10
CA SER D 162 1.64 -3.48 -60.50
C SER D 162 0.43 -3.59 -61.42
N PHE D 163 -0.51 -4.45 -61.03
CA PHE D 163 -1.64 -4.80 -61.88
C PHE D 163 -2.91 -4.06 -61.49
N GLY D 164 -2.83 -3.24 -60.45
CA GLY D 164 -3.91 -2.33 -60.09
C GLY D 164 -5.01 -2.91 -59.22
N ASN D 165 -4.99 -4.22 -59.01
CA ASN D 165 -6.07 -4.89 -58.29
C ASN D 165 -5.95 -4.84 -56.77
N SER D 166 -4.85 -4.27 -56.28
CA SER D 166 -4.60 -4.27 -54.84
C SER D 166 -4.05 -2.94 -54.32
N GLN D 167 -4.93 -1.96 -54.16
CA GLN D 167 -4.54 -0.68 -53.56
C GLN D 167 -4.14 -0.92 -52.11
N SER D 168 -3.42 0.01 -51.51
CA SER D 168 -3.02 -0.16 -50.11
C SER D 168 -3.90 0.68 -49.19
N ALA D 169 -4.45 0.04 -48.17
CA ALA D 169 -5.30 0.72 -47.21
C ALA D 169 -4.51 0.94 -45.92
N THR D 170 -4.60 2.16 -45.39
CA THR D 170 -3.92 2.49 -44.14
C THR D 170 -4.91 3.12 -43.18
N PHE D 171 -4.79 2.76 -41.90
CA PHE D 171 -5.80 3.09 -40.92
C PHE D 171 -5.30 4.10 -39.89
N GLY D 172 -6.15 5.08 -39.57
CA GLY D 172 -5.82 6.10 -38.60
C GLY D 172 -7.03 6.92 -38.19
N ILE D 173 -6.85 7.80 -37.23
CA ILE D 173 -7.87 8.78 -36.89
C ILE D 173 -7.64 10.12 -37.57
N VAL D 174 -8.56 11.06 -37.35
CA VAL D 174 -8.38 12.43 -37.81
C VAL D 174 -7.62 13.20 -36.74
N SER D 175 -6.38 13.57 -37.05
CA SER D 175 -5.52 14.26 -36.10
C SER D 175 -5.94 15.71 -35.85
N ALA D 176 -6.32 16.41 -36.91
CA ALA D 176 -6.73 17.80 -36.81
C ALA D 176 -7.49 18.25 -38.05
N LEU D 177 -8.12 19.41 -37.97
CA LEU D 177 -8.90 19.95 -39.07
C LEU D 177 -8.51 21.40 -39.34
N LYS D 178 -8.72 21.83 -40.58
CA LYS D 178 -8.48 23.23 -40.98
C LYS D 178 -7.04 23.70 -40.81
N ARG D 179 -6.08 22.83 -41.13
CA ARG D 179 -4.67 23.18 -41.07
C ARG D 179 -4.31 24.24 -42.10
N SER D 180 -3.53 25.23 -41.68
CA SER D 180 -3.09 26.31 -42.56
C SER D 180 -1.69 26.75 -42.13
N ASP D 181 -1.10 27.68 -42.88
CA ASP D 181 0.22 28.24 -42.58
C ASP D 181 1.36 27.25 -42.77
N LEU D 182 1.04 26.07 -43.28
CA LEU D 182 2.03 25.05 -43.58
C LEU D 182 2.98 25.52 -44.69
N ASN D 183 2.43 26.35 -45.58
CA ASN D 183 3.15 26.87 -46.74
C ASN D 183 3.57 25.78 -47.72
N ILE D 184 2.82 24.67 -47.73
CA ILE D 184 2.97 23.62 -48.72
C ILE D 184 2.29 24.00 -50.02
N GLU D 185 1.10 24.58 -49.91
CA GLU D 185 0.31 24.98 -51.07
C GLU D 185 -0.12 26.43 -50.95
N GLY D 186 -0.57 27.03 -52.05
CA GLY D 186 -1.06 28.39 -52.01
C GLY D 186 -2.32 28.51 -51.18
N VAL D 187 -3.22 27.54 -51.33
CA VAL D 187 -4.45 27.53 -50.56
C VAL D 187 -4.55 26.26 -49.72
N GLU D 188 -4.53 26.41 -48.41
CA GLU D 188 -4.50 25.26 -47.52
C GLU D 188 -5.67 25.23 -46.55
N ASN D 189 -6.37 24.10 -46.52
CA ASN D 189 -7.39 23.86 -45.51
C ASN D 189 -7.37 22.38 -45.15
N PHE D 190 -6.18 21.86 -44.85
CA PHE D 190 -5.93 20.43 -44.80
C PHE D 190 -6.63 19.67 -43.67
N ILE D 191 -6.81 18.37 -43.89
CA ILE D 191 -7.21 17.43 -42.85
C ILE D 191 -5.95 16.68 -42.45
N GLN D 192 -5.66 16.64 -41.14
CA GLN D 192 -4.46 15.98 -40.66
C GLN D 192 -4.80 14.58 -40.19
N THR D 193 -4.08 13.58 -40.70
CA THR D 193 -4.35 12.20 -40.34
C THR D 193 -3.07 11.45 -39.99
N ASP D 194 -3.19 10.50 -39.06
CA ASP D 194 -2.04 9.68 -38.69
C ASP D 194 -2.08 8.33 -39.42
N ALA D 195 -3.01 8.20 -40.36
CA ALA D 195 -3.02 7.05 -41.24
C ALA D 195 -1.79 7.18 -42.13
N ALA D 196 -1.24 6.06 -42.54
CA ALA D 196 0.07 6.06 -43.17
C ALA D 196 0.00 6.50 -44.62
N ILE D 197 0.50 7.71 -44.87
CA ILE D 197 0.55 8.27 -46.22
C ILE D 197 2.00 8.40 -46.64
N ASN D 198 2.34 7.80 -47.77
CA ASN D 198 3.70 7.73 -48.25
C ASN D 198 3.78 8.19 -49.71
N PRO D 199 4.98 8.30 -50.29
CA PRO D 199 5.06 8.64 -51.71
C PRO D 199 4.25 7.70 -52.60
N GLY D 200 3.49 8.26 -53.53
CA GLY D 200 2.59 7.50 -54.38
C GLY D 200 1.18 7.45 -53.84
N ASN D 201 0.96 8.03 -52.66
CA ASN D 201 -0.38 8.10 -52.10
C ASN D 201 -1.13 9.34 -52.57
N ALA D 202 -0.44 10.18 -53.33
CA ALA D 202 -1.02 11.45 -53.76
C ALA D 202 -2.20 11.24 -54.70
N GLY D 203 -3.24 12.05 -54.52
CA GLY D 203 -4.44 11.93 -55.31
C GLY D 203 -5.30 10.77 -54.83
N GLY D 204 -4.80 10.07 -53.82
CA GLY D 204 -5.51 8.94 -53.26
C GLY D 204 -6.71 9.40 -52.47
N ALA D 205 -7.49 8.45 -51.98
CA ALA D 205 -8.69 8.77 -51.23
C ALA D 205 -8.44 8.68 -49.73
N LEU D 206 -9.08 9.57 -48.98
CA LEU D 206 -9.15 9.43 -47.54
C LEU D 206 -10.63 9.27 -47.25
N VAL D 207 -10.99 8.14 -46.64
CA VAL D 207 -12.40 7.79 -46.44
C VAL D 207 -12.74 7.65 -44.97
N ASN D 208 -13.97 8.02 -44.60
CA ASN D 208 -14.43 7.85 -43.24
C ASN D 208 -14.84 6.40 -42.99
N ALA D 209 -15.28 6.12 -41.77
CA ALA D 209 -15.62 4.76 -41.37
C ALA D 209 -16.75 4.18 -42.23
N LYS D 210 -17.68 5.04 -42.65
CA LYS D 210 -18.75 4.65 -43.55
C LYS D 210 -18.23 4.28 -44.95
N GLY D 211 -17.07 4.81 -45.31
CA GLY D 211 -16.49 4.57 -46.61
C GLY D 211 -16.74 5.69 -47.59
N GLU D 212 -17.33 6.78 -47.09
CA GLU D 212 -17.58 7.98 -47.88
C GLU D 212 -16.26 8.71 -48.11
N LEU D 213 -16.16 9.49 -49.17
CA LEU D 213 -14.92 10.20 -49.47
C LEU D 213 -14.92 11.55 -48.78
N ILE D 214 -13.90 11.81 -47.97
CA ILE D 214 -13.84 13.02 -47.19
C ILE D 214 -12.58 13.82 -47.49
N GLY D 215 -11.64 13.19 -48.20
CA GLY D 215 -10.39 13.87 -48.50
C GLY D 215 -9.55 13.27 -49.61
N ILE D 216 -8.64 14.09 -50.13
CA ILE D 216 -7.69 13.67 -51.14
C ILE D 216 -6.29 13.81 -50.55
N ASN D 217 -5.60 12.68 -50.38
CA ASN D 217 -4.29 12.68 -49.76
C ASN D 217 -3.31 13.51 -50.59
N THR D 218 -2.63 14.45 -49.95
CA THR D 218 -1.82 15.41 -50.69
C THR D 218 -0.35 15.49 -50.26
N ALA D 219 -0.11 15.80 -49.00
CA ALA D 219 1.26 16.05 -48.55
C ALA D 219 1.51 15.51 -47.14
N ILE D 220 2.79 15.32 -46.82
CA ILE D 220 3.17 14.89 -45.49
C ILE D 220 4.28 15.79 -44.95
N ILE D 221 4.42 15.82 -43.63
CA ILE D 221 5.54 16.49 -43.00
C ILE D 221 6.48 15.45 -42.41
N SER D 222 7.69 15.39 -42.94
CA SER D 222 8.65 14.40 -42.46
C SER D 222 10.06 14.98 -42.48
N PRO D 223 10.87 14.63 -41.48
CA PRO D 223 12.28 15.01 -41.48
C PRO D 223 13.02 14.31 -42.62
N TYR D 224 12.67 13.05 -42.88
CA TYR D 224 13.37 12.26 -43.88
C TYR D 224 12.49 11.70 -45.00
N GLY D 225 11.29 12.25 -45.16
CA GLY D 225 10.45 11.92 -46.30
C GLY D 225 9.65 10.62 -46.19
N GLY D 226 9.70 10.00 -45.02
CA GLY D 226 8.88 8.82 -44.78
C GLY D 226 7.78 9.17 -43.80
N ASN D 227 6.68 8.44 -43.84
CA ASN D 227 5.54 8.77 -42.98
C ASN D 227 5.91 8.64 -41.51
N VAL D 228 5.76 9.74 -40.78
CA VAL D 228 6.01 9.75 -39.34
C VAL D 228 4.71 9.92 -38.58
N GLY D 229 3.59 9.64 -39.25
CA GLY D 229 2.29 9.69 -38.63
C GLY D 229 1.63 11.04 -38.82
N ILE D 230 2.26 11.88 -39.64
CA ILE D 230 1.68 13.18 -39.95
C ILE D 230 1.50 13.35 -41.45
N GLY D 231 0.24 13.38 -41.88
CA GLY D 231 -0.09 13.48 -43.28
C GLY D 231 -1.31 14.36 -43.48
N PHE D 232 -1.45 14.92 -44.67
CA PHE D 232 -2.49 15.90 -44.93
C PHE D 232 -3.31 15.54 -46.16
N ALA D 233 -4.61 15.84 -46.09
CA ALA D 233 -5.50 15.58 -47.21
C ALA D 233 -6.44 16.76 -47.39
N ILE D 234 -6.79 17.04 -48.64
CA ILE D 234 -7.67 18.14 -48.96
C ILE D 234 -9.11 17.72 -48.72
N PRO D 235 -9.84 18.46 -47.89
CA PRO D 235 -11.23 18.14 -47.56
C PRO D 235 -12.08 18.10 -48.83
N ILE D 236 -12.99 17.14 -48.90
CA ILE D 236 -13.73 16.86 -50.14
C ILE D 236 -14.63 18.00 -50.61
N ASN D 237 -15.21 18.72 -49.66
CA ASN D 237 -16.09 19.84 -49.99
C ASN D 237 -15.35 20.89 -50.81
N MET D 238 -14.15 21.22 -50.36
CA MET D 238 -13.26 22.11 -51.09
C MET D 238 -12.83 21.50 -52.42
N ALA D 239 -12.43 20.24 -52.39
CA ALA D 239 -11.95 19.55 -53.58
C ALA D 239 -13.04 19.38 -54.62
N LYS D 240 -14.25 19.07 -54.18
CA LYS D 240 -15.37 18.91 -55.09
C LYS D 240 -15.69 20.22 -55.78
N ASP D 241 -15.65 21.31 -55.02
CA ASP D 241 -15.96 22.64 -55.53
C ASP D 241 -14.95 23.03 -56.61
N VAL D 242 -13.67 22.80 -56.32
CA VAL D 242 -12.60 23.08 -57.27
C VAL D 242 -12.79 22.27 -58.54
N ALA D 243 -13.11 20.99 -58.38
CA ALA D 243 -13.30 20.09 -59.51
C ALA D 243 -14.45 20.54 -60.40
N GLN D 244 -15.60 20.80 -59.80
CA GLN D 244 -16.80 21.19 -60.53
C GLN D 244 -16.60 22.52 -61.24
N GLN D 245 -15.87 23.42 -60.60
CA GLN D 245 -15.52 24.69 -61.22
C GLN D 245 -14.59 24.46 -62.41
N ILE D 246 -13.67 23.52 -62.28
CA ILE D 246 -12.77 23.18 -63.38
C ILE D 246 -13.50 22.60 -64.58
N ILE D 247 -14.41 21.65 -64.33
CA ILE D 247 -15.17 21.02 -65.41
C ILE D 247 -15.94 22.06 -66.21
N LYS D 248 -16.51 23.02 -65.50
CA LYS D 248 -17.31 24.06 -66.11
C LYS D 248 -16.47 25.05 -66.93
N PHE D 249 -15.31 25.47 -66.43
CA PHE D 249 -14.55 26.52 -67.12
C PHE D 249 -13.19 26.07 -67.65
N GLY D 250 -12.70 24.92 -67.19
CA GLY D 250 -11.41 24.42 -67.65
C GLY D 250 -10.25 24.95 -66.86
N SER D 251 -10.54 25.88 -65.96
CA SER D 251 -9.54 26.50 -65.09
C SER D 251 -10.25 27.28 -64.01
N ILE D 252 -9.51 27.72 -63.00
CA ILE D 252 -10.08 28.52 -61.93
C ILE D 252 -9.66 29.97 -62.07
N HIS D 253 -10.65 30.86 -62.14
CA HIS D 253 -10.38 32.29 -62.21
C HIS D 253 -10.63 32.88 -60.83
N ARG D 254 -9.57 33.38 -60.21
CA ARG D 254 -9.62 33.79 -58.82
C ARG D 254 -9.50 35.31 -58.70
N GLY D 255 -10.10 35.86 -57.66
CA GLY D 255 -10.07 37.30 -57.47
C GLY D 255 -9.66 37.70 -56.07
N LEU D 256 -9.22 38.95 -55.91
CA LEU D 256 -8.83 39.49 -54.62
C LEU D 256 -9.75 40.63 -54.21
N MET D 257 -10.03 40.72 -52.91
CA MET D 257 -10.85 41.79 -52.37
C MET D 257 -10.00 43.00 -51.97
N GLY D 258 -8.68 42.81 -51.97
CA GLY D 258 -7.76 43.86 -51.57
C GLY D 258 -7.86 44.13 -50.08
N ILE D 259 -7.88 43.06 -49.30
CA ILE D 259 -8.02 43.17 -47.84
C ILE D 259 -6.95 42.35 -47.12
N PHE D 260 -6.41 42.90 -46.04
CA PHE D 260 -5.47 42.18 -45.18
C PHE D 260 -6.17 41.76 -43.89
N VAL D 261 -5.99 40.50 -43.50
CA VAL D 261 -6.69 39.95 -42.35
C VAL D 261 -5.71 39.44 -41.30
N GLN D 262 -6.05 39.67 -40.02
CA GLN D 262 -5.21 39.27 -38.91
C GLN D 262 -6.00 38.41 -37.95
N HIS D 263 -5.36 37.41 -37.35
CA HIS D 263 -6.03 36.58 -36.38
C HIS D 263 -6.38 37.38 -35.13
N LEU D 264 -7.60 37.17 -34.64
CA LEU D 264 -8.10 37.93 -33.49
C LEU D 264 -7.94 37.12 -32.21
N THR D 265 -6.87 37.38 -31.48
CA THR D 265 -6.62 36.72 -30.20
C THR D 265 -7.58 37.29 -29.16
N PRO D 266 -7.90 36.49 -28.13
CA PRO D 266 -8.81 36.96 -27.08
C PRO D 266 -8.28 38.21 -26.37
N GLU D 267 -6.98 38.28 -26.12
CA GLU D 267 -6.38 39.47 -25.52
C GLU D 267 -6.69 40.69 -26.39
N LEU D 268 -6.52 40.51 -27.70
CA LEU D 268 -6.74 41.57 -28.67
C LEU D 268 -8.21 41.92 -28.79
N ALA D 269 -9.08 40.91 -28.66
CA ALA D 269 -10.52 41.11 -28.77
C ALA D 269 -11.10 42.00 -27.66
N GLN D 270 -10.59 41.84 -26.44
CA GLN D 270 -11.03 42.64 -25.30
C GLN D 270 -10.83 44.13 -25.53
N SER D 271 -9.63 44.48 -25.99
CA SER D 271 -9.28 45.89 -26.18
C SER D 271 -10.11 46.55 -27.26
N MET D 272 -10.69 45.73 -28.14
CA MET D 272 -11.57 46.23 -29.19
C MET D 272 -13.05 46.13 -28.82
N GLY D 273 -13.33 45.84 -27.56
CA GLY D 273 -14.68 45.88 -27.03
C GLY D 273 -15.47 44.58 -27.11
N TYR D 274 -14.85 43.54 -27.64
CA TYR D 274 -15.53 42.24 -27.75
C TYR D 274 -15.27 41.35 -26.53
N ALA D 275 -15.98 40.24 -26.46
CA ALA D 275 -15.80 39.26 -25.38
C ALA D 275 -14.49 38.48 -25.54
N GLU D 276 -14.00 37.92 -24.45
CA GLU D 276 -12.78 37.12 -24.47
C GLU D 276 -12.94 35.90 -25.40
N ASP D 277 -14.13 35.30 -25.36
CA ASP D 277 -14.39 34.11 -26.15
C ASP D 277 -14.96 34.43 -27.53
N PHE D 278 -14.88 35.70 -27.93
CA PHE D 278 -15.34 36.11 -29.25
C PHE D 278 -14.36 35.61 -30.30
N GLN D 279 -14.87 35.29 -31.48
CA GLN D 279 -14.04 34.79 -32.55
C GLN D 279 -14.41 35.44 -33.88
N GLY D 280 -13.42 35.60 -34.73
CA GLY D 280 -13.63 36.18 -36.04
C GLY D 280 -12.31 36.55 -36.70
N ALA D 281 -12.40 37.21 -37.85
CA ALA D 281 -11.23 37.61 -38.60
C ALA D 281 -11.08 39.13 -38.56
N LEU D 282 -10.06 39.60 -37.84
CA LEU D 282 -9.82 41.03 -37.73
C LEU D 282 -9.32 41.58 -39.07
N VAL D 283 -9.80 42.74 -39.44
CA VAL D 283 -9.38 43.36 -40.68
C VAL D 283 -8.34 44.42 -40.34
N SER D 284 -7.08 44.05 -40.53
CA SER D 284 -5.96 44.93 -40.21
C SER D 284 -5.84 46.08 -41.21
N GLN D 285 -5.99 45.76 -42.49
CA GLN D 285 -5.89 46.77 -43.53
C GLN D 285 -6.91 46.59 -44.65
N VAL D 286 -7.42 47.71 -45.16
CA VAL D 286 -8.17 47.70 -46.41
C VAL D 286 -7.38 48.54 -47.41
N ASN D 287 -6.97 47.93 -48.51
CA ASN D 287 -6.07 48.59 -49.46
C ASN D 287 -6.68 49.81 -50.12
N GLN D 288 -5.82 50.68 -50.63
CA GLN D 288 -6.26 51.90 -51.29
C GLN D 288 -6.93 51.55 -52.63
N ASN D 289 -8.10 52.14 -52.85
CA ASN D 289 -8.85 51.96 -54.09
C ASN D 289 -9.13 50.49 -54.39
N SER D 290 -9.56 49.76 -53.36
CA SER D 290 -9.83 48.34 -53.48
C SER D 290 -11.33 48.11 -53.40
N PRO D 291 -11.80 46.98 -53.95
CA PRO D 291 -13.22 46.62 -53.92
C PRO D 291 -13.77 46.61 -52.50
N ALA D 292 -12.94 46.21 -51.54
CA ALA D 292 -13.32 46.22 -50.13
C ALA D 292 -13.53 47.66 -49.65
N GLN D 293 -12.66 48.56 -50.09
CA GLN D 293 -12.73 49.96 -49.68
C GLN D 293 -13.97 50.64 -50.26
N LEU D 294 -14.30 50.30 -51.49
CA LEU D 294 -15.49 50.83 -52.14
C LEU D 294 -16.75 50.40 -51.41
N ALA D 295 -16.77 49.14 -50.99
CA ALA D 295 -17.92 48.58 -50.26
C ALA D 295 -18.14 49.21 -48.90
N GLY D 296 -17.10 49.86 -48.38
CA GLY D 296 -17.20 50.57 -47.11
C GLY D 296 -16.57 49.81 -45.96
N LEU D 297 -15.76 48.82 -46.28
CA LEU D 297 -15.06 48.05 -45.26
C LEU D 297 -13.87 48.85 -44.72
N LYS D 298 -13.65 48.76 -43.41
CA LYS D 298 -12.64 49.57 -42.75
C LYS D 298 -11.74 48.70 -41.87
N SER D 299 -10.61 49.25 -41.45
CA SER D 299 -9.75 48.57 -40.48
C SER D 299 -10.49 48.50 -39.15
N GLY D 300 -10.21 47.47 -38.37
CA GLY D 300 -10.85 47.30 -37.08
C GLY D 300 -12.17 46.55 -37.19
N ASP D 301 -12.66 46.39 -38.41
CA ASP D 301 -13.86 45.58 -38.64
C ASP D 301 -13.50 44.12 -38.46
N VAL D 302 -14.46 43.31 -38.01
CA VAL D 302 -14.22 41.89 -37.84
C VAL D 302 -15.13 41.05 -38.73
N ILE D 303 -14.54 40.36 -39.71
CA ILE D 303 -15.29 39.46 -40.56
C ILE D 303 -15.81 38.31 -39.70
N VAL D 304 -17.12 38.12 -39.69
CA VAL D 304 -17.72 37.07 -38.87
C VAL D 304 -18.35 35.98 -39.73
N GLN D 305 -18.62 36.33 -41.00
CA GLN D 305 -19.20 35.38 -41.95
C GLN D 305 -19.12 35.89 -43.39
N ILE D 306 -18.66 35.02 -44.30
CA ILE D 306 -18.62 35.31 -45.73
C ILE D 306 -19.56 34.37 -46.47
N ASN D 307 -20.58 34.93 -47.12
CA ASN D 307 -21.58 34.14 -47.81
C ASN D 307 -22.26 33.15 -46.87
N ASP D 308 -22.26 31.88 -47.23
CA ASP D 308 -22.81 30.84 -46.36
C ASP D 308 -21.85 30.46 -45.24
N THR D 309 -20.54 30.53 -45.52
CA THR D 309 -19.52 30.10 -44.58
C THR D 309 -19.35 31.06 -43.41
N LYS D 310 -19.31 30.52 -42.20
CA LYS D 310 -19.12 31.31 -41.00
C LYS D 310 -17.64 31.35 -40.66
N ILE D 311 -17.16 32.51 -40.21
CA ILE D 311 -15.74 32.69 -39.97
C ILE D 311 -15.38 32.86 -38.50
N THR D 312 -14.48 32.00 -38.04
CA THR D 312 -14.06 31.99 -36.64
C THR D 312 -12.58 32.35 -36.49
N GLN D 313 -11.82 32.29 -37.59
CA GLN D 313 -10.43 32.73 -37.56
C GLN D 313 -9.94 33.24 -38.92
N ALA D 314 -8.84 33.98 -38.89
CA ALA D 314 -8.36 34.73 -40.05
C ALA D 314 -8.06 33.87 -41.28
N THR D 315 -7.47 32.70 -41.05
CA THR D 315 -7.03 31.84 -42.15
C THR D 315 -8.19 31.34 -43.00
N GLN D 316 -9.41 31.37 -42.46
CA GLN D 316 -10.58 30.91 -43.18
C GLN D 316 -11.00 31.86 -44.29
N VAL D 317 -10.60 33.13 -44.17
CA VAL D 317 -10.98 34.12 -45.17
C VAL D 317 -10.35 33.81 -46.51
N LYS D 318 -9.05 33.54 -46.51
CA LYS D 318 -8.32 33.30 -47.76
C LYS D 318 -8.84 32.07 -48.50
N THR D 319 -9.06 30.99 -47.77
CA THR D 319 -9.54 29.75 -48.38
C THR D 319 -10.95 29.92 -48.94
N THR D 320 -11.78 30.68 -48.23
CA THR D 320 -13.15 30.91 -48.66
C THR D 320 -13.23 31.71 -49.96
N ILE D 321 -12.42 32.75 -50.07
CA ILE D 321 -12.37 33.58 -51.28
C ILE D 321 -11.76 32.82 -52.47
N SER D 322 -10.83 31.91 -52.18
CA SER D 322 -10.15 31.14 -53.22
C SER D 322 -11.14 30.31 -54.04
N LEU D 323 -12.15 29.79 -53.38
CA LEU D 323 -13.20 29.03 -54.05
C LEU D 323 -14.08 29.94 -54.91
N LEU D 324 -14.28 31.17 -54.45
CA LEU D 324 -15.10 32.14 -55.16
C LEU D 324 -14.49 32.51 -56.51
N ARG D 325 -15.33 32.71 -57.52
CA ARG D 325 -14.85 33.04 -58.85
C ARG D 325 -14.89 34.55 -59.09
N ALA D 326 -13.91 35.04 -59.85
CA ALA D 326 -13.77 36.47 -60.08
C ALA D 326 -14.98 37.05 -60.81
N GLY D 327 -15.30 38.30 -60.49
CA GLY D 327 -16.43 38.99 -61.10
C GLY D 327 -17.74 38.66 -60.44
N SER D 328 -17.67 37.97 -59.30
CA SER D 328 -18.87 37.58 -58.56
C SER D 328 -18.87 38.26 -57.20
N THR D 329 -20.03 38.75 -56.80
CA THR D 329 -20.16 39.45 -55.52
C THR D 329 -20.08 38.49 -54.34
N ALA D 330 -19.40 38.93 -53.27
CA ALA D 330 -19.30 38.15 -52.04
C ALA D 330 -19.99 38.90 -50.89
N LYS D 331 -20.89 38.21 -50.21
CA LYS D 331 -21.60 38.79 -49.08
C LYS D 331 -20.73 38.73 -47.82
N ILE D 332 -20.32 39.88 -47.31
CA ILE D 332 -19.45 39.92 -46.15
C ILE D 332 -20.22 40.43 -44.94
N LYS D 333 -20.21 39.66 -43.86
CA LYS D 333 -20.93 40.03 -42.66
C LYS D 333 -19.94 40.39 -41.56
N ILE D 334 -19.97 41.64 -41.12
CA ILE D 334 -18.96 42.13 -40.18
C ILE D 334 -19.57 42.76 -38.92
N LEU D 335 -18.70 43.06 -37.97
CA LEU D 335 -19.07 43.88 -36.82
C LEU D 335 -18.11 45.06 -36.72
N ARG D 336 -18.63 46.26 -36.94
CA ARG D 336 -17.83 47.47 -36.81
C ARG D 336 -18.11 48.02 -35.41
N ASP D 337 -17.07 48.08 -34.59
CA ASP D 337 -17.23 48.15 -33.15
C ASP D 337 -18.13 46.98 -32.79
N ASN D 338 -19.21 47.20 -32.06
CA ASN D 338 -20.10 46.10 -31.77
C ASN D 338 -21.42 46.17 -32.55
N LYS D 339 -21.36 46.75 -33.74
CA LYS D 339 -22.55 46.94 -34.56
C LYS D 339 -22.56 46.00 -35.76
N PRO D 340 -23.65 45.23 -35.92
CA PRO D 340 -23.74 44.30 -37.04
C PRO D 340 -23.93 45.05 -38.35
N LEU D 341 -23.20 44.64 -39.40
CA LEU D 341 -23.34 45.22 -40.73
C LEU D 341 -23.18 44.14 -41.79
N THR D 342 -23.70 44.42 -42.98
CA THR D 342 -23.51 43.54 -44.11
C THR D 342 -23.05 44.36 -45.31
N LEU D 343 -21.97 43.92 -45.94
CA LEU D 343 -21.40 44.61 -47.09
C LEU D 343 -21.25 43.60 -48.22
N ASP D 344 -21.50 44.03 -49.45
CA ASP D 344 -21.33 43.17 -50.60
C ASP D 344 -20.09 43.62 -51.36
N VAL D 345 -19.05 42.80 -51.34
CA VAL D 345 -17.77 43.17 -51.91
C VAL D 345 -17.53 42.41 -53.19
N GLU D 346 -17.13 43.14 -54.23
CA GLU D 346 -16.82 42.54 -55.52
C GLU D 346 -15.49 41.80 -55.45
N VAL D 347 -15.47 40.58 -55.98
CA VAL D 347 -14.24 39.81 -56.04
C VAL D 347 -13.63 40.01 -57.42
N THR D 348 -12.53 40.77 -57.49
CA THR D 348 -12.05 41.26 -58.78
C THR D 348 -10.72 40.63 -59.19
N ASP D 349 -10.59 40.35 -60.48
CA ASP D 349 -9.35 39.82 -61.03
C ASP D 349 -8.20 40.77 -60.73
N ILE D 350 -7.01 40.22 -60.54
CA ILE D 350 -5.85 41.02 -60.21
C ILE D 350 -5.43 41.93 -61.37
N LYS D 351 -5.36 41.37 -62.58
CA LYS D 351 -4.93 42.14 -63.74
C LYS D 351 -5.91 43.28 -64.05
N LYS D 352 -7.19 42.97 -63.95
CA LYS D 352 -8.20 43.97 -64.25
C LYS D 352 -8.14 45.14 -63.24
N HIS D 353 -7.93 44.83 -61.96
CA HIS D 353 -7.98 45.86 -60.93
C HIS D 353 -6.78 46.80 -61.08
N GLU D 354 -5.68 46.25 -61.61
CA GLU D 354 -4.44 46.99 -61.68
C GLU D 354 -4.48 47.88 -62.92
N GLN D 355 -5.46 47.63 -63.77
CA GLN D 355 -5.58 48.42 -64.98
C GLN D 355 -6.51 49.56 -64.66
N LYS D 356 -7.51 49.27 -63.86
CA LYS D 356 -8.38 50.30 -63.31
C LYS D 356 -7.53 51.22 -62.43
N LEU D 357 -6.54 50.64 -61.77
CA LEU D 357 -5.63 51.38 -60.89
C LEU D 357 -4.62 52.23 -61.65
N GLN D 358 -4.11 51.69 -62.77
CA GLN D 358 -3.18 52.43 -63.62
C GLN D 358 -3.88 53.58 -64.32
N SER D 359 -5.11 53.34 -64.74
CA SER D 359 -5.91 54.33 -65.46
C SER D 359 -6.17 55.55 -64.58
N ASN D 360 -6.44 55.31 -63.30
CA ASN D 360 -6.70 56.38 -62.35
C ASN D 360 -5.49 57.29 -62.17
N ASN D 361 -4.31 56.68 -61.99
CA ASN D 361 -3.06 57.43 -61.88
C ASN D 361 -2.00 56.82 -62.81
N PRO D 362 -1.84 57.40 -64.00
CA PRO D 362 -1.02 56.81 -65.07
C PRO D 362 0.50 56.93 -64.89
N PHE D 363 0.98 58.13 -64.58
CA PHE D 363 2.41 58.41 -64.59
C PHE D 363 3.15 57.91 -63.35
N LEU D 364 2.55 58.13 -62.19
CA LEU D 364 3.26 57.89 -60.93
C LEU D 364 2.91 56.54 -60.31
N TYR D 365 2.14 55.72 -61.02
CA TYR D 365 1.74 54.42 -60.49
C TYR D 365 2.95 53.51 -60.32
N GLY D 366 2.97 52.75 -59.23
CA GLY D 366 4.02 51.79 -58.98
C GLY D 366 5.25 52.43 -58.37
N LEU D 367 5.09 53.65 -57.87
CA LEU D 367 6.21 54.39 -57.31
C LEU D 367 5.99 54.67 -55.83
N ALA D 368 7.05 54.53 -55.05
CA ALA D 368 7.01 54.90 -53.65
C ALA D 368 7.77 56.22 -53.51
N LEU D 369 7.06 57.26 -53.09
CA LEU D 369 7.65 58.61 -53.09
C LEU D 369 7.67 59.23 -51.71
N ARG D 370 8.80 59.88 -51.40
CA ARG D 370 8.95 60.61 -50.14
C ARG D 370 9.33 62.06 -50.43
N ASN D 371 8.75 62.99 -49.68
CA ASN D 371 9.15 64.38 -49.78
C ASN D 371 10.61 64.53 -49.39
N PHE D 372 11.35 65.33 -50.15
CA PHE D 372 12.80 65.38 -50.00
C PHE D 372 13.31 66.82 -49.90
N GLU D 373 14.06 67.08 -48.84
CA GLU D 373 14.71 68.38 -48.65
C GLU D 373 16.11 68.14 -48.09
N GLN D 374 17.11 68.69 -48.77
CA GLN D 374 18.49 68.46 -48.38
C GLN D 374 19.39 69.51 -49.02
N GLU D 375 20.53 69.77 -48.39
CA GLU D 375 21.53 70.65 -48.98
C GLU D 375 22.65 69.77 -49.48
N SER D 376 22.59 69.42 -50.77
CA SER D 376 23.54 68.49 -51.36
C SER D 376 24.34 69.11 -52.48
N PRO D 377 25.66 69.28 -52.27
CA PRO D 377 26.59 69.74 -53.31
C PRO D 377 26.67 68.69 -54.42
N PRO D 378 26.81 69.13 -55.67
CA PRO D 378 26.97 70.53 -56.07
C PRO D 378 25.64 71.19 -56.39
N HIS D 379 24.54 70.50 -56.09
CA HIS D 379 23.20 70.99 -56.43
C HIS D 379 22.77 72.22 -55.64
N GLY D 380 23.33 72.38 -54.44
CA GLY D 380 22.86 73.42 -53.54
C GLY D 380 21.62 72.96 -52.80
N ASN D 381 20.76 73.91 -52.43
CA ASN D 381 19.48 73.56 -51.81
C ASN D 381 18.54 72.79 -52.75
N VAL D 382 18.24 71.55 -52.38
CA VAL D 382 17.40 70.68 -53.19
C VAL D 382 16.04 70.41 -52.54
N VAL D 383 14.97 70.78 -53.22
CA VAL D 383 13.62 70.45 -52.76
C VAL D 383 12.83 69.74 -53.86
N GLY D 384 12.28 68.58 -53.53
CA GLY D 384 11.53 67.80 -54.49
C GLY D 384 11.08 66.49 -53.86
N VAL D 385 10.59 65.56 -54.67
CA VAL D 385 10.21 64.25 -54.13
C VAL D 385 11.25 63.21 -54.50
N GLN D 386 11.56 62.32 -53.56
CA GLN D 386 12.56 61.31 -53.78
C GLN D 386 11.90 59.99 -54.10
N VAL D 387 12.47 59.27 -55.04
CA VAL D 387 11.94 57.97 -55.42
C VAL D 387 12.50 56.91 -54.50
N VAL D 388 11.73 56.57 -53.46
CA VAL D 388 12.13 55.53 -52.53
C VAL D 388 12.15 54.16 -53.22
N GLY D 389 11.15 53.90 -54.04
CA GLY D 389 11.09 52.65 -54.78
C GLY D 389 10.30 52.74 -56.07
N ALA D 390 10.65 51.90 -57.03
CA ALA D 390 9.93 51.85 -58.29
C ALA D 390 9.58 50.42 -58.65
N SER D 391 8.44 50.25 -59.32
CA SER D 391 8.00 48.93 -59.73
C SER D 391 8.45 48.71 -61.16
N GLU D 392 9.02 47.54 -61.44
CA GLU D 392 9.56 47.24 -62.75
C GLU D 392 8.50 47.30 -63.85
N THR D 393 7.23 47.17 -63.46
CA THR D 393 6.12 47.27 -64.39
C THR D 393 5.63 48.71 -64.53
N SER D 394 6.17 49.61 -63.71
CA SER D 394 5.69 50.99 -63.67
C SER D 394 6.10 51.81 -64.89
N ALA D 395 5.29 52.83 -65.19
CA ALA D 395 5.58 53.74 -66.28
C ALA D 395 6.87 54.50 -66.01
N GLY D 396 7.12 54.77 -64.73
CA GLY D 396 8.33 55.45 -64.30
C GLY D 396 9.58 54.64 -64.56
N TRP D 397 9.55 53.35 -64.20
CA TRP D 397 10.70 52.48 -64.35
C TRP D 397 11.09 52.34 -65.81
N ARG D 398 10.09 52.19 -66.67
CA ARG D 398 10.30 52.08 -68.11
C ARG D 398 10.96 53.34 -68.64
N ALA D 399 10.60 54.48 -68.06
CA ALA D 399 11.13 55.77 -68.49
C ALA D 399 12.59 55.95 -68.09
N GLY D 400 13.10 55.04 -67.27
CA GLY D 400 14.48 55.11 -66.82
C GLY D 400 14.62 55.69 -65.42
N LEU D 401 13.49 55.93 -64.77
CA LEU D 401 13.49 56.42 -63.40
C LEU D 401 13.98 55.32 -62.47
N ARG D 402 14.83 55.66 -61.53
CA ARG D 402 15.44 54.68 -60.63
C ARG D 402 15.26 55.13 -59.20
N PRO D 403 15.27 54.18 -58.25
CA PRO D 403 15.16 54.58 -56.85
C PRO D 403 16.35 55.41 -56.42
N GLY D 404 16.13 56.37 -55.53
CA GLY D 404 17.17 57.27 -55.09
C GLY D 404 17.19 58.56 -55.89
N ASP D 405 16.45 58.59 -57.00
CA ASP D 405 16.36 59.80 -57.81
C ASP D 405 15.51 60.86 -57.12
N ILE D 406 15.86 62.12 -57.34
CA ILE D 406 15.09 63.21 -56.77
C ILE D 406 14.45 64.03 -57.88
N ILE D 407 13.12 64.09 -57.88
CA ILE D 407 12.40 64.79 -58.93
C ILE D 407 12.23 66.24 -58.51
N ILE D 408 12.81 67.16 -59.28
CA ILE D 408 12.76 68.57 -58.94
C ILE D 408 11.85 69.35 -59.89
N SER D 409 11.56 68.77 -61.05
CA SER D 409 10.70 69.42 -62.03
C SER D 409 9.80 68.42 -62.76
N ALA D 410 8.59 68.85 -63.08
CA ALA D 410 7.66 68.07 -63.89
C ALA D 410 6.97 69.00 -64.88
N ASN D 411 7.09 68.67 -66.17
CA ASN D 411 6.53 69.49 -67.25
C ASN D 411 7.00 70.93 -67.17
N LYS D 412 8.30 71.11 -66.89
CA LYS D 412 8.93 72.43 -66.75
C LYS D 412 8.38 73.21 -65.56
N THR D 413 7.67 72.54 -64.66
CA THR D 413 7.11 73.16 -63.46
C THR D 413 7.80 72.61 -62.21
N PRO D 414 8.30 73.52 -61.35
CA PRO D 414 9.02 73.13 -60.13
C PRO D 414 8.17 72.28 -59.18
N VAL D 415 8.77 71.22 -58.65
CA VAL D 415 8.08 70.31 -57.75
C VAL D 415 8.75 70.33 -56.37
N LYS D 416 8.01 70.77 -55.36
CA LYS D 416 8.57 70.87 -54.02
C LYS D 416 8.04 69.80 -53.08
N ASP D 417 6.94 69.17 -53.48
CA ASP D 417 6.30 68.14 -52.66
C ASP D 417 5.47 67.18 -53.49
N ILE D 418 5.05 66.07 -52.89
CA ILE D 418 4.28 65.07 -53.60
C ILE D 418 2.94 65.59 -54.12
N LYS D 419 2.24 66.36 -53.31
CA LYS D 419 0.93 66.90 -53.68
C LYS D 419 1.03 67.77 -54.93
N SER D 420 2.11 68.52 -55.04
CA SER D 420 2.37 69.34 -56.20
C SER D 420 2.67 68.47 -57.42
N LEU D 421 3.41 67.39 -57.20
CA LEU D 421 3.76 66.47 -58.27
C LEU D 421 2.52 65.78 -58.81
N GLN D 422 1.64 65.36 -57.90
CA GLN D 422 0.41 64.66 -58.24
C GLN D 422 -0.55 65.56 -59.02
N ALA D 423 -0.49 66.86 -58.76
CA ALA D 423 -1.30 67.82 -59.50
C ALA D 423 -0.86 67.87 -60.95
N VAL D 424 0.46 67.99 -61.16
CA VAL D 424 1.02 68.02 -62.51
C VAL D 424 0.76 66.70 -63.21
N ALA D 425 0.76 65.60 -62.45
CA ALA D 425 0.44 64.30 -63.01
C ALA D 425 -1.03 64.19 -63.39
N HIS D 426 -1.88 64.91 -62.66
CA HIS D 426 -3.32 64.82 -62.87
C HIS D 426 -3.76 65.36 -64.23
N GLU D 427 -3.21 66.50 -64.64
CA GLU D 427 -3.44 67.02 -65.98
C GLU D 427 -2.84 66.02 -66.97
N LYS D 428 -3.60 65.67 -68.00
CA LYS D 428 -3.25 64.50 -68.82
C LYS D 428 -2.47 64.86 -70.08
N GLY D 429 -1.34 64.21 -70.28
CA GLY D 429 -0.62 64.33 -71.54
C GLY D 429 -0.23 62.94 -71.99
N LYS D 430 0.20 62.79 -73.23
CA LYS D 430 0.68 61.50 -73.71
C LYS D 430 1.88 61.10 -72.86
N GLN D 431 2.67 62.09 -72.45
CA GLN D 431 3.82 61.87 -71.59
C GLN D 431 3.96 62.95 -70.50
N LEU D 432 4.54 62.56 -69.37
CA LEU D 432 4.94 63.52 -68.33
C LEU D 432 6.45 63.66 -68.32
N LEU D 433 6.92 64.90 -68.43
CA LEU D 433 8.36 65.14 -68.46
C LEU D 433 8.86 65.57 -67.09
N VAL D 434 9.85 64.85 -66.58
CA VAL D 434 10.38 65.15 -65.25
C VAL D 434 11.88 65.35 -65.27
N GLN D 435 12.36 66.17 -64.35
CA GLN D 435 13.79 66.42 -64.20
C GLN D 435 14.23 65.85 -62.86
N VAL D 436 15.19 64.93 -62.90
CA VAL D 436 15.58 64.22 -61.69
C VAL D 436 17.06 64.41 -61.37
N LEU D 437 17.39 64.27 -60.09
CA LEU D 437 18.78 64.32 -59.66
C LEU D 437 19.30 62.92 -59.37
N ARG D 438 20.30 62.49 -60.13
CA ARG D 438 20.92 61.20 -59.94
C ARG D 438 22.37 61.41 -59.54
N GLY D 439 22.64 61.27 -58.24
CA GLY D 439 23.95 61.61 -57.68
C GLY D 439 24.30 63.08 -57.87
N ALA D 440 25.53 63.34 -58.29
CA ALA D 440 25.97 64.70 -58.58
C ALA D 440 25.32 65.26 -59.85
N GLY D 441 25.00 64.36 -60.77
CA GLY D 441 24.39 64.71 -62.04
C GLY D 441 22.89 64.91 -62.00
N ALA D 442 22.34 65.37 -63.12
CA ALA D 442 20.90 65.47 -63.30
C ALA D 442 20.50 64.86 -64.64
N LEU D 443 19.24 64.45 -64.74
CA LEU D 443 18.73 63.79 -65.93
C LEU D 443 17.32 64.29 -66.27
N TYR D 444 16.99 64.24 -67.56
CA TYR D 444 15.64 64.52 -68.01
C TYR D 444 14.99 63.21 -68.45
N LEU D 445 13.81 62.94 -67.93
CA LEU D 445 13.14 61.66 -68.22
C LEU D 445 11.75 61.91 -68.77
N LEU D 446 11.29 60.99 -69.61
CA LEU D 446 9.99 61.17 -70.24
C LEU D 446 9.12 59.95 -69.93
N ILE D 447 8.17 60.15 -69.02
CA ILE D 447 7.31 59.08 -68.54
C ILE D 447 6.03 58.94 -69.36
N ILE D 448 5.93 57.83 -70.10
CA ILE D 448 4.75 57.56 -70.91
C ILE D 448 3.90 56.45 -70.31
N MET E 19 -0.38 25.80 55.44
CA MET E 19 -0.50 24.48 54.84
C MET E 19 -1.38 24.49 53.60
N PRO E 20 -1.00 23.69 52.59
CA PRO E 20 -1.71 23.43 51.33
C PRO E 20 -2.92 22.53 51.52
N SER E 21 -4.12 23.08 51.70
CA SER E 21 -5.28 22.22 51.96
C SER E 21 -6.57 22.70 51.27
N LEU E 22 -7.53 21.79 51.17
CA LEU E 22 -8.83 22.09 50.60
C LEU E 22 -9.85 22.36 51.70
N ALA E 23 -9.39 22.40 52.94
CA ALA E 23 -10.27 22.65 54.08
C ALA E 23 -10.98 24.01 54.07
N PRO E 24 -10.24 25.12 53.80
CA PRO E 24 -10.92 26.42 53.84
C PRO E 24 -12.03 26.50 52.80
N VAL E 25 -11.71 26.07 51.59
CA VAL E 25 -12.66 26.11 50.48
C VAL E 25 -13.87 25.21 50.67
N LEU E 26 -13.67 24.01 51.20
CA LEU E 26 -14.78 23.09 51.40
C LEU E 26 -15.72 23.57 52.50
N LYS E 27 -15.23 24.40 53.42
CA LYS E 27 -16.08 24.97 54.47
C LYS E 27 -17.23 25.77 53.89
N ASN E 28 -16.97 26.45 52.78
CA ASN E 28 -17.95 27.34 52.19
C ASN E 28 -18.78 26.62 51.13
N ALA E 29 -18.58 25.31 51.05
CA ALA E 29 -19.27 24.50 50.06
C ALA E 29 -20.19 23.47 50.72
N MET E 30 -19.79 22.98 51.88
CA MET E 30 -20.54 21.91 52.55
C MET E 30 -21.98 22.26 52.93
N PRO E 31 -22.23 23.51 53.38
CA PRO E 31 -23.63 23.82 53.69
C PRO E 31 -24.58 23.67 52.51
N ALA E 32 -24.09 23.99 51.31
CA ALA E 32 -24.92 23.95 50.10
C ALA E 32 -25.36 22.54 49.75
N ILE E 33 -24.58 21.55 50.15
CA ILE E 33 -24.92 20.16 49.89
C ILE E 33 -25.85 19.63 50.99
N VAL E 34 -26.94 18.98 50.57
CA VAL E 34 -27.93 18.49 51.51
C VAL E 34 -28.16 17.00 51.33
N ASN E 35 -29.09 16.48 52.12
CA ASN E 35 -29.44 15.08 52.09
C ASN E 35 -30.85 14.93 51.55
N VAL E 36 -31.05 14.07 50.57
CA VAL E 36 -32.41 13.82 50.12
C VAL E 36 -32.84 12.39 50.45
N ALA E 37 -33.97 12.26 51.14
CA ALA E 37 -34.49 10.95 51.51
C ALA E 37 -35.86 10.76 50.86
N VAL E 38 -36.09 9.56 50.34
CA VAL E 38 -37.25 9.30 49.48
C VAL E 38 -38.03 8.06 49.94
N GLN E 39 -39.36 8.14 49.89
CA GLN E 39 -40.19 6.99 50.21
C GLN E 39 -41.25 6.73 49.12
N GLY E 40 -41.19 5.54 48.53
CA GLY E 40 -42.10 5.16 47.46
C GLY E 40 -42.53 3.70 47.58
N TYR E 41 -43.38 3.25 46.68
CA TYR E 41 -43.77 1.84 46.63
C TYR E 41 -43.27 1.13 45.38
N PHE E 72 -39.47 0.35 49.98
CA PHE E 72 -38.73 1.21 49.07
C PHE E 72 -38.35 2.53 49.73
N GLU E 73 -37.11 2.63 50.17
CA GLU E 73 -36.56 3.90 50.62
C GLU E 73 -35.25 4.18 49.90
N SER E 74 -35.19 5.32 49.22
CA SER E 74 -34.02 5.71 48.45
C SER E 74 -33.37 6.93 49.05
N ILE E 75 -32.03 6.96 49.05
CA ILE E 75 -31.28 8.10 49.55
C ILE E 75 -30.30 8.61 48.50
N GLY E 76 -30.01 9.90 48.57
CA GLY E 76 -29.14 10.55 47.61
C GLY E 76 -28.68 11.88 48.17
N SER E 77 -28.18 12.74 47.30
CA SER E 77 -27.72 14.05 47.73
C SER E 77 -28.34 15.15 46.87
N GLY E 78 -28.21 16.39 47.33
CA GLY E 78 -28.70 17.52 46.57
C GLY E 78 -27.82 18.73 46.78
N VAL E 79 -27.91 19.70 45.88
CA VAL E 79 -27.17 20.95 46.02
C VAL E 79 -28.16 22.11 45.99
N ILE E 80 -27.88 23.14 46.79
CA ILE E 80 -28.77 24.29 46.86
C ILE E 80 -28.33 25.37 45.89
N ILE E 81 -29.10 25.53 44.82
CA ILE E 81 -28.81 26.54 43.79
C ILE E 81 -29.20 27.95 44.20
N ASP E 82 -30.46 28.12 44.57
CA ASP E 82 -30.98 29.42 44.98
C ASP E 82 -31.53 29.40 46.40
N PRO E 83 -30.77 29.94 47.36
CA PRO E 83 -31.13 30.01 48.78
C PRO E 83 -32.30 30.96 49.04
N LYS E 84 -32.50 31.92 48.13
CA LYS E 84 -33.58 32.88 48.27
C LYS E 84 -34.93 32.19 48.20
N ASN E 85 -35.17 31.48 47.09
CA ASN E 85 -36.43 30.78 46.89
C ASN E 85 -36.37 29.37 47.48
N GLY E 86 -35.21 29.02 48.02
CA GLY E 86 -35.00 27.72 48.63
C GLY E 86 -35.22 26.56 47.69
N ILE E 87 -34.56 26.60 46.54
CA ILE E 87 -34.66 25.50 45.58
C ILE E 87 -33.35 24.73 45.47
N ILE E 88 -33.46 23.41 45.51
CA ILE E 88 -32.29 22.54 45.46
C ILE E 88 -32.34 21.68 44.21
N ILE E 89 -31.19 21.14 43.82
CA ILE E 89 -31.09 20.34 42.61
C ILE E 89 -30.56 18.94 42.94
N THR E 90 -30.99 17.95 42.19
CA THR E 90 -30.57 16.57 42.41
C THR E 90 -30.84 15.73 41.16
N ASN E 91 -30.50 14.45 41.22
CA ASN E 91 -30.76 13.56 40.10
C ASN E 91 -32.22 13.16 40.03
N ASP E 92 -32.74 13.00 38.83
CA ASP E 92 -34.12 12.63 38.63
C ASP E 92 -34.39 11.23 39.19
N HIS E 93 -33.43 10.33 39.01
CA HIS E 93 -33.62 8.94 39.41
C HIS E 93 -33.68 8.76 40.93
N VAL E 94 -33.28 9.80 41.66
CA VAL E 94 -33.35 9.76 43.11
C VAL E 94 -34.78 9.90 43.60
N ILE E 95 -35.50 10.83 43.00
CA ILE E 95 -36.88 11.12 43.40
C ILE E 95 -37.96 10.43 42.57
N ARG E 96 -37.54 9.53 41.67
CA ARG E 96 -38.49 8.77 40.86
C ARG E 96 -39.46 7.97 41.72
N ASN E 97 -40.75 8.03 41.36
CA ASN E 97 -41.79 7.26 42.04
C ASN E 97 -41.77 7.48 43.55
N ALA E 98 -41.84 8.75 43.96
CA ALA E 98 -41.64 9.10 45.35
C ALA E 98 -42.88 9.72 45.98
N ASN E 99 -43.37 9.09 47.04
CA ASN E 99 -44.49 9.65 47.77
C ASN E 99 -44.09 10.88 48.57
N LEU E 100 -43.11 10.69 49.44
CA LEU E 100 -42.62 11.76 50.31
C LEU E 100 -41.11 11.92 50.16
N ILE E 101 -40.66 13.12 49.82
CA ILE E 101 -39.22 13.38 49.80
C ILE E 101 -38.81 14.40 50.86
N THR E 102 -37.91 13.98 51.74
CA THR E 102 -37.51 14.83 52.86
C THR E 102 -36.03 15.21 52.78
N VAL E 103 -35.76 16.49 53.01
CA VAL E 103 -34.41 17.04 52.91
C VAL E 103 -33.82 17.45 54.25
N THR E 104 -32.61 16.99 54.53
CA THR E 104 -31.93 17.38 55.77
C THR E 104 -30.63 18.16 55.49
N LEU E 105 -30.53 19.34 56.08
CA LEU E 105 -29.39 20.24 55.87
C LEU E 105 -28.28 19.96 56.88
N GLN E 106 -27.14 20.61 56.68
CA GLN E 106 -26.05 20.50 57.64
C GLN E 106 -26.43 21.15 58.97
N ASP E 107 -27.47 21.99 58.94
CA ASP E 107 -28.03 22.57 60.14
C ASP E 107 -28.55 21.47 61.05
N GLY E 108 -28.93 20.36 60.44
CA GLY E 108 -29.53 19.25 61.16
C GLY E 108 -31.03 19.31 61.00
N ARG E 109 -31.52 20.35 60.32
CA ARG E 109 -32.95 20.49 60.09
C ARG E 109 -33.43 19.51 59.03
N ARG E 110 -34.59 18.90 59.27
CA ARG E 110 -35.21 18.02 58.28
C ARG E 110 -36.47 18.71 57.75
N LEU E 111 -36.59 18.76 56.43
CA LEU E 111 -37.67 19.53 55.80
C LEU E 111 -38.38 18.76 54.69
N LYS E 112 -39.71 18.86 54.64
CA LYS E 112 -40.49 18.26 53.55
C LYS E 112 -40.22 19.04 52.27
N ALA E 113 -39.97 18.32 51.17
CA ALA E 113 -39.59 18.93 49.91
C ALA E 113 -40.65 18.76 48.85
N ARG E 114 -40.79 19.77 47.99
CA ARG E 114 -41.80 19.73 46.94
C ARG E 114 -41.15 19.70 45.56
N LEU E 115 -41.68 18.84 44.68
CA LEU E 115 -41.09 18.58 43.38
C LEU E 115 -41.61 19.57 42.34
N ILE E 116 -40.76 20.51 41.93
CA ILE E 116 -41.11 21.43 40.87
C ILE E 116 -41.21 20.74 39.51
N GLY E 117 -40.14 20.05 39.12
CA GLY E 117 -40.12 19.34 37.85
C GLY E 117 -38.91 18.44 37.70
N GLY E 118 -38.97 17.53 36.73
CA GLY E 118 -37.86 16.64 36.47
C GLY E 118 -37.76 16.24 35.01
N ASP E 119 -36.55 15.92 34.57
CA ASP E 119 -36.31 15.54 33.19
C ASP E 119 -35.53 14.23 33.15
N SER E 120 -36.20 13.16 32.74
CA SER E 120 -35.60 11.84 32.70
C SER E 120 -34.43 11.76 31.73
N GLU E 121 -34.49 12.56 30.67
CA GLU E 121 -33.48 12.52 29.63
C GLU E 121 -32.10 12.94 30.14
N THR E 122 -32.05 14.01 30.94
CA THR E 122 -30.78 14.49 31.46
C THR E 122 -30.58 14.09 32.92
N ASP E 123 -31.51 13.29 33.45
CA ASP E 123 -31.46 12.82 34.84
C ASP E 123 -31.30 13.98 35.81
N LEU E 124 -32.07 15.03 35.61
CA LEU E 124 -32.05 16.18 36.52
C LEU E 124 -33.43 16.45 37.07
N ALA E 125 -33.47 17.05 38.26
CA ALA E 125 -34.72 17.39 38.90
C ALA E 125 -34.56 18.57 39.84
N VAL E 126 -35.62 19.35 39.99
CA VAL E 126 -35.56 20.51 40.87
C VAL E 126 -36.56 20.36 42.01
N LEU E 127 -36.10 20.63 43.22
CA LEU E 127 -36.96 20.53 44.39
C LEU E 127 -36.99 21.89 45.06
N LYS E 128 -38.11 22.19 45.69
CA LYS E 128 -38.24 23.42 46.43
C LYS E 128 -38.43 23.12 47.90
N ILE E 129 -37.64 23.78 48.74
CA ILE E 129 -37.75 23.59 50.17
C ILE E 129 -38.29 24.87 50.79
N ASP E 130 -39.32 24.74 51.62
CA ASP E 130 -40.00 25.90 52.20
C ASP E 130 -39.33 26.33 53.49
N ALA E 131 -38.08 26.79 53.37
CA ALA E 131 -37.30 27.20 54.53
C ALA E 131 -36.47 28.44 54.27
N LYS E 132 -36.02 29.05 55.37
CA LYS E 132 -35.21 30.26 55.30
C LYS E 132 -33.89 30.02 56.01
N ASN E 133 -32.95 30.93 55.83
CA ASN E 133 -31.59 30.83 56.39
C ASN E 133 -30.75 29.73 55.75
N LEU E 134 -31.15 29.30 54.55
CA LEU E 134 -30.37 28.35 53.77
C LEU E 134 -29.11 28.99 53.23
N LYS E 135 -28.05 28.19 53.11
CA LYS E 135 -26.81 28.68 52.51
C LYS E 135 -26.50 27.93 51.22
N SER E 136 -25.76 28.58 50.33
CA SER E 136 -25.45 28.00 49.03
C SER E 136 -23.99 28.24 48.68
N LEU E 137 -23.57 27.74 47.53
CA LEU E 137 -22.19 27.92 47.10
C LEU E 137 -22.17 28.57 45.72
N VAL E 138 -21.08 29.27 45.43
CA VAL E 138 -20.88 29.92 44.14
C VAL E 138 -20.88 28.96 42.96
N ILE E 139 -21.66 29.29 41.93
CA ILE E 139 -21.74 28.48 40.72
C ILE E 139 -20.59 28.88 39.79
N GLY E 140 -20.08 27.92 39.03
CA GLY E 140 -18.91 28.14 38.21
C GLY E 140 -19.14 27.78 36.76
N ASP E 141 -18.09 27.82 35.97
CA ASP E 141 -18.20 27.53 34.54
C ASP E 141 -17.62 26.15 34.21
N SER E 142 -18.51 25.21 33.89
CA SER E 142 -18.06 23.86 33.52
C SER E 142 -17.35 23.91 32.17
N ASP E 143 -17.70 24.88 31.35
CA ASP E 143 -17.07 25.05 30.05
C ASP E 143 -15.62 25.52 30.19
N LYS E 144 -15.26 26.01 31.38
CA LYS E 144 -13.90 26.47 31.65
C LYS E 144 -13.01 25.35 32.20
N LEU E 145 -13.60 24.19 32.45
CA LEU E 145 -12.87 23.04 33.01
C LEU E 145 -11.87 22.44 32.05
N GLU E 146 -10.74 21.99 32.59
CA GLU E 146 -9.75 21.27 31.81
C GLU E 146 -9.36 19.98 32.52
N VAL E 147 -9.01 18.97 31.73
CA VAL E 147 -8.57 17.68 32.28
C VAL E 147 -7.29 17.86 33.07
N GLY E 148 -7.28 17.31 34.28
CA GLY E 148 -6.16 17.46 35.19
C GLY E 148 -6.46 18.46 36.29
N ASP E 149 -7.58 19.16 36.18
CA ASP E 149 -8.02 20.06 37.25
C ASP E 149 -8.44 19.26 38.47
N TYR E 150 -8.04 19.69 39.65
CA TYR E 150 -8.42 18.98 40.88
C TYR E 150 -9.88 19.28 41.18
N VAL E 151 -10.60 18.24 41.62
CA VAL E 151 -12.00 18.39 41.98
C VAL E 151 -12.35 17.63 43.26
N VAL E 152 -13.39 18.07 43.95
CA VAL E 152 -13.88 17.39 45.14
C VAL E 152 -15.36 17.07 44.99
N ALA E 153 -15.76 15.86 45.40
CA ALA E 153 -17.15 15.45 45.29
C ALA E 153 -17.80 15.37 46.66
N ILE E 154 -18.87 16.15 46.84
CA ILE E 154 -19.58 16.20 48.11
C ILE E 154 -20.98 15.60 48.00
N GLY E 155 -21.24 14.58 48.81
CA GLY E 155 -22.52 13.87 48.78
C GLY E 155 -22.61 12.92 49.96
N ASN E 156 -23.71 12.20 50.06
CA ASN E 156 -23.85 11.21 51.13
C ASN E 156 -23.80 9.77 50.64
N PRO E 157 -22.59 9.21 50.53
CA PRO E 157 -22.48 7.83 50.08
C PRO E 157 -22.76 6.86 51.23
N PHE E 158 -23.63 5.89 50.99
CA PHE E 158 -23.96 4.84 51.96
C PHE E 158 -24.73 5.34 53.18
N GLY E 159 -25.23 6.57 53.11
CA GLY E 159 -26.07 7.11 54.16
C GLY E 159 -25.29 7.37 55.42
N LEU E 160 -23.99 7.64 55.28
CA LEU E 160 -23.08 7.75 56.42
C LEU E 160 -23.41 8.86 57.41
N ASN E 161 -23.86 10.03 56.94
CA ASN E 161 -24.25 11.08 57.88
C ASN E 161 -25.74 11.11 58.23
N SER E 162 -26.05 10.48 59.35
CA SER E 162 -27.43 10.34 59.80
C SER E 162 -28.01 11.70 60.14
N PHE E 163 -27.18 12.57 60.70
CA PHE E 163 -27.65 13.82 61.25
C PHE E 163 -27.42 15.00 60.31
N GLY E 164 -26.81 14.72 59.17
CA GLY E 164 -26.69 15.69 58.09
C GLY E 164 -25.53 16.65 58.22
N ASN E 165 -24.87 16.65 59.37
CA ASN E 165 -23.81 17.60 59.66
C ASN E 165 -22.46 17.20 59.08
N SER E 166 -22.39 16.02 58.47
CA SER E 166 -21.11 15.52 57.97
C SER E 166 -21.20 14.85 56.60
N GLN E 167 -21.29 15.66 55.55
CA GLN E 167 -21.24 15.14 54.18
C GLN E 167 -19.86 14.54 53.96
N SER E 168 -19.72 13.68 52.95
CA SER E 168 -18.42 13.06 52.68
C SER E 168 -17.74 13.75 51.51
N ALA E 169 -16.49 14.13 51.71
CA ALA E 169 -15.73 14.78 50.65
C ALA E 169 -14.75 13.79 50.03
N THR E 170 -14.73 13.73 48.71
CA THR E 170 -13.82 12.82 48.03
C THR E 170 -13.05 13.59 46.97
N PHE E 171 -11.77 13.24 46.83
CA PHE E 171 -10.83 14.05 46.08
C PHE E 171 -10.36 13.33 44.83
N GLY E 172 -10.29 14.06 43.74
CA GLY E 172 -9.84 13.51 42.47
C GLY E 172 -9.57 14.61 41.47
N ILE E 173 -9.05 14.24 40.30
CA ILE E 173 -8.93 15.16 39.18
C ILE E 173 -10.07 14.99 38.18
N VAL E 174 -10.04 15.79 37.13
CA VAL E 174 -10.94 15.64 36.00
C VAL E 174 -10.33 14.64 35.03
N SER E 175 -10.96 13.47 34.90
CA SER E 175 -10.43 12.43 34.03
C SER E 175 -10.62 12.75 32.55
N ALA E 176 -11.80 13.22 32.21
CA ALA E 176 -12.14 13.54 30.82
C ALA E 176 -13.36 14.44 30.77
N LEU E 177 -13.64 15.00 29.60
CA LEU E 177 -14.76 15.90 29.43
C LEU E 177 -15.61 15.52 28.22
N LYS E 178 -16.88 15.91 28.26
CA LYS E 178 -17.80 15.69 27.15
C LYS E 178 -18.04 14.21 26.82
N ARG E 179 -18.17 13.38 27.85
CA ARG E 179 -18.44 11.96 27.65
C ARG E 179 -19.82 11.72 27.03
N SER E 180 -19.85 10.82 26.05
CA SER E 180 -21.08 10.44 25.37
C SER E 180 -21.00 8.97 24.98
N ASP E 181 -22.11 8.46 24.44
CA ASP E 181 -22.21 7.07 23.96
C ASP E 181 -22.21 6.07 25.12
N LEU E 182 -22.22 6.59 26.35
CA LEU E 182 -22.25 5.76 27.54
C LEU E 182 -23.56 4.98 27.65
N ASN E 183 -24.63 5.59 27.13
CA ASN E 183 -25.98 5.00 27.19
C ASN E 183 -26.52 4.82 28.61
N ILE E 184 -26.04 5.66 29.53
CA ILE E 184 -26.61 5.73 30.87
C ILE E 184 -27.89 6.56 30.85
N GLU E 185 -27.82 7.68 30.14
CA GLU E 185 -28.93 8.62 30.06
C GLU E 185 -29.25 8.92 28.60
N GLY E 186 -30.41 9.50 28.35
CA GLY E 186 -30.78 9.90 27.00
C GLY E 186 -29.88 10.99 26.47
N VAL E 187 -29.58 11.97 27.32
CA VAL E 187 -28.72 13.08 26.96
C VAL E 187 -27.47 13.12 27.84
N GLU E 188 -26.30 12.92 27.22
CA GLU E 188 -25.05 12.81 27.96
C GLU E 188 -23.99 13.82 27.53
N ASN E 189 -23.44 14.55 28.48
CA ASN E 189 -22.27 15.39 28.24
C ASN E 189 -21.38 15.39 29.48
N PHE E 190 -21.08 14.20 30.00
CA PHE E 190 -20.54 14.05 31.34
C PHE E 190 -19.13 14.59 31.58
N ILE E 191 -18.84 14.88 32.85
CA ILE E 191 -17.50 15.16 33.30
C ILE E 191 -17.03 13.88 33.98
N GLN E 192 -15.86 13.40 33.59
CA GLN E 192 -15.34 12.16 34.18
C GLN E 192 -14.36 12.51 35.28
N THR E 193 -14.57 11.95 36.45
CA THR E 193 -13.70 12.21 37.59
C THR E 193 -13.32 10.91 38.28
N ASP E 194 -12.12 10.87 38.85
CA ASP E 194 -11.69 9.69 39.59
C ASP E 194 -11.88 9.93 41.09
N ALA E 195 -12.53 11.03 41.43
CA ALA E 195 -12.95 11.28 42.80
C ALA E 195 -13.98 10.23 43.13
N ALA E 196 -14.04 9.82 44.39
CA ALA E 196 -14.80 8.63 44.75
C ALA E 196 -16.30 8.89 44.82
N ILE E 197 -17.03 8.36 43.85
CA ILE E 197 -18.48 8.46 43.79
C ILE E 197 -19.07 7.06 43.97
N ASN E 198 -19.96 6.94 44.96
CA ASN E 198 -20.54 5.66 45.32
C ASN E 198 -22.04 5.81 45.37
N PRO E 199 -22.78 4.71 45.55
CA PRO E 199 -24.23 4.85 45.72
C PRO E 199 -24.59 5.81 46.86
N GLY E 200 -25.56 6.69 46.58
CA GLY E 200 -25.94 7.73 47.51
C GLY E 200 -25.22 9.04 47.27
N ASN E 201 -24.29 9.05 46.32
CA ASN E 201 -23.57 10.26 45.97
C ASN E 201 -24.32 11.04 44.90
N ALA E 202 -25.43 10.47 44.44
CA ALA E 202 -26.21 11.05 43.35
C ALA E 202 -26.85 12.38 43.73
N GLY E 203 -26.82 13.33 42.79
CA GLY E 203 -27.36 14.65 43.04
C GLY E 203 -26.41 15.50 43.85
N GLY E 204 -25.27 14.91 44.21
CA GLY E 204 -24.26 15.61 44.98
C GLY E 204 -23.55 16.66 44.15
N ALA E 205 -22.66 17.41 44.80
CA ALA E 205 -21.92 18.46 44.13
C ALA E 205 -20.53 17.98 43.72
N LEU E 206 -20.09 18.47 42.57
CA LEU E 206 -18.69 18.33 42.16
C LEU E 206 -18.15 19.74 42.10
N VAL E 207 -17.11 20.02 42.88
CA VAL E 207 -16.59 21.37 43.00
C VAL E 207 -15.11 21.46 42.60
N ASN E 208 -14.73 22.58 41.99
CA ASN E 208 -13.33 22.83 41.65
C ASN E 208 -12.54 23.31 42.87
N ALA E 209 -11.26 23.61 42.67
CA ALA E 209 -10.39 24.01 43.77
C ALA E 209 -10.89 25.28 44.47
N LYS E 210 -11.48 26.18 43.69
CA LYS E 210 -12.09 27.38 44.25
C LYS E 210 -13.30 27.06 45.11
N GLY E 211 -13.92 25.91 44.84
CA GLY E 211 -15.10 25.47 45.56
C GLY E 211 -16.38 25.78 44.82
N GLU E 212 -16.24 26.28 43.60
CA GLU E 212 -17.38 26.59 42.75
C GLU E 212 -18.01 25.29 42.28
N LEU E 213 -19.30 25.33 41.97
CA LEU E 213 -20.00 24.12 41.56
C LEU E 213 -19.83 23.96 40.05
N ILE E 214 -19.32 22.81 39.65
CA ILE E 214 -19.01 22.59 38.26
C ILE E 214 -19.76 21.38 37.74
N GLY E 215 -20.34 20.61 38.65
CA GLY E 215 -21.05 19.41 38.24
C GLY E 215 -21.98 18.80 39.27
N ILE E 216 -22.90 17.98 38.80
CA ILE E 216 -23.78 17.22 39.68
C ILE E 216 -23.52 15.73 39.47
N ASN E 217 -22.99 15.08 40.50
CA ASN E 217 -22.62 13.67 40.41
C ASN E 217 -23.81 12.79 40.12
N THR E 218 -23.68 11.94 39.10
CA THR E 218 -24.82 11.17 38.62
C THR E 218 -24.59 9.66 38.59
N ALA E 219 -23.57 9.21 37.87
CA ALA E 219 -23.38 7.79 37.65
C ALA E 219 -21.93 7.34 37.66
N ILE E 220 -21.73 6.04 37.86
CA ILE E 220 -20.41 5.43 37.80
C ILE E 220 -20.39 4.23 36.86
N ILE E 221 -19.21 3.87 36.38
CA ILE E 221 -19.04 2.62 35.64
C ILE E 221 -18.25 1.66 36.50
N SER E 222 -18.88 0.55 36.88
CA SER E 222 -18.23 -0.42 37.75
C SER E 222 -18.63 -1.85 37.41
N PRO E 223 -17.67 -2.77 37.51
CA PRO E 223 -18.00 -4.19 37.33
C PRO E 223 -18.89 -4.69 38.46
N TYR E 224 -18.64 -4.22 39.68
CA TYR E 224 -19.38 -4.70 40.83
C TYR E 224 -20.12 -3.65 41.66
N GLY E 225 -20.34 -2.47 41.07
CA GLY E 225 -21.19 -1.47 41.70
C GLY E 225 -20.53 -0.62 42.77
N GLY E 226 -19.22 -0.80 42.94
CA GLY E 226 -18.46 0.04 43.84
C GLY E 226 -17.53 0.92 43.03
N ASN E 227 -17.14 2.07 43.58
CA ASN E 227 -16.30 2.99 42.83
C ASN E 227 -14.96 2.38 42.44
N VAL E 228 -14.69 2.34 41.13
CA VAL E 228 -13.42 1.83 40.65
C VAL E 228 -12.58 2.96 40.07
N GLY E 229 -12.95 4.20 40.40
CA GLY E 229 -12.22 5.37 39.96
C GLY E 229 -12.76 5.98 38.68
N ILE E 230 -13.90 5.46 38.23
CA ILE E 230 -14.56 6.03 37.08
C ILE E 230 -16.00 6.43 37.40
N GLY E 231 -16.25 7.73 37.44
CA GLY E 231 -17.54 8.26 37.80
C GLY E 231 -17.86 9.48 36.96
N PHE E 232 -19.14 9.80 36.85
CA PHE E 232 -19.58 10.85 35.94
C PHE E 232 -20.48 11.87 36.62
N ALA E 233 -20.34 13.13 36.19
CA ALA E 233 -21.18 14.20 36.72
C ALA E 233 -21.66 15.09 35.58
N ILE E 234 -22.87 15.63 35.72
CA ILE E 234 -23.44 16.50 34.71
C ILE E 234 -22.86 17.90 34.89
N PRO E 235 -22.24 18.45 33.83
CA PRO E 235 -21.63 19.77 33.92
C PRO E 235 -22.67 20.80 34.32
N ILE E 236 -22.27 21.76 35.15
CA ILE E 236 -23.24 22.66 35.77
C ILE E 236 -23.96 23.55 34.77
N ASN E 237 -23.26 23.96 33.72
CA ASN E 237 -23.85 24.83 32.71
C ASN E 237 -25.07 24.19 32.04
N MET E 238 -24.92 22.92 31.67
CA MET E 238 -26.05 22.17 31.16
C MET E 238 -27.11 21.99 32.25
N ALA E 239 -26.66 21.63 33.45
CA ALA E 239 -27.57 21.39 34.57
C ALA E 239 -28.33 22.65 34.96
N LYS E 240 -27.65 23.79 34.94
CA LYS E 240 -28.26 25.06 35.30
C LYS E 240 -29.36 25.42 34.31
N ASP E 241 -29.09 25.18 33.02
CA ASP E 241 -30.06 25.49 31.97
C ASP E 241 -31.32 24.65 32.15
N VAL E 242 -31.14 23.36 32.38
CA VAL E 242 -32.26 22.45 32.59
C VAL E 242 -33.09 22.89 33.80
N ALA E 243 -32.40 23.25 34.88
CA ALA E 243 -33.05 23.67 36.11
C ALA E 243 -33.88 24.93 35.91
N GLN E 244 -33.27 25.95 35.31
CA GLN E 244 -33.93 27.24 35.10
C GLN E 244 -35.14 27.10 34.19
N GLN E 245 -35.00 26.25 33.19
CA GLN E 245 -36.09 25.95 32.27
C GLN E 245 -37.23 25.24 32.99
N ILE E 246 -36.87 24.35 33.92
CA ILE E 246 -37.87 23.64 34.71
C ILE E 246 -38.67 24.60 35.57
N ILE E 247 -37.98 25.50 36.24
CA ILE E 247 -38.63 26.47 37.12
C ILE E 247 -39.61 27.35 36.35
N LYS E 248 -39.22 27.74 35.15
CA LYS E 248 -40.06 28.59 34.31
C LYS E 248 -41.30 27.88 33.76
N PHE E 249 -41.15 26.63 33.30
CA PHE E 249 -42.28 25.96 32.64
C PHE E 249 -42.80 24.72 33.37
N GLY E 250 -42.03 24.20 34.33
CA GLY E 250 -42.44 23.02 35.06
C GLY E 250 -42.03 21.74 34.37
N SER E 251 -41.49 21.88 33.17
CA SER E 251 -41.03 20.75 32.37
C SER E 251 -40.21 21.26 31.19
N ILE E 252 -39.52 20.34 30.52
CA ILE E 252 -38.77 20.70 29.33
C ILE E 252 -39.49 20.20 28.09
N HIS E 253 -39.79 21.11 27.18
CA HIS E 253 -40.45 20.74 25.94
C HIS E 253 -39.41 20.67 24.85
N ARG E 254 -39.19 19.46 24.34
CA ARG E 254 -38.08 19.21 23.45
C ARG E 254 -38.58 18.94 22.04
N GLY E 255 -37.77 19.33 21.06
CA GLY E 255 -38.16 19.17 19.67
C GLY E 255 -37.07 18.50 18.86
N LEU E 256 -37.45 17.96 17.71
CA LEU E 256 -36.49 17.31 16.82
C LEU E 256 -36.38 18.05 15.49
N MET E 257 -35.17 18.09 14.94
CA MET E 257 -34.96 18.68 13.64
C MET E 257 -35.09 17.63 12.54
N GLY E 258 -35.13 16.37 12.94
CA GLY E 258 -35.17 15.26 11.99
C GLY E 258 -33.88 15.08 11.22
N ILE E 259 -32.76 15.08 11.95
CA ILE E 259 -31.45 15.00 11.33
C ILE E 259 -30.60 13.88 11.96
N PHE E 260 -29.85 13.17 11.12
CA PHE E 260 -28.92 12.15 11.59
C PHE E 260 -27.49 12.69 11.48
N VAL E 261 -26.71 12.53 12.55
CA VAL E 261 -25.37 13.10 12.59
C VAL E 261 -24.32 12.01 12.83
N GLN E 262 -23.20 12.13 12.15
CA GLN E 262 -22.13 11.15 12.19
C GLN E 262 -20.82 11.83 12.57
N HIS E 263 -19.98 11.17 13.36
CA HIS E 263 -18.69 11.74 13.72
C HIS E 263 -17.81 11.85 12.47
N LEU E 264 -17.14 12.99 12.35
CA LEU E 264 -16.33 13.26 11.18
C LEU E 264 -14.86 12.96 11.49
N THR E 265 -14.41 11.78 11.10
CA THR E 265 -13.02 11.41 11.28
C THR E 265 -12.18 12.16 10.25
N PRO E 266 -10.90 12.42 10.57
CA PRO E 266 -10.01 13.12 9.64
C PRO E 266 -9.90 12.36 8.31
N GLU E 267 -9.87 11.03 8.38
CA GLU E 267 -9.85 10.20 7.18
C GLU E 267 -11.04 10.50 6.29
N LEU E 268 -12.20 10.59 6.92
CA LEU E 268 -13.45 10.86 6.24
C LEU E 268 -13.48 12.30 5.73
N ALA E 269 -12.85 13.20 6.48
CA ALA E 269 -12.82 14.62 6.12
C ALA E 269 -12.05 14.90 4.84
N GLN E 270 -10.96 14.18 4.61
CA GLN E 270 -10.18 14.36 3.38
C GLN E 270 -11.01 14.06 2.14
N SER E 271 -11.73 12.95 2.17
CA SER E 271 -12.51 12.49 1.02
C SER E 271 -13.66 13.43 0.67
N MET E 272 -14.07 14.24 1.63
CA MET E 272 -15.13 15.23 1.43
C MET E 272 -14.59 16.63 1.11
N GLY E 273 -13.28 16.71 0.85
CA GLY E 273 -12.64 17.93 0.40
C GLY E 273 -12.10 18.87 1.47
N TYR E 274 -12.24 18.49 2.73
CA TYR E 274 -11.76 19.30 3.85
C TYR E 274 -10.33 18.96 4.29
N ALA E 275 -9.80 19.79 5.19
CA ALA E 275 -8.48 19.55 5.79
C ALA E 275 -8.54 18.37 6.77
N GLU E 276 -7.40 17.74 7.00
CA GLU E 276 -7.33 16.61 7.93
C GLU E 276 -7.75 17.00 9.35
N ASP E 277 -7.32 18.17 9.78
CA ASP E 277 -7.62 18.61 11.14
C ASP E 277 -8.92 19.39 11.23
N PHE E 278 -9.73 19.32 10.16
CA PHE E 278 -11.03 19.98 10.16
C PHE E 278 -11.96 19.24 11.08
N GLN E 279 -12.85 19.98 11.73
CA GLN E 279 -13.79 19.39 12.68
C GLN E 279 -15.18 19.97 12.49
N GLY E 280 -16.17 19.14 12.78
CA GLY E 280 -17.56 19.53 12.67
C GLY E 280 -18.44 18.30 12.79
N ALA E 281 -19.73 18.48 12.56
CA ALA E 281 -20.68 17.38 12.67
C ALA E 281 -21.21 17.01 11.29
N LEU E 282 -20.82 15.81 10.83
CA LEU E 282 -21.25 15.34 9.53
C LEU E 282 -22.73 14.98 9.55
N VAL E 283 -23.45 15.34 8.50
CA VAL E 283 -24.87 15.04 8.44
C VAL E 283 -25.08 13.82 7.53
N SER E 284 -25.28 12.66 8.14
CA SER E 284 -25.44 11.43 7.38
C SER E 284 -26.79 11.37 6.67
N GLN E 285 -27.85 11.74 7.37
CA GLN E 285 -29.18 11.74 6.77
C GLN E 285 -30.01 12.94 7.20
N VAL E 286 -30.81 13.45 6.26
CA VAL E 286 -31.86 14.39 6.59
C VAL E 286 -33.17 13.71 6.25
N ASN E 287 -34.03 13.55 7.25
CA ASN E 287 -35.26 12.76 7.09
C ASN E 287 -36.23 13.35 6.08
N GLN E 288 -37.12 12.52 5.59
CA GLN E 288 -38.12 12.96 4.62
C GLN E 288 -39.14 13.85 5.32
N ASN E 289 -39.43 15.00 4.71
CA ASN E 289 -40.41 15.94 5.22
C ASN E 289 -40.14 16.40 6.65
N SER E 290 -38.88 16.73 6.93
CA SER E 290 -38.48 17.13 8.26
C SER E 290 -38.14 18.62 8.25
N PRO E 291 -38.19 19.26 9.42
CA PRO E 291 -37.85 20.68 9.53
C PRO E 291 -36.47 20.99 8.97
N ALA E 292 -35.54 20.06 9.12
CA ALA E 292 -34.20 20.23 8.57
C ALA E 292 -34.25 20.23 7.04
N GLN E 293 -35.06 19.35 6.47
CA GLN E 293 -35.17 19.24 5.01
C GLN E 293 -35.82 20.49 4.41
N LEU E 294 -36.84 20.99 5.09
CA LEU E 294 -37.54 22.19 4.65
C LEU E 294 -36.61 23.40 4.66
N ALA E 295 -35.78 23.49 5.68
CA ALA E 295 -34.81 24.58 5.82
C ALA E 295 -33.73 24.53 4.73
N GLY E 296 -33.57 23.37 4.10
CA GLY E 296 -32.62 23.23 3.01
C GLY E 296 -31.34 22.52 3.40
N LEU E 297 -31.37 21.83 4.53
CA LEU E 297 -30.21 21.09 5.00
C LEU E 297 -30.10 19.78 4.21
N LYS E 298 -28.86 19.39 3.89
CA LYS E 298 -28.64 18.23 3.02
C LYS E 298 -27.64 17.27 3.66
N SER E 299 -27.60 16.04 3.15
CA SER E 299 -26.57 15.09 3.56
C SER E 299 -25.23 15.58 3.04
N GLY E 300 -24.16 15.24 3.76
CA GLY E 300 -22.83 15.66 3.36
C GLY E 300 -22.47 17.04 3.88
N ASP E 301 -23.48 17.73 4.41
CA ASP E 301 -23.24 19.03 5.04
C ASP E 301 -22.54 18.81 6.36
N VAL E 302 -21.73 19.78 6.77
CA VAL E 302 -21.03 19.69 8.04
C VAL E 302 -21.47 20.81 8.97
N ILE E 303 -22.18 20.45 10.04
CA ILE E 303 -22.56 21.42 11.05
C ILE E 303 -21.30 21.91 11.74
N VAL E 304 -21.07 23.22 11.71
CA VAL E 304 -19.87 23.79 12.30
C VAL E 304 -20.22 24.63 13.52
N GLN E 305 -21.49 25.02 13.62
CA GLN E 305 -21.99 25.80 14.75
C GLN E 305 -23.52 25.86 14.81
N ILE E 306 -24.08 25.60 15.99
CA ILE E 306 -25.51 25.74 16.23
C ILE E 306 -25.74 26.84 17.26
N ASN E 307 -26.45 27.89 16.86
CA ASN E 307 -26.67 29.06 17.71
C ASN E 307 -25.36 29.67 18.14
N ASP E 308 -25.20 29.84 19.45
CA ASP E 308 -23.95 30.32 20.02
C ASP E 308 -22.87 29.24 20.09
N THR E 309 -23.32 27.99 20.25
CA THR E 309 -22.40 26.86 20.45
C THR E 309 -21.64 26.48 19.18
N LYS E 310 -20.33 26.31 19.31
CA LYS E 310 -19.49 25.90 18.17
C LYS E 310 -19.37 24.39 18.23
N ILE E 311 -19.43 23.74 17.08
CA ILE E 311 -19.44 22.28 17.05
C ILE E 311 -18.18 21.68 16.44
N THR E 312 -17.52 20.81 17.21
CA THR E 312 -16.29 20.15 16.77
C THR E 312 -16.46 18.65 16.62
N GLN E 313 -17.52 18.09 17.19
CA GLN E 313 -17.84 16.68 16.98
C GLN E 313 -19.33 16.38 17.07
N ALA E 314 -19.71 15.23 16.53
CA ALA E 314 -21.11 14.89 16.32
C ALA E 314 -21.95 14.87 17.59
N THR E 315 -21.35 14.38 18.67
CA THR E 315 -22.08 14.18 19.92
C THR E 315 -22.59 15.49 20.53
N GLN E 316 -22.01 16.61 20.13
CA GLN E 316 -22.42 17.91 20.65
C GLN E 316 -23.76 18.38 20.08
N VAL E 317 -24.13 17.86 18.91
CA VAL E 317 -25.36 18.29 18.27
C VAL E 317 -26.59 17.91 19.08
N LYS E 318 -26.65 16.64 19.50
CA LYS E 318 -27.80 16.15 20.23
C LYS E 318 -28.01 16.88 21.55
N THR E 319 -26.92 17.08 22.29
CA THR E 319 -27.00 17.75 23.59
C THR E 319 -27.43 19.20 23.42
N THR E 320 -26.93 19.85 22.37
CA THR E 320 -27.28 21.24 22.09
C THR E 320 -28.76 21.42 21.73
N ILE E 321 -29.28 20.52 20.90
CA ILE E 321 -30.69 20.57 20.52
C ILE E 321 -31.60 20.23 21.71
N SER E 322 -31.14 19.34 22.57
CA SER E 322 -31.92 18.90 23.73
C SER E 322 -32.27 20.05 24.66
N LEU E 323 -31.34 20.98 24.81
CA LEU E 323 -31.58 22.18 25.62
C LEU E 323 -32.59 23.13 24.97
N LEU E 324 -32.61 23.18 23.65
CA LEU E 324 -33.52 24.05 22.91
C LEU E 324 -34.98 23.70 23.15
N ARG E 325 -35.82 24.73 23.22
CA ARG E 325 -37.23 24.51 23.49
C ARG E 325 -38.03 24.49 22.19
N ALA E 326 -39.07 23.66 22.17
CA ALA E 326 -39.85 23.46 20.95
C ALA E 326 -40.56 24.74 20.49
N GLY E 327 -40.70 24.88 19.18
CA GLY E 327 -41.32 26.05 18.59
C GLY E 327 -40.34 27.19 18.40
N SER E 328 -39.06 26.91 18.62
CA SER E 328 -38.02 27.92 18.50
C SER E 328 -37.05 27.58 17.39
N THR E 329 -36.68 28.58 16.60
CA THR E 329 -35.76 28.38 15.50
C THR E 329 -34.33 28.15 16.01
N ALA E 330 -33.61 27.27 15.34
CA ALA E 330 -32.21 27.03 15.68
C ALA E 330 -31.35 27.49 14.52
N LYS E 331 -30.38 28.35 14.81
CA LYS E 331 -29.47 28.85 13.79
C LYS E 331 -28.40 27.80 13.52
N ILE E 332 -28.41 27.24 12.32
CA ILE E 332 -27.45 26.19 11.99
C ILE E 332 -26.42 26.73 11.02
N LYS E 333 -25.15 26.63 11.39
CA LYS E 333 -24.07 27.14 10.56
C LYS E 333 -23.32 25.97 9.96
N ILE E 334 -23.33 25.85 8.65
CA ILE E 334 -22.75 24.69 7.99
C ILE E 334 -21.73 25.06 6.92
N LEU E 335 -21.06 24.04 6.41
CA LEU E 335 -20.25 24.16 5.23
C LEU E 335 -20.68 23.09 4.24
N ARG E 336 -21.28 23.51 3.13
CA ARG E 336 -21.66 22.57 2.09
C ARG E 336 -20.55 22.63 1.05
N ASP E 337 -19.92 21.48 0.82
CA ASP E 337 -18.61 21.43 0.20
C ASP E 337 -17.70 22.35 1.01
N ASN E 338 -17.00 23.28 0.39
CA ASN E 338 -16.19 24.18 1.20
C ASN E 338 -16.74 25.60 1.28
N LYS E 339 -18.04 25.74 1.13
CA LYS E 339 -18.69 27.05 1.12
C LYS E 339 -19.53 27.26 2.38
N PRO E 340 -19.29 28.37 3.10
CA PRO E 340 -20.02 28.65 4.33
C PRO E 340 -21.48 29.00 4.05
N LEU E 341 -22.39 28.45 4.85
CA LEU E 341 -23.82 28.74 4.71
C LEU E 341 -24.46 28.79 6.09
N THR E 342 -25.62 29.43 6.17
CA THR E 342 -26.39 29.46 7.41
C THR E 342 -27.87 29.14 7.12
N LEU E 343 -28.43 28.23 7.89
CA LEU E 343 -29.82 27.82 7.71
C LEU E 343 -30.55 27.99 9.03
N ASP E 344 -31.80 28.42 8.96
CA ASP E 344 -32.63 28.55 10.16
C ASP E 344 -33.65 27.43 10.18
N VAL E 345 -33.47 26.50 11.11
CA VAL E 345 -34.29 25.30 11.17
C VAL E 345 -35.22 25.38 12.36
N GLU E 346 -36.50 25.12 12.12
CA GLU E 346 -37.47 25.10 13.20
C GLU E 346 -37.31 23.86 14.07
N VAL E 347 -37.34 24.06 15.39
CA VAL E 347 -37.28 22.94 16.32
C VAL E 347 -38.71 22.57 16.71
N THR E 348 -39.16 21.42 16.22
CA THR E 348 -40.58 21.08 16.26
C THR E 348 -40.86 19.90 17.18
N ASP E 349 -42.00 19.97 17.87
CA ASP E 349 -42.44 18.90 18.76
C ASP E 349 -42.57 17.57 18.02
N ILE E 350 -42.27 16.46 18.70
CA ILE E 350 -42.34 15.15 18.07
C ILE E 350 -43.77 14.76 17.72
N LYS E 351 -44.67 14.92 18.70
CA LYS E 351 -46.08 14.56 18.52
C LYS E 351 -46.82 15.45 17.51
N LYS E 352 -46.56 16.76 17.54
CA LYS E 352 -47.24 17.69 16.64
C LYS E 352 -46.91 17.45 15.17
N HIS E 353 -45.63 17.20 14.89
CA HIS E 353 -45.15 16.97 13.53
C HIS E 353 -45.63 15.62 12.98
N GLU E 354 -45.97 14.71 13.90
CA GLU E 354 -46.34 13.35 13.56
C GLU E 354 -47.82 13.33 13.14
N GLN E 355 -48.47 14.46 13.34
CA GLN E 355 -49.85 14.63 12.95
C GLN E 355 -49.85 15.33 11.60
N LYS E 356 -48.93 16.28 11.43
CA LYS E 356 -48.76 16.98 10.16
C LYS E 356 -48.34 16.01 9.05
N LEU E 357 -47.54 15.01 9.40
CA LEU E 357 -47.10 14.03 8.42
C LEU E 357 -48.23 13.07 8.05
N GLN E 358 -49.07 12.73 9.03
CA GLN E 358 -50.23 11.90 8.76
C GLN E 358 -51.24 12.63 7.90
N SER E 359 -51.39 13.93 8.13
CA SER E 359 -52.35 14.72 7.36
C SER E 359 -51.98 14.75 5.88
N ASN E 360 -50.69 14.90 5.60
CA ASN E 360 -50.21 14.98 4.22
C ASN E 360 -50.52 13.71 3.43
N ASN E 361 -50.22 12.56 4.03
CA ASN E 361 -50.55 11.27 3.43
C ASN E 361 -51.21 10.35 4.46
N PRO E 362 -52.55 10.33 4.49
CA PRO E 362 -53.33 9.66 5.54
C PRO E 362 -53.37 8.13 5.45
N PHE E 363 -53.58 7.60 4.25
CA PHE E 363 -53.83 6.18 4.08
C PHE E 363 -52.56 5.32 4.13
N LEU E 364 -51.50 5.78 3.48
CA LEU E 364 -50.31 4.96 3.34
C LEU E 364 -49.22 5.29 4.35
N TYR E 365 -49.52 6.18 5.29
CA TYR E 365 -48.53 6.56 6.29
C TYR E 365 -48.20 5.37 7.18
N GLY E 366 -46.92 5.24 7.52
CA GLY E 366 -46.49 4.19 8.44
C GLY E 366 -46.31 2.85 7.74
N LEU E 367 -46.26 2.87 6.42
CA LEU E 367 -46.13 1.64 5.65
C LEU E 367 -44.84 1.61 4.85
N ALA E 368 -44.20 0.45 4.83
CA ALA E 368 -43.03 0.23 3.98
C ALA E 368 -43.46 -0.60 2.78
N LEU E 369 -43.35 -0.03 1.59
CA LEU E 369 -43.89 -0.68 0.40
C LEU E 369 -42.81 -0.93 -0.65
N ARG E 370 -42.87 -2.11 -1.25
CA ARG E 370 -41.97 -2.49 -2.33
C ARG E 370 -42.76 -2.92 -3.56
N ASN E 371 -42.31 -2.50 -4.74
CA ASN E 371 -42.90 -2.98 -5.97
C ASN E 371 -42.75 -4.48 -6.08
N PHE E 372 -43.82 -5.16 -6.51
CA PHE E 372 -43.86 -6.62 -6.45
C PHE E 372 -44.29 -7.25 -7.77
N GLU E 373 -43.48 -8.19 -8.25
CA GLU E 373 -43.79 -8.96 -9.45
C GLU E 373 -43.40 -10.41 -9.20
N GLN E 374 -44.36 -11.32 -9.38
CA GLN E 374 -44.14 -12.73 -9.11
C GLN E 374 -45.21 -13.57 -9.76
N GLU E 375 -44.90 -14.83 -10.05
CA GLU E 375 -45.90 -15.77 -10.55
C GLU E 375 -46.22 -16.72 -9.41
N SER E 376 -47.28 -16.41 -8.68
CA SER E 376 -47.64 -17.18 -7.49
C SER E 376 -49.00 -17.82 -7.61
N PRO E 377 -49.03 -19.16 -7.67
CA PRO E 377 -50.28 -19.94 -7.63
C PRO E 377 -50.97 -19.77 -6.28
N PRO E 378 -52.30 -19.72 -6.26
CA PRO E 378 -53.19 -19.91 -7.43
C PRO E 378 -53.54 -18.58 -8.09
N HIS E 379 -52.87 -17.51 -7.66
CA HIS E 379 -53.14 -16.16 -8.16
C HIS E 379 -52.76 -15.96 -9.62
N GLY E 380 -51.81 -16.75 -10.10
CA GLY E 380 -51.26 -16.55 -11.43
C GLY E 380 -50.23 -15.45 -11.41
N ASN E 381 -50.07 -14.74 -12.52
CA ASN E 381 -49.20 -13.57 -12.58
C ASN E 381 -49.68 -12.44 -11.67
N VAL E 382 -48.87 -12.09 -10.68
CA VAL E 382 -49.22 -11.05 -9.73
C VAL E 382 -48.37 -9.79 -9.87
N VAL E 383 -49.03 -8.66 -10.12
CA VAL E 383 -48.35 -7.37 -10.14
C VAL E 383 -49.06 -6.39 -9.19
N GLY E 384 -48.28 -5.79 -8.28
CA GLY E 384 -48.82 -4.87 -7.30
C GLY E 384 -47.74 -4.41 -6.32
N VAL E 385 -48.14 -3.77 -5.23
CA VAL E 385 -47.18 -3.38 -4.20
C VAL E 385 -47.28 -4.29 -2.96
N GLN E 386 -46.13 -4.63 -2.40
CA GLN E 386 -46.08 -5.52 -1.26
C GLN E 386 -45.86 -4.73 0.01
N VAL E 387 -46.52 -5.13 1.09
CA VAL E 387 -46.36 -4.44 2.36
C VAL E 387 -45.16 -5.03 3.08
N VAL E 388 -44.02 -4.37 2.93
CA VAL E 388 -42.78 -4.81 3.58
C VAL E 388 -42.89 -4.69 5.09
N GLY E 389 -43.46 -3.59 5.56
CA GLY E 389 -43.65 -3.40 6.98
C GLY E 389 -44.81 -2.46 7.26
N ALA E 390 -45.44 -2.64 8.41
CA ALA E 390 -46.52 -1.76 8.83
C ALA E 390 -46.30 -1.30 10.26
N SER E 391 -46.72 -0.08 10.54
CA SER E 391 -46.56 0.49 11.87
C SER E 391 -47.85 0.26 12.63
N GLU E 392 -47.74 -0.19 13.87
CA GLU E 392 -48.90 -0.51 14.68
C GLU E 392 -49.81 0.70 14.91
N THR E 393 -49.25 1.90 14.75
CA THR E 393 -50.02 3.13 14.88
C THR E 393 -50.63 3.56 13.55
N SER E 394 -50.25 2.87 12.47
CA SER E 394 -50.65 3.26 11.12
C SER E 394 -52.12 2.99 10.85
N ALA E 395 -52.68 3.78 9.93
CA ALA E 395 -54.07 3.59 9.50
C ALA E 395 -54.24 2.24 8.84
N GLY E 396 -53.21 1.81 8.12
CA GLY E 396 -53.23 0.52 7.46
C GLY E 396 -53.32 -0.64 8.43
N TRP E 397 -52.50 -0.60 9.48
CA TRP E 397 -52.49 -1.67 10.46
C TRP E 397 -53.84 -1.76 11.18
N ARG E 398 -54.40 -0.60 11.53
CA ARG E 398 -55.69 -0.53 12.19
C ARG E 398 -56.74 -1.16 11.29
N ALA E 399 -56.57 -0.95 9.99
CA ALA E 399 -57.50 -1.46 8.98
C ALA E 399 -57.40 -2.98 8.81
N GLY E 400 -56.36 -3.57 9.39
CA GLY E 400 -56.17 -5.00 9.30
C GLY E 400 -55.13 -5.40 8.25
N LEU E 401 -54.47 -4.41 7.66
CA LEU E 401 -53.40 -4.68 6.71
C LEU E 401 -52.21 -5.24 7.46
N ARG E 402 -51.58 -6.25 6.89
CA ARG E 402 -50.48 -6.94 7.56
C ARG E 402 -49.28 -7.04 6.61
N PRO E 403 -48.07 -7.11 7.17
CA PRO E 403 -46.88 -7.26 6.32
C PRO E 403 -46.92 -8.57 5.54
N GLY E 404 -46.36 -8.55 4.33
CA GLY E 404 -46.38 -9.70 3.45
C GLY E 404 -47.55 -9.65 2.48
N ASP E 405 -48.49 -8.76 2.73
CA ASP E 405 -49.65 -8.58 1.85
C ASP E 405 -49.25 -7.91 0.54
N ILE E 406 -49.94 -8.27 -0.53
CA ILE E 406 -49.70 -7.65 -1.83
C ILE E 406 -50.96 -6.88 -2.25
N ILE E 407 -50.81 -5.58 -2.44
CA ILE E 407 -51.95 -4.74 -2.78
C ILE E 407 -52.06 -4.67 -4.28
N ILE E 408 -53.17 -5.19 -4.81
CA ILE E 408 -53.37 -5.26 -6.25
C ILE E 408 -54.43 -4.28 -6.75
N SER E 409 -55.29 -3.80 -5.85
CA SER E 409 -56.34 -2.86 -6.23
C SER E 409 -56.60 -1.81 -5.18
N ALA E 410 -56.92 -0.59 -5.63
CA ALA E 410 -57.32 0.49 -4.74
C ALA E 410 -58.48 1.27 -5.33
N ASN E 411 -59.59 1.35 -4.59
CA ASN E 411 -60.79 2.03 -5.06
C ASN E 411 -61.30 1.47 -6.38
N LYS E 412 -61.30 0.15 -6.48
CA LYS E 412 -61.72 -0.59 -7.68
C LYS E 412 -60.81 -0.33 -8.88
N THR E 413 -59.65 0.27 -8.61
CA THR E 413 -58.69 0.56 -9.68
C THR E 413 -57.44 -0.29 -9.47
N PRO E 414 -57.02 -1.01 -10.53
CA PRO E 414 -55.83 -1.87 -10.47
C PRO E 414 -54.57 -1.09 -10.15
N VAL E 415 -53.75 -1.63 -9.27
CA VAL E 415 -52.50 -1.00 -8.84
C VAL E 415 -51.33 -1.89 -9.24
N LYS E 416 -50.46 -1.37 -10.10
CA LYS E 416 -49.33 -2.14 -10.60
C LYS E 416 -48.02 -1.68 -9.97
N ASP E 417 -48.07 -0.50 -9.33
CA ASP E 417 -46.88 0.09 -8.72
C ASP E 417 -47.21 1.07 -7.59
N ILE E 418 -46.18 1.45 -6.84
CA ILE E 418 -46.33 2.40 -5.74
C ILE E 418 -46.83 3.77 -6.19
N LYS E 419 -46.32 4.24 -7.32
CA LYS E 419 -46.67 5.55 -7.84
C LYS E 419 -48.17 5.67 -8.15
N SER E 420 -48.74 4.59 -8.69
CA SER E 420 -50.18 4.55 -8.97
C SER E 420 -50.98 4.49 -7.67
N LEU E 421 -50.46 3.74 -6.69
CA LEU E 421 -51.12 3.58 -5.41
C LEU E 421 -51.19 4.91 -4.66
N GLN E 422 -50.09 5.67 -4.69
CA GLN E 422 -50.06 6.96 -4.02
C GLN E 422 -51.03 7.93 -4.67
N ALA E 423 -51.24 7.76 -5.98
CA ALA E 423 -52.19 8.58 -6.71
C ALA E 423 -53.63 8.32 -6.26
N VAL E 424 -54.01 7.04 -6.20
CA VAL E 424 -55.35 6.66 -5.77
C VAL E 424 -55.56 7.04 -4.30
N ALA E 425 -54.52 6.90 -3.50
CA ALA E 425 -54.59 7.30 -2.10
C ALA E 425 -54.68 8.81 -1.97
N HIS E 426 -54.07 9.52 -2.92
CA HIS E 426 -53.99 10.97 -2.86
C HIS E 426 -55.36 11.64 -3.01
N GLU E 427 -56.19 11.14 -3.93
CA GLU E 427 -57.55 11.65 -4.02
C GLU E 427 -58.26 11.27 -2.73
N LYS E 428 -58.90 12.25 -2.11
CA LYS E 428 -59.31 12.09 -0.73
C LYS E 428 -60.77 11.74 -0.53
N GLY E 429 -60.96 10.67 0.22
CA GLY E 429 -62.26 10.26 0.65
C GLY E 429 -62.06 9.99 2.12
N LYS E 430 -63.14 9.79 2.86
CA LYS E 430 -63.04 9.43 4.27
C LYS E 430 -62.25 8.13 4.42
N GLN E 431 -62.39 7.23 3.44
CA GLN E 431 -61.68 5.95 3.47
C GLN E 431 -61.06 5.55 2.12
N LEU E 432 -59.98 4.77 2.18
CA LEU E 432 -59.42 4.13 0.99
C LEU E 432 -59.65 2.62 1.03
N LEU E 433 -60.20 2.08 -0.06
CA LEU E 433 -60.48 0.66 -0.15
C LEU E 433 -59.39 -0.06 -0.93
N VAL E 434 -58.80 -1.08 -0.33
CA VAL E 434 -57.73 -1.82 -0.99
C VAL E 434 -58.02 -3.32 -1.05
N GLN E 435 -57.47 -3.97 -2.07
CA GLN E 435 -57.59 -5.42 -2.23
C GLN E 435 -56.21 -6.05 -2.11
N VAL E 436 -56.07 -6.96 -1.15
CA VAL E 436 -54.75 -7.52 -0.87
C VAL E 436 -54.71 -9.03 -1.04
N LEU E 437 -53.52 -9.55 -1.33
CA LEU E 437 -53.31 -10.98 -1.39
C LEU E 437 -52.62 -11.43 -0.12
N ARG E 438 -53.29 -12.29 0.63
CA ARG E 438 -52.73 -12.85 1.84
C ARG E 438 -52.58 -14.34 1.63
N GLY E 439 -51.35 -14.76 1.34
CA GLY E 439 -51.09 -16.15 0.98
C GLY E 439 -51.86 -16.56 -0.26
N ALA E 440 -52.48 -17.73 -0.20
CA ALA E 440 -53.34 -18.20 -1.28
C ALA E 440 -54.64 -17.39 -1.35
N GLY E 441 -55.07 -16.88 -0.21
CA GLY E 441 -56.29 -16.10 -0.14
C GLY E 441 -56.15 -14.66 -0.56
N ALA E 442 -57.30 -13.99 -0.71
CA ALA E 442 -57.33 -12.56 -0.95
C ALA E 442 -58.33 -11.90 -0.02
N LEU E 443 -58.12 -10.62 0.26
CA LEU E 443 -58.95 -9.89 1.20
C LEU E 443 -59.26 -8.48 0.72
N TYR E 444 -60.41 -7.95 1.15
CA TYR E 444 -60.73 -6.55 0.91
C TYR E 444 -60.62 -5.78 2.22
N LEU E 445 -59.90 -4.67 2.20
CA LEU E 445 -59.63 -3.90 3.41
C LEU E 445 -60.05 -2.45 3.26
N LEU E 446 -60.43 -1.82 4.37
CA LEU E 446 -60.91 -0.43 4.33
C LEU E 446 -60.06 0.44 5.27
N ILE E 447 -59.22 1.29 4.69
CA ILE E 447 -58.30 2.10 5.48
C ILE E 447 -58.84 3.46 5.93
N ILE E 448 -59.14 3.56 7.22
CA ILE E 448 -59.59 4.81 7.83
C ILE E 448 -58.53 5.34 8.80
N MET F 19 -35.24 -65.76 103.86
CA MET F 19 -35.08 -65.72 102.40
C MET F 19 -33.69 -65.27 102.00
N PRO F 20 -33.17 -65.85 100.91
CA PRO F 20 -31.89 -65.52 100.27
C PRO F 20 -31.98 -64.21 99.49
N SER F 21 -31.58 -63.08 100.07
CA SER F 21 -31.74 -61.80 99.38
C SER F 21 -30.57 -60.82 99.55
N LEU F 22 -30.50 -59.86 98.63
CA LEU F 22 -29.50 -58.79 98.69
C LEU F 22 -30.12 -57.51 99.24
N ALA F 23 -31.37 -57.60 99.68
CA ALA F 23 -32.08 -56.44 100.20
C ALA F 23 -31.44 -55.80 101.44
N PRO F 24 -31.04 -56.61 102.44
CA PRO F 24 -30.44 -55.98 103.62
C PRO F 24 -29.15 -55.23 103.28
N VAL F 25 -28.29 -55.87 102.50
CA VAL F 25 -27.00 -55.29 102.14
C VAL F 25 -27.13 -54.03 101.28
N LEU F 26 -28.05 -54.04 100.33
CA LEU F 26 -28.25 -52.88 99.46
C LEU F 26 -28.83 -51.68 100.21
N LYS F 27 -29.52 -51.96 101.32
CA LYS F 27 -30.06 -50.89 102.16
C LYS F 27 -28.97 -49.96 102.66
N ASN F 28 -27.80 -50.54 102.94
CA ASN F 28 -26.70 -49.80 103.55
C ASN F 28 -25.74 -49.25 102.50
N ALA F 29 -26.11 -49.39 101.23
CA ALA F 29 -25.26 -48.94 100.14
C ALA F 29 -25.92 -47.83 99.32
N MET F 30 -27.24 -47.85 99.23
CA MET F 30 -27.98 -46.90 98.40
C MET F 30 -27.81 -45.43 98.80
N PRO F 31 -27.74 -45.13 100.11
CA PRO F 31 -27.52 -43.72 100.46
C PRO F 31 -26.24 -43.15 99.89
N ALA F 32 -25.21 -43.99 99.79
CA ALA F 32 -23.89 -43.56 99.31
C ALA F 32 -23.90 -43.14 97.84
N ILE F 33 -24.80 -43.71 97.05
CA ILE F 33 -24.89 -43.38 95.64
C ILE F 33 -25.82 -42.17 95.42
N VAL F 34 -25.35 -41.21 94.63
CA VAL F 34 -26.11 -39.98 94.40
C VAL F 34 -26.34 -39.74 92.91
N ASN F 35 -27.02 -38.65 92.59
CA ASN F 35 -27.31 -38.28 91.20
C ASN F 35 -26.55 -37.04 90.85
N VAL F 36 -25.84 -37.04 89.72
CA VAL F 36 -25.18 -35.83 89.26
C VAL F 36 -25.80 -35.28 87.97
N ALA F 37 -26.15 -34.00 88.02
CA ALA F 37 -26.74 -33.33 86.87
C ALA F 37 -25.82 -32.20 86.42
N VAL F 38 -25.68 -32.07 85.11
CA VAL F 38 -24.67 -31.19 84.55
C VAL F 38 -25.29 -30.24 83.54
N GLN F 39 -24.86 -28.99 83.56
CA GLN F 39 -25.30 -28.01 82.57
C GLN F 39 -24.10 -27.31 81.97
N GLY F 40 -23.94 -27.43 80.65
CA GLY F 40 -22.82 -26.86 79.94
C GLY F 40 -23.23 -26.27 78.61
N TYR F 41 -22.28 -25.68 77.89
CA TYR F 41 -22.56 -25.17 76.55
C TYR F 41 -21.83 -25.97 75.46
N PHE F 72 -27.28 -28.36 76.39
CA PHE F 72 -26.41 -29.40 76.90
C PHE F 72 -26.71 -29.72 78.36
N GLU F 73 -27.43 -30.81 78.60
CA GLU F 73 -27.60 -31.33 79.94
C GLU F 73 -27.27 -32.82 79.98
N SER F 74 -26.30 -33.18 80.81
CA SER F 74 -25.86 -34.57 80.94
C SER F 74 -26.19 -35.08 82.33
N ILE F 75 -26.57 -36.34 82.43
CA ILE F 75 -26.84 -36.95 83.73
C ILE F 75 -26.00 -38.19 83.97
N GLY F 76 -25.70 -38.45 85.24
CA GLY F 76 -24.84 -39.55 85.62
C GLY F 76 -25.02 -39.88 87.08
N SER F 77 -24.06 -40.60 87.64
CA SER F 77 -24.11 -40.99 89.04
C SER F 77 -22.83 -40.64 89.77
N GLY F 78 -22.88 -40.71 91.09
CA GLY F 78 -21.70 -40.49 91.90
C GLY F 78 -21.75 -41.36 93.14
N VAL F 79 -20.59 -41.59 93.75
CA VAL F 79 -20.51 -42.34 95.00
C VAL F 79 -19.81 -41.48 96.03
N ILE F 80 -20.26 -41.56 97.28
CA ILE F 80 -19.68 -40.75 98.34
C ILE F 80 -18.56 -41.50 99.08
N ILE F 81 -17.32 -41.08 98.83
CA ILE F 81 -16.15 -41.69 99.47
C ILE F 81 -15.95 -41.26 100.91
N ASP F 82 -15.87 -39.94 101.14
CA ASP F 82 -15.68 -39.41 102.48
C ASP F 82 -16.82 -38.51 102.91
N PRO F 83 -17.72 -39.04 103.76
CA PRO F 83 -18.90 -38.31 104.26
C PRO F 83 -18.50 -37.18 105.20
N LYS F 84 -17.33 -37.30 105.82
CA LYS F 84 -16.85 -36.27 106.73
C LYS F 84 -16.62 -34.96 105.98
N ASN F 85 -15.77 -35.00 104.95
CA ASN F 85 -15.48 -33.80 104.19
C ASN F 85 -16.46 -33.60 103.04
N GLY F 86 -17.39 -34.54 102.91
CA GLY F 86 -18.40 -34.49 101.88
C GLY F 86 -17.84 -34.47 100.46
N ILE F 87 -17.00 -35.45 100.13
CA ILE F 87 -16.46 -35.54 98.78
C ILE F 87 -16.98 -36.79 98.07
N ILE F 88 -17.39 -36.61 96.81
CA ILE F 88 -17.95 -37.69 96.02
C ILE F 88 -17.07 -37.97 94.80
N ILE F 89 -17.22 -39.15 94.22
CA ILE F 89 -16.40 -39.55 93.08
C ILE F 89 -17.31 -39.90 91.89
N THR F 90 -16.83 -39.62 90.69
CA THR F 90 -17.60 -39.89 89.48
C THR F 90 -16.68 -39.92 88.26
N ASN F 91 -17.24 -40.18 87.09
CA ASN F 91 -16.46 -40.21 85.85
C ASN F 91 -16.16 -38.80 85.35
N ASP F 92 -14.98 -38.63 84.76
CA ASP F 92 -14.57 -37.33 84.24
C ASP F 92 -15.48 -36.86 83.11
N HIS F 93 -15.91 -37.79 82.27
CA HIS F 93 -16.71 -37.44 81.09
C HIS F 93 -18.10 -36.97 81.49
N VAL F 94 -18.47 -37.22 82.73
CA VAL F 94 -19.77 -36.78 83.24
C VAL F 94 -19.75 -35.28 83.50
N ILE F 95 -18.68 -34.82 84.14
CA ILE F 95 -18.57 -33.42 84.52
C ILE F 95 -17.76 -32.56 83.54
N ARG F 96 -17.36 -33.15 82.42
CA ARG F 96 -16.62 -32.43 81.38
C ARG F 96 -17.40 -31.22 80.85
N ASN F 97 -16.71 -30.09 80.74
CA ASN F 97 -17.26 -28.87 80.16
C ASN F 97 -18.55 -28.43 80.83
N ALA F 98 -18.50 -28.29 82.15
CA ALA F 98 -19.71 -28.05 82.94
C ALA F 98 -19.70 -26.72 83.69
N ASN F 99 -20.71 -25.90 83.42
CA ASN F 99 -20.89 -24.64 84.14
C ASN F 99 -21.37 -24.88 85.57
N LEU F 100 -22.51 -25.55 85.69
CA LEU F 100 -23.11 -25.86 86.99
C LEU F 100 -23.41 -27.35 87.13
N ILE F 101 -22.86 -27.98 88.17
CA ILE F 101 -23.18 -29.37 88.48
C ILE F 101 -23.94 -29.55 89.80
N THR F 102 -25.08 -30.23 89.73
CA THR F 102 -25.96 -30.38 90.89
C THR F 102 -26.01 -31.84 91.34
N VAL F 103 -25.88 -32.05 92.66
CA VAL F 103 -25.87 -33.40 93.22
C VAL F 103 -27.13 -33.67 94.04
N THR F 104 -27.78 -34.80 93.77
CA THR F 104 -28.99 -35.19 94.48
C THR F 104 -28.82 -36.45 95.32
N LEU F 105 -29.12 -36.36 96.61
CA LEU F 105 -28.97 -37.49 97.52
C LEU F 105 -30.26 -38.30 97.61
N GLN F 106 -30.19 -39.46 98.27
CA GLN F 106 -31.39 -40.24 98.54
C GLN F 106 -32.29 -39.51 99.54
N ASP F 107 -31.69 -38.54 100.22
CA ASP F 107 -32.39 -37.64 101.13
C ASP F 107 -33.44 -36.85 100.38
N GLY F 108 -33.19 -36.62 99.10
CA GLY F 108 -34.05 -35.80 98.28
C GLY F 108 -33.47 -34.41 98.15
N ARG F 109 -32.37 -34.16 98.85
CA ARG F 109 -31.70 -32.87 98.80
C ARG F 109 -30.95 -32.67 97.48
N ARG F 110 -31.04 -31.46 96.94
CA ARG F 110 -30.28 -31.08 95.76
C ARG F 110 -29.21 -30.07 96.19
N LEU F 111 -27.96 -30.32 95.81
CA LEU F 111 -26.84 -29.52 96.30
C LEU F 111 -25.89 -29.09 95.19
N LYS F 112 -25.44 -27.84 95.25
CA LYS F 112 -24.43 -27.35 94.32
C LYS F 112 -23.09 -27.99 94.65
N ALA F 113 -22.39 -28.46 93.62
CA ALA F 113 -21.16 -29.22 93.81
C ALA F 113 -19.94 -28.47 93.27
N ARG F 114 -18.80 -28.67 93.92
CA ARG F 114 -17.56 -28.01 93.52
C ARG F 114 -16.54 -29.03 93.01
N LEU F 115 -15.87 -28.71 91.91
CA LEU F 115 -14.96 -29.64 91.24
C LEU F 115 -13.55 -29.52 91.80
N ILE F 116 -13.14 -30.51 92.58
CA ILE F 116 -11.77 -30.54 93.09
C ILE F 116 -10.76 -30.79 91.98
N GLY F 117 -10.95 -31.88 91.24
CA GLY F 117 -10.05 -32.23 90.15
C GLY F 117 -10.57 -33.37 89.30
N GLY F 118 -9.98 -33.54 88.12
CA GLY F 118 -10.38 -34.62 87.24
C GLY F 118 -9.24 -35.14 86.38
N ASP F 119 -9.33 -36.41 86.00
CA ASP F 119 -8.29 -37.04 85.20
C ASP F 119 -8.91 -37.73 83.99
N SER F 120 -8.69 -37.15 82.81
CA SER F 120 -9.27 -37.69 81.58
C SER F 120 -8.72 -39.09 81.27
N GLU F 121 -7.48 -39.32 81.68
CA GLU F 121 -6.79 -40.58 81.38
C GLU F 121 -7.46 -41.80 82.00
N THR F 122 -7.89 -41.68 83.25
CA THR F 122 -8.55 -42.79 83.93
C THR F 122 -10.06 -42.56 84.03
N ASP F 123 -10.52 -41.46 83.43
CA ASP F 123 -11.93 -41.07 83.44
C ASP F 123 -12.49 -41.02 84.86
N LEU F 124 -11.76 -40.39 85.77
CA LEU F 124 -12.20 -40.23 87.15
C LEU F 124 -12.22 -38.77 87.55
N ALA F 125 -13.06 -38.42 88.52
CA ALA F 125 -13.14 -37.06 89.01
C ALA F 125 -13.64 -36.99 90.44
N VAL F 126 -13.20 -35.98 91.18
CA VAL F 126 -13.61 -35.82 92.56
C VAL F 126 -14.38 -34.52 92.73
N LEU F 127 -15.51 -34.59 93.43
CA LEU F 127 -16.34 -33.43 93.67
C LEU F 127 -16.47 -33.21 95.16
N LYS F 128 -16.62 -31.95 95.57
CA LYS F 128 -16.83 -31.67 96.98
C LYS F 128 -18.21 -31.06 97.15
N ILE F 129 -18.96 -31.62 98.09
CA ILE F 129 -20.31 -31.15 98.37
C ILE F 129 -20.33 -30.52 99.76
N ASP F 130 -20.90 -29.32 99.84
CA ASP F 130 -20.91 -28.58 101.10
C ASP F 130 -22.10 -29.01 101.93
N ALA F 131 -22.09 -30.27 102.36
CA ALA F 131 -23.20 -30.80 103.13
C ALA F 131 -22.73 -31.73 104.26
N LYS F 132 -23.61 -31.89 105.25
CA LYS F 132 -23.35 -32.74 106.39
C LYS F 132 -24.53 -33.71 106.51
N ASN F 133 -24.39 -34.72 107.36
CA ASN F 133 -25.40 -35.78 107.51
C ASN F 133 -25.44 -36.71 106.30
N LEU F 134 -24.36 -36.69 105.52
CA LEU F 134 -24.18 -37.61 104.41
C LEU F 134 -23.90 -39.03 104.90
N LYS F 135 -24.32 -40.01 104.12
CA LYS F 135 -24.01 -41.40 104.42
C LYS F 135 -23.11 -41.95 103.33
N SER F 136 -22.32 -42.96 103.69
CA SER F 136 -21.37 -43.55 102.76
C SER F 136 -21.39 -45.06 102.92
N LEU F 137 -20.56 -45.73 102.13
CA LEU F 137 -20.46 -47.18 102.16
C LEU F 137 -19.03 -47.63 102.44
N VAL F 138 -18.89 -48.83 103.02
CA VAL F 138 -17.59 -49.43 103.24
C VAL F 138 -16.83 -49.70 101.94
N ILE F 139 -15.58 -49.25 101.88
CA ILE F 139 -14.75 -49.44 100.70
C ILE F 139 -14.07 -50.82 100.75
N GLY F 140 -13.83 -51.42 99.59
CA GLY F 140 -13.34 -52.78 99.53
C GLY F 140 -12.06 -52.92 98.71
N ASP F 141 -11.63 -54.17 98.54
CA ASP F 141 -10.41 -54.47 97.81
C ASP F 141 -10.70 -55.07 96.45
N SER F 142 -10.44 -54.31 95.39
CA SER F 142 -10.68 -54.80 94.03
C SER F 142 -9.73 -55.94 93.67
N ASP F 143 -8.56 -55.97 94.31
CA ASP F 143 -7.57 -57.03 94.08
C ASP F 143 -8.01 -58.38 94.67
N LYS F 144 -9.02 -58.37 95.52
CA LYS F 144 -9.54 -59.60 96.11
C LYS F 144 -10.67 -60.18 95.27
N LEU F 145 -11.07 -59.47 94.22
CA LEU F 145 -12.15 -59.90 93.35
C LEU F 145 -11.76 -61.11 92.53
N GLU F 146 -12.71 -62.02 92.33
CA GLU F 146 -12.49 -63.19 91.48
C GLU F 146 -13.64 -63.31 90.49
N VAL F 147 -13.35 -63.85 89.31
CA VAL F 147 -14.37 -64.04 88.30
C VAL F 147 -15.46 -64.98 88.80
N GLY F 148 -16.71 -64.56 88.63
CA GLY F 148 -17.85 -65.33 89.12
C GLY F 148 -18.44 -64.79 90.41
N ASP F 149 -17.76 -63.81 91.01
CA ASP F 149 -18.28 -63.16 92.20
C ASP F 149 -19.50 -62.33 91.85
N TYR F 150 -20.54 -62.41 92.68
CA TYR F 150 -21.76 -61.64 92.45
C TYR F 150 -21.54 -60.16 92.76
N VAL F 151 -22.08 -59.30 91.91
CA VAL F 151 -21.95 -57.84 92.09
C VAL F 151 -23.24 -57.12 91.73
N VAL F 152 -23.44 -55.94 92.32
CA VAL F 152 -24.60 -55.13 92.01
C VAL F 152 -24.14 -53.75 91.55
N ALA F 153 -24.79 -53.21 90.52
CA ALA F 153 -24.43 -51.91 90.01
C ALA F 153 -25.49 -50.89 90.37
N ILE F 154 -25.09 -49.86 91.10
CA ILE F 154 -26.02 -48.83 91.56
C ILE F 154 -25.77 -47.49 90.89
N GLY F 155 -26.79 -46.98 90.21
CA GLY F 155 -26.69 -45.73 89.49
C GLY F 155 -28.07 -45.33 89.02
N ASN F 156 -28.15 -44.19 88.35
CA ASN F 156 -29.41 -43.73 87.78
C ASN F 156 -29.42 -43.82 86.26
N PRO F 157 -29.81 -44.98 85.73
CA PRO F 157 -29.86 -45.15 84.28
C PRO F 157 -31.13 -44.51 83.72
N PHE F 158 -30.97 -43.70 82.68
CA PHE F 158 -32.10 -43.07 82.00
C PHE F 158 -32.80 -42.01 82.84
N GLY F 159 -32.19 -41.62 83.95
CA GLY F 159 -32.69 -40.53 84.76
C GLY F 159 -33.98 -40.91 85.48
N LEU F 160 -34.13 -42.20 85.76
CA LEU F 160 -35.38 -42.73 86.26
C LEU F 160 -35.83 -42.15 87.60
N ASN F 161 -34.90 -41.91 88.53
CA ASN F 161 -35.28 -41.28 89.80
C ASN F 161 -35.15 -39.75 89.82
N SER F 162 -36.28 -39.10 89.57
CA SER F 162 -36.34 -37.65 89.51
C SER F 162 -36.05 -37.04 90.88
N PHE F 163 -36.50 -37.71 91.93
CA PHE F 163 -36.44 -37.17 93.27
C PHE F 163 -35.27 -37.72 94.09
N GLY F 164 -34.49 -38.61 93.48
CA GLY F 164 -33.25 -39.08 94.07
C GLY F 164 -33.39 -40.21 95.06
N ASN F 165 -34.62 -40.53 95.44
CA ASN F 165 -34.88 -41.53 96.48
C ASN F 165 -34.85 -42.96 95.97
N SER F 166 -34.67 -43.15 94.66
CA SER F 166 -34.71 -44.50 94.10
C SER F 166 -33.66 -44.77 93.02
N GLN F 167 -32.42 -45.00 93.43
CA GLN F 167 -31.37 -45.40 92.50
C GLN F 167 -31.74 -46.77 91.94
N SER F 168 -31.16 -47.16 90.82
CA SER F 168 -31.47 -48.47 90.26
C SER F 168 -30.38 -49.48 90.53
N ALA F 169 -30.77 -50.63 91.06
CA ALA F 169 -29.81 -51.68 91.33
C ALA F 169 -29.95 -52.76 90.26
N THR F 170 -28.82 -53.19 89.71
CA THR F 170 -28.83 -54.24 88.70
C THR F 170 -27.83 -55.33 89.08
N PHE F 171 -28.21 -56.57 88.84
CA PHE F 171 -27.49 -57.72 89.38
C PHE F 171 -26.79 -58.55 88.30
N GLY F 172 -25.56 -58.95 88.59
CA GLY F 172 -24.75 -59.75 87.69
C GLY F 172 -23.52 -60.29 88.38
N ILE F 173 -22.74 -61.13 87.68
CA ILE F 173 -21.45 -61.56 88.19
C ILE F 173 -20.28 -60.73 87.61
N VAL F 174 -19.08 -61.06 88.05
CA VAL F 174 -17.87 -60.47 87.47
C VAL F 174 -17.45 -61.31 86.28
N SER F 175 -17.56 -60.75 85.09
CA SER F 175 -17.24 -61.45 83.85
C SER F 175 -15.75 -61.66 83.65
N ALA F 176 -14.96 -60.63 83.94
CA ALA F 176 -13.51 -60.70 83.79
C ALA F 176 -12.85 -59.55 84.56
N LEU F 177 -11.53 -59.66 84.72
CA LEU F 177 -10.76 -58.65 85.44
C LEU F 177 -9.53 -58.22 84.63
N LYS F 178 -9.04 -57.02 84.91
CA LYS F 178 -7.82 -56.51 84.28
C LYS F 178 -7.95 -56.38 82.76
N ARG F 179 -9.10 -55.90 82.30
CA ARG F 179 -9.33 -55.65 80.88
C ARG F 179 -8.45 -54.53 80.34
N SER F 180 -7.90 -54.75 79.16
CA SER F 180 -7.05 -53.75 78.51
C SER F 180 -7.25 -53.81 76.99
N ASP F 181 -6.63 -52.87 76.29
CA ASP F 181 -6.67 -52.79 74.82
C ASP F 181 -8.04 -52.37 74.27
N LEU F 182 -8.96 -52.04 75.17
CA LEU F 182 -10.29 -51.59 74.75
C LEU F 182 -10.23 -50.27 73.99
N ASN F 183 -9.25 -49.44 74.34
CA ASN F 183 -9.06 -48.12 73.73
C ASN F 183 -10.23 -47.17 73.99
N ILE F 184 -10.94 -47.40 75.10
CA ILE F 184 -11.94 -46.46 75.58
C ILE F 184 -11.25 -45.32 76.33
N GLU F 185 -10.25 -45.67 77.14
CA GLU F 185 -9.53 -44.69 77.96
C GLU F 185 -8.04 -44.82 77.77
N GLY F 186 -7.30 -43.79 78.18
CA GLY F 186 -5.84 -43.82 78.13
C GLY F 186 -5.26 -44.86 79.05
N VAL F 187 -5.82 -44.96 80.26
CA VAL F 187 -5.37 -45.93 81.24
C VAL F 187 -6.51 -46.86 81.62
N GLU F 188 -6.39 -48.13 81.26
CA GLU F 188 -7.47 -49.09 81.46
C GLU F 188 -7.05 -50.29 82.29
N ASN F 189 -7.84 -50.58 83.31
CA ASN F 189 -7.68 -51.80 84.09
C ASN F 189 -9.06 -52.29 84.52
N PHE F 190 -9.98 -52.39 83.56
CA PHE F 190 -11.40 -52.53 83.87
C PHE F 190 -11.83 -53.84 84.54
N ILE F 191 -12.97 -53.78 85.22
CA ILE F 191 -13.67 -54.95 85.69
C ILE F 191 -14.83 -55.19 84.74
N GLN F 192 -14.96 -56.40 84.23
CA GLN F 192 -16.03 -56.69 83.29
C GLN F 192 -17.20 -57.33 84.04
N THR F 193 -18.39 -56.77 83.85
CA THR F 193 -19.58 -57.27 84.53
C THR F 193 -20.74 -57.43 83.57
N ASP F 194 -21.58 -58.43 83.82
CA ASP F 194 -22.77 -58.61 83.01
C ASP F 194 -23.99 -58.01 83.71
N ALA F 195 -23.73 -57.30 84.80
CA ALA F 195 -24.77 -56.52 85.45
C ALA F 195 -25.16 -55.39 84.51
N ALA F 196 -26.40 -54.97 84.57
CA ALA F 196 -26.93 -54.09 83.54
C ALA F 196 -26.47 -52.66 83.75
N ILE F 197 -25.57 -52.21 82.89
CA ILE F 197 -25.07 -50.85 82.92
C ILE F 197 -25.52 -50.11 81.65
N ASN F 198 -26.20 -49.00 81.85
CA ASN F 198 -26.81 -48.25 80.75
C ASN F 198 -26.42 -46.78 80.86
N PRO F 199 -26.80 -45.95 79.86
CA PRO F 199 -26.50 -44.52 79.99
C PRO F 199 -27.05 -43.92 81.29
N GLY F 200 -26.22 -43.11 81.95
CA GLY F 200 -26.56 -42.55 83.24
C GLY F 200 -26.07 -43.39 84.40
N ASN F 201 -25.47 -44.55 84.12
CA ASN F 201 -24.91 -45.39 85.18
C ASN F 201 -23.48 -45.00 85.50
N ALA F 202 -22.92 -44.07 84.74
CA ALA F 202 -21.52 -43.66 84.89
C ALA F 202 -21.26 -42.93 86.22
N GLY F 203 -20.13 -43.22 86.85
CA GLY F 203 -19.81 -42.66 88.16
C GLY F 203 -20.55 -43.42 89.24
N GLY F 204 -21.33 -44.41 88.81
CA GLY F 204 -22.10 -45.23 89.72
C GLY F 204 -21.20 -46.19 90.47
N ALA F 205 -21.80 -46.92 91.40
CA ALA F 205 -21.06 -47.87 92.21
C ALA F 205 -21.22 -49.29 91.71
N LEU F 206 -20.16 -50.06 91.86
CA LEU F 206 -20.24 -51.51 91.69
C LEU F 206 -19.88 -52.11 93.04
N VAL F 207 -20.80 -52.87 93.61
CA VAL F 207 -20.60 -53.41 94.96
C VAL F 207 -20.64 -54.92 94.98
N ASN F 208 -19.83 -55.53 95.84
CA ASN F 208 -19.86 -56.98 96.02
C ASN F 208 -21.03 -57.39 96.91
N ALA F 209 -21.16 -58.70 97.16
CA ALA F 209 -22.28 -59.23 97.92
C ALA F 209 -22.33 -58.65 99.33
N LYS F 210 -21.15 -58.38 99.90
CA LYS F 210 -21.06 -57.75 101.20
C LYS F 210 -21.58 -56.31 101.16
N GLY F 211 -21.54 -55.71 99.97
CA GLY F 211 -21.99 -54.34 99.79
C GLY F 211 -20.87 -53.32 99.79
N GLU F 212 -19.65 -53.83 99.83
CA GLU F 212 -18.46 -53.00 99.77
C GLU F 212 -18.27 -52.48 98.35
N LEU F 213 -17.59 -51.34 98.20
CA LEU F 213 -17.41 -50.74 96.88
C LEU F 213 -16.16 -51.29 96.24
N ILE F 214 -16.30 -51.84 95.05
CA ILE F 214 -15.20 -52.51 94.39
C ILE F 214 -14.91 -51.86 93.05
N GLY F 215 -15.83 -51.03 92.58
CA GLY F 215 -15.66 -50.39 91.29
C GLY F 215 -16.56 -49.20 91.02
N ILE F 216 -16.16 -48.39 90.04
CA ILE F 216 -16.97 -47.28 89.57
C ILE F 216 -17.32 -47.49 88.10
N ASN F 217 -18.61 -47.65 87.81
CA ASN F 217 -19.08 -47.95 86.47
C ASN F 217 -18.72 -46.87 85.48
N THR F 218 -18.13 -47.26 84.35
CA THR F 218 -17.59 -46.29 83.41
C THR F 218 -18.14 -46.43 82.00
N ALA F 219 -17.95 -47.59 81.39
CA ALA F 219 -18.32 -47.76 79.99
C ALA F 219 -18.87 -49.13 79.68
N ILE F 220 -19.56 -49.24 78.54
CA ILE F 220 -20.05 -50.51 78.05
C ILE F 220 -19.63 -50.69 76.60
N ILE F 221 -19.62 -51.93 76.15
CA ILE F 221 -19.42 -52.21 74.73
C ILE F 221 -20.75 -52.69 74.14
N SER F 222 -21.28 -51.91 73.20
CA SER F 222 -22.57 -52.21 72.61
C SER F 222 -22.61 -51.88 71.13
N PRO F 223 -23.28 -52.72 70.33
CA PRO F 223 -23.50 -52.41 68.91
C PRO F 223 -24.43 -51.21 68.73
N TYR F 224 -25.46 -51.10 69.56
CA TYR F 224 -26.44 -50.04 69.42
C TYR F 224 -26.63 -49.16 70.66
N GLY F 225 -25.65 -49.19 71.57
CA GLY F 225 -25.65 -48.27 72.69
C GLY F 225 -26.54 -48.65 73.87
N GLY F 226 -27.10 -49.85 73.83
CA GLY F 226 -27.86 -50.37 74.95
C GLY F 226 -27.10 -51.52 75.59
N ASN F 227 -27.35 -51.77 76.87
CA ASN F 227 -26.63 -52.81 77.58
C ASN F 227 -26.87 -54.19 76.97
N VAL F 228 -25.79 -54.85 76.55
CA VAL F 228 -25.89 -56.19 76.00
C VAL F 228 -25.28 -57.22 76.93
N GLY F 229 -25.08 -56.84 78.19
CA GLY F 229 -24.54 -57.75 79.18
C GLY F 229 -23.04 -57.60 79.28
N ILE F 230 -22.50 -56.60 78.60
CA ILE F 230 -21.07 -56.32 78.71
C ILE F 230 -20.83 -54.89 79.15
N GLY F 231 -20.29 -54.74 80.36
CA GLY F 231 -20.04 -53.43 80.93
C GLY F 231 -18.74 -53.41 81.72
N PHE F 232 -18.17 -52.22 81.87
CA PHE F 232 -16.86 -52.09 82.50
C PHE F 232 -16.88 -51.07 83.62
N ALA F 233 -16.11 -51.36 84.66
CA ALA F 233 -16.00 -50.47 85.81
C ALA F 233 -14.55 -50.37 86.25
N ILE F 234 -14.17 -49.19 86.76
CA ILE F 234 -12.81 -48.96 87.22
C ILE F 234 -12.68 -49.55 88.62
N PRO F 235 -11.70 -50.45 88.80
CA PRO F 235 -11.48 -51.09 90.10
C PRO F 235 -11.19 -50.04 91.16
N ILE F 236 -11.71 -50.27 92.36
CA ILE F 236 -11.70 -49.24 93.40
C ILE F 236 -10.30 -48.85 93.88
N ASN F 237 -9.37 -49.81 93.90
CA ASN F 237 -8.00 -49.53 94.33
C ASN F 237 -7.34 -48.47 93.47
N MET F 238 -7.50 -48.62 92.16
CA MET F 238 -7.03 -47.61 91.21
C MET F 238 -7.77 -46.29 91.40
N ALA F 239 -9.10 -46.38 91.51
CA ALA F 239 -9.94 -45.20 91.64
C ALA F 239 -9.67 -44.43 92.94
N LYS F 240 -9.48 -45.17 94.03
CA LYS F 240 -9.20 -44.53 95.33
C LYS F 240 -7.86 -43.82 95.28
N ASP F 241 -6.88 -44.46 94.65
CA ASP F 241 -5.53 -43.91 94.54
C ASP F 241 -5.58 -42.61 93.73
N VAL F 242 -6.30 -42.65 92.61
CA VAL F 242 -6.46 -41.48 91.76
C VAL F 242 -7.13 -40.35 92.55
N ALA F 243 -8.19 -40.71 93.27
CA ALA F 243 -8.95 -39.73 94.05
C ALA F 243 -8.11 -39.07 95.13
N GLN F 244 -7.43 -39.89 95.94
CA GLN F 244 -6.64 -39.38 97.06
C GLN F 244 -5.50 -38.51 96.55
N GLN F 245 -4.93 -38.90 95.41
CA GLN F 245 -3.90 -38.10 94.77
C GLN F 245 -4.47 -36.77 94.30
N ILE F 246 -5.70 -36.79 93.79
CA ILE F 246 -6.37 -35.57 93.33
C ILE F 246 -6.62 -34.58 94.47
N ILE F 247 -7.14 -35.07 95.59
CA ILE F 247 -7.43 -34.22 96.73
C ILE F 247 -6.18 -33.52 97.25
N LYS F 248 -5.07 -34.25 97.24
CA LYS F 248 -3.80 -33.73 97.74
C LYS F 248 -3.17 -32.65 96.85
N PHE F 249 -3.22 -32.82 95.53
CA PHE F 249 -2.54 -31.90 94.63
C PHE F 249 -3.47 -31.13 93.68
N GLY F 250 -4.72 -31.57 93.55
CA GLY F 250 -5.68 -30.93 92.67
C GLY F 250 -5.65 -31.43 91.24
N SER F 251 -4.66 -32.29 90.95
CA SER F 251 -4.49 -32.88 89.64
C SER F 251 -3.45 -33.99 89.73
N ILE F 252 -3.33 -34.79 88.67
CA ILE F 252 -2.35 -35.86 88.64
C ILE F 252 -1.15 -35.49 87.75
N HIS F 253 0.04 -35.53 88.33
CA HIS F 253 1.26 -35.27 87.57
C HIS F 253 1.91 -36.59 87.25
N ARG F 254 1.94 -36.92 85.96
CA ARG F 254 2.34 -38.26 85.53
C ARG F 254 3.69 -38.21 84.82
N GLY F 255 4.45 -39.29 84.94
CA GLY F 255 5.76 -39.34 84.33
C GLY F 255 6.00 -40.59 83.51
N LEU F 256 6.99 -40.52 82.61
CA LEU F 256 7.36 -41.67 81.78
C LEU F 256 8.77 -42.13 82.07
N MET F 257 8.98 -43.44 81.99
CA MET F 257 10.29 -44.04 82.17
C MET F 257 11.00 -44.13 80.83
N GLY F 258 10.26 -43.87 79.75
CA GLY F 258 10.79 -43.99 78.40
C GLY F 258 11.04 -45.43 78.02
N ILE F 259 10.04 -46.27 78.28
CA ILE F 259 10.16 -47.70 78.03
C ILE F 259 8.97 -48.23 77.22
N PHE F 260 9.26 -49.12 76.26
CA PHE F 260 8.23 -49.82 75.50
C PHE F 260 8.14 -51.25 76.00
N VAL F 261 6.92 -51.72 76.24
CA VAL F 261 6.71 -53.02 76.84
C VAL F 261 5.86 -53.92 75.94
N GLN F 262 6.21 -55.20 75.86
CA GLN F 262 5.54 -56.14 74.98
C GLN F 262 5.02 -57.34 75.77
N HIS F 263 3.83 -57.84 75.41
CA HIS F 263 3.28 -59.00 76.08
C HIS F 263 4.13 -60.22 75.81
N LEU F 264 4.40 -61.00 76.85
CA LEU F 264 5.28 -62.15 76.74
C LEU F 264 4.51 -63.46 76.57
N THR F 265 4.37 -63.90 75.33
CA THR F 265 3.70 -65.16 75.05
C THR F 265 4.61 -66.33 75.46
N PRO F 266 4.01 -67.48 75.79
CA PRO F 266 4.80 -68.66 76.16
C PRO F 266 5.75 -69.08 75.05
N GLU F 267 5.30 -68.97 73.80
CA GLU F 267 6.15 -69.25 72.64
C GLU F 267 7.40 -68.37 72.66
N LEU F 268 7.18 -67.10 72.94
CA LEU F 268 8.24 -66.11 72.96
C LEU F 268 9.15 -66.31 74.17
N ALA F 269 8.57 -66.72 75.30
CA ALA F 269 9.31 -66.92 76.53
C ALA F 269 10.35 -68.04 76.43
N GLN F 270 10.01 -69.13 75.74
CA GLN F 270 10.93 -70.23 75.55
C GLN F 270 12.20 -69.80 74.82
N SER F 271 12.04 -69.05 73.73
CA SER F 271 13.17 -68.65 72.90
C SER F 271 14.14 -67.73 73.65
N MET F 272 13.64 -67.12 74.71
CA MET F 272 14.48 -66.26 75.56
C MET F 272 15.00 -67.01 76.79
N GLY F 273 14.80 -68.33 76.81
CA GLY F 273 15.37 -69.18 77.84
C GLY F 273 14.52 -69.40 79.08
N TYR F 274 13.33 -68.80 79.10
CA TYR F 274 12.45 -68.94 80.27
C TYR F 274 11.51 -70.14 80.13
N ALA F 275 10.81 -70.46 81.21
CA ALA F 275 9.84 -71.55 81.23
C ALA F 275 8.59 -71.21 80.42
N GLU F 276 7.88 -72.24 79.97
CA GLU F 276 6.65 -72.02 79.21
C GLU F 276 5.60 -71.28 80.02
N ASP F 277 5.49 -71.62 81.29
CA ASP F 277 4.49 -71.01 82.16
C ASP F 277 5.01 -69.76 82.85
N PHE F 278 6.15 -69.24 82.37
CA PHE F 278 6.70 -68.02 82.93
C PHE F 278 5.87 -66.83 82.51
N GLN F 279 5.80 -65.82 83.37
CA GLN F 279 5.02 -64.63 83.09
C GLN F 279 5.78 -63.37 83.47
N GLY F 280 5.53 -62.30 82.73
CA GLY F 280 6.16 -61.02 82.98
C GLY F 280 5.95 -60.05 81.84
N ALA F 281 6.63 -58.92 81.92
CA ALA F 281 6.52 -57.89 80.90
C ALA F 281 7.82 -57.76 80.12
N LEU F 282 7.81 -58.21 78.87
CA LEU F 282 9.00 -58.14 78.04
C LEU F 282 9.27 -56.70 77.66
N VAL F 283 10.53 -56.28 77.71
CA VAL F 283 10.90 -54.91 77.39
C VAL F 283 11.42 -54.86 75.96
N SER F 284 10.57 -54.44 75.04
CA SER F 284 10.93 -54.38 73.63
C SER F 284 11.92 -53.26 73.32
N GLN F 285 11.69 -52.09 73.88
CA GLN F 285 12.62 -50.97 73.66
C GLN F 285 12.85 -50.14 74.90
N VAL F 286 14.09 -49.67 75.05
CA VAL F 286 14.41 -48.64 76.02
C VAL F 286 14.92 -47.43 75.25
N ASN F 287 14.24 -46.29 75.41
CA ASN F 287 14.51 -45.12 74.60
C ASN F 287 15.91 -44.53 74.81
N GLN F 288 16.38 -43.76 73.83
CA GLN F 288 17.68 -43.13 73.90
C GLN F 288 17.64 -42.02 74.95
N ASN F 289 18.65 -42.00 75.82
CA ASN F 289 18.77 -40.99 76.87
C ASN F 289 17.53 -40.89 77.75
N SER F 290 17.02 -42.05 78.16
CA SER F 290 15.79 -42.10 78.94
C SER F 290 16.13 -42.54 80.36
N PRO F 291 15.25 -42.20 81.31
CA PRO F 291 15.46 -42.59 82.72
C PRO F 291 15.68 -44.09 82.86
N ALA F 292 15.00 -44.88 82.03
CA ALA F 292 15.18 -46.32 82.03
C ALA F 292 16.58 -46.72 81.57
N GLN F 293 17.09 -46.01 80.56
CA GLN F 293 18.41 -46.31 80.01
C GLN F 293 19.52 -45.99 81.00
N LEU F 294 19.36 -44.87 81.71
CA LEU F 294 20.32 -44.46 82.71
C LEU F 294 20.38 -45.47 83.84
N ALA F 295 19.20 -45.99 84.21
CA ALA F 295 19.09 -46.99 85.27
C ALA F 295 19.74 -48.31 84.89
N GLY F 296 19.93 -48.54 83.60
CA GLY F 296 20.62 -49.73 83.13
C GLY F 296 19.68 -50.82 82.62
N LEU F 297 18.43 -50.44 82.36
CA LEU F 297 17.45 -51.35 81.84
C LEU F 297 17.72 -51.56 80.35
N LYS F 298 17.54 -52.78 79.86
CA LYS F 298 17.90 -53.11 78.49
C LYS F 298 16.74 -53.79 77.78
N SER F 299 16.81 -53.87 76.45
CA SER F 299 15.84 -54.63 75.69
C SER F 299 16.05 -56.09 76.02
N GLY F 300 14.98 -56.89 75.96
CA GLY F 300 15.07 -58.30 76.27
C GLY F 300 14.92 -58.59 77.74
N ASP F 301 14.95 -57.54 78.57
CA ASP F 301 14.72 -57.70 80.00
C ASP F 301 13.24 -57.98 80.23
N VAL F 302 12.95 -58.70 81.31
CA VAL F 302 11.56 -58.99 81.65
C VAL F 302 11.20 -58.38 82.99
N ILE F 303 10.34 -57.36 82.97
CA ILE F 303 9.84 -56.76 84.19
C ILE F 303 9.00 -57.81 84.88
N VAL F 304 9.33 -58.12 86.13
CA VAL F 304 8.60 -59.14 86.85
C VAL F 304 7.83 -58.53 88.02
N GLN F 305 8.24 -57.32 88.40
CA GLN F 305 7.59 -56.60 89.49
C GLN F 305 8.01 -55.13 89.58
N ILE F 306 7.02 -54.24 89.70
CA ILE F 306 7.27 -52.83 89.90
C ILE F 306 6.72 -52.40 91.26
N ASN F 307 7.61 -51.97 92.15
CA ASN F 307 7.23 -51.60 93.51
C ASN F 307 6.57 -52.76 94.26
N ASP F 308 5.39 -52.50 94.81
CA ASP F 308 4.61 -53.54 95.47
C ASP F 308 3.91 -54.45 94.46
N THR F 309 3.56 -53.88 93.32
CA THR F 309 2.80 -54.59 92.30
C THR F 309 3.62 -55.65 91.59
N LYS F 310 3.10 -56.86 91.49
CA LYS F 310 3.80 -57.93 90.78
C LYS F 310 3.25 -57.99 89.36
N ILE F 311 4.13 -58.24 88.40
CA ILE F 311 3.74 -58.17 86.99
C ILE F 311 3.77 -59.52 86.28
N THR F 312 2.62 -59.88 85.71
CA THR F 312 2.48 -61.14 85.01
C THR F 312 2.23 -60.93 83.52
N GLN F 313 1.86 -59.71 83.15
CA GLN F 313 1.71 -59.36 81.73
C GLN F 313 1.98 -57.88 81.45
N ALA F 314 2.24 -57.57 80.18
CA ALA F 314 2.72 -56.25 79.79
C ALA F 314 1.78 -55.11 80.14
N THR F 315 0.48 -55.34 80.00
CA THR F 315 -0.51 -54.29 80.18
C THR F 315 -0.55 -53.72 81.59
N GLN F 316 -0.02 -54.49 82.55
CA GLN F 316 0.00 -54.06 83.95
C GLN F 316 1.04 -52.98 84.23
N VAL F 317 2.06 -52.89 83.37
CA VAL F 317 3.13 -51.93 83.58
C VAL F 317 2.63 -50.49 83.45
N LYS F 318 1.91 -50.20 82.37
CA LYS F 318 1.44 -48.85 82.11
C LYS F 318 0.47 -48.37 83.21
N THR F 319 -0.44 -49.23 83.60
CA THR F 319 -1.43 -48.87 84.61
C THR F 319 -0.76 -48.59 85.97
N THR F 320 0.25 -49.38 86.31
CA THR F 320 0.97 -49.20 87.57
C THR F 320 1.75 -47.89 87.61
N ILE F 321 2.42 -47.56 86.51
CA ILE F 321 3.16 -46.31 86.39
C ILE F 321 2.26 -45.08 86.35
N SER F 322 1.07 -45.24 85.78
CA SER F 322 0.11 -44.14 85.65
C SER F 322 -0.25 -43.57 87.01
N LEU F 323 -0.36 -44.46 88.00
CA LEU F 323 -0.62 -44.07 89.38
C LEU F 323 0.56 -43.36 90.04
N LEU F 324 1.78 -43.77 89.66
CA LEU F 324 3.00 -43.20 90.23
C LEU F 324 3.12 -41.71 89.88
N ARG F 325 3.61 -40.92 90.81
CA ARG F 325 3.72 -39.47 90.60
C ARG F 325 5.13 -39.08 90.15
N ALA F 326 5.19 -38.07 89.29
CA ALA F 326 6.44 -37.63 88.70
C ALA F 326 7.44 -37.12 89.72
N GLY F 327 8.72 -37.35 89.47
CA GLY F 327 9.78 -36.92 90.36
C GLY F 327 10.01 -37.91 91.48
N SER F 328 9.36 -39.07 91.38
CA SER F 328 9.49 -40.10 92.41
C SER F 328 10.11 -41.35 91.80
N THR F 329 11.05 -41.95 92.52
CA THR F 329 11.73 -43.15 92.05
C THR F 329 10.83 -44.39 92.09
N ALA F 330 10.93 -45.23 91.06
CA ALA F 330 10.18 -46.48 91.01
C ALA F 330 11.14 -47.67 91.02
N LYS F 331 10.92 -48.61 91.94
CA LYS F 331 11.75 -49.80 92.04
C LYS F 331 11.33 -50.85 91.02
N ILE F 332 12.21 -51.14 90.07
CA ILE F 332 11.89 -52.09 89.01
C ILE F 332 12.65 -53.40 89.20
N LYS F 333 11.93 -54.50 89.27
CA LYS F 333 12.54 -55.81 89.49
C LYS F 333 12.44 -56.62 88.21
N ILE F 334 13.59 -56.99 87.63
CA ILE F 334 13.59 -57.65 86.34
C ILE F 334 14.37 -58.97 86.35
N LEU F 335 14.30 -59.68 85.24
CA LEU F 335 15.18 -60.83 84.99
C LEU F 335 15.88 -60.64 83.66
N ARG F 336 17.19 -60.42 83.72
CA ARG F 336 18.01 -60.29 82.52
C ARG F 336 18.64 -61.64 82.27
N ASP F 337 18.34 -62.24 81.12
CA ASP F 337 18.53 -63.66 80.90
C ASP F 337 17.80 -64.35 82.06
N ASN F 338 18.46 -65.27 82.76
CA ASN F 338 17.78 -65.85 83.92
C ASN F 338 18.33 -65.37 85.25
N LYS F 339 18.90 -64.16 85.24
CA LYS F 339 19.50 -63.61 86.44
C LYS F 339 18.66 -62.45 86.96
N PRO F 340 18.26 -62.54 88.24
CA PRO F 340 17.44 -61.52 88.88
C PRO F 340 18.22 -60.21 89.12
N LEU F 341 17.57 -59.08 88.87
CA LEU F 341 18.18 -57.77 89.11
C LEU F 341 17.14 -56.80 89.64
N THR F 342 17.60 -55.74 90.29
CA THR F 342 16.72 -54.68 90.74
C THR F 342 17.29 -53.32 90.34
N LEU F 343 16.46 -52.50 89.70
CA LEU F 343 16.89 -51.18 89.24
C LEU F 343 15.91 -50.13 89.76
N ASP F 344 16.45 -48.97 90.12
CA ASP F 344 15.60 -47.87 90.57
C ASP F 344 15.56 -46.81 89.48
N VAL F 345 14.39 -46.66 88.86
CA VAL F 345 14.25 -45.78 87.72
C VAL F 345 13.46 -44.55 88.12
N GLU F 346 13.98 -43.37 87.78
CA GLU F 346 13.28 -42.14 88.05
C GLU F 346 12.09 -42.00 87.11
N VAL F 347 10.94 -41.63 87.65
CA VAL F 347 9.76 -41.38 86.85
C VAL F 347 9.70 -39.88 86.61
N THR F 348 9.97 -39.47 85.37
CA THR F 348 10.25 -38.07 85.07
C THR F 348 9.13 -37.45 84.25
N ASP F 349 8.85 -36.18 84.53
CA ASP F 349 7.81 -35.43 83.83
C ASP F 349 8.06 -35.44 82.32
N ILE F 350 6.99 -35.45 81.53
CA ILE F 350 7.15 -35.50 80.08
C ILE F 350 7.74 -34.21 79.55
N LYS F 351 7.18 -33.07 79.96
CA LYS F 351 7.63 -31.76 79.49
C LYS F 351 9.06 -31.46 79.90
N LYS F 352 9.39 -31.81 81.14
CA LYS F 352 10.70 -31.57 81.72
C LYS F 352 11.88 -32.34 81.08
N HIS F 353 11.66 -33.61 80.73
CA HIS F 353 12.70 -34.42 80.10
C HIS F 353 12.98 -33.95 78.68
N GLU F 354 11.98 -33.30 78.10
CA GLU F 354 12.04 -32.98 76.69
C GLU F 354 12.87 -31.69 76.55
N GLN F 355 13.16 -31.07 77.68
CA GLN F 355 13.99 -29.88 77.73
C GLN F 355 15.43 -30.29 78.00
N LYS F 356 15.59 -31.31 78.85
CA LYS F 356 16.88 -31.91 79.13
C LYS F 356 17.45 -32.52 77.85
N LEU F 357 16.55 -33.03 77.01
CA LEU F 357 16.95 -33.62 75.74
C LEU F 357 17.37 -32.56 74.73
N GLN F 358 16.67 -31.43 74.72
CA GLN F 358 17.04 -30.31 73.86
C GLN F 358 18.34 -29.63 74.30
N SER F 359 18.54 -29.51 75.61
CA SER F 359 19.74 -28.87 76.15
C SER F 359 20.98 -29.65 75.74
N ASN F 360 20.88 -30.98 75.77
CA ASN F 360 21.98 -31.85 75.40
C ASN F 360 22.36 -31.67 73.92
N ASN F 361 21.35 -31.66 73.06
CA ASN F 361 21.55 -31.41 71.63
C ASN F 361 20.55 -30.40 71.08
N PRO F 362 20.95 -29.12 71.00
CA PRO F 362 20.05 -28.00 70.68
C PRO F 362 19.65 -27.88 69.21
N PHE F 363 20.61 -27.99 68.31
CA PHE F 363 20.36 -27.70 66.90
C PHE F 363 19.68 -28.84 66.15
N LEU F 364 20.11 -30.07 66.42
CA LEU F 364 19.65 -31.21 65.63
C LEU F 364 18.50 -31.99 66.27
N TYR F 365 17.98 -31.50 67.40
CA TYR F 365 16.89 -32.17 68.09
C TYR F 365 15.63 -32.19 67.24
N GLY F 366 14.91 -33.31 67.28
CA GLY F 366 13.63 -33.42 66.60
C GLY F 366 13.77 -33.69 65.12
N LEU F 367 14.96 -34.10 64.70
CA LEU F 367 15.22 -34.35 63.29
C LEU F 367 15.59 -35.80 63.05
N ALA F 368 15.06 -36.35 61.97
CA ALA F 368 15.42 -37.69 61.53
C ALA F 368 16.37 -37.55 60.34
N LEU F 369 17.60 -38.02 60.50
CA LEU F 369 18.63 -37.78 59.48
C LEU F 369 19.20 -39.07 58.91
N ARG F 370 19.36 -39.08 57.59
CA ARG F 370 19.98 -40.20 56.89
C ARG F 370 21.12 -39.70 56.02
N ASN F 371 22.24 -40.41 56.01
CA ASN F 371 23.34 -40.09 55.12
C ASN F 371 22.91 -40.19 53.67
N PHE F 372 23.33 -39.23 52.86
CA PHE F 372 22.84 -39.11 51.51
C PHE F 372 23.97 -38.95 50.49
N GLU F 373 23.97 -39.80 49.48
CA GLU F 373 24.90 -39.70 48.37
C GLU F 373 24.14 -40.00 47.10
N GLN F 374 24.22 -39.08 46.14
CA GLN F 374 23.45 -39.20 44.91
C GLN F 374 24.02 -38.28 43.85
N GLU F 375 23.81 -38.62 42.58
CA GLU F 375 24.20 -37.74 41.49
C GLU F 375 22.94 -37.09 40.95
N SER F 376 22.68 -35.89 41.43
CA SER F 376 21.46 -35.17 41.09
C SER F 376 21.76 -33.87 40.37
N PRO F 377 21.41 -33.79 39.08
CA PRO F 377 21.49 -32.54 38.32
C PRO F 377 20.48 -31.53 38.88
N PRO F 378 20.84 -30.24 38.93
CA PRO F 378 22.09 -29.67 38.41
C PRO F 378 23.20 -29.60 39.46
N HIS F 379 22.99 -30.22 40.61
CA HIS F 379 23.97 -30.15 41.70
C HIS F 379 25.27 -30.91 41.42
N GLY F 380 25.19 -31.94 40.58
CA GLY F 380 26.31 -32.84 40.39
C GLY F 380 26.36 -33.87 41.49
N ASN F 381 27.56 -34.34 41.84
CA ASN F 381 27.73 -35.26 42.96
C ASN F 381 27.35 -34.62 44.30
N VAL F 382 26.31 -35.17 44.94
CA VAL F 382 25.83 -34.62 46.22
C VAL F 382 26.12 -35.53 47.40
N VAL F 383 26.89 -35.01 48.35
CA VAL F 383 27.14 -35.73 49.59
C VAL F 383 26.79 -34.87 50.80
N GLY F 384 25.96 -35.40 51.68
CA GLY F 384 25.51 -34.69 52.85
C GLY F 384 24.49 -35.51 53.61
N VAL F 385 23.81 -34.89 54.56
CA VAL F 385 22.75 -35.58 55.28
C VAL F 385 21.37 -35.11 54.82
N GLN F 386 20.45 -36.05 54.69
CA GLN F 386 19.12 -35.75 54.20
C GLN F 386 18.15 -35.72 55.37
N VAL F 387 17.21 -34.78 55.33
CA VAL F 387 16.24 -34.65 56.39
C VAL F 387 15.08 -35.60 56.13
N VAL F 388 15.14 -36.78 56.74
CA VAL F 388 14.09 -37.78 56.63
C VAL F 388 12.81 -37.29 57.28
N GLY F 389 12.94 -36.70 58.46
CA GLY F 389 11.78 -36.17 59.15
C GLY F 389 12.13 -35.03 60.07
N ALA F 390 11.17 -34.14 60.29
CA ALA F 390 11.36 -33.02 61.19
C ALA F 390 10.19 -32.90 62.15
N SER F 391 10.47 -32.42 63.35
CA SER F 391 9.44 -32.25 64.37
C SER F 391 8.97 -30.81 64.32
N GLU F 392 7.66 -30.60 64.34
CA GLU F 392 7.09 -29.26 64.26
C GLU F 392 7.55 -28.37 65.43
N THR F 393 7.97 -29.00 66.53
CA THR F 393 8.51 -28.29 67.68
C THR F 393 10.02 -28.07 67.59
N SER F 394 10.65 -28.67 66.59
CA SER F 394 12.11 -28.66 66.49
C SER F 394 12.66 -27.30 66.09
N ALA F 395 13.90 -27.04 66.52
CA ALA F 395 14.60 -25.81 66.16
C ALA F 395 14.83 -25.78 64.65
N GLY F 396 15.02 -26.96 64.06
CA GLY F 396 15.21 -27.06 62.62
C GLY F 396 13.97 -26.64 61.85
N TRP F 397 12.81 -27.14 62.28
CA TRP F 397 11.56 -26.84 61.59
C TRP F 397 11.25 -25.34 61.66
N ARG F 398 11.48 -24.75 62.83
CA ARG F 398 11.24 -23.33 63.04
C ARG F 398 12.12 -22.53 62.10
N ALA F 399 13.33 -23.03 61.85
CA ALA F 399 14.28 -22.34 60.99
C ALA F 399 13.86 -22.40 59.52
N GLY F 400 12.86 -23.22 59.23
CA GLY F 400 12.36 -23.38 57.88
C GLY F 400 12.89 -24.62 57.19
N LEU F 401 13.59 -25.45 57.94
CA LEU F 401 14.09 -26.72 57.42
C LEU F 401 12.92 -27.66 57.23
N ARG F 402 12.92 -28.39 56.12
CA ARG F 402 11.80 -29.25 55.78
C ARG F 402 12.31 -30.64 55.46
N PRO F 403 11.47 -31.67 55.62
CA PRO F 403 11.90 -33.02 55.26
C PRO F 403 12.16 -33.11 53.76
N GLY F 404 13.14 -33.94 53.38
CA GLY F 404 13.54 -34.07 52.00
C GLY F 404 14.71 -33.17 51.62
N ASP F 405 15.03 -32.23 52.51
CA ASP F 405 16.16 -31.33 52.29
C ASP F 405 17.48 -32.06 52.47
N ILE F 406 18.49 -31.66 51.72
CA ILE F 406 19.81 -32.26 51.87
C ILE F 406 20.79 -31.23 52.39
N ILE F 407 21.38 -31.51 53.55
CA ILE F 407 22.28 -30.58 54.20
C ILE F 407 23.69 -30.86 53.71
N ILE F 408 24.31 -29.87 53.06
CA ILE F 408 25.65 -30.07 52.52
C ILE F 408 26.72 -29.31 53.29
N SER F 409 26.31 -28.28 54.03
CA SER F 409 27.27 -27.50 54.83
C SER F 409 26.67 -27.01 56.14
N ALA F 410 27.51 -26.91 57.16
CA ALA F 410 27.11 -26.32 58.44
C ALA F 410 28.21 -25.39 58.96
N ASN F 411 27.84 -24.13 59.20
CA ASN F 411 28.80 -23.10 59.61
C ASN F 411 29.94 -22.95 58.61
N LYS F 412 29.59 -22.94 57.33
CA LYS F 412 30.55 -22.80 56.22
C LYS F 412 31.53 -23.98 56.14
N THR F 413 31.18 -25.07 56.81
CA THR F 413 31.99 -26.29 56.78
C THR F 413 31.24 -27.40 56.05
N PRO F 414 31.87 -28.01 55.05
CA PRO F 414 31.22 -29.08 54.29
C PRO F 414 30.84 -30.25 55.18
N VAL F 415 29.64 -30.77 54.99
CA VAL F 415 29.13 -31.87 55.79
C VAL F 415 28.90 -33.08 54.90
N LYS F 416 29.62 -34.17 55.18
CA LYS F 416 29.51 -35.37 54.36
C LYS F 416 28.76 -36.50 55.05
N ASP F 417 28.61 -36.39 56.37
CA ASP F 417 27.94 -37.43 57.14
C ASP F 417 27.35 -36.89 58.45
N ILE F 418 26.50 -37.69 59.08
CA ILE F 418 25.86 -37.28 60.33
C ILE F 418 26.87 -37.01 61.44
N LYS F 419 27.89 -37.86 61.53
CA LYS F 419 28.90 -37.72 62.56
C LYS F 419 29.62 -36.37 62.42
N SER F 420 29.84 -35.96 61.17
CA SER F 420 30.45 -34.66 60.90
C SER F 420 29.51 -33.52 61.29
N LEU F 421 28.23 -33.70 61.00
CA LEU F 421 27.22 -32.69 61.31
C LEU F 421 27.07 -32.50 62.82
N GLN F 422 27.02 -33.61 63.56
CA GLN F 422 26.88 -33.56 65.01
C GLN F 422 28.10 -32.92 65.66
N ALA F 423 29.25 -33.08 65.01
CA ALA F 423 30.49 -32.45 65.48
C ALA F 423 30.39 -30.94 65.40
N VAL F 424 29.92 -30.44 64.25
CA VAL F 424 29.75 -29.00 64.05
C VAL F 424 28.69 -28.42 64.99
N ALA F 425 27.63 -29.19 65.21
CA ALA F 425 26.56 -28.78 66.13
C ALA F 425 27.03 -28.79 67.58
N HIS F 426 27.97 -29.68 67.88
CA HIS F 426 28.44 -29.87 69.26
C HIS F 426 29.16 -28.63 69.80
N GLU F 427 29.99 -28.01 68.99
CA GLU F 427 30.58 -26.74 69.38
C GLU F 427 29.45 -25.73 69.48
N LYS F 428 29.41 -24.98 70.57
CA LYS F 428 28.23 -24.21 70.90
C LYS F 428 28.29 -22.76 70.46
N GLY F 429 27.29 -22.36 69.70
CA GLY F 429 27.10 -20.97 69.34
C GLY F 429 25.62 -20.68 69.55
N LYS F 430 25.25 -19.40 69.54
CA LYS F 430 23.86 -19.02 69.66
C LYS F 430 23.05 -19.61 68.50
N GLN F 431 23.67 -19.67 67.31
CA GLN F 431 23.01 -20.22 66.13
C GLN F 431 23.90 -21.13 65.29
N LEU F 432 23.29 -22.09 64.61
CA LEU F 432 23.95 -22.92 63.60
C LEU F 432 23.47 -22.56 62.20
N LEU F 433 24.41 -22.29 61.30
CA LEU F 433 24.06 -21.94 59.93
C LEU F 433 24.25 -23.15 59.02
N VAL F 434 23.21 -23.51 58.27
CA VAL F 434 23.29 -24.66 57.38
C VAL F 434 22.91 -24.29 55.94
N GLN F 435 23.47 -25.02 54.99
CA GLN F 435 23.13 -24.84 53.58
C GLN F 435 22.47 -26.12 53.09
N VAL F 436 21.25 -26.00 52.59
CA VAL F 436 20.49 -27.18 52.23
C VAL F 436 20.12 -27.17 50.75
N LEU F 437 19.90 -28.36 50.22
CA LEU F 437 19.43 -28.53 48.84
C LEU F 437 17.95 -28.87 48.83
N ARG F 438 17.16 -28.00 48.22
CA ARG F 438 15.73 -28.23 48.09
C ARG F 438 15.36 -28.34 46.62
N GLY F 439 15.17 -29.56 46.14
CA GLY F 439 14.96 -29.79 44.72
C GLY F 439 16.14 -29.31 43.91
N ALA F 440 15.88 -28.60 42.81
CA ALA F 440 16.94 -28.03 41.99
C ALA F 440 17.66 -26.88 42.69
N GLY F 441 16.93 -26.18 43.56
CA GLY F 441 17.46 -25.05 44.30
C GLY F 441 18.27 -25.40 45.53
N ALA F 442 18.90 -24.39 46.11
CA ALA F 442 19.58 -24.52 47.40
C ALA F 442 19.14 -23.39 48.33
N LEU F 443 19.27 -23.61 49.63
CA LEU F 443 18.83 -22.63 50.60
C LEU F 443 19.80 -22.46 51.78
N TYR F 444 19.86 -21.27 52.34
CA TYR F 444 20.64 -21.03 53.56
C TYR F 444 19.67 -20.84 54.71
N LEU F 445 19.88 -21.58 55.79
CA LEU F 445 18.96 -21.57 56.93
C LEU F 445 19.71 -21.30 58.23
N LEU F 446 19.03 -20.68 59.18
CA LEU F 446 19.67 -20.35 60.44
C LEU F 446 18.91 -20.94 61.62
N ILE F 447 19.49 -21.98 62.21
CA ILE F 447 18.86 -22.72 63.29
C ILE F 447 19.17 -22.14 64.67
N ILE F 448 18.16 -21.57 65.31
CA ILE F 448 18.32 -21.00 66.64
C ILE F 448 17.63 -21.86 67.69
N MET G 19 37.97 62.03 -105.94
CA MET G 19 38.54 60.96 -105.14
C MET G 19 37.71 59.68 -105.23
N PRO G 20 38.40 58.53 -105.25
CA PRO G 20 37.83 57.17 -105.23
C PRO G 20 37.31 56.79 -103.85
N SER G 21 36.01 56.93 -103.58
CA SER G 21 35.51 56.64 -102.24
C SER G 21 34.14 55.95 -102.21
N LEU G 22 33.85 55.29 -101.09
CA LEU G 22 32.57 54.63 -100.86
C LEU G 22 31.65 55.51 -100.00
N ALA G 23 32.10 56.72 -99.72
CA ALA G 23 31.33 57.62 -98.86
C ALA G 23 29.94 58.01 -99.42
N PRO G 24 29.85 58.40 -100.70
CA PRO G 24 28.53 58.81 -101.21
C PRO G 24 27.52 57.68 -101.16
N VAL G 25 27.96 56.50 -101.58
CA VAL G 25 27.10 55.32 -101.63
C VAL G 25 26.64 54.87 -100.24
N LEU G 26 27.55 54.90 -99.26
CA LEU G 26 27.21 54.50 -97.90
C LEU G 26 26.26 55.47 -97.20
N LYS G 27 26.23 56.72 -97.66
CA LYS G 27 25.29 57.71 -97.14
C LYS G 27 23.85 57.28 -97.35
N ASN G 28 23.59 56.61 -98.46
CA ASN G 28 22.24 56.24 -98.85
C ASN G 28 21.88 54.85 -98.39
N ALA G 29 22.76 54.22 -97.63
CA ALA G 29 22.51 52.86 -97.19
C ALA G 29 22.37 52.72 -95.68
N MET G 30 23.11 53.52 -94.92
CA MET G 30 23.12 53.38 -93.47
C MET G 30 21.79 53.67 -92.75
N PRO G 31 21.00 54.64 -93.24
CA PRO G 31 19.70 54.83 -92.58
C PRO G 31 18.88 53.53 -92.57
N ALA G 32 19.04 52.72 -93.61
CA ALA G 32 18.32 51.46 -93.73
C ALA G 32 18.73 50.46 -92.64
N ILE G 33 19.97 50.59 -92.16
CA ILE G 33 20.47 49.71 -91.11
C ILE G 33 20.12 50.29 -89.73
N VAL G 34 19.57 49.45 -88.85
CA VAL G 34 19.14 49.90 -87.54
C VAL G 34 19.80 49.09 -86.44
N ASN G 35 19.47 49.40 -85.19
CA ASN G 35 20.01 48.67 -84.05
C ASN G 35 18.88 47.91 -83.39
N VAL G 36 19.09 46.63 -83.11
CA VAL G 36 18.08 45.85 -82.40
C VAL G 36 18.56 45.46 -81.01
N ALA G 37 17.74 45.77 -80.01
CA ALA G 37 18.05 45.46 -78.62
C ALA G 37 17.01 44.50 -78.05
N VAL G 38 17.47 43.53 -77.29
CA VAL G 38 16.63 42.43 -76.86
C VAL G 38 16.72 42.20 -75.36
N GLN G 39 15.59 41.92 -74.72
CA GLN G 39 15.57 41.57 -73.30
C GLN G 39 14.78 40.28 -73.06
N GLY G 40 15.46 39.30 -72.49
CA GLY G 40 14.86 37.99 -72.23
C GLY G 40 15.29 37.41 -70.90
N TYR G 41 14.75 36.25 -70.55
CA TYR G 41 15.16 35.55 -69.34
C TYR G 41 15.92 34.25 -69.63
N PHE G 72 19.99 38.78 -69.08
CA PHE G 72 20.03 38.48 -70.52
C PHE G 72 19.65 39.70 -71.34
N GLU G 73 20.65 40.40 -71.87
CA GLU G 73 20.40 41.45 -72.85
C GLU G 73 21.26 41.23 -74.09
N SER G 74 20.61 41.12 -75.24
CA SER G 74 21.31 40.86 -76.48
C SER G 74 21.18 42.04 -77.44
N ILE G 75 22.25 42.36 -78.15
CA ILE G 75 22.23 43.42 -79.15
C ILE G 75 22.68 42.90 -80.51
N GLY G 76 22.18 43.51 -81.57
CA GLY G 76 22.45 43.08 -82.93
C GLY G 76 22.10 44.19 -83.91
N SER G 77 21.94 43.83 -85.17
CA SER G 77 21.59 44.81 -86.18
C SER G 77 20.39 44.35 -87.00
N GLY G 78 19.82 45.27 -87.77
CA GLY G 78 18.72 44.95 -88.67
C GLY G 78 18.76 45.79 -89.92
N VAL G 79 18.05 45.33 -90.95
CA VAL G 79 17.93 46.06 -92.20
C VAL G 79 16.46 46.29 -92.51
N ILE G 80 16.14 47.47 -93.04
CA ILE G 80 14.75 47.79 -93.36
C ILE G 80 14.43 47.44 -94.80
N ILE G 81 13.65 46.38 -94.99
CA ILE G 81 13.27 45.91 -96.33
C ILE G 81 12.16 46.77 -96.95
N ASP G 82 11.06 46.92 -96.23
CA ASP G 82 9.93 47.70 -96.71
C ASP G 82 9.62 48.87 -95.78
N PRO G 83 10.04 50.07 -96.18
CA PRO G 83 9.82 51.29 -95.39
C PRO G 83 8.35 51.69 -95.33
N LYS G 84 7.56 51.25 -96.32
CA LYS G 84 6.14 51.55 -96.35
C LYS G 84 5.43 50.89 -95.17
N ASN G 85 5.58 49.58 -95.03
CA ASN G 85 4.94 48.86 -93.94
C ASN G 85 5.84 48.84 -92.70
N GLY G 86 7.02 49.41 -92.83
CA GLY G 86 7.97 49.46 -91.73
C GLY G 86 8.37 48.11 -91.19
N ILE G 87 8.82 47.22 -92.07
CA ILE G 87 9.29 45.90 -91.63
C ILE G 87 10.80 45.74 -91.83
N ILE G 88 11.45 45.20 -90.81
CA ILE G 88 12.89 45.03 -90.84
C ILE G 88 13.26 43.56 -90.77
N ILE G 89 14.49 43.25 -91.18
CA ILE G 89 14.98 41.88 -91.20
C ILE G 89 16.23 41.75 -90.34
N THR G 90 16.40 40.60 -89.70
CA THR G 90 17.55 40.36 -88.84
C THR G 90 17.72 38.86 -88.61
N ASN G 91 18.74 38.49 -87.83
CA ASN G 91 18.96 37.08 -87.52
C ASN G 91 18.00 36.58 -86.46
N ASP G 92 17.59 35.32 -86.59
CA ASP G 92 16.66 34.72 -85.64
C ASP G 92 17.30 34.61 -84.25
N HIS G 93 18.59 34.29 -84.22
CA HIS G 93 19.27 34.07 -82.95
C HIS G 93 19.42 35.34 -82.13
N VAL G 94 19.25 36.48 -82.80
CA VAL G 94 19.34 37.76 -82.11
C VAL G 94 18.09 37.97 -81.25
N ILE G 95 16.93 37.67 -81.83
CA ILE G 95 15.66 37.87 -81.15
C ILE G 95 15.07 36.63 -80.46
N ARG G 96 15.84 35.55 -80.41
CA ARG G 96 15.42 34.33 -79.71
C ARG G 96 15.13 34.57 -78.23
N ASN G 97 14.01 34.00 -77.75
CA ASN G 97 13.65 34.07 -76.34
C ASN G 97 13.60 35.48 -75.81
N ALA G 98 12.84 36.33 -76.48
CA ALA G 98 12.86 37.76 -76.20
C ALA G 98 11.53 38.28 -75.68
N ASN G 99 11.56 38.88 -74.50
CA ASN G 99 10.39 39.52 -73.93
C ASN G 99 10.10 40.83 -74.67
N LEU G 100 11.08 41.73 -74.67
CA LEU G 100 10.94 43.03 -75.31
C LEU G 100 12.09 43.29 -76.28
N ILE G 101 11.76 43.59 -77.55
CA ILE G 101 12.78 43.96 -78.52
C ILE G 101 12.67 45.42 -78.99
N THR G 102 13.76 46.15 -78.86
CA THR G 102 13.78 47.59 -79.14
C THR G 102 14.64 47.92 -80.37
N VAL G 103 14.11 48.76 -81.24
CA VAL G 103 14.82 49.15 -82.46
C VAL G 103 15.22 50.63 -82.46
N THR G 104 16.49 50.90 -82.74
CA THR G 104 16.99 52.27 -82.81
C THR G 104 17.45 52.64 -84.22
N LEU G 105 16.86 53.70 -84.77
CA LEU G 105 17.18 54.13 -86.13
C LEU G 105 18.30 55.16 -86.08
N GLN G 106 18.83 55.54 -87.24
CA GLN G 106 19.83 56.60 -87.28
C GLN G 106 19.19 57.94 -86.93
N ASP G 107 17.86 58.00 -86.99
CA ASP G 107 17.10 59.17 -86.54
C ASP G 107 17.37 59.43 -85.07
N GLY G 108 17.67 58.37 -84.34
CA GLY G 108 17.86 58.43 -82.91
C GLY G 108 16.62 57.98 -82.19
N ARG G 109 15.57 57.68 -82.95
CA ARG G 109 14.33 57.21 -82.37
C ARG G 109 14.47 55.78 -81.87
N ARG G 110 13.88 55.51 -80.71
CA ARG G 110 13.82 54.16 -80.16
C ARG G 110 12.38 53.68 -80.23
N LEU G 111 12.17 52.49 -80.81
CA LEU G 111 10.82 52.00 -81.07
C LEU G 111 10.64 50.53 -80.66
N LYS G 112 9.48 50.23 -80.09
CA LYS G 112 9.11 48.85 -79.77
C LYS G 112 8.83 48.11 -81.07
N ALA G 113 9.38 46.91 -81.19
CA ALA G 113 9.28 46.14 -82.42
C ALA G 113 8.44 44.89 -82.21
N ARG G 114 7.70 44.50 -83.24
CA ARG G 114 6.82 43.33 -83.14
C ARG G 114 7.34 42.22 -84.04
N LEU G 115 7.32 41.00 -83.50
CA LEU G 115 7.91 39.85 -84.19
C LEU G 115 6.85 39.22 -85.09
N ILE G 116 6.99 39.43 -86.40
CA ILE G 116 6.11 38.80 -87.37
C ILE G 116 6.32 37.29 -87.43
N GLY G 117 7.56 36.88 -87.66
CA GLY G 117 7.91 35.47 -87.74
C GLY G 117 9.40 35.25 -87.76
N GLY G 118 9.82 34.01 -87.52
CA GLY G 118 11.22 33.65 -87.53
C GLY G 118 11.46 32.22 -87.96
N ASP G 119 12.62 31.97 -88.55
CA ASP G 119 12.96 30.65 -89.04
C ASP G 119 14.33 30.23 -88.51
N SER G 120 14.34 29.27 -87.59
CA SER G 120 15.59 28.80 -86.99
C SER G 120 16.52 28.16 -88.03
N GLU G 121 15.93 27.55 -89.05
CA GLU G 121 16.70 26.83 -90.06
C GLU G 121 17.61 27.75 -90.87
N THR G 122 17.09 28.90 -91.27
CA THR G 122 17.88 29.84 -92.07
C THR G 122 18.37 31.01 -91.24
N ASP G 123 18.09 30.96 -89.94
CA ASP G 123 18.48 32.02 -89.00
C ASP G 123 18.01 33.39 -89.47
N LEU G 124 16.76 33.46 -89.93
CA LEU G 124 16.20 34.73 -90.35
C LEU G 124 14.93 35.02 -89.58
N ALA G 125 14.62 36.31 -89.45
CA ALA G 125 13.41 36.72 -88.76
C ALA G 125 12.96 38.09 -89.25
N VAL G 126 11.65 38.32 -89.22
CA VAL G 126 11.10 39.57 -89.69
C VAL G 126 10.41 40.31 -88.55
N LEU G 127 10.68 41.61 -88.45
CA LEU G 127 10.07 42.43 -87.40
C LEU G 127 9.30 43.56 -88.06
N LYS G 128 8.23 43.99 -87.40
CA LYS G 128 7.46 45.12 -87.91
C LYS G 128 7.54 46.28 -86.94
N ILE G 129 7.88 47.46 -87.47
CA ILE G 129 7.99 48.65 -86.65
C ILE G 129 6.88 49.63 -87.03
N ASP G 130 6.14 50.10 -86.03
CA ASP G 130 5.00 50.98 -86.28
C ASP G 130 5.44 52.42 -86.34
N ALA G 131 6.20 52.74 -87.38
CA ALA G 131 6.74 54.08 -87.54
C ALA G 131 6.67 54.53 -88.99
N LYS G 132 6.77 55.84 -89.18
CA LYS G 132 6.71 56.44 -90.51
C LYS G 132 7.97 57.26 -90.72
N ASN G 133 8.21 57.66 -91.97
CA ASN G 133 9.42 58.41 -92.34
C ASN G 133 10.68 57.57 -92.29
N LEU G 134 10.51 56.25 -92.33
CA LEU G 134 11.62 55.32 -92.41
C LEU G 134 12.31 55.36 -93.76
N LYS G 135 13.62 55.11 -93.78
CA LYS G 135 14.36 55.02 -95.03
C LYS G 135 14.87 53.60 -95.23
N SER G 136 15.06 53.21 -96.48
CA SER G 136 15.41 51.83 -96.79
C SER G 136 16.50 51.74 -97.85
N LEU G 137 16.81 50.51 -98.26
CA LEU G 137 17.88 50.27 -99.21
C LEU G 137 17.41 49.63 -100.49
N VAL G 138 18.08 49.96 -101.59
CA VAL G 138 17.82 49.27 -102.85
C VAL G 138 18.25 47.82 -102.70
N ILE G 139 17.37 46.89 -103.02
CA ILE G 139 17.72 45.48 -102.91
C ILE G 139 18.42 45.02 -104.18
N GLY G 140 19.35 44.08 -104.07
CA GLY G 140 20.16 43.70 -105.21
C GLY G 140 20.08 42.21 -105.45
N ASP G 141 20.86 41.71 -106.41
CA ASP G 141 20.82 40.31 -106.75
C ASP G 141 22.08 39.58 -106.28
N SER G 142 21.92 38.74 -105.26
CA SER G 142 23.04 37.97 -104.74
C SER G 142 23.51 36.95 -105.77
N ASP G 143 22.60 36.54 -106.65
CA ASP G 143 22.93 35.61 -107.73
C ASP G 143 23.83 36.25 -108.78
N LYS G 144 23.94 37.57 -108.74
CA LYS G 144 24.81 38.29 -109.66
C LYS G 144 26.22 38.50 -109.07
N LEU G 145 26.39 38.09 -107.83
CA LEU G 145 27.67 38.26 -107.14
C LEU G 145 28.77 37.39 -107.71
N GLU G 146 29.97 37.95 -107.74
CA GLU G 146 31.14 37.21 -108.17
C GLU G 146 32.22 37.37 -107.11
N VAL G 147 33.07 36.35 -106.96
CA VAL G 147 34.16 36.42 -106.01
C VAL G 147 35.13 37.52 -106.41
N GLY G 148 35.49 38.38 -105.46
CA GLY G 148 36.36 39.51 -105.73
C GLY G 148 35.63 40.83 -105.81
N ASP G 149 34.30 40.77 -105.80
CA ASP G 149 33.49 41.98 -105.76
C ASP G 149 33.66 42.66 -104.41
N TYR G 150 33.81 43.98 -104.41
CA TYR G 150 33.98 44.71 -103.17
C TYR G 150 32.64 44.78 -102.45
N VAL G 151 32.68 44.63 -101.13
CA VAL G 151 31.48 44.71 -100.31
C VAL G 151 31.74 45.48 -99.03
N VAL G 152 30.69 46.07 -98.48
CA VAL G 152 30.78 46.76 -97.21
C VAL G 152 29.75 46.15 -96.27
N ALA G 153 30.16 45.94 -95.02
CA ALA G 153 29.26 45.36 -94.04
C ALA G 153 28.86 46.43 -93.03
N ILE G 154 27.55 46.67 -92.93
CA ILE G 154 27.02 47.70 -92.04
C ILE G 154 26.25 47.05 -90.89
N GLY G 155 26.68 47.33 -89.67
CA GLY G 155 26.06 46.77 -88.49
C GLY G 155 26.60 47.44 -87.24
N ASN G 156 26.10 47.02 -86.08
CA ASN G 156 26.59 47.56 -84.82
C ASN G 156 27.42 46.56 -84.02
N PRO G 157 28.73 46.50 -84.31
CA PRO G 157 29.59 45.58 -83.58
C PRO G 157 29.98 46.16 -82.22
N PHE G 158 29.77 45.37 -81.16
CA PHE G 158 30.14 45.73 -79.80
C PHE G 158 29.29 46.87 -79.23
N GLY G 159 28.19 47.20 -79.91
CA GLY G 159 27.25 48.17 -79.39
C GLY G 159 27.82 49.58 -79.39
N LEU G 160 28.75 49.83 -80.30
CA LEU G 160 29.53 51.07 -80.31
C LEU G 160 28.70 52.35 -80.48
N ASN G 161 27.64 52.30 -81.28
CA ASN G 161 26.78 53.47 -81.41
C ASN G 161 25.58 53.46 -80.45
N SER G 162 25.76 54.18 -79.34
CA SER G 162 24.77 54.24 -78.28
C SER G 162 23.50 54.95 -78.76
N PHE G 163 23.68 55.97 -79.60
CA PHE G 163 22.58 56.84 -80.00
C PHE G 163 22.02 56.48 -81.37
N GLY G 164 22.60 55.46 -82.00
CA GLY G 164 22.05 54.89 -83.21
C GLY G 164 22.42 55.64 -84.48
N ASN G 165 23.04 56.80 -84.33
CA ASN G 165 23.34 57.65 -85.46
C ASN G 165 24.63 57.27 -86.20
N SER G 166 25.35 56.28 -85.68
CA SER G 166 26.64 55.92 -86.26
C SER G 166 26.91 54.43 -86.36
N GLN G 167 26.31 53.77 -87.35
CA GLN G 167 26.60 52.37 -87.60
C GLN G 167 28.06 52.23 -88.04
N SER G 168 28.62 51.03 -87.95
CA SER G 168 30.00 50.81 -88.36
C SER G 168 30.09 50.15 -89.72
N ALA G 169 30.88 50.74 -90.62
CA ALA G 169 31.09 50.18 -91.94
C ALA G 169 32.44 49.50 -92.02
N THR G 170 32.48 48.29 -92.54
CA THR G 170 33.74 47.58 -92.69
C THR G 170 33.87 47.06 -94.12
N PHE G 171 35.08 47.12 -94.64
CA PHE G 171 35.31 46.94 -96.06
C PHE G 171 36.06 45.66 -96.36
N GLY G 172 35.61 44.95 -97.40
CA GLY G 172 36.22 43.71 -97.82
C GLY G 172 35.72 43.29 -99.17
N ILE G 173 36.29 42.22 -99.73
CA ILE G 173 35.77 41.61 -100.94
C ILE G 173 34.90 40.40 -100.62
N VAL G 174 34.36 39.78 -101.67
CA VAL G 174 33.64 38.53 -101.53
C VAL G 174 34.66 37.40 -101.63
N SER G 175 34.85 36.70 -100.52
CA SER G 175 35.84 35.62 -100.46
C SER G 175 35.40 34.36 -101.23
N ALA G 176 34.13 34.00 -101.06
CA ALA G 176 33.57 32.83 -101.73
C ALA G 176 32.05 32.87 -101.70
N LEU G 177 31.42 31.99 -102.48
CA LEU G 177 29.96 31.96 -102.55
C LEU G 177 29.45 30.54 -102.38
N LYS G 178 28.19 30.42 -101.95
CA LYS G 178 27.51 29.14 -101.82
C LYS G 178 28.17 28.19 -100.83
N ARG G 179 28.64 28.73 -99.71
CA ARG G 179 29.24 27.92 -98.66
C ARG G 179 28.21 26.98 -98.01
N SER G 180 28.63 25.73 -97.79
CA SER G 180 27.78 24.73 -97.17
C SER G 180 28.63 23.81 -96.30
N ASP G 181 27.98 22.90 -95.59
CA ASP G 181 28.66 21.92 -94.74
C ASP G 181 29.29 22.55 -93.49
N LEU G 182 29.07 23.85 -93.32
CA LEU G 182 29.59 24.58 -92.17
C LEU G 182 28.99 24.08 -90.86
N ASN G 183 27.75 23.60 -90.94
CA ASN G 183 27.00 23.12 -89.77
C ASN G 183 26.73 24.21 -88.74
N ILE G 184 26.69 25.46 -89.21
CA ILE G 184 26.26 26.58 -88.40
C ILE G 184 24.73 26.63 -88.38
N GLU G 185 24.11 26.41 -89.54
CA GLU G 185 22.66 26.45 -89.65
C GLU G 185 22.13 25.20 -90.35
N GLY G 186 20.83 24.96 -90.23
CA GLY G 186 20.20 23.84 -90.92
C GLY G 186 20.24 23.99 -92.42
N VAL G 187 19.95 25.20 -92.89
CA VAL G 187 19.98 25.51 -94.31
C VAL G 187 21.00 26.60 -94.57
N GLU G 188 22.07 26.26 -95.29
CA GLU G 188 23.17 27.18 -95.51
C GLU G 188 23.47 27.41 -96.99
N ASN G 189 23.55 28.67 -97.38
CA ASN G 189 24.03 29.02 -98.71
C ASN G 189 24.84 30.31 -98.63
N PHE G 190 25.78 30.35 -97.70
CA PHE G 190 26.41 31.60 -97.27
C PHE G 190 27.28 32.30 -98.32
N ILE G 191 27.45 33.61 -98.12
CA ILE G 191 28.43 34.40 -98.85
C ILE G 191 29.62 34.60 -97.92
N GLN G 192 30.83 34.32 -98.38
CA GLN G 192 32.00 34.49 -97.52
C GLN G 192 32.66 35.82 -97.83
N THR G 193 32.88 36.61 -96.79
CA THR G 193 33.51 37.91 -96.95
C THR G 193 34.61 38.09 -95.90
N ASP G 194 35.65 38.82 -96.28
CA ASP G 194 36.74 39.12 -95.35
C ASP G 194 36.55 40.49 -94.74
N ALA G 195 35.38 41.08 -95.00
CA ALA G 195 34.99 42.32 -94.35
C ALA G 195 34.81 41.99 -92.88
N ALA G 196 35.07 42.98 -92.02
CA ALA G 196 35.18 42.71 -90.61
C ALA G 196 33.81 42.58 -89.96
N ILE G 197 33.47 41.34 -89.60
CA ILE G 197 32.21 41.06 -88.92
C ILE G 197 32.49 40.56 -87.52
N ASN G 198 31.91 41.22 -86.53
CA ASN G 198 32.18 40.94 -85.14
C ASN G 198 30.84 40.76 -84.41
N PRO G 199 30.87 40.36 -83.13
CA PRO G 199 29.62 40.28 -82.37
C PRO G 199 28.81 41.59 -82.36
N GLY G 200 27.50 41.46 -82.57
CA GLY G 200 26.61 42.59 -82.68
C GLY G 200 26.38 43.04 -84.12
N ASN G 201 27.13 42.44 -85.04
CA ASN G 201 26.94 42.74 -86.45
C ASN G 201 25.88 41.82 -87.06
N ALA G 202 25.37 40.90 -86.25
CA ALA G 202 24.40 39.93 -86.72
C ALA G 202 23.10 40.64 -87.10
N GLY G 203 22.51 40.21 -88.21
CA GLY G 203 21.31 40.85 -88.72
C GLY G 203 21.64 42.12 -89.47
N GLY G 204 22.93 42.43 -89.53
CA GLY G 204 23.40 43.60 -90.25
C GLY G 204 23.32 43.42 -91.74
N ALA G 205 23.64 44.48 -92.48
CA ALA G 205 23.58 44.44 -93.94
C ALA G 205 24.96 44.22 -94.54
N LEU G 206 24.99 43.48 -95.64
CA LEU G 206 26.19 43.39 -96.47
C LEU G 206 25.82 43.98 -97.82
N VAL G 207 26.54 45.02 -98.23
CA VAL G 207 26.20 45.75 -99.45
C VAL G 207 27.33 45.72 -100.47
N ASN G 208 26.97 45.68 -101.76
CA ASN G 208 27.97 45.76 -102.82
C ASN G 208 28.42 47.20 -103.06
N ALA G 209 29.30 47.40 -104.03
CA ALA G 209 29.87 48.72 -104.31
C ALA G 209 28.80 49.75 -104.67
N LYS G 210 27.74 49.30 -105.34
CA LYS G 210 26.60 50.18 -105.66
C LYS G 210 25.83 50.60 -104.41
N GLY G 211 25.93 49.81 -103.35
CA GLY G 211 25.23 50.08 -102.11
C GLY G 211 23.95 49.30 -101.98
N GLU G 212 23.71 48.41 -102.93
CA GLU G 212 22.53 47.55 -102.90
C GLU G 212 22.71 46.49 -101.82
N LEU G 213 21.60 45.97 -101.31
CA LEU G 213 21.69 44.97 -100.25
C LEU G 213 21.79 43.60 -100.89
N ILE G 214 22.85 42.86 -100.53
CA ILE G 214 23.11 41.58 -101.16
C ILE G 214 23.18 40.46 -100.14
N GLY G 215 23.27 40.82 -98.86
CA GLY G 215 23.37 39.82 -97.82
C GLY G 215 23.06 40.29 -96.42
N ILE G 216 22.76 39.34 -95.53
CA ILE G 216 22.54 39.65 -94.13
C ILE G 216 23.58 38.93 -93.28
N ASN G 217 24.42 39.72 -92.61
CA ASN G 217 25.53 39.17 -91.84
C ASN G 217 25.03 38.27 -90.73
N THR G 218 25.58 37.05 -90.66
CA THR G 218 25.06 36.06 -89.73
C THR G 218 26.11 35.48 -88.78
N ALA G 219 27.16 34.88 -89.34
CA ALA G 219 28.13 34.18 -88.51
C ALA G 219 29.56 34.30 -89.02
N ILE G 220 30.52 34.05 -88.13
CA ILE G 220 31.93 34.02 -88.49
C ILE G 220 32.57 32.74 -87.97
N ILE G 221 33.69 32.35 -88.57
CA ILE G 221 34.46 31.23 -88.05
C ILE G 221 35.75 31.77 -87.42
N SER G 222 35.87 31.56 -86.11
CA SER G 222 37.03 32.07 -85.38
C SER G 222 37.47 31.12 -84.27
N PRO G 223 38.78 31.02 -84.05
CA PRO G 223 39.32 30.26 -82.93
C PRO G 223 38.98 30.91 -81.59
N TYR G 224 39.00 32.23 -81.53
CA TYR G 224 38.75 32.93 -80.27
C TYR G 224 37.59 33.93 -80.29
N GLY G 225 36.71 33.81 -81.27
CA GLY G 225 35.47 34.58 -81.28
C GLY G 225 35.59 36.01 -81.77
N GLY G 226 36.77 36.38 -82.25
CA GLY G 226 36.95 37.68 -82.86
C GLY G 226 37.15 37.51 -84.34
N ASN G 227 36.85 38.54 -85.12
CA ASN G 227 36.96 38.42 -86.57
C ASN G 227 38.39 38.16 -87.02
N VAL G 228 38.58 37.04 -87.72
CA VAL G 228 39.90 36.71 -88.26
C VAL G 228 39.89 36.81 -89.78
N GLY G 229 38.90 37.51 -90.31
CA GLY G 229 38.79 37.74 -91.74
C GLY G 229 37.91 36.72 -92.44
N ILE G 230 37.25 35.88 -91.66
CA ILE G 230 36.31 34.93 -92.24
C ILE G 230 34.92 35.09 -91.63
N GLY G 231 33.98 35.56 -92.44
CA GLY G 231 32.63 35.82 -91.98
C GLY G 231 31.63 35.46 -93.04
N PHE G 232 30.40 35.19 -92.61
CA PHE G 232 29.37 34.69 -93.51
C PHE G 232 28.09 35.50 -93.46
N ALA G 233 27.44 35.65 -94.61
CA ALA G 233 26.19 36.36 -94.71
C ALA G 233 25.23 35.59 -95.60
N ILE G 234 23.94 35.69 -95.28
CA ILE G 234 22.90 35.03 -96.04
C ILE G 234 22.59 35.85 -97.28
N PRO G 235 22.70 35.24 -98.47
CA PRO G 235 22.45 35.95 -99.73
C PRO G 235 21.03 36.49 -99.77
N ILE G 236 20.85 37.70 -100.30
CA ILE G 236 19.58 38.39 -100.18
C ILE G 236 18.43 37.71 -100.91
N ASN G 237 18.73 37.06 -102.03
CA ASN G 237 17.69 36.36 -102.79
C ASN G 237 17.02 35.29 -101.94
N MET G 238 17.84 34.52 -101.24
CA MET G 238 17.33 33.53 -100.29
C MET G 238 16.61 34.21 -99.11
N ALA G 239 17.24 35.25 -98.56
CA ALA G 239 16.70 35.96 -97.41
C ALA G 239 15.39 36.64 -97.72
N LYS G 240 15.29 37.23 -98.92
CA LYS G 240 14.08 37.91 -99.35
C LYS G 240 12.91 36.94 -99.47
N ASP G 241 13.19 35.76 -100.02
CA ASP G 241 12.17 34.72 -100.22
C ASP G 241 11.63 34.24 -98.87
N VAL G 242 12.55 33.99 -97.93
CA VAL G 242 12.18 33.55 -96.60
C VAL G 242 11.29 34.58 -95.92
N ALA G 243 11.67 35.84 -96.03
CA ALA G 243 10.92 36.93 -95.42
C ALA G 243 9.51 37.05 -96.00
N GLN G 244 9.40 37.07 -97.32
CA GLN G 244 8.11 37.24 -97.98
C GLN G 244 7.19 36.09 -97.65
N GLN G 245 7.77 34.90 -97.54
CA GLN G 245 7.01 33.73 -97.13
C GLN G 245 6.55 33.90 -95.68
N ILE G 246 7.40 34.47 -94.84
CA ILE G 246 7.06 34.73 -93.44
C ILE G 246 5.92 35.73 -93.28
N ILE G 247 5.99 36.84 -94.01
CA ILE G 247 4.97 37.87 -93.91
C ILE G 247 3.60 37.34 -94.28
N LYS G 248 3.56 36.49 -95.30
CA LYS G 248 2.32 35.90 -95.79
C LYS G 248 1.70 34.88 -94.82
N PHE G 249 2.53 34.01 -94.23
CA PHE G 249 1.98 32.93 -93.43
C PHE G 249 2.35 32.99 -91.94
N GLY G 250 3.34 33.79 -91.60
CA GLY G 250 3.77 33.92 -90.21
C GLY G 250 4.80 32.88 -89.80
N SER G 251 5.07 31.94 -90.70
CA SER G 251 6.05 30.89 -90.46
C SER G 251 6.35 30.16 -91.77
N ILE G 252 7.39 29.34 -91.75
CA ILE G 252 7.74 28.56 -92.93
C ILE G 252 7.37 27.09 -92.76
N HIS G 253 6.56 26.58 -93.68
CA HIS G 253 6.16 25.19 -93.66
C HIS G 253 6.99 24.43 -94.69
N ARG G 254 7.81 23.49 -94.22
CA ARG G 254 8.79 22.85 -95.07
C ARG G 254 8.40 21.41 -95.36
N GLY G 255 8.78 20.92 -96.53
CA GLY G 255 8.45 19.57 -96.92
C GLY G 255 9.67 18.81 -97.40
N LEU G 256 9.57 17.49 -97.37
CA LEU G 256 10.65 16.63 -97.84
C LEU G 256 10.22 15.81 -99.05
N MET G 257 11.16 15.57 -99.96
CA MET G 257 10.89 14.75 -101.12
C MET G 257 11.24 13.29 -100.82
N GLY G 258 11.91 13.07 -99.68
CA GLY G 258 12.36 11.75 -99.29
C GLY G 258 13.47 11.24 -100.18
N ILE G 259 14.45 12.10 -100.44
CA ILE G 259 15.54 11.76 -101.34
C ILE G 259 16.89 12.07 -100.70
N PHE G 260 17.86 11.19 -100.90
CA PHE G 260 19.22 11.42 -100.43
C PHE G 260 20.10 11.80 -101.63
N VAL G 261 20.89 12.85 -101.46
CA VAL G 261 21.70 13.36 -102.56
C VAL G 261 23.18 13.38 -102.22
N GLN G 262 24.01 13.05 -103.20
CA GLN G 262 25.45 12.93 -103.02
C GLN G 262 26.19 13.80 -104.01
N HIS G 263 27.31 14.38 -103.59
CA HIS G 263 28.11 15.19 -104.49
C HIS G 263 28.67 14.34 -105.62
N LEU G 264 28.59 14.84 -106.84
CA LEU G 264 29.02 14.09 -108.00
C LEU G 264 30.42 14.53 -108.41
N THR G 265 31.42 13.77 -107.96
CA THR G 265 32.82 14.02 -108.32
C THR G 265 33.07 13.59 -109.75
N PRO G 266 34.07 14.20 -110.41
CA PRO G 266 34.39 13.83 -111.78
C PRO G 266 34.75 12.35 -111.92
N GLU G 267 35.49 11.79 -110.96
CA GLU G 267 35.80 10.35 -110.99
C GLU G 267 34.52 9.53 -111.02
N LEU G 268 33.59 9.89 -110.16
CA LEU G 268 32.32 9.21 -110.01
C LEU G 268 31.42 9.46 -111.22
N ALA G 269 31.51 10.65 -111.80
CA ALA G 269 30.69 10.99 -112.95
C ALA G 269 31.03 10.13 -114.17
N GLN G 270 32.31 9.86 -114.36
CA GLN G 270 32.76 9.01 -115.47
C GLN G 270 32.16 7.62 -115.41
N SER G 271 32.21 7.01 -114.22
CA SER G 271 31.76 5.63 -114.06
C SER G 271 30.27 5.47 -114.33
N MET G 272 29.54 6.58 -114.27
CA MET G 272 28.11 6.58 -114.55
C MET G 272 27.81 7.00 -115.99
N GLY G 273 28.86 7.09 -116.80
CA GLY G 273 28.71 7.35 -118.22
C GLY G 273 28.71 8.81 -118.64
N TYR G 274 28.90 9.72 -117.70
CA TYR G 274 28.93 11.15 -118.01
C TYR G 274 30.34 11.65 -118.30
N ALA G 275 30.42 12.89 -118.79
CA ALA G 275 31.70 13.54 -119.04
C ALA G 275 32.38 13.90 -117.72
N GLU G 276 33.70 14.05 -117.74
CA GLU G 276 34.45 14.41 -116.54
C GLU G 276 33.98 15.74 -115.97
N ASP G 277 33.70 16.69 -116.86
CA ASP G 277 33.32 18.04 -116.45
C ASP G 277 31.82 18.19 -116.25
N PHE G 278 31.12 17.06 -116.23
CA PHE G 278 29.68 17.10 -116.00
C PHE G 278 29.42 17.44 -114.54
N GLN G 279 28.31 18.14 -114.31
CA GLN G 279 27.94 18.53 -112.96
C GLN G 279 26.47 18.28 -112.74
N GLY G 280 26.14 17.97 -111.49
CA GLY G 280 24.76 17.71 -111.12
C GLY G 280 24.71 17.10 -109.74
N ALA G 281 23.52 16.69 -109.34
CA ALA G 281 23.30 16.10 -108.02
C ALA G 281 22.99 14.63 -108.13
N LEU G 282 23.92 13.78 -107.70
CA LEU G 282 23.72 12.34 -107.76
C LEU G 282 22.69 11.91 -106.71
N VAL G 283 21.80 11.00 -107.10
CA VAL G 283 20.78 10.51 -106.18
C VAL G 283 21.19 9.15 -105.65
N SER G 284 21.71 9.14 -104.42
CA SER G 284 22.16 7.91 -103.76
C SER G 284 21.00 7.02 -103.31
N GLN G 285 19.98 7.62 -102.73
CA GLN G 285 18.82 6.87 -102.26
C GLN G 285 17.48 7.57 -102.52
N VAL G 286 16.47 6.80 -102.87
CA VAL G 286 15.09 7.28 -102.84
C VAL G 286 14.34 6.46 -101.81
N ASN G 287 13.78 7.13 -100.81
CA ASN G 287 13.17 6.43 -99.66
C ASN G 287 11.97 5.58 -100.05
N GLN G 288 11.68 4.60 -99.20
CA GLN G 288 10.56 3.71 -99.43
C GLN G 288 9.27 4.50 -99.26
N ASN G 289 8.37 4.36 -100.23
CA ASN G 289 7.06 5.01 -100.22
C ASN G 289 7.16 6.52 -100.04
N SER G 290 8.06 7.14 -100.80
CA SER G 290 8.30 8.57 -100.70
C SER G 290 7.79 9.23 -101.98
N PRO G 291 7.47 10.53 -101.91
CA PRO G 291 6.99 11.29 -103.08
C PRO G 291 7.94 11.21 -104.27
N ALA G 292 9.24 11.12 -104.00
CA ALA G 292 10.22 10.97 -105.06
C ALA G 292 10.06 9.62 -105.76
N GLN G 293 9.78 8.58 -104.99
CA GLN G 293 9.62 7.25 -105.54
C GLN G 293 8.37 7.16 -106.41
N LEU G 294 7.30 7.79 -105.95
CA LEU G 294 6.04 7.81 -106.70
C LEU G 294 6.20 8.53 -108.03
N ALA G 295 6.93 9.64 -108.01
CA ALA G 295 7.17 10.41 -109.23
C ALA G 295 8.01 9.62 -110.23
N GLY G 296 8.70 8.61 -109.73
CA GLY G 296 9.49 7.72 -110.56
C GLY G 296 10.97 8.02 -110.51
N LEU G 297 11.38 8.78 -109.50
CA LEU G 297 12.78 9.12 -109.33
C LEU G 297 13.51 7.91 -108.74
N LYS G 298 14.71 7.65 -109.23
CA LYS G 298 15.44 6.45 -108.86
C LYS G 298 16.87 6.79 -108.42
N SER G 299 17.53 5.81 -107.80
CA SER G 299 18.94 5.94 -107.48
C SER G 299 19.75 5.96 -108.77
N GLY G 300 20.88 6.65 -108.75
CA GLY G 300 21.72 6.74 -109.93
C GLY G 300 21.32 7.86 -110.85
N ASP G 301 20.13 8.43 -110.61
CA ASP G 301 19.67 9.58 -111.36
C ASP G 301 20.48 10.80 -110.96
N VAL G 302 20.65 11.74 -111.88
CA VAL G 302 21.37 12.96 -111.56
C VAL G 302 20.44 14.16 -111.71
N ILE G 303 20.11 14.80 -110.59
CA ILE G 303 19.31 16.01 -110.62
C ILE G 303 20.15 17.09 -111.29
N VAL G 304 19.63 17.68 -112.36
CA VAL G 304 20.38 18.67 -113.11
C VAL G 304 19.73 20.06 -112.98
N GLN G 305 18.45 20.07 -112.58
CA GLN G 305 17.73 21.32 -112.41
C GLN G 305 16.41 21.13 -111.64
N ILE G 306 16.19 21.96 -110.64
CA ILE G 306 14.93 21.98 -109.89
C ILE G 306 14.24 23.31 -110.10
N ASN G 307 13.05 23.26 -110.71
CA ASN G 307 12.29 24.46 -111.04
C ASN G 307 13.09 25.39 -111.95
N ASP G 308 13.19 26.66 -111.54
CA ASP G 308 14.00 27.63 -112.25
C ASP G 308 15.48 27.43 -111.93
N THR G 309 15.76 26.94 -110.73
CA THR G 309 17.13 26.82 -110.26
C THR G 309 17.88 25.69 -110.96
N LYS G 310 19.07 25.99 -111.46
CA LYS G 310 19.90 25.00 -112.12
C LYS G 310 20.89 24.45 -111.11
N ILE G 311 21.12 23.14 -111.18
CA ILE G 311 21.93 22.48 -110.16
C ILE G 311 23.29 22.00 -110.67
N THR G 312 24.35 22.46 -109.99
CA THR G 312 25.70 22.12 -110.36
C THR G 312 26.39 21.30 -109.28
N GLN G 313 25.82 21.29 -108.07
CA GLN G 313 26.31 20.43 -107.01
C GLN G 313 25.24 20.03 -106.00
N ALA G 314 25.52 18.97 -105.24
CA ALA G 314 24.52 18.31 -104.41
C ALA G 314 23.92 19.21 -103.33
N THR G 315 24.75 20.04 -102.73
CA THR G 315 24.33 20.87 -101.60
C THR G 315 23.23 21.87 -102.00
N GLN G 316 23.13 22.13 -103.31
CA GLN G 316 22.15 23.06 -103.83
C GLN G 316 20.74 22.48 -103.76
N VAL G 317 20.64 21.17 -103.70
CA VAL G 317 19.33 20.52 -103.69
C VAL G 317 18.58 20.81 -102.39
N LYS G 318 19.24 20.66 -101.25
CA LYS G 318 18.59 20.88 -99.97
C LYS G 318 18.10 22.32 -99.80
N THR G 319 18.96 23.26 -100.15
CA THR G 319 18.63 24.67 -100.00
C THR G 319 17.46 25.09 -100.89
N THR G 320 17.42 24.58 -102.11
CA THR G 320 16.37 24.90 -103.06
C THR G 320 15.01 24.42 -102.60
N ILE G 321 14.95 23.19 -102.08
CA ILE G 321 13.71 22.64 -101.57
C ILE G 321 13.28 23.37 -100.30
N SER G 322 14.26 23.85 -99.53
CA SER G 322 14.00 24.55 -98.27
C SER G 322 13.16 25.79 -98.48
N LEU G 323 13.39 26.48 -99.59
CA LEU G 323 12.60 27.67 -99.95
C LEU G 323 11.16 27.32 -100.33
N LEU G 324 10.98 26.16 -100.97
CA LEU G 324 9.65 25.70 -101.40
C LEU G 324 8.74 25.45 -100.21
N ARG G 325 7.46 25.76 -100.38
CA ARG G 325 6.49 25.58 -99.30
C ARG G 325 5.81 24.23 -99.42
N ALA G 326 5.47 23.65 -98.28
CA ALA G 326 4.96 22.28 -98.26
C ALA G 326 3.65 22.10 -99.05
N GLY G 327 3.51 20.92 -99.64
CA GLY G 327 2.34 20.56 -100.42
C GLY G 327 2.40 21.04 -101.86
N SER G 328 3.55 21.56 -102.28
CA SER G 328 3.65 22.13 -103.62
C SER G 328 4.55 21.30 -104.49
N THR G 329 4.12 21.13 -105.73
CA THR G 329 4.86 20.32 -106.69
C THR G 329 6.13 21.03 -107.11
N ALA G 330 7.20 20.25 -107.23
CA ALA G 330 8.47 20.76 -107.69
C ALA G 330 8.82 20.07 -109.00
N LYS G 331 9.14 20.84 -110.02
CA LYS G 331 9.51 20.28 -111.30
C LYS G 331 10.98 19.87 -111.22
N ILE G 332 11.22 18.57 -111.30
CA ILE G 332 12.58 18.06 -111.19
C ILE G 332 13.07 17.59 -112.56
N LYS G 333 14.21 18.14 -112.98
CA LYS G 333 14.78 17.81 -114.28
C LYS G 333 16.03 16.98 -114.07
N ILE G 334 16.01 15.74 -114.54
CA ILE G 334 17.09 14.81 -114.27
C ILE G 334 17.68 14.20 -115.54
N LEU G 335 18.77 13.46 -115.35
CA LEU G 335 19.31 12.62 -116.41
C LEU G 335 19.45 11.20 -115.89
N ARG G 336 18.66 10.28 -116.42
CA ARG G 336 18.76 8.87 -116.06
C ARG G 336 19.58 8.21 -117.15
N ASP G 337 20.72 7.64 -116.73
CA ASP G 337 21.81 7.33 -117.65
C ASP G 337 22.13 8.61 -118.40
N ASN G 338 22.19 8.58 -119.72
CA ASN G 338 22.41 9.83 -120.45
C ASN G 338 21.16 10.32 -121.16
N LYS G 339 20.00 9.95 -120.61
CA LYS G 339 18.72 10.29 -121.21
C LYS G 339 17.99 11.34 -120.38
N PRO G 340 17.61 12.47 -121.02
CA PRO G 340 16.93 13.56 -120.33
C PRO G 340 15.51 13.19 -119.92
N LEU G 341 15.12 13.54 -118.70
CA LEU G 341 13.76 13.31 -118.21
C LEU G 341 13.32 14.47 -117.33
N THR G 342 12.00 14.62 -117.19
CA THR G 342 11.44 15.59 -116.25
C THR G 342 10.37 14.94 -115.39
N LEU G 343 10.48 15.10 -114.08
CA LEU G 343 9.53 14.50 -113.15
C LEU G 343 8.97 15.57 -112.23
N ASP G 344 7.70 15.45 -111.88
CA ASP G 344 7.08 16.37 -110.95
C ASP G 344 6.87 15.68 -109.61
N VAL G 345 7.63 16.11 -108.61
CA VAL G 345 7.62 15.47 -107.30
C VAL G 345 6.91 16.36 -106.31
N GLU G 346 6.00 15.77 -105.55
CA GLU G 346 5.28 16.50 -104.50
C GLU G 346 6.19 16.77 -103.31
N VAL G 347 6.17 18.00 -102.81
CA VAL G 347 6.91 18.35 -101.62
C VAL G 347 5.95 18.27 -100.44
N THR G 348 6.12 17.24 -99.61
CA THR G 348 5.10 16.89 -98.62
C THR G 348 5.59 17.12 -97.20
N ASP G 349 4.67 17.57 -96.34
CA ASP G 349 4.96 17.82 -94.94
C ASP G 349 5.52 16.56 -94.28
N ILE G 350 6.41 16.75 -93.31
CA ILE G 350 7.03 15.63 -92.62
C ILE G 350 6.00 14.87 -91.80
N LYS G 351 5.19 15.61 -91.03
CA LYS G 351 4.18 15.01 -90.16
C LYS G 351 3.07 14.32 -90.95
N LYS G 352 2.63 14.96 -92.04
CA LYS G 352 1.55 14.42 -92.86
C LYS G 352 1.89 13.10 -93.53
N HIS G 353 3.09 12.99 -94.08
CA HIS G 353 3.48 11.80 -94.81
C HIS G 353 3.65 10.68 -93.79
N GLU G 354 3.92 11.07 -92.55
CA GLU G 354 4.30 10.11 -91.53
C GLU G 354 3.05 9.41 -90.99
N GLN G 355 1.89 9.93 -91.37
CA GLN G 355 0.60 9.34 -90.98
C GLN G 355 0.10 8.44 -92.09
N LYS G 356 0.36 8.86 -93.33
CA LYS G 356 0.04 8.08 -94.51
C LYS G 356 0.81 6.75 -94.49
N LEU G 357 2.03 6.79 -93.97
CA LEU G 357 2.83 5.57 -93.87
C LEU G 357 2.34 4.66 -92.75
N GLN G 358 1.90 5.25 -91.64
CA GLN G 358 1.33 4.45 -90.56
C GLN G 358 0.01 3.84 -90.98
N SER G 359 -0.77 4.58 -91.76
CA SER G 359 -2.05 4.09 -92.25
C SER G 359 -1.82 2.88 -93.14
N ASN G 360 -0.79 2.95 -93.98
CA ASN G 360 -0.46 1.87 -94.89
C ASN G 360 -0.06 0.59 -94.16
N ASN G 361 0.81 0.71 -93.16
CA ASN G 361 1.21 -0.41 -92.32
C ASN G 361 1.14 -0.01 -90.86
N PRO G 362 0.02 -0.32 -90.18
CA PRO G 362 -0.27 0.16 -88.83
C PRO G 362 0.52 -0.53 -87.73
N PHE G 363 0.61 -1.85 -87.80
CA PHE G 363 1.19 -2.64 -86.72
C PHE G 363 2.72 -2.65 -86.71
N LEU G 364 3.31 -2.81 -87.89
CA LEU G 364 4.75 -3.02 -88.01
C LEU G 364 5.59 -1.78 -88.34
N TYR G 365 4.95 -0.62 -88.42
CA TYR G 365 5.67 0.61 -88.74
C TYR G 365 6.66 0.96 -87.64
N GLY G 366 7.83 1.45 -88.01
CA GLY G 366 8.80 1.89 -87.03
C GLY G 366 9.60 0.75 -86.44
N LEU G 367 9.55 -0.41 -87.10
CA LEU G 367 10.23 -1.59 -86.60
C LEU G 367 11.31 -2.05 -87.56
N ALA G 368 12.46 -2.43 -87.01
CA ALA G 368 13.53 -3.03 -87.80
C ALA G 368 13.54 -4.53 -87.57
N LEU G 369 13.27 -5.30 -88.62
CA LEU G 369 13.08 -6.73 -88.45
C LEU G 369 14.07 -7.55 -89.28
N ARG G 370 14.63 -8.58 -88.65
CA ARG G 370 15.54 -9.50 -89.31
C ARG G 370 15.04 -10.93 -89.12
N ASN G 371 15.09 -11.73 -90.18
CA ASN G 371 14.75 -13.15 -90.06
C ASN G 371 15.72 -13.84 -89.12
N PHE G 372 15.19 -14.69 -88.24
CA PHE G 372 15.97 -15.24 -87.14
C PHE G 372 15.83 -16.75 -87.01
N GLU G 373 16.98 -17.42 -87.00
CA GLU G 373 17.04 -18.85 -86.77
C GLU G 373 18.23 -19.15 -85.87
N GLN G 374 17.98 -19.83 -84.76
CA GLN G 374 19.03 -20.11 -83.78
C GLN G 374 18.59 -21.23 -82.86
N GLU G 375 19.55 -21.95 -82.30
CA GLU G 375 19.23 -22.95 -81.29
C GLU G 375 19.64 -22.38 -79.93
N SER G 376 18.68 -21.79 -79.23
CA SER G 376 18.95 -21.13 -77.98
C SER G 376 18.17 -21.78 -76.85
N PRO G 377 18.88 -22.43 -75.92
CA PRO G 377 18.26 -23.00 -74.71
C PRO G 377 17.71 -21.87 -73.84
N PRO G 378 16.57 -22.10 -73.18
CA PRO G 378 15.85 -23.37 -73.15
C PRO G 378 14.76 -23.49 -74.21
N HIS G 379 14.73 -22.53 -75.15
CA HIS G 379 13.69 -22.51 -76.17
C HIS G 379 13.79 -23.65 -77.17
N GLY G 380 15.00 -24.18 -77.37
CA GLY G 380 15.25 -25.15 -78.42
C GLY G 380 15.42 -24.44 -79.76
N ASN G 381 15.07 -25.12 -80.85
CA ASN G 381 15.09 -24.49 -82.17
C ASN G 381 14.11 -23.33 -82.28
N VAL G 382 14.62 -22.13 -82.49
CA VAL G 382 13.78 -20.94 -82.60
C VAL G 382 13.77 -20.38 -84.01
N VAL G 383 12.58 -20.32 -84.60
CA VAL G 383 12.44 -19.68 -85.90
C VAL G 383 11.37 -18.59 -85.84
N GLY G 384 11.75 -17.38 -86.23
CA GLY G 384 10.86 -16.24 -86.20
C GLY G 384 11.62 -15.00 -86.61
N VAL G 385 11.02 -13.83 -86.41
CA VAL G 385 11.71 -12.58 -86.74
C VAL G 385 12.17 -11.87 -85.48
N GLN G 386 13.37 -11.28 -85.55
CA GLN G 386 13.96 -10.59 -84.42
C GLN G 386 13.79 -9.09 -84.59
N VAL G 387 13.49 -8.40 -83.50
CA VAL G 387 13.34 -6.96 -83.54
C VAL G 387 14.70 -6.30 -83.39
N VAL G 388 15.32 -5.92 -84.50
CA VAL G 388 16.62 -5.26 -84.47
C VAL G 388 16.51 -3.90 -83.80
N GLY G 389 15.46 -3.15 -84.14
CA GLY G 389 15.23 -1.86 -83.55
C GLY G 389 13.77 -1.47 -83.59
N ALA G 390 13.35 -0.64 -82.64
CA ALA G 390 11.98 -0.16 -82.61
C ALA G 390 11.98 1.35 -82.44
N SER G 391 10.98 2.01 -83.01
CA SER G 391 10.88 3.45 -82.92
C SER G 391 10.00 3.80 -81.74
N GLU G 392 10.45 4.74 -80.93
CA GLU G 392 9.74 5.12 -79.72
C GLU G 392 8.34 5.67 -80.01
N THR G 393 8.13 6.13 -81.23
CA THR G 393 6.82 6.61 -81.66
C THR G 393 5.97 5.49 -82.26
N SER G 394 6.58 4.32 -82.45
CA SER G 394 5.92 3.21 -83.14
C SER G 394 4.86 2.53 -82.28
N ALA G 395 3.89 1.92 -82.94
CA ALA G 395 2.83 1.16 -82.28
C ALA G 395 3.42 -0.03 -81.54
N GLY G 396 4.48 -0.62 -82.08
CA GLY G 396 5.16 -1.74 -81.46
C GLY G 396 5.79 -1.38 -80.12
N TRP G 397 6.51 -0.25 -80.09
CA TRP G 397 7.20 0.18 -78.88
C TRP G 397 6.21 0.47 -77.76
N ARG G 398 5.11 1.11 -78.11
CA ARG G 398 4.07 1.47 -77.14
C ARG G 398 3.49 0.22 -76.50
N ALA G 399 3.38 -0.84 -77.29
CA ALA G 399 2.79 -2.10 -76.84
C ALA G 399 3.72 -2.85 -75.89
N GLY G 400 4.96 -2.40 -75.78
CA GLY G 400 5.94 -3.03 -74.90
C GLY G 400 6.94 -3.92 -75.63
N LEU G 401 6.91 -3.87 -76.97
CA LEU G 401 7.89 -4.60 -77.76
C LEU G 401 9.24 -3.90 -77.65
N ARG G 402 10.30 -4.67 -77.52
CA ARG G 402 11.64 -4.11 -77.34
C ARG G 402 12.61 -4.73 -78.33
N PRO G 403 13.68 -4.01 -78.68
CA PRO G 403 14.67 -4.60 -79.58
C PRO G 403 15.32 -5.82 -78.94
N GLY G 404 15.67 -6.81 -79.74
CA GLY G 404 16.23 -8.06 -79.25
C GLY G 404 15.18 -9.13 -79.03
N ASP G 405 13.91 -8.73 -79.08
CA ASP G 405 12.81 -9.67 -78.96
C ASP G 405 12.65 -10.49 -80.23
N ILE G 406 12.23 -11.74 -80.08
CA ILE G 406 12.00 -12.59 -81.24
C ILE G 406 10.52 -12.97 -81.34
N ILE G 407 9.90 -12.61 -82.46
CA ILE G 407 8.47 -12.84 -82.65
C ILE G 407 8.26 -14.20 -83.28
N ILE G 408 7.59 -15.10 -82.56
CA ILE G 408 7.40 -16.47 -83.03
C ILE G 408 5.97 -16.77 -83.47
N SER G 409 5.01 -15.97 -83.00
CA SER G 409 3.62 -16.15 -83.39
C SER G 409 2.91 -14.80 -83.47
N ALA G 410 1.96 -14.70 -84.40
CA ALA G 410 1.12 -13.51 -84.50
C ALA G 410 -0.33 -13.92 -84.72
N ASN G 411 -1.22 -13.44 -83.84
CA ASN G 411 -2.63 -13.82 -83.89
C ASN G 411 -2.81 -15.33 -83.81
N LYS G 412 -2.06 -15.95 -82.90
CA LYS G 412 -2.09 -17.39 -82.67
C LYS G 412 -1.63 -18.20 -83.88
N THR G 413 -0.99 -17.53 -84.82
CA THR G 413 -0.46 -18.18 -86.02
C THR G 413 1.05 -18.14 -86.00
N PRO G 414 1.71 -19.29 -86.20
CA PRO G 414 3.18 -19.36 -86.18
C PRO G 414 3.81 -18.48 -87.24
N VAL G 415 4.86 -17.76 -86.85
CA VAL G 415 5.58 -16.86 -87.75
C VAL G 415 7.01 -17.35 -87.92
N LYS G 416 7.38 -17.68 -89.15
CA LYS G 416 8.71 -18.20 -89.41
C LYS G 416 9.59 -17.18 -90.15
N ASP G 417 8.96 -16.16 -90.73
CA ASP G 417 9.68 -15.16 -91.50
C ASP G 417 8.92 -13.84 -91.59
N ILE G 418 9.61 -12.79 -92.07
CA ILE G 418 9.00 -11.47 -92.19
C ILE G 418 7.79 -11.45 -93.12
N LYS G 419 7.89 -12.12 -94.26
CA LYS G 419 6.81 -12.14 -95.24
C LYS G 419 5.53 -12.72 -94.64
N SER G 420 5.70 -13.73 -93.80
CA SER G 420 4.57 -14.33 -93.11
C SER G 420 4.02 -13.36 -92.07
N LEU G 421 4.92 -12.65 -91.40
CA LEU G 421 4.53 -11.68 -90.38
C LEU G 421 3.75 -10.52 -90.99
N GLN G 422 4.25 -10.01 -92.12
CA GLN G 422 3.62 -8.90 -92.80
C GLN G 422 2.25 -9.28 -93.34
N ALA G 423 2.09 -10.56 -93.70
CA ALA G 423 0.82 -11.06 -94.18
C ALA G 423 -0.23 -11.05 -93.08
N VAL G 424 0.14 -11.56 -91.91
CA VAL G 424 -0.77 -11.58 -90.77
C VAL G 424 -1.08 -10.16 -90.31
N ALA G 425 -0.10 -9.28 -90.40
CA ALA G 425 -0.29 -7.87 -90.05
C ALA G 425 -1.22 -7.19 -91.05
N HIS G 426 -1.22 -7.68 -92.29
CA HIS G 426 -1.99 -7.07 -93.37
C HIS G 426 -3.51 -7.13 -93.17
N GLU G 427 -4.02 -8.28 -92.72
CA GLU G 427 -5.42 -8.38 -92.36
C GLU G 427 -5.71 -7.48 -91.16
N LYS G 428 -6.77 -6.68 -91.26
CA LYS G 428 -6.96 -5.58 -90.32
C LYS G 428 -7.91 -5.90 -89.18
N GLY G 429 -7.41 -5.71 -87.97
CA GLY G 429 -8.21 -5.80 -86.75
C GLY G 429 -7.83 -4.59 -85.93
N LYS G 430 -8.58 -4.32 -84.86
CA LYS G 430 -8.24 -3.23 -83.97
C LYS G 430 -6.84 -3.45 -83.38
N GLN G 431 -6.51 -4.72 -83.12
CA GLN G 431 -5.20 -5.07 -82.56
C GLN G 431 -4.55 -6.29 -83.21
N LEU G 432 -3.22 -6.32 -83.19
CA LEU G 432 -2.44 -7.50 -83.56
C LEU G 432 -1.78 -8.10 -82.32
N LEU G 433 -1.99 -9.40 -82.09
CA LEU G 433 -1.43 -10.09 -80.94
C LEU G 433 -0.18 -10.86 -81.34
N VAL G 434 0.94 -10.62 -80.64
CA VAL G 434 2.19 -11.31 -80.94
C VAL G 434 2.78 -12.00 -79.71
N GLN G 435 3.52 -13.08 -79.96
CA GLN G 435 4.23 -13.79 -78.91
C GLN G 435 5.73 -13.65 -79.15
N VAL G 436 6.44 -13.09 -78.18
CA VAL G 436 7.85 -12.78 -78.36
C VAL G 436 8.74 -13.48 -77.35
N LEU G 437 10.00 -13.67 -77.73
CA LEU G 437 11.00 -14.23 -76.83
C LEU G 437 11.94 -13.16 -76.29
N ARG G 438 11.91 -12.98 -74.98
CA ARG G 438 12.78 -12.02 -74.32
C ARG G 438 13.72 -12.78 -73.38
N GLY G 439 14.97 -12.96 -73.80
CA GLY G 439 15.90 -13.79 -73.07
C GLY G 439 15.42 -15.22 -72.91
N ALA G 440 15.52 -15.77 -71.71
CA ALA G 440 15.00 -17.10 -71.44
C ALA G 440 13.47 -17.13 -71.46
N GLY G 441 12.87 -16.00 -71.11
CA GLY G 441 11.42 -15.86 -71.05
C GLY G 441 10.71 -15.62 -72.37
N ALA G 442 9.38 -15.67 -72.31
CA ALA G 442 8.51 -15.30 -73.43
C ALA G 442 7.39 -14.38 -72.96
N LEU G 443 6.85 -13.60 -73.88
CA LEU G 443 5.83 -12.61 -73.55
C LEU G 443 4.72 -12.55 -74.59
N TYR G 444 3.51 -12.20 -74.16
CA TYR G 444 2.42 -11.93 -75.08
C TYR G 444 2.19 -10.43 -75.10
N LEU G 445 2.13 -9.86 -76.31
CA LEU G 445 2.02 -8.41 -76.45
C LEU G 445 0.84 -8.05 -77.34
N LEU G 446 0.25 -6.88 -77.12
CA LEU G 446 -0.92 -6.49 -77.89
C LEU G 446 -0.69 -5.14 -78.56
N ILE G 447 -0.49 -5.20 -79.88
CA ILE G 447 -0.17 -4.04 -80.71
C ILE G 447 -1.41 -3.32 -81.26
N ILE G 448 -1.64 -2.09 -80.83
CA ILE G 448 -2.78 -1.32 -81.30
C ILE G 448 -2.32 -0.21 -82.26
N MET H 19 -15.04 -2.21 -21.47
CA MET H 19 -14.25 -1.41 -22.41
C MET H 19 -13.82 -2.21 -23.63
N PRO H 20 -13.82 -1.56 -24.80
CA PRO H 20 -13.37 -2.08 -26.10
C PRO H 20 -11.85 -2.19 -26.21
N SER H 21 -11.28 -3.36 -25.95
CA SER H 21 -9.81 -3.49 -25.95
C SER H 21 -9.26 -4.80 -26.55
N LEU H 22 -7.99 -4.76 -26.90
CA LEU H 22 -7.26 -5.91 -27.42
C LEU H 22 -6.46 -6.57 -26.32
N ALA H 23 -6.63 -6.08 -25.10
CA ALA H 23 -5.90 -6.60 -23.96
C ALA H 23 -6.17 -8.08 -23.63
N PRO H 24 -7.44 -8.50 -23.59
CA PRO H 24 -7.71 -9.91 -23.24
C PRO H 24 -7.11 -10.88 -24.23
N VAL H 25 -7.30 -10.59 -25.52
CA VAL H 25 -6.82 -11.44 -26.59
C VAL H 25 -5.30 -11.52 -26.65
N LEU H 26 -4.63 -10.39 -26.44
CA LEU H 26 -3.17 -10.37 -26.47
C LEU H 26 -2.57 -11.07 -25.25
N LYS H 27 -3.35 -11.16 -24.17
CA LYS H 27 -2.91 -11.88 -22.97
C LYS H 27 -2.63 -13.34 -23.28
N ASN H 28 -3.43 -13.90 -24.18
CA ASN H 28 -3.36 -15.32 -24.49
C ASN H 28 -2.49 -15.62 -25.70
N ALA H 29 -1.86 -14.58 -26.25
CA ALA H 29 -1.06 -14.75 -27.45
C ALA H 29 0.42 -14.45 -27.28
N MET H 30 0.73 -13.48 -26.43
CA MET H 30 2.11 -13.04 -26.27
C MET H 30 3.11 -14.05 -25.69
N PRO H 31 2.66 -14.91 -24.76
CA PRO H 31 3.61 -15.92 -24.27
C PRO H 31 4.18 -16.79 -25.40
N ALA H 32 3.39 -17.00 -26.45
CA ALA H 32 3.83 -17.80 -27.59
C ALA H 32 4.99 -17.15 -28.33
N ILE H 33 5.06 -15.82 -28.25
CA ILE H 33 6.12 -15.06 -28.91
C ILE H 33 7.36 -14.99 -28.01
N VAL H 34 8.52 -15.30 -28.56
CA VAL H 34 9.75 -15.35 -27.79
C VAL H 34 10.82 -14.44 -28.39
N ASN H 35 12.00 -14.45 -27.76
CA ASN H 35 13.12 -13.66 -28.22
C ASN H 35 14.16 -14.61 -28.77
N VAL H 36 14.65 -14.33 -29.97
CA VAL H 36 15.75 -15.13 -30.48
C VAL H 36 17.01 -14.28 -30.59
N ALA H 37 18.08 -14.76 -29.97
CA ALA H 37 19.36 -14.07 -29.97
C ALA H 37 20.40 -14.93 -30.66
N VAL H 38 21.24 -14.28 -31.46
CA VAL H 38 22.13 -14.99 -32.37
C VAL H 38 23.56 -14.51 -32.21
N GLN H 39 24.50 -15.45 -32.22
CA GLN H 39 25.92 -15.13 -32.20
C GLN H 39 26.63 -15.87 -33.33
N GLY H 40 27.27 -15.10 -34.21
CA GLY H 40 27.98 -15.64 -35.36
C GLY H 40 29.27 -14.88 -35.57
N TYR H 41 30.05 -15.30 -36.58
CA TYR H 41 31.26 -14.55 -36.93
C TYR H 41 31.16 -13.91 -38.31
N PHE H 72 29.43 -9.87 -34.20
CA PHE H 72 28.18 -10.27 -34.82
C PHE H 72 27.21 -10.83 -33.80
N GLU H 73 26.26 -10.01 -33.37
CA GLU H 73 25.13 -10.46 -32.57
C GLU H 73 23.84 -9.99 -33.22
N SER H 74 22.98 -10.93 -33.55
CA SER H 74 21.73 -10.60 -34.22
C SER H 74 20.55 -10.92 -33.30
N ILE H 75 19.54 -10.07 -33.31
CA ILE H 75 18.33 -10.33 -32.53
C ILE H 75 17.08 -10.29 -33.40
N GLY H 76 16.08 -11.05 -32.98
CA GLY H 76 14.85 -11.19 -33.73
C GLY H 76 13.78 -11.74 -32.84
N SER H 77 12.72 -12.26 -33.45
CA SER H 77 11.63 -12.87 -32.69
C SER H 77 11.28 -14.24 -33.24
N GLY H 78 10.49 -14.99 -32.47
CA GLY H 78 10.00 -16.28 -32.89
C GLY H 78 8.61 -16.53 -32.34
N VAL H 79 7.90 -17.47 -32.93
CA VAL H 79 6.58 -17.87 -32.44
C VAL H 79 6.60 -19.38 -32.20
N ILE H 80 5.92 -19.82 -31.15
CA ILE H 80 5.90 -21.24 -30.82
C ILE H 80 4.71 -21.93 -31.47
N ILE H 81 4.98 -22.76 -32.47
CA ILE H 81 3.94 -23.50 -33.19
C ILE H 81 3.43 -24.71 -32.41
N ASP H 82 4.35 -25.59 -32.01
CA ASP H 82 3.98 -26.79 -31.26
C ASP H 82 4.68 -26.83 -29.90
N PRO H 83 3.93 -26.50 -28.83
CA PRO H 83 4.47 -26.45 -27.47
C PRO H 83 4.82 -27.83 -26.91
N LYS H 84 4.16 -28.86 -27.44
CA LYS H 84 4.37 -30.24 -27.01
C LYS H 84 5.81 -30.67 -27.28
N ASN H 85 6.20 -30.56 -28.55
CA ASN H 85 7.54 -30.94 -28.99
C ASN H 85 8.50 -29.75 -28.89
N GLY H 86 7.96 -28.61 -28.46
CA GLY H 86 8.75 -27.40 -28.30
C GLY H 86 9.46 -26.88 -29.54
N ILE H 87 8.70 -26.70 -30.61
CA ILE H 87 9.29 -26.16 -31.84
C ILE H 87 8.77 -24.75 -32.13
N ILE H 88 9.70 -23.86 -32.47
CA ILE H 88 9.35 -22.46 -32.74
C ILE H 88 9.71 -22.13 -34.20
N ILE H 89 9.12 -21.06 -34.71
CA ILE H 89 9.32 -20.66 -36.09
C ILE H 89 9.87 -19.23 -36.14
N THR H 90 10.71 -18.94 -37.14
CA THR H 90 11.28 -17.60 -37.26
C THR H 90 11.81 -17.37 -38.67
N ASN H 91 12.35 -16.18 -38.93
CA ASN H 91 12.91 -15.89 -40.24
C ASN H 91 14.28 -16.55 -40.40
N ASP H 92 14.57 -17.02 -41.60
CA ASP H 92 15.84 -17.69 -41.87
C ASP H 92 16.99 -16.71 -41.72
N HIS H 93 16.78 -15.45 -42.13
CA HIS H 93 17.86 -14.47 -42.12
C HIS H 93 18.26 -14.06 -40.70
N VAL H 94 17.41 -14.37 -39.73
CA VAL H 94 17.72 -14.06 -38.34
C VAL H 94 18.77 -15.02 -37.80
N ILE H 95 18.61 -16.30 -38.11
CA ILE H 95 19.52 -17.33 -37.63
C ILE H 95 20.62 -17.69 -38.62
N ARG H 96 20.69 -16.95 -39.73
CA ARG H 96 21.74 -17.14 -40.72
C ARG H 96 23.13 -16.98 -40.11
N ASN H 97 24.03 -17.89 -40.45
CA ASN H 97 25.42 -17.83 -40.01
C ASN H 97 25.53 -17.73 -38.49
N ALA H 98 24.89 -18.65 -37.79
CA ALA H 98 24.77 -18.55 -36.34
C ALA H 98 25.47 -19.69 -35.64
N ASN H 99 26.43 -19.34 -34.78
CA ASN H 99 27.12 -20.32 -33.95
C ASN H 99 26.19 -20.82 -32.85
N LEU H 100 25.71 -19.89 -32.03
CA LEU H 100 24.82 -20.18 -30.91
C LEU H 100 23.54 -19.34 -30.97
N ILE H 101 22.38 -19.99 -30.98
CA ILE H 101 21.11 -19.25 -30.92
C ILE H 101 20.34 -19.49 -29.61
N THR H 102 20.01 -18.39 -28.95
CA THR H 102 19.38 -18.44 -27.63
C THR H 102 17.96 -17.92 -27.67
N VAL H 103 17.05 -18.65 -27.03
CA VAL H 103 15.64 -18.27 -27.00
C VAL H 103 15.22 -17.86 -25.60
N THR H 104 14.58 -16.70 -25.48
CA THR H 104 14.10 -16.22 -24.20
C THR H 104 12.58 -16.16 -24.19
N LEU H 105 11.96 -16.86 -23.23
CA LEU H 105 10.51 -16.91 -23.16
C LEU H 105 10.00 -15.78 -22.28
N GLN H 106 8.69 -15.58 -22.28
CA GLN H 106 8.10 -14.60 -21.36
C GLN H 106 8.21 -15.11 -19.91
N ASP H 107 8.46 -16.40 -19.77
CA ASP H 107 8.74 -17.03 -18.47
C ASP H 107 9.98 -16.40 -17.85
N GLY H 108 10.87 -15.92 -18.71
CA GLY H 108 12.15 -15.37 -18.30
C GLY H 108 13.27 -16.38 -18.48
N ARG H 109 12.91 -17.60 -18.88
CA ARG H 109 13.91 -18.64 -19.12
C ARG H 109 14.70 -18.36 -20.39
N ARG H 110 16.00 -18.63 -20.34
CA ARG H 110 16.85 -18.56 -21.51
C ARG H 110 17.23 -19.99 -21.89
N LEU H 111 17.03 -20.35 -23.16
CA LEU H 111 17.21 -21.72 -23.60
C LEU H 111 17.99 -21.82 -24.90
N LYS H 112 18.90 -22.81 -24.96
CA LYS H 112 19.64 -23.10 -26.19
C LYS H 112 18.71 -23.70 -27.22
N ALA H 113 18.80 -23.21 -28.45
CA ALA H 113 17.89 -23.65 -29.50
C ALA H 113 18.66 -24.45 -30.54
N ARG H 114 18.02 -25.47 -31.10
CA ARG H 114 18.65 -26.33 -32.07
C ARG H 114 17.97 -26.12 -33.41
N LEU H 115 18.77 -26.01 -34.47
CA LEU H 115 18.24 -25.64 -35.78
C LEU H 115 17.79 -26.87 -36.53
N ILE H 116 16.49 -27.05 -36.63
CA ILE H 116 15.91 -28.15 -37.40
C ILE H 116 16.17 -27.97 -38.89
N GLY H 117 15.75 -26.82 -39.42
CA GLY H 117 15.92 -26.52 -40.82
C GLY H 117 15.61 -25.07 -41.14
N GLY H 118 16.01 -24.63 -42.33
CA GLY H 118 15.73 -23.28 -42.76
C GLY H 118 15.58 -23.24 -44.27
N ASP H 119 14.79 -22.28 -44.75
CA ASP H 119 14.55 -22.15 -46.17
C ASP H 119 14.82 -20.72 -46.60
N SER H 120 15.92 -20.53 -47.34
CA SER H 120 16.32 -19.20 -47.77
C SER H 120 15.31 -18.56 -48.71
N GLU H 121 14.64 -19.38 -49.51
CA GLU H 121 13.69 -18.88 -50.51
C GLU H 121 12.46 -18.18 -49.94
N THR H 122 11.87 -18.74 -48.89
CA THR H 122 10.69 -18.13 -48.27
C THR H 122 11.06 -17.45 -46.97
N ASP H 123 12.36 -17.42 -46.67
CA ASP H 123 12.90 -16.81 -45.46
C ASP H 123 12.23 -17.35 -44.19
N LEU H 124 12.11 -18.67 -44.11
CA LEU H 124 11.53 -19.31 -42.93
C LEU H 124 12.51 -20.30 -42.33
N ALA H 125 12.35 -20.55 -41.03
CA ALA H 125 13.19 -21.51 -40.34
C ALA H 125 12.48 -22.08 -39.12
N VAL H 126 12.81 -23.33 -38.78
CA VAL H 126 12.20 -24.00 -37.66
C VAL H 126 13.26 -24.32 -36.62
N LEU H 127 12.97 -24.04 -35.36
CA LEU H 127 13.91 -24.29 -34.28
C LEU H 127 13.28 -25.24 -33.28
N LYS H 128 14.08 -26.06 -32.62
CA LYS H 128 13.54 -26.94 -31.59
C LYS H 128 14.12 -26.54 -30.26
N ILE H 129 13.25 -26.33 -29.29
CA ILE H 129 13.68 -25.96 -27.95
C ILE H 129 13.39 -27.12 -27.02
N ASP H 130 14.39 -27.51 -26.24
CA ASP H 130 14.26 -28.66 -25.36
C ASP H 130 13.67 -28.24 -24.03
N ALA H 131 12.41 -27.83 -24.05
CA ALA H 131 11.75 -27.34 -22.85
C ALA H 131 10.30 -27.82 -22.70
N LYS H 132 9.81 -27.74 -21.47
CA LYS H 132 8.45 -28.12 -21.15
C LYS H 132 7.80 -26.91 -20.49
N ASN H 133 6.48 -26.94 -20.37
CA ASN H 133 5.73 -25.82 -19.81
C ASN H 133 5.72 -24.60 -20.73
N LEU H 134 6.00 -24.85 -22.01
CA LEU H 134 5.93 -23.83 -23.05
C LEU H 134 4.48 -23.42 -23.28
N LYS H 135 4.30 -22.16 -23.68
CA LYS H 135 2.97 -21.67 -24.00
C LYS H 135 2.90 -21.43 -25.49
N SER H 136 1.70 -21.53 -26.05
CA SER H 136 1.56 -21.43 -27.50
C SER H 136 0.35 -20.61 -27.92
N LEU H 137 0.16 -20.50 -29.22
CA LEU H 137 -0.91 -19.70 -29.77
C LEU H 137 -1.81 -20.51 -30.69
N VAL H 138 -3.08 -20.15 -30.74
CA VAL H 138 -3.98 -20.75 -31.72
C VAL H 138 -3.57 -20.35 -33.14
N ILE H 139 -3.42 -21.33 -34.02
CA ILE H 139 -3.05 -21.05 -35.40
C ILE H 139 -4.32 -20.77 -36.21
N GLY H 140 -4.22 -19.91 -37.23
CA GLY H 140 -5.41 -19.48 -37.94
C GLY H 140 -5.33 -19.70 -39.44
N ASP H 141 -6.35 -19.21 -40.15
CA ASP H 141 -6.41 -19.35 -41.60
C ASP H 141 -6.12 -18.01 -42.26
N SER H 142 -4.93 -17.89 -42.87
CA SER H 142 -4.54 -16.66 -43.56
C SER H 142 -5.40 -16.43 -44.80
N ASP H 143 -5.93 -17.50 -45.38
CA ASP H 143 -6.77 -17.42 -46.56
C ASP H 143 -8.12 -16.78 -46.24
N LYS H 144 -8.43 -16.67 -44.95
CA LYS H 144 -9.67 -16.07 -44.49
C LYS H 144 -9.53 -14.56 -44.26
N LEU H 145 -8.30 -14.06 -44.44
CA LEU H 145 -8.01 -12.65 -44.23
C LEU H 145 -8.64 -11.75 -45.29
N GLU H 146 -9.08 -10.58 -44.86
CA GLU H 146 -9.60 -9.57 -45.78
C GLU H 146 -8.94 -8.23 -45.46
N VAL H 147 -8.78 -7.41 -46.49
CA VAL H 147 -8.21 -6.08 -46.30
C VAL H 147 -9.09 -5.24 -45.39
N GLY H 148 -8.48 -4.63 -44.38
CA GLY H 148 -9.23 -3.85 -43.41
C GLY H 148 -9.44 -4.59 -42.10
N ASP H 149 -9.06 -5.86 -42.06
CA ASP H 149 -9.09 -6.63 -40.83
C ASP H 149 -8.04 -6.07 -39.88
N TYR H 150 -8.42 -5.94 -38.61
CA TYR H 150 -7.49 -5.45 -37.60
C TYR H 150 -6.48 -6.54 -37.26
N VAL H 151 -5.22 -6.16 -37.10
CA VAL H 151 -4.17 -7.09 -36.72
C VAL H 151 -3.22 -6.47 -35.72
N VAL H 152 -2.56 -7.31 -34.93
CA VAL H 152 -1.55 -6.86 -33.99
C VAL H 152 -0.25 -7.60 -34.27
N ALA H 153 0.86 -6.88 -34.24
CA ALA H 153 2.16 -7.48 -34.50
C ALA H 153 2.95 -7.59 -33.21
N ILE H 154 3.31 -8.82 -32.85
CA ILE H 154 4.03 -9.07 -31.62
C ILE H 154 5.45 -9.53 -31.92
N GLY H 155 6.42 -8.76 -31.43
CA GLY H 155 7.82 -9.05 -31.65
C GLY H 155 8.66 -8.16 -30.76
N ASN H 156 9.98 -8.32 -30.85
CA ASN H 156 10.89 -7.49 -30.07
C ASN H 156 11.66 -6.48 -30.92
N PRO H 157 11.08 -5.28 -31.11
CA PRO H 157 11.79 -4.27 -31.89
C PRO H 157 12.82 -3.56 -31.05
N PHE H 158 14.05 -3.48 -31.55
CA PHE H 158 15.15 -2.76 -30.90
C PHE H 158 15.63 -3.45 -29.62
N GLY H 159 15.19 -4.68 -29.40
CA GLY H 159 15.68 -5.45 -28.26
C GLY H 159 15.17 -4.91 -26.94
N LEU H 160 14.01 -4.27 -26.98
CA LEU H 160 13.50 -3.54 -25.83
C LEU H 160 13.25 -4.38 -24.58
N ASN H 161 12.79 -5.62 -24.73
CA ASN H 161 12.62 -6.45 -23.53
C ASN H 161 13.84 -7.30 -23.20
N SER H 162 14.64 -6.79 -22.28
CA SER H 162 15.89 -7.41 -21.89
C SER H 162 15.65 -8.76 -21.21
N PHE H 163 14.58 -8.84 -20.42
CA PHE H 163 14.34 -10.02 -19.60
C PHE H 163 13.29 -10.96 -20.22
N GLY H 164 12.77 -10.57 -21.38
CA GLY H 164 11.91 -11.43 -22.17
C GLY H 164 10.44 -11.44 -21.82
N ASN H 165 10.09 -10.79 -20.71
CA ASN H 165 8.72 -10.81 -20.20
C ASN H 165 7.77 -9.79 -20.83
N SER H 166 8.30 -8.92 -21.70
CA SER H 166 7.51 -7.84 -22.26
C SER H 166 7.72 -7.60 -23.76
N GLN H 167 7.13 -8.43 -24.60
CA GLN H 167 7.17 -8.22 -26.05
C GLN H 167 6.41 -6.95 -26.40
N SER H 168 6.66 -6.41 -27.58
CA SER H 168 5.97 -5.18 -28.01
C SER H 168 4.85 -5.47 -29.01
N ALA H 169 3.67 -4.93 -28.73
CA ALA H 169 2.53 -5.08 -29.61
C ALA H 169 2.28 -3.79 -30.37
N THR H 170 2.06 -3.92 -31.67
CA THR H 170 1.76 -2.76 -32.49
C THR H 170 0.51 -3.02 -33.30
N PHE H 171 -0.30 -1.99 -33.46
CA PHE H 171 -1.65 -2.16 -33.99
C PHE H 171 -1.83 -1.53 -35.36
N GLY H 172 -2.51 -2.27 -36.24
CA GLY H 172 -2.78 -1.81 -37.59
C GLY H 172 -3.82 -2.70 -38.25
N ILE H 173 -4.25 -2.32 -39.45
CA ILE H 173 -5.11 -3.16 -40.27
C ILE H 173 -4.32 -3.96 -41.30
N VAL H 174 -5.02 -4.77 -42.08
CA VAL H 174 -4.41 -5.45 -43.21
C VAL H 174 -4.48 -4.51 -44.41
N SER H 175 -3.32 -4.03 -44.84
CA SER H 175 -3.25 -3.06 -45.94
C SER H 175 -3.54 -3.68 -47.30
N ALA H 176 -2.98 -4.86 -47.54
CA ALA H 176 -3.14 -5.55 -48.82
C ALA H 176 -2.77 -7.02 -48.67
N LEU H 177 -3.12 -7.82 -49.68
CA LEU H 177 -2.86 -9.26 -49.64
C LEU H 177 -2.16 -9.76 -50.91
N LYS H 178 -1.43 -10.86 -50.78
CA LYS H 178 -0.77 -11.53 -51.91
C LYS H 178 0.22 -10.65 -52.67
N ARG H 179 1.01 -9.88 -51.93
CA ARG H 179 2.04 -9.04 -52.53
C ARG H 179 3.14 -9.88 -53.17
N SER H 180 3.57 -9.47 -54.36
CA SER H 180 4.63 -10.16 -55.08
C SER H 180 5.46 -9.14 -55.85
N ASP H 181 6.54 -9.62 -56.47
CA ASP H 181 7.43 -8.78 -57.28
C ASP H 181 8.26 -7.81 -56.44
N LEU H 182 8.14 -7.92 -55.12
CA LEU H 182 8.89 -7.07 -54.20
C LEU H 182 10.39 -7.32 -54.30
N ASN H 183 10.75 -8.56 -54.66
CA ASN H 183 12.14 -8.98 -54.76
C ASN H 183 12.88 -8.91 -53.44
N ILE H 184 12.13 -9.02 -52.35
CA ILE H 184 12.72 -9.16 -51.02
C ILE H 184 13.14 -10.62 -50.83
N GLU H 185 12.28 -11.54 -51.26
CA GLU H 185 12.52 -12.96 -51.11
C GLU H 185 12.33 -13.67 -52.44
N GLY H 186 12.85 -14.91 -52.54
CA GLY H 186 12.66 -15.71 -53.74
C GLY H 186 11.21 -16.08 -53.94
N VAL H 187 10.53 -16.47 -52.87
CA VAL H 187 9.12 -16.83 -52.93
C VAL H 187 8.32 -15.92 -52.02
N GLU H 188 7.47 -15.10 -52.62
CA GLU H 188 6.73 -14.08 -51.89
C GLU H 188 5.22 -14.18 -52.07
N ASN H 189 4.50 -14.18 -50.95
CA ASN H 189 3.05 -14.09 -50.97
C ASN H 189 2.60 -13.25 -49.77
N PHE H 190 3.22 -12.08 -49.64
CA PHE H 190 3.16 -11.31 -48.39
C PHE H 190 1.79 -10.76 -48.01
N ILE H 191 1.63 -10.53 -46.71
CA ILE H 191 0.50 -9.78 -46.18
C ILE H 191 1.02 -8.38 -45.86
N GLN H 192 0.32 -7.35 -46.35
CA GLN H 192 0.76 -5.98 -46.11
C GLN H 192 -0.01 -5.36 -44.95
N THR H 193 0.72 -4.84 -43.97
CA THR H 193 0.10 -4.25 -42.79
C THR H 193 0.73 -2.91 -42.45
N ASP H 194 -0.08 -2.01 -41.90
CA ASP H 194 0.43 -0.71 -41.47
C ASP H 194 0.71 -0.71 -39.96
N ALA H 195 0.63 -1.89 -39.36
CA ALA H 195 1.07 -2.06 -37.99
C ALA H 195 2.57 -1.86 -37.96
N ALA H 196 3.08 -1.35 -36.85
CA ALA H 196 4.47 -0.90 -36.82
C ALA H 196 5.44 -2.06 -36.68
N ILE H 197 6.16 -2.35 -37.76
CA ILE H 197 7.16 -3.40 -37.74
C ILE H 197 8.54 -2.79 -37.94
N ASN H 198 9.44 -3.08 -37.02
CA ASN H 198 10.77 -2.46 -37.00
C ASN H 198 11.84 -3.55 -36.90
N PRO H 199 13.13 -3.17 -37.01
CA PRO H 199 14.18 -4.18 -36.83
C PRO H 199 14.04 -4.93 -35.50
N GLY H 200 14.18 -6.25 -35.57
CA GLY H 200 13.97 -7.10 -34.42
C GLY H 200 12.57 -7.68 -34.34
N ASN H 201 11.70 -7.26 -35.25
CA ASN H 201 10.35 -7.82 -35.32
C ASN H 201 10.30 -9.06 -36.20
N ALA H 202 11.43 -9.39 -36.83
CA ALA H 202 11.49 -10.51 -37.75
C ALA H 202 11.25 -11.82 -37.03
N GLY H 203 10.48 -12.70 -37.65
CA GLY H 203 10.12 -13.97 -37.05
C GLY H 203 9.02 -13.82 -36.02
N GLY H 204 8.56 -12.59 -35.81
CA GLY H 204 7.51 -12.29 -34.88
C GLY H 204 6.14 -12.74 -35.36
N ALA H 205 5.13 -12.57 -34.52
CA ALA H 205 3.78 -12.98 -34.87
C ALA H 205 2.93 -11.80 -35.36
N LEU H 206 2.08 -12.09 -36.32
CA LEU H 206 1.04 -11.16 -36.72
C LEU H 206 -0.28 -11.88 -36.41
N VAL H 207 -1.11 -11.28 -35.58
CA VAL H 207 -2.33 -11.93 -35.11
C VAL H 207 -3.60 -11.16 -35.47
N ASN H 208 -4.68 -11.89 -35.74
CA ASN H 208 -5.98 -11.27 -35.99
C ASN H 208 -6.66 -10.86 -34.69
N ALA H 209 -7.85 -10.29 -34.79
CA ALA H 209 -8.55 -9.79 -33.61
C ALA H 209 -8.86 -10.89 -32.60
N LYS H 210 -9.17 -12.08 -33.10
CA LYS H 210 -9.40 -13.24 -32.24
C LYS H 210 -8.10 -13.64 -31.55
N GLY H 211 -6.98 -13.28 -32.15
CA GLY H 211 -5.67 -13.61 -31.62
C GLY H 211 -5.04 -14.83 -32.26
N GLU H 212 -5.67 -15.34 -33.32
CA GLU H 212 -5.12 -16.48 -34.03
C GLU H 212 -3.89 -16.03 -34.81
N LEU H 213 -2.98 -16.95 -35.09
CA LEU H 213 -1.74 -16.61 -35.78
C LEU H 213 -1.99 -16.67 -37.27
N ILE H 214 -1.75 -15.57 -37.96
CA ILE H 214 -2.07 -15.48 -39.38
C ILE H 214 -0.85 -15.13 -40.22
N GLY H 215 0.22 -14.69 -39.56
CA GLY H 215 1.40 -14.30 -40.30
C GLY H 215 2.68 -14.19 -39.50
N ILE H 216 3.81 -14.23 -40.20
CA ILE H 216 5.12 -14.07 -39.60
C ILE H 216 5.79 -12.82 -40.17
N ASN H 217 6.04 -11.84 -39.31
CA ASN H 217 6.64 -10.58 -39.75
C ASN H 217 8.02 -10.79 -40.36
N THR H 218 8.23 -10.25 -41.55
CA THR H 218 9.45 -10.53 -42.29
C THR H 218 10.21 -9.27 -42.71
N ALA H 219 9.56 -8.41 -43.48
CA ALA H 219 10.25 -7.27 -44.07
C ALA H 219 9.40 -6.01 -44.13
N ILE H 220 10.08 -4.87 -44.28
CA ILE H 220 9.42 -3.59 -44.46
C ILE H 220 10.02 -2.87 -45.68
N ILE H 221 9.26 -1.92 -46.22
CA ILE H 221 9.80 -1.05 -47.25
C ILE H 221 9.99 0.34 -46.64
N SER H 222 11.23 0.79 -46.59
CA SER H 222 11.53 2.08 -45.98
C SER H 222 12.65 2.81 -46.71
N PRO H 223 12.53 4.13 -46.82
CA PRO H 223 13.61 4.97 -47.34
C PRO H 223 14.80 4.99 -46.38
N TYR H 224 14.53 5.03 -45.08
CA TYR H 224 15.58 5.14 -44.08
C TYR H 224 15.62 4.01 -43.04
N GLY H 225 14.96 2.90 -43.34
CA GLY H 225 15.06 1.72 -42.51
C GLY H 225 14.21 1.72 -41.26
N GLY H 226 13.36 2.74 -41.12
CA GLY H 226 12.41 2.78 -40.03
C GLY H 226 11.01 2.59 -40.58
N ASN H 227 10.09 2.09 -39.76
CA ASN H 227 8.74 1.80 -40.22
C ASN H 227 8.01 3.05 -40.70
N VAL H 228 7.57 3.01 -41.95
CA VAL H 228 6.81 4.11 -42.51
C VAL H 228 5.35 3.70 -42.73
N GLY H 229 4.95 2.62 -42.06
CA GLY H 229 3.58 2.15 -42.15
C GLY H 229 3.41 1.10 -43.22
N ILE H 230 4.52 0.66 -43.80
CA ILE H 230 4.46 -0.40 -44.79
C ILE H 230 5.37 -1.56 -44.40
N GLY H 231 4.75 -2.70 -44.07
CA GLY H 231 5.48 -3.87 -43.64
C GLY H 231 4.83 -5.13 -44.16
N PHE H 232 5.61 -6.21 -44.25
CA PHE H 232 5.12 -7.43 -44.88
C PHE H 232 5.33 -8.65 -43.99
N ALA H 233 4.38 -9.58 -44.05
CA ALA H 233 4.47 -10.79 -43.25
C ALA H 233 4.09 -12.02 -44.07
N ILE H 234 4.72 -13.14 -43.77
CA ILE H 234 4.44 -14.38 -44.47
C ILE H 234 3.18 -15.01 -43.90
N PRO H 235 2.17 -15.23 -44.76
CA PRO H 235 0.90 -15.81 -44.30
C PRO H 235 1.14 -17.18 -43.67
N ILE H 236 0.42 -17.49 -42.59
CA ILE H 236 0.73 -18.67 -41.81
C ILE H 236 0.51 -19.98 -42.56
N ASN H 237 -0.49 -20.02 -43.44
CA ASN H 237 -0.76 -21.22 -44.21
C ASN H 237 0.44 -21.63 -45.05
N MET H 238 1.03 -20.66 -45.72
CA MET H 238 2.27 -20.90 -46.44
C MET H 238 3.39 -21.26 -45.48
N ALA H 239 3.50 -20.50 -44.39
CA ALA H 239 4.55 -20.70 -43.39
C ALA H 239 4.42 -22.05 -42.68
N LYS H 240 3.19 -22.44 -42.34
CA LYS H 240 2.94 -23.70 -41.66
C LYS H 240 3.36 -24.86 -42.54
N ASP H 241 3.06 -24.74 -43.83
CA ASP H 241 3.38 -25.77 -44.81
C ASP H 241 4.88 -25.96 -44.92
N VAL H 242 5.61 -24.85 -44.99
CA VAL H 242 7.06 -24.88 -45.05
C VAL H 242 7.61 -25.55 -43.79
N ALA H 243 7.07 -25.16 -42.64
CA ALA H 243 7.52 -25.69 -41.35
C ALA H 243 7.31 -27.20 -41.23
N GLN H 244 6.09 -27.65 -41.53
CA GLN H 244 5.75 -29.07 -41.40
C GLN H 244 6.60 -29.92 -42.33
N GLN H 245 6.86 -29.37 -43.53
CA GLN H 245 7.71 -30.04 -44.50
C GLN H 245 9.15 -30.13 -43.99
N ILE H 246 9.62 -29.07 -43.34
CA ILE H 246 10.97 -29.07 -42.78
C ILE H 246 11.15 -30.12 -41.68
N ILE H 247 10.19 -30.17 -40.76
CA ILE H 247 10.27 -31.14 -39.66
C ILE H 247 10.33 -32.58 -40.18
N LYS H 248 9.55 -32.85 -41.21
CA LYS H 248 9.50 -34.18 -41.81
C LYS H 248 10.78 -34.57 -42.57
N PHE H 249 11.33 -33.62 -43.34
CA PHE H 249 12.46 -33.92 -44.21
C PHE H 249 13.77 -33.17 -43.89
N GLY H 250 13.70 -32.12 -43.09
CA GLY H 250 14.90 -31.36 -42.72
C GLY H 250 15.29 -30.28 -43.69
N SER H 251 14.60 -30.24 -44.82
CA SER H 251 14.86 -29.25 -45.87
C SER H 251 13.72 -29.31 -46.88
N ILE H 252 13.66 -28.33 -47.77
CA ILE H 252 12.63 -28.34 -48.79
C ILE H 252 13.22 -28.75 -50.14
N HIS H 253 12.66 -29.80 -50.73
CA HIS H 253 13.09 -30.23 -52.04
C HIS H 253 12.09 -29.72 -53.06
N ARG H 254 12.53 -28.80 -53.89
CA ARG H 254 11.63 -28.07 -54.77
C ARG H 254 11.85 -28.47 -56.22
N GLY H 255 10.79 -28.41 -57.01
CA GLY H 255 10.86 -28.79 -58.40
C GLY H 255 10.28 -27.74 -59.33
N LEU H 256 10.65 -27.82 -60.60
CA LEU H 256 10.15 -26.90 -61.61
C LEU H 256 9.33 -27.64 -62.67
N MET H 257 8.30 -26.97 -63.17
CA MET H 257 7.46 -27.53 -64.22
C MET H 257 8.00 -27.14 -65.59
N GLY H 258 8.95 -26.21 -65.61
CA GLY H 258 9.50 -25.70 -66.86
C GLY H 258 8.49 -24.87 -67.62
N ILE H 259 7.83 -23.96 -66.92
CA ILE H 259 6.79 -23.13 -67.52
C ILE H 259 7.03 -21.65 -67.22
N PHE H 260 6.78 -20.81 -68.21
CA PHE H 260 6.82 -19.37 -68.00
C PHE H 260 5.40 -18.83 -67.97
N VAL H 261 5.10 -18.00 -66.99
CA VAL H 261 3.74 -17.52 -66.78
C VAL H 261 3.66 -15.99 -66.81
N GLN H 262 2.60 -15.46 -67.42
CA GLN H 262 2.43 -14.03 -67.60
C GLN H 262 1.08 -13.59 -67.04
N HIS H 263 1.04 -12.40 -66.45
CA HIS H 263 -0.23 -11.87 -65.94
C HIS H 263 -1.18 -11.60 -67.09
N LEU H 264 -2.44 -12.00 -66.90
CA LEU H 264 -3.44 -11.87 -67.95
C LEU H 264 -4.27 -10.61 -67.74
N THR H 265 -3.92 -9.56 -68.46
CA THR H 265 -4.67 -8.31 -68.40
C THR H 265 -5.98 -8.49 -69.15
N PRO H 266 -7.02 -7.73 -68.77
CA PRO H 266 -8.31 -7.80 -69.46
C PRO H 266 -8.17 -7.48 -70.95
N GLU H 267 -7.34 -6.50 -71.25
CA GLU H 267 -7.04 -6.09 -72.62
C GLU H 267 -6.55 -7.30 -73.40
N LEU H 268 -5.63 -8.02 -72.78
CA LEU H 268 -5.01 -9.21 -73.36
C LEU H 268 -5.99 -10.39 -73.42
N ALA H 269 -6.87 -10.47 -72.43
CA ALA H 269 -7.84 -11.56 -72.36
C ALA H 269 -8.84 -11.56 -73.52
N GLN H 270 -9.28 -10.37 -73.92
CA GLN H 270 -10.21 -10.23 -75.03
C GLN H 270 -9.65 -10.81 -76.31
N SER H 271 -8.40 -10.46 -76.62
CA SER H 271 -7.78 -10.88 -77.86
C SER H 271 -7.60 -12.39 -77.91
N MET H 272 -7.61 -13.02 -76.74
CA MET H 272 -7.51 -14.46 -76.65
C MET H 272 -8.88 -15.14 -76.52
N GLY H 273 -9.94 -14.35 -76.70
CA GLY H 273 -11.29 -14.89 -76.75
C GLY H 273 -12.05 -15.01 -75.45
N TYR H 274 -11.44 -14.60 -74.34
CA TYR H 274 -12.08 -14.70 -73.04
C TYR H 274 -12.88 -13.44 -72.70
N ALA H 275 -13.63 -13.50 -71.61
CA ALA H 275 -14.38 -12.34 -71.12
C ALA H 275 -13.43 -11.30 -70.57
N GLU H 276 -13.87 -10.04 -70.51
CA GLU H 276 -13.02 -8.97 -70.00
C GLU H 276 -12.59 -9.19 -68.55
N ASP H 277 -13.50 -9.68 -67.72
CA ASP H 277 -13.19 -9.87 -66.30
C ASP H 277 -12.63 -11.26 -66.04
N PHE H 278 -12.23 -11.97 -67.10
CA PHE H 278 -11.68 -13.30 -66.91
C PHE H 278 -10.31 -13.22 -66.25
N GLN H 279 -10.02 -14.23 -65.44
CA GLN H 279 -8.77 -14.27 -64.70
C GLN H 279 -8.13 -15.66 -64.74
N GLY H 280 -6.81 -15.67 -64.68
CA GLY H 280 -6.05 -16.91 -64.70
C GLY H 280 -4.59 -16.61 -64.93
N ALA H 281 -3.82 -17.66 -65.13
CA ALA H 281 -2.39 -17.51 -65.36
C ALA H 281 -2.08 -17.88 -66.80
N LEU H 282 -1.73 -16.87 -67.60
CA LEU H 282 -1.41 -17.10 -69.00
C LEU H 282 -0.07 -17.82 -69.14
N VAL H 283 -0.01 -18.78 -70.04
CA VAL H 283 1.23 -19.53 -70.25
C VAL H 283 1.92 -18.99 -71.50
N SER H 284 2.92 -18.15 -71.28
CA SER H 284 3.69 -17.53 -72.35
C SER H 284 4.61 -18.52 -73.06
N GLN H 285 5.28 -19.36 -72.28
CA GLN H 285 6.20 -20.35 -72.83
C GLN H 285 6.12 -21.70 -72.13
N VAL H 286 6.27 -22.77 -72.90
CA VAL H 286 6.53 -24.09 -72.33
C VAL H 286 7.90 -24.53 -72.82
N ASN H 287 8.82 -24.76 -71.90
CA ASN H 287 10.22 -25.03 -72.24
C ASN H 287 10.42 -26.32 -73.02
N GLN H 288 11.56 -26.41 -73.71
CA GLN H 288 11.89 -27.59 -74.51
C GLN H 288 12.21 -28.77 -73.59
N ASN H 289 11.60 -29.92 -73.88
CA ASN H 289 11.82 -31.15 -73.13
C ASN H 289 11.58 -31.00 -71.63
N SER H 290 10.49 -30.34 -71.28
CA SER H 290 10.15 -30.08 -69.90
C SER H 290 8.92 -30.90 -69.53
N PRO H 291 8.73 -31.19 -68.24
CA PRO H 291 7.57 -31.97 -67.75
C PRO H 291 6.25 -31.38 -68.22
N ALA H 292 6.18 -30.05 -68.33
CA ALA H 292 4.97 -29.40 -68.82
C ALA H 292 4.70 -29.76 -70.28
N GLN H 293 5.77 -29.83 -71.07
CA GLN H 293 5.64 -30.16 -72.49
C GLN H 293 5.15 -31.60 -72.67
N LEU H 294 5.70 -32.51 -71.87
CA LEU H 294 5.30 -33.91 -71.90
C LEU H 294 3.85 -34.09 -71.47
N ALA H 295 3.46 -33.34 -70.43
CA ALA H 295 2.09 -33.41 -69.94
C ALA H 295 1.10 -32.86 -70.96
N GLY H 296 1.60 -32.08 -71.92
CA GLY H 296 0.77 -31.58 -73.01
C GLY H 296 0.35 -30.13 -72.86
N LEU H 297 1.03 -29.40 -71.98
CA LEU H 297 0.74 -28.00 -71.78
C LEU H 297 1.33 -27.16 -72.92
N LYS H 298 0.61 -26.15 -73.38
CA LYS H 298 1.04 -25.35 -74.53
C LYS H 298 0.99 -23.86 -74.22
N SER H 299 1.64 -23.06 -75.06
CA SER H 299 1.56 -21.61 -74.95
C SER H 299 0.15 -21.15 -75.26
N GLY H 300 -0.27 -20.06 -74.64
CA GLY H 300 -1.60 -19.53 -74.86
C GLY H 300 -2.63 -20.16 -73.95
N ASP H 301 -2.25 -21.25 -73.29
CA ASP H 301 -3.12 -21.90 -72.32
C ASP H 301 -3.22 -21.03 -71.09
N VAL H 302 -4.35 -21.10 -70.40
CA VAL H 302 -4.54 -20.32 -69.19
C VAL H 302 -4.72 -21.24 -67.99
N ILE H 303 -3.74 -21.25 -67.09
CA ILE H 303 -3.85 -22.00 -65.84
C ILE H 303 -4.96 -21.37 -65.02
N VAL H 304 -5.95 -22.16 -64.65
CA VAL H 304 -7.09 -21.62 -63.90
C VAL H 304 -7.13 -22.17 -62.47
N GLN H 305 -6.44 -23.29 -62.25
CA GLN H 305 -6.38 -23.91 -60.94
C GLN H 305 -5.29 -25.00 -60.87
N ILE H 306 -4.49 -24.98 -59.81
CA ILE H 306 -3.49 -26.00 -59.58
C ILE H 306 -3.83 -26.76 -58.29
N ASN H 307 -4.11 -28.05 -58.43
CA ASN H 307 -4.52 -28.87 -57.29
C ASN H 307 -5.77 -28.28 -56.64
N ASP H 308 -5.72 -28.05 -55.33
CA ASP H 308 -6.81 -27.38 -54.63
C ASP H 308 -6.84 -25.87 -54.83
N THR H 309 -5.66 -25.27 -55.01
CA THR H 309 -5.56 -23.82 -55.11
C THR H 309 -6.13 -23.31 -56.44
N LYS H 310 -6.99 -22.32 -56.38
CA LYS H 310 -7.57 -21.72 -57.58
C LYS H 310 -6.73 -20.52 -57.96
N ILE H 311 -6.52 -20.34 -59.26
CA ILE H 311 -5.62 -19.29 -59.74
C ILE H 311 -6.32 -18.16 -60.47
N THR H 312 -6.12 -16.94 -59.98
CA THR H 312 -6.74 -15.76 -60.56
C THR H 312 -5.70 -14.81 -61.15
N GLN H 313 -4.44 -14.99 -60.79
CA GLN H 313 -3.37 -14.21 -61.40
C GLN H 313 -2.04 -14.96 -61.42
N ALA H 314 -1.13 -14.51 -62.27
CA ALA H 314 0.09 -15.25 -62.59
C ALA H 314 0.98 -15.55 -61.41
N THR H 315 1.10 -14.59 -60.50
CA THR H 315 2.02 -14.69 -59.38
C THR H 315 1.72 -15.87 -58.44
N GLN H 316 0.50 -16.37 -58.50
CA GLN H 316 0.08 -17.48 -57.65
C GLN H 316 0.67 -18.82 -58.07
N VAL H 317 1.09 -18.93 -59.33
CA VAL H 317 1.64 -20.19 -59.83
C VAL H 317 2.92 -20.55 -59.12
N LYS H 318 3.84 -19.60 -59.02
CA LYS H 318 5.14 -19.84 -58.42
C LYS H 318 5.03 -20.24 -56.95
N THR H 319 4.19 -19.53 -56.21
CA THR H 319 4.01 -19.79 -54.79
C THR H 319 3.39 -21.16 -54.55
N THR H 320 2.44 -21.53 -55.41
CA THR H 320 1.78 -22.84 -55.29
C THR H 320 2.76 -23.99 -55.56
N ILE H 321 3.58 -23.84 -56.59
CA ILE H 321 4.60 -24.84 -56.92
C ILE H 321 5.75 -24.88 -55.90
N SER H 322 6.08 -23.72 -55.33
CA SER H 322 7.17 -23.62 -54.37
C SER H 322 6.92 -24.48 -53.15
N LEU H 323 5.66 -24.56 -52.74
CA LEU H 323 5.25 -25.40 -51.63
C LEU H 323 5.33 -26.90 -51.95
N LEU H 324 5.06 -27.24 -53.22
CA LEU H 324 5.09 -28.64 -53.66
C LEU H 324 6.47 -29.26 -53.54
N ARG H 325 6.50 -30.54 -53.20
CA ARG H 325 7.78 -31.25 -53.07
C ARG H 325 8.10 -32.00 -54.35
N ALA H 326 9.39 -32.06 -54.68
CA ALA H 326 9.83 -32.65 -55.94
C ALA H 326 9.51 -34.14 -56.04
N GLY H 327 9.26 -34.60 -57.26
CA GLY H 327 8.94 -36.00 -57.51
C GLY H 327 7.47 -36.30 -57.32
N SER H 328 6.68 -35.24 -57.15
CA SER H 328 5.24 -35.39 -56.94
C SER H 328 4.47 -34.78 -58.09
N THR H 329 3.43 -35.48 -58.53
CA THR H 329 2.60 -35.00 -59.64
C THR H 329 1.72 -33.84 -59.22
N ALA H 330 1.57 -32.85 -60.08
CA ALA H 330 0.71 -31.70 -59.83
C ALA H 330 -0.44 -31.66 -60.84
N LYS H 331 -1.66 -31.57 -60.33
CA LYS H 331 -2.85 -31.50 -61.18
C LYS H 331 -3.07 -30.09 -61.68
N ILE H 332 -2.92 -29.89 -62.99
CA ILE H 332 -3.05 -28.56 -63.58
C ILE H 332 -4.35 -28.45 -64.37
N LYS H 333 -5.17 -27.47 -64.04
CA LYS H 333 -6.45 -27.28 -64.70
C LYS H 333 -6.39 -26.02 -65.55
N ILE H 334 -6.53 -26.20 -66.87
CA ILE H 334 -6.35 -25.09 -67.79
C ILE H 334 -7.53 -24.89 -68.71
N LEU H 335 -7.48 -23.82 -69.49
CA LEU H 335 -8.40 -23.60 -70.58
C LEU H 335 -7.60 -23.34 -71.86
N ARG H 336 -7.68 -24.27 -72.80
CA ARG H 336 -7.01 -24.10 -74.08
C ARG H 336 -8.02 -23.56 -75.06
N ASP H 337 -7.75 -22.36 -75.57
CA ASP H 337 -8.79 -21.54 -76.17
C ASP H 337 -9.88 -21.46 -75.12
N ASN H 338 -11.12 -21.77 -75.46
CA ASN H 338 -12.14 -21.76 -74.41
C ASN H 338 -12.62 -23.14 -73.98
N LYS H 339 -11.76 -24.14 -74.13
CA LYS H 339 -12.12 -25.52 -73.83
C LYS H 339 -11.39 -25.99 -72.57
N PRO H 340 -12.13 -26.48 -71.57
CA PRO H 340 -11.53 -26.92 -70.31
C PRO H 340 -10.72 -28.21 -70.47
N LEU H 341 -9.56 -28.26 -69.84
CA LEU H 341 -8.70 -29.43 -69.85
C LEU H 341 -8.02 -29.63 -68.50
N THR H 342 -7.58 -30.85 -68.24
CA THR H 342 -6.84 -31.15 -67.03
C THR H 342 -5.57 -31.93 -67.38
N LEU H 343 -4.44 -31.46 -66.88
CA LEU H 343 -3.15 -32.10 -67.16
C LEU H 343 -2.44 -32.43 -65.85
N ASP H 344 -1.74 -33.55 -65.83
CA ASP H 344 -0.96 -33.92 -64.68
C ASP H 344 0.52 -33.74 -65.01
N VAL H 345 1.14 -32.74 -64.37
CA VAL H 345 2.51 -32.38 -64.68
C VAL H 345 3.41 -32.82 -63.54
N GLU H 346 4.49 -33.51 -63.88
CA GLU H 346 5.45 -33.95 -62.89
C GLU H 346 6.26 -32.75 -62.39
N VAL H 347 6.43 -32.66 -61.08
CA VAL H 347 7.28 -31.62 -60.51
C VAL H 347 8.66 -32.25 -60.26
N THR H 348 9.63 -31.84 -61.07
CA THR H 348 10.90 -32.56 -61.14
C THR H 348 12.07 -31.73 -60.60
N ASP H 349 12.99 -32.40 -59.92
CA ASP H 349 14.19 -31.74 -59.39
C ASP H 349 14.97 -31.08 -60.51
N ILE H 350 15.60 -29.95 -60.22
CA ILE H 350 16.37 -29.22 -61.22
C ILE H 350 17.62 -29.98 -61.64
N LYS H 351 18.38 -30.48 -60.65
CA LYS H 351 19.63 -31.18 -60.92
C LYS H 351 19.35 -32.47 -61.70
N LYS H 352 18.30 -33.17 -61.31
CA LYS H 352 17.93 -34.42 -61.97
C LYS H 352 17.54 -34.23 -63.42
N HIS H 353 16.75 -33.18 -63.68
CA HIS H 353 16.18 -32.97 -65.00
C HIS H 353 17.30 -32.58 -65.94
N GLU H 354 18.34 -31.96 -65.38
CA GLU H 354 19.44 -31.45 -66.18
C GLU H 354 20.41 -32.58 -66.47
N GLN H 355 20.18 -33.72 -65.84
CA GLN H 355 21.02 -34.90 -66.06
C GLN H 355 20.33 -35.75 -67.11
N LYS H 356 19.01 -35.81 -67.03
CA LYS H 356 18.19 -36.46 -68.05
C LYS H 356 18.37 -35.72 -69.37
N LEU H 357 18.53 -34.40 -69.26
CA LEU H 357 18.73 -33.54 -70.43
C LEU H 357 20.12 -33.68 -71.06
N GLN H 358 21.16 -33.81 -70.22
CA GLN H 358 22.50 -34.03 -70.76
C GLN H 358 22.63 -35.40 -71.40
N SER H 359 21.98 -36.39 -70.81
CA SER H 359 22.05 -37.74 -71.34
C SER H 359 21.47 -37.80 -72.74
N ASN H 360 20.37 -37.09 -72.96
CA ASN H 360 19.70 -37.06 -74.25
C ASN H 360 20.61 -36.47 -75.32
N ASN H 361 21.24 -35.34 -75.03
CA ASN H 361 22.23 -34.73 -75.92
C ASN H 361 23.47 -34.32 -75.16
N PRO H 362 24.51 -35.18 -75.17
CA PRO H 362 25.70 -35.04 -74.33
C PRO H 362 26.69 -33.95 -74.79
N PHE H 363 26.98 -33.91 -76.08
CA PHE H 363 28.03 -33.04 -76.59
C PHE H 363 27.63 -31.57 -76.74
N LEU H 364 26.43 -31.33 -77.25
CA LEU H 364 26.02 -29.97 -77.60
C LEU H 364 25.17 -29.29 -76.54
N TYR H 365 24.99 -29.94 -75.38
CA TYR H 365 24.20 -29.38 -74.31
C TYR H 365 24.83 -28.11 -73.78
N GLY H 366 24.00 -27.12 -73.47
CA GLY H 366 24.48 -25.87 -72.87
C GLY H 366 25.04 -24.92 -73.89
N LEU H 367 24.74 -25.16 -75.16
CA LEU H 367 25.29 -24.34 -76.24
C LEU H 367 24.19 -23.63 -77.01
N ALA H 368 24.45 -22.37 -77.35
CA ALA H 368 23.58 -21.60 -78.23
C ALA H 368 24.24 -21.54 -79.59
N LEU H 369 23.59 -22.11 -80.60
CA LEU H 369 24.22 -22.24 -81.91
C LEU H 369 23.43 -21.52 -82.98
N ARG H 370 24.14 -20.82 -83.86
CA ARG H 370 23.53 -20.16 -84.99
C ARG H 370 24.20 -20.61 -86.28
N ASN H 371 23.39 -20.83 -87.32
CA ASN H 371 23.95 -21.13 -88.63
C ASN H 371 24.77 -19.96 -89.11
N PHE H 372 25.94 -20.25 -89.68
CA PHE H 372 26.90 -19.20 -89.98
C PHE H 372 27.44 -19.31 -91.40
N GLU H 373 27.35 -18.21 -92.15
CA GLU H 373 27.94 -18.13 -93.48
C GLU H 373 28.54 -16.75 -93.63
N GLN H 374 29.83 -16.71 -93.98
CA GLN H 374 30.54 -15.45 -94.08
C GLN H 374 31.82 -15.64 -94.89
N GLU H 375 32.27 -14.56 -95.53
CA GLU H 375 33.54 -14.59 -96.22
C GLU H 375 34.54 -13.78 -95.39
N SER H 376 35.31 -14.49 -94.58
CA SER H 376 36.24 -13.87 -93.65
C SER H 376 37.66 -14.31 -93.93
N PRO H 377 38.51 -13.37 -94.38
CA PRO H 377 39.94 -13.65 -94.55
C PRO H 377 40.58 -13.94 -93.20
N PRO H 378 41.55 -14.87 -93.16
CA PRO H 378 42.13 -15.57 -94.31
C PRO H 378 41.47 -16.92 -94.59
N HIS H 379 40.34 -17.21 -93.94
CA HIS H 379 39.67 -18.50 -94.09
C HIS H 379 39.03 -18.73 -95.46
N GLY H 380 38.65 -17.65 -96.14
CA GLY H 380 37.89 -17.75 -97.36
C GLY H 380 36.42 -17.94 -97.05
N ASN H 381 35.70 -18.63 -97.95
CA ASN H 381 34.29 -18.93 -97.70
C ASN H 381 34.10 -19.82 -96.46
N VAL H 382 33.44 -19.27 -95.44
CA VAL H 382 33.22 -20.03 -94.21
C VAL H 382 31.75 -20.38 -94.01
N VAL H 383 31.44 -21.67 -94.00
CA VAL H 383 30.11 -22.14 -93.68
C VAL H 383 30.17 -23.19 -92.57
N GLY H 384 29.40 -22.96 -91.52
CA GLY H 384 29.37 -23.85 -90.37
C GLY H 384 28.44 -23.30 -89.31
N VAL H 385 28.49 -23.87 -88.11
CA VAL H 385 27.68 -23.33 -87.02
C VAL H 385 28.53 -22.53 -86.04
N GLN H 386 28.00 -21.40 -85.62
CA GLN H 386 28.71 -20.49 -84.73
C GLN H 386 28.20 -20.67 -83.31
N VAL H 387 29.12 -20.63 -82.35
CA VAL H 387 28.75 -20.75 -80.95
C VAL H 387 28.38 -19.38 -80.42
N VAL H 388 27.09 -19.06 -80.39
CA VAL H 388 26.62 -17.77 -79.90
C VAL H 388 26.90 -17.63 -78.41
N GLY H 389 26.65 -18.70 -77.68
CA GLY H 389 26.91 -18.72 -76.26
C GLY H 389 27.18 -20.12 -75.76
N ALA H 390 27.94 -20.22 -74.68
CA ALA H 390 28.24 -21.50 -74.09
C ALA H 390 27.98 -21.45 -72.60
N SER H 391 27.56 -22.58 -72.04
CA SER H 391 27.29 -22.65 -70.61
C SER H 391 28.57 -23.17 -69.96
N GLU H 392 28.98 -22.53 -68.88
CA GLU H 392 30.22 -22.86 -68.20
C GLU H 392 30.23 -24.30 -67.66
N THR H 393 29.05 -24.88 -67.49
CA THR H 393 28.92 -26.25 -67.04
C THR H 393 28.89 -27.25 -68.20
N SER H 394 28.84 -26.74 -69.43
CA SER H 394 28.66 -27.59 -70.61
C SER H 394 29.92 -28.40 -70.93
N ALA H 395 29.71 -29.54 -71.59
CA ALA H 395 30.82 -30.37 -72.01
C ALA H 395 31.66 -29.60 -73.02
N GLY H 396 30.99 -28.76 -73.82
CA GLY H 396 31.67 -27.95 -74.80
C GLY H 396 32.62 -26.95 -74.17
N TRP H 397 32.12 -26.23 -73.15
CA TRP H 397 32.92 -25.21 -72.49
C TRP H 397 34.14 -25.83 -71.84
N ARG H 398 33.95 -26.99 -71.21
CA ARG H 398 35.04 -27.71 -70.56
C ARG H 398 36.11 -28.08 -71.58
N ALA H 399 35.68 -28.38 -72.80
CA ALA H 399 36.60 -28.79 -73.86
C ALA H 399 37.43 -27.62 -74.35
N GLY H 400 37.06 -26.41 -73.93
CA GLY H 400 37.77 -25.21 -74.34
C GLY H 400 37.04 -24.45 -75.44
N LEU H 401 35.83 -24.89 -75.76
CA LEU H 401 35.02 -24.20 -76.74
C LEU H 401 34.58 -22.87 -76.16
N ARG H 402 34.63 -21.82 -76.98
CA ARG H 402 34.31 -20.48 -76.51
C ARG H 402 33.30 -19.85 -77.47
N PRO H 403 32.50 -18.90 -76.97
CA PRO H 403 31.56 -18.22 -77.86
C PRO H 403 32.30 -17.44 -78.95
N GLY H 404 31.69 -17.35 -80.13
CA GLY H 404 32.29 -16.68 -81.27
C GLY H 404 33.04 -17.65 -82.16
N ASP H 405 33.25 -18.86 -81.67
CA ASP H 405 33.92 -19.89 -82.45
C ASP H 405 32.98 -20.42 -83.53
N ILE H 406 33.56 -20.78 -84.67
CA ILE H 406 32.78 -21.36 -85.76
C ILE H 406 33.20 -22.79 -86.00
N ILE H 407 32.24 -23.71 -85.89
CA ILE H 407 32.52 -25.14 -86.03
C ILE H 407 32.37 -25.51 -87.48
N ILE H 408 33.45 -25.99 -88.09
CA ILE H 408 33.41 -26.33 -89.50
C ILE H 408 33.45 -27.83 -89.75
N SER H 409 33.95 -28.59 -88.79
CA SER H 409 34.00 -30.05 -88.92
C SER H 409 33.80 -30.76 -87.58
N ALA H 410 33.16 -31.93 -87.62
CA ALA H 410 33.00 -32.78 -86.45
C ALA H 410 33.27 -34.23 -86.82
N ASN H 411 34.21 -34.86 -86.10
CA ASN H 411 34.63 -36.23 -86.40
C ASN H 411 35.13 -36.36 -87.83
N LYS H 412 35.91 -35.37 -88.25
CA LYS H 412 36.48 -35.30 -89.61
C LYS H 412 35.43 -35.15 -90.69
N THR H 413 34.20 -34.79 -90.30
CA THR H 413 33.11 -34.57 -91.24
C THR H 413 32.74 -33.10 -91.28
N PRO H 414 32.71 -32.51 -92.49
CA PRO H 414 32.39 -31.09 -92.64
C PRO H 414 30.99 -30.76 -92.12
N VAL H 415 30.88 -29.64 -91.42
CA VAL H 415 29.62 -29.21 -90.84
C VAL H 415 29.18 -27.86 -91.44
N LYS H 416 28.03 -27.86 -92.11
CA LYS H 416 27.55 -26.65 -92.78
C LYS H 416 26.37 -26.00 -92.06
N ASP H 417 25.73 -26.74 -91.17
CA ASP H 417 24.55 -26.23 -90.47
C ASP H 417 24.31 -26.96 -89.15
N ILE H 418 23.42 -26.44 -88.32
CA ILE H 418 23.13 -27.06 -87.03
C ILE H 418 22.57 -28.48 -87.17
N LYS H 419 21.65 -28.67 -88.11
CA LYS H 419 21.02 -29.98 -88.29
C LYS H 419 22.07 -31.04 -88.62
N SER H 420 23.08 -30.65 -89.40
CA SER H 420 24.18 -31.54 -89.73
C SER H 420 25.06 -31.84 -88.52
N LEU H 421 25.29 -30.81 -87.70
CA LEU H 421 26.11 -30.96 -86.49
C LEU H 421 25.44 -31.89 -85.49
N GLN H 422 24.13 -31.73 -85.35
CA GLN H 422 23.36 -32.55 -84.41
C GLN H 422 23.36 -34.01 -84.84
N ALA H 423 23.44 -34.26 -86.13
CA ALA H 423 23.52 -35.63 -86.66
C ALA H 423 24.82 -36.30 -86.25
N VAL H 424 25.93 -35.61 -86.44
CA VAL H 424 27.24 -36.14 -86.07
C VAL H 424 27.33 -36.32 -84.56
N ALA H 425 26.71 -35.41 -83.81
CA ALA H 425 26.68 -35.53 -82.35
C ALA H 425 25.81 -36.70 -81.89
N HIS H 426 24.77 -37.00 -82.67
CA HIS H 426 23.79 -38.02 -82.30
C HIS H 426 24.40 -39.42 -82.24
N GLU H 427 25.24 -39.75 -83.21
CA GLU H 427 25.98 -41.00 -83.18
C GLU H 427 26.91 -40.98 -81.97
N LYS H 428 26.90 -42.05 -81.19
CA LYS H 428 27.52 -41.99 -79.87
C LYS H 428 28.94 -42.54 -79.85
N GLY H 429 29.85 -41.70 -79.37
CA GLY H 429 31.22 -42.10 -79.11
C GLY H 429 31.54 -41.55 -77.74
N LYS H 430 32.64 -41.98 -77.15
CA LYS H 430 33.07 -41.43 -75.86
C LYS H 430 33.30 -39.92 -75.98
N GLN H 431 33.84 -39.51 -77.13
CA GLN H 431 34.12 -38.10 -77.37
C GLN H 431 33.72 -37.66 -78.77
N LEU H 432 33.37 -36.38 -78.92
CA LEU H 432 33.16 -35.78 -80.22
C LEU H 432 34.30 -34.79 -80.52
N LEU H 433 34.95 -34.97 -81.66
CA LEU H 433 36.06 -34.10 -82.04
C LEU H 433 35.59 -33.03 -83.01
N VAL H 434 35.83 -31.76 -82.66
CA VAL H 434 35.38 -30.65 -83.50
C VAL H 434 36.53 -29.75 -83.88
N GLN H 435 36.39 -29.12 -85.05
CA GLN H 435 37.37 -28.15 -85.52
C GLN H 435 36.70 -26.78 -85.58
N VAL H 436 37.27 -25.82 -84.86
CA VAL H 436 36.64 -24.51 -84.74
C VAL H 436 37.55 -23.40 -85.26
N LEU H 437 36.94 -22.30 -85.67
CA LEU H 437 37.67 -21.13 -86.12
C LEU H 437 37.63 -20.05 -85.05
N ARG H 438 38.82 -19.70 -84.55
CA ARG H 438 38.94 -18.65 -83.55
C ARG H 438 39.77 -17.49 -84.11
N GLY H 439 39.09 -16.42 -84.50
CA GLY H 439 39.73 -15.31 -85.19
C GLY H 439 40.35 -15.77 -86.49
N ALA H 440 41.59 -15.34 -86.73
CA ALA H 440 42.33 -15.78 -87.92
C ALA H 440 42.72 -17.24 -87.82
N GLY H 441 42.94 -17.71 -86.60
CA GLY H 441 43.35 -19.07 -86.35
C GLY H 441 42.23 -20.10 -86.36
N ALA H 442 42.61 -21.37 -86.32
CA ALA H 442 41.66 -22.47 -86.15
C ALA H 442 42.17 -23.41 -85.06
N LEU H 443 41.25 -24.14 -84.43
CA LEU H 443 41.62 -25.00 -83.32
C LEU H 443 40.92 -26.35 -83.38
N TYR H 444 41.55 -27.37 -82.83
CA TYR H 444 40.92 -28.69 -82.69
C TYR H 444 40.57 -28.93 -81.23
N LEU H 445 39.32 -29.30 -80.98
CA LEU H 445 38.82 -29.47 -79.62
C LEU H 445 38.19 -30.85 -79.46
N LEU H 446 38.26 -31.39 -78.25
CA LEU H 446 37.73 -32.71 -78.00
C LEU H 446 36.69 -32.64 -76.89
N ILE H 447 35.43 -32.74 -77.27
CA ILE H 447 34.33 -32.61 -76.33
C ILE H 447 33.96 -33.96 -75.71
N ILE H 448 34.31 -34.13 -74.44
CA ILE H 448 33.98 -35.35 -73.71
C ILE H 448 32.91 -35.06 -72.66
N UNK I 1 18.55 4.66 -31.65
CA UNK I 1 18.93 5.89 -30.97
C UNK I 1 17.75 6.51 -30.22
N UNK I 2 17.85 6.52 -28.89
CA UNK I 2 16.75 6.99 -28.03
C UNK I 2 16.74 8.51 -27.84
N UNK I 3 16.04 9.20 -28.74
CA UNK I 3 15.96 10.66 -28.74
C UNK I 3 14.75 11.24 -27.99
N UNK I 4 14.99 12.04 -26.95
CA UNK I 4 13.88 12.70 -26.27
C UNK I 4 13.28 13.68 -27.30
N UNK I 5 11.96 13.74 -27.38
CA UNK I 5 11.31 14.54 -28.42
C UNK I 5 10.98 16.00 -28.09
N UNK I 6 11.72 16.93 -28.69
CA UNK I 6 11.53 18.35 -28.42
C UNK I 6 12.13 19.20 -29.54
N UNK I 7 11.27 19.80 -30.36
CA UNK I 7 11.71 20.65 -31.46
C UNK I 7 12.60 21.78 -30.92
N UNK I 8 13.64 22.12 -31.68
CA UNK I 8 14.60 23.15 -31.25
C UNK I 8 14.62 24.39 -32.15
N UNK J 1 -20.07 -3.42 55.73
CA UNK J 1 -18.84 -2.88 56.32
C UNK J 1 -17.97 -3.99 56.89
N UNK J 2 -16.67 -3.93 56.61
CA UNK J 2 -15.77 -5.00 57.03
C UNK J 2 -14.51 -4.46 57.71
N UNK J 3 -13.97 -5.24 58.64
CA UNK J 3 -12.70 -4.90 59.27
C UNK J 3 -11.62 -5.31 58.27
N UNK J 4 -10.61 -4.45 58.06
CA UNK J 4 -9.73 -4.68 56.92
C UNK J 4 -8.50 -5.51 57.29
N UNK J 5 -8.65 -6.83 57.31
CA UNK J 5 -7.52 -7.73 57.57
C UNK J 5 -7.53 -8.90 56.59
N UNK J 6 -6.39 -9.59 56.48
CA UNK J 6 -6.24 -10.73 55.59
C UNK J 6 -5.76 -11.97 56.34
N UNK K 1 -6.03 -11.83 44.21
CA UNK K 1 -5.84 -12.26 42.83
C UNK K 1 -5.28 -11.13 41.97
N UNK K 2 -4.17 -11.38 41.28
CA UNK K 2 -3.55 -10.34 40.45
C UNK K 2 -3.87 -10.50 38.98
N UNK K 3 -4.64 -9.55 38.45
CA UNK K 3 -5.04 -9.54 37.04
C UNK K 3 -4.23 -8.57 36.15
N UNK K 4 -3.93 -9.03 34.93
CA UNK K 4 -3.30 -8.21 33.90
C UNK K 4 -4.46 -7.54 33.18
N UNK K 5 -4.61 -6.23 33.28
CA UNK K 5 -5.87 -5.60 32.91
C UNK K 5 -6.03 -5.13 31.46
N UNK K 6 -6.83 -5.89 30.71
CA UNK K 6 -7.19 -5.60 29.33
C UNK K 6 -8.57 -6.21 29.08
N UNK K 7 -9.38 -5.60 28.21
CA UNK K 7 -10.73 -6.10 27.96
C UNK K 7 -10.92 -6.67 26.55
N UNK L 1 8.86 17.95 -45.38
CA UNK L 1 7.61 18.72 -45.39
C UNK L 1 7.17 19.03 -46.82
N UNK L 2 7.01 17.99 -47.62
CA UNK L 2 6.77 18.13 -49.05
C UNK L 2 5.60 17.29 -49.54
N UNK L 3 5.05 17.66 -50.69
CA UNK L 3 3.94 16.94 -51.30
C UNK L 3 4.42 15.57 -51.78
N UNK L 4 3.61 14.55 -51.52
CA UNK L 4 4.03 13.15 -51.63
C UNK L 4 3.81 12.51 -53.00
N UNK L 5 4.79 12.62 -53.89
CA UNK L 5 4.72 11.96 -55.19
C UNK L 5 6.02 11.24 -55.49
N UNK L 6 6.00 10.36 -56.48
CA UNK L 6 7.18 9.57 -56.83
C UNK L 6 7.61 9.78 -58.28
N UNK M 1 -22.29 -2.97 33.77
CA UNK M 1 -21.32 -1.99 33.28
C UNK M 1 -21.56 -0.60 33.88
N UNK M 2 -22.47 0.17 33.29
CA UNK M 2 -22.71 1.53 33.78
C UNK M 2 -23.97 1.65 34.65
N UNK M 3 -23.74 1.89 35.94
CA UNK M 3 -24.80 2.08 36.93
C UNK M 3 -25.04 3.56 37.32
N UNK M 4 -26.29 3.94 37.51
CA UNK M 4 -26.63 5.28 37.99
C UNK M 4 -26.61 5.20 39.52
N UNK M 5 -25.59 5.79 40.15
CA UNK M 5 -25.34 5.57 41.57
C UNK M 5 -26.38 6.14 42.56
N UNK M 6 -27.45 5.37 42.79
CA UNK M 6 -28.47 5.71 43.78
C UNK M 6 -28.60 4.59 44.82
N UNK M 7 -28.93 4.96 46.06
CA UNK M 7 -29.09 3.96 47.12
C UNK M 7 -30.54 3.87 47.58
N UNK N 1 -18.41 -48.37 68.68
CA UNK N 1 -19.03 -49.51 69.33
C UNK N 1 -18.74 -49.55 70.83
N UNK N 2 -17.64 -48.91 71.24
CA UNK N 2 -17.24 -48.87 72.64
C UNK N 2 -17.60 -47.52 73.25
N UNK N 3 -18.84 -47.39 73.72
CA UNK N 3 -19.35 -46.13 74.28
C UNK N 3 -19.24 -46.00 75.79
N UNK N 4 -18.99 -44.77 76.26
CA UNK N 4 -18.97 -44.50 77.69
C UNK N 4 -20.43 -44.25 78.08
N UNK N 5 -20.81 -44.49 79.33
CA UNK N 5 -22.23 -44.51 79.69
C UNK N 5 -22.83 -43.21 80.26
N UNK N 6 -22.90 -42.18 79.41
CA UNK N 6 -23.47 -40.87 79.74
C UNK N 6 -24.70 -40.53 78.92
N UNK N 7 -25.62 -39.79 79.54
CA UNK N 7 -26.85 -39.37 78.88
C UNK N 7 -26.83 -37.86 78.67
N UNK O 1 33.01 28.20 -85.06
CA UNK O 1 31.92 28.77 -85.83
C UNK O 1 30.86 29.41 -84.94
N UNK O 2 31.09 30.68 -84.56
CA UNK O 2 30.18 31.40 -83.69
C UNK O 2 29.17 32.25 -84.47
N UNK O 3 28.06 32.58 -83.83
CA UNK O 3 27.06 33.48 -84.42
C UNK O 3 27.42 34.86 -83.90
N UNK O 4 27.29 35.88 -84.73
CA UNK O 4 27.82 37.20 -84.37
C UNK O 4 26.90 38.08 -83.52
N UNK O 5 26.28 37.51 -82.50
CA UNK O 5 25.42 38.26 -81.59
C UNK O 5 26.18 38.54 -80.30
N UNK O 6 25.78 39.57 -79.55
CA UNK O 6 26.44 39.82 -78.27
C UNK O 6 25.41 39.64 -77.16
N UNK O 7 25.82 39.07 -76.03
CA UNK O 7 24.89 38.82 -74.92
C UNK O 7 25.22 39.64 -73.66
N UNK P 1 13.26 1.42 -51.21
CA UNK P 1 14.16 0.32 -50.89
C UNK P 1 13.51 -0.65 -49.89
N UNK P 2 13.48 -1.94 -50.22
CA UNK P 2 12.85 -2.92 -49.34
C UNK P 2 13.87 -3.68 -48.50
N UNK P 3 13.87 -3.42 -47.19
CA UNK P 3 14.76 -4.07 -46.24
C UNK P 3 14.14 -5.22 -45.43
N UNK P 4 14.90 -6.28 -45.20
CA UNK P 4 14.48 -7.39 -44.37
C UNK P 4 14.88 -7.05 -42.93
N UNK P 5 13.92 -6.73 -42.07
CA UNK P 5 14.25 -6.16 -40.76
C UNK P 5 14.99 -7.09 -39.81
N UNK P 6 16.30 -6.89 -39.72
CA UNK P 6 17.20 -7.62 -38.81
C UNK P 6 18.02 -6.65 -37.95
N UNK P 7 18.33 -7.04 -36.72
CA UNK P 7 19.13 -6.16 -35.87
C UNK P 7 20.50 -6.77 -35.65
N UNK Q 1 20.95 -2.79 -10.76
CA UNK Q 1 20.96 -1.34 -10.53
C UNK Q 1 21.06 -1.03 -9.03
N UNK Q 2 21.35 0.23 -8.73
CA UNK Q 2 21.50 0.71 -7.35
C UNK Q 2 20.29 1.50 -6.87
N UNK Q 3 19.67 1.06 -5.78
CA UNK Q 3 18.52 1.79 -5.23
C UNK Q 3 18.81 2.30 -3.83
N UNK R 1 -28.27 6.01 72.61
CA UNK R 1 -27.25 5.01 72.93
C UNK R 1 -27.19 4.76 74.43
N UNK R 2 -26.47 3.71 74.83
CA UNK R 2 -26.32 3.35 76.24
C UNK R 2 -24.95 3.79 76.78
N UNK R 3 -24.82 5.05 77.16
CA UNK R 3 -23.58 5.56 77.72
C UNK R 3 -23.50 5.33 79.22
N UNK S 1 14.89 -17.45 43.53
CA UNK S 1 15.02 -16.99 42.14
C UNK S 1 16.24 -17.63 41.48
N UNK S 2 16.34 -17.50 40.16
CA UNK S 2 17.45 -18.07 39.41
C UNK S 2 17.75 -17.31 38.12
N UNK S 3 18.97 -16.78 38.02
CA UNK S 3 19.40 -16.07 36.82
C UNK S 3 20.59 -16.78 36.18
N UNK T 1 -1.05 36.12 -47.83
CA UNK T 1 -1.18 37.35 -47.03
C UNK T 1 -2.55 37.98 -47.26
N UNK T 2 -2.74 38.56 -48.43
CA UNK T 2 -4.00 39.22 -48.79
C UNK T 2 -5.12 38.20 -48.96
N UNK T 3 -6.17 38.33 -48.17
CA UNK T 3 -7.31 37.43 -48.25
C UNK T 3 -8.57 38.18 -48.62
N UNK U 1 23.37 13.26 -97.01
CA UNK U 1 22.55 14.47 -96.94
C UNK U 1 21.13 14.20 -97.45
N UNK U 2 20.13 14.59 -96.65
CA UNK U 2 18.73 14.38 -96.97
C UNK U 2 18.00 15.63 -97.48
N UNK U 3 17.43 15.55 -98.68
CA UNK U 3 16.69 16.65 -99.26
C UNK U 3 15.21 16.28 -99.48
N UNK V 1 8.40 -14.94 -65.66
CA UNK V 1 8.32 -15.63 -64.37
C UNK V 1 8.32 -17.14 -64.55
N UNK V 2 9.40 -17.78 -64.12
CA UNK V 2 9.56 -19.23 -64.27
C UNK V 2 9.33 -20.03 -62.98
N UNK V 3 8.32 -20.89 -63.01
CA UNK V 3 8.04 -21.78 -61.89
C UNK V 3 7.65 -23.17 -62.36
#